data_9KR9
#
_entry.id   9KR9
#
_cell.length_a   1.00
_cell.length_b   1.00
_cell.length_c   1.00
_cell.angle_alpha   90.00
_cell.angle_beta   90.00
_cell.angle_gamma   90.00
#
_symmetry.space_group_name_H-M   'P 1'
#
loop_
_entity.id
_entity.type
_entity.pdbx_description
1 polymer 'Spike glycoprotein'
2 branched 2-acetamido-2-deoxy-beta-D-glucopyranose-(1-4)-2-acetamido-2-deoxy-beta-D-glucopyranose
3 branched 2-acetamido-2-deoxy-beta-D-glucopyranose-(1-4)-2-acetamido-2-deoxy-beta-D-glucopyranose-(1-4)-2-acetamido-2-deoxy-beta-D-glucopyranose
4 non-polymer 'PALMITIC ACID'
5 non-polymer 2-acetamido-2-deoxy-beta-D-glucopyranose
#
_entity_poly.entity_id   1
_entity_poly.type   'polypeptide(L)'
_entity_poly.pdbx_seq_one_letter_code
;MIRSVLVLMCSLTFIGNLTRGQSVDMGHNGTGSCLDSQVQPDYFESVHTTWPMPIDTSKAEGVIYPNGKSYSNITLTYTG
LYPKANDLGKQYLFSDGHSAPGRLNNLFVSNYSSQVESFDDGFVVRIGAAANKTGTTVISQSTFKPIKKIYPAFLLGHSV
GNYTPSNRTGRYLNHTLVILPDGCGTILHAFYCVLHPRTQQNCAGETNFKSLSLWDTPASDCVSGSYNQEATLGAFKVYF
DLINCTFRYNYTITEDENAEWFGITQDTQGVHLYSSRKENVFRNNMFHFATLPVYQKILYYTVIPRSIRSPFNDRKAWAA
FYIYKLHPLTYLLNFDVEGYITKAVDCGYDDLAQLQCSYESFEVETGVYSVSSFEASPRGEFIEQATTQECDFTPMLTGT
PPPIYNFKRLVFTNCNYNLTKLLSLFQVSEFSCHQVSPSSLATGCYSSLTVDYFAYSTDMSSALQPGAAGAIVQFNYKQD
FSNPTCRVLATVPQNLTTITKPSNYAYLTECYKTSAYGKNYLYNAPGAYTPCLSLASRGFSTKYQSHSDGELTTTGYIYP
VTGNLQMAFIISVQYGTDTNSVCPMQALRNDTSIEDKLDVCVEYSLHGITGRGVFHNCTSVGLRNQRFVYDTFDNLVGYH
SDNGNYYCVRPCVSVPVSVIYDKASNSHATLFGSVACSHVTTMMSQFSRMTKTNLLARTTPGPLQTTVGCAMGFINSSMV
VDECQLPLGQSLCAIPPTTSSRVRRATSGASDVFQIATLNFTSPLTLAPINSTGFVVAVPTNFTFGVTQEFIETTIQKIT
VDCKQYVCNGFKKCEDLLKEYGQFCSKINQALHGANLRQDESIANLFSSIKTQNTQPLQAGLNGDFNLTMLQIPQVTTGE
RKYRSTIEDLLFNKVTIADPGYMQGYDECMQQGPQSARDLICAQYVAGYKVLPPLYDPYMEAAYTSSLLGSIAGASWTAG
LSSFAAIPFAQSIFYRLNGVGITQQVLSENQKIIANKFNQALGAMQTGFTTTNLAFNKVQDAVNANAMALSKLAAELSNT
FGAISSSISDILARLDTVEQEAQIDRLINGRLTSLNAFVAQQLVRTEAAARSAQLAQDKVNECVKSQSKRNGFCGTGTHI
VSFAINAPNGLYFFHVGYQPTSHVNATAAYGLCNTENPQKCIAPIDGYFVLNQTTSTVADSDQQWYYTGSSFFHPEPITE
ANSKYVSMDVKFENLTNRLPPPLLSNSTDLDFKEELEEFFKNVSSQGPNFQEISKINTTLLNLNTELMVLSEVVKQLNES
YIDLKELGNYTFYQKWPWYIWLGFIAGLVALALCVFFILCCTGCGTSCLGKLKCNRCCDSYDEYEVEKIHVH
;
_entity_poly.pdbx_strand_id   A,C,B
#
# COMPACT_ATOMS: atom_id res chain seq x y z
N SER A 33 55.66 -2.34 56.99
CA SER A 33 54.44 -1.68 57.43
C SER A 33 54.10 -0.51 56.52
N CYS A 34 52.97 0.14 56.79
CA CYS A 34 52.42 1.14 55.89
C CYS A 34 52.81 2.54 56.32
N LEU A 35 52.87 3.44 55.34
CA LEU A 35 53.21 4.84 55.59
C LEU A 35 51.99 5.60 56.06
N ASP A 36 52.21 6.76 56.69
CA ASP A 36 51.12 7.58 57.17
C ASP A 36 50.67 8.55 56.07
N SER A 37 49.42 8.98 56.16
CA SER A 37 48.82 9.87 55.17
C SER A 37 48.00 10.93 55.88
N GLN A 38 48.17 12.19 55.48
CA GLN A 38 47.44 13.30 56.07
C GLN A 38 46.13 13.53 55.29
N VAL A 39 45.02 13.62 56.02
CA VAL A 39 43.71 13.70 55.41
C VAL A 39 43.15 15.12 55.57
N GLN A 40 43.33 15.94 54.54
CA GLN A 40 42.79 17.29 54.53
C GLN A 40 41.93 17.50 53.29
N PRO A 41 40.61 17.34 53.40
CA PRO A 41 39.77 17.48 52.20
C PRO A 41 39.58 18.91 51.74
N ASP A 42 39.50 19.87 52.68
CA ASP A 42 39.13 21.24 52.36
C ASP A 42 40.21 21.93 51.54
N TYR A 43 41.46 21.58 51.80
CA TYR A 43 42.56 22.14 51.01
C TYR A 43 42.63 21.53 49.62
N PHE A 44 42.00 20.37 49.41
CA PHE A 44 41.95 19.72 48.11
C PHE A 44 40.75 20.12 47.27
N GLU A 45 39.60 20.37 47.90
CA GLU A 45 38.39 20.79 47.20
C GLU A 45 38.05 22.20 47.68
N SER A 46 38.66 23.20 47.05
CA SER A 46 38.53 24.59 47.45
C SER A 46 37.91 25.41 46.32
N VAL A 47 37.70 26.69 46.61
CA VAL A 47 37.11 27.60 45.62
C VAL A 47 38.15 28.18 44.68
N HIS A 48 39.43 28.08 45.02
CA HIS A 48 40.51 28.50 44.12
C HIS A 48 41.03 27.34 43.28
N THR A 49 40.38 26.19 43.35
CA THR A 49 40.75 25.01 42.57
C THR A 49 39.63 24.58 41.64
N THR A 50 38.38 24.91 41.98
CA THR A 50 37.18 24.59 41.22
C THR A 50 37.26 25.11 39.78
N TRP A 51 36.87 24.28 38.82
CA TRP A 51 37.20 24.47 37.42
C TRP A 51 36.20 23.71 36.56
N PRO A 52 35.01 24.28 36.32
CA PRO A 52 33.92 23.52 35.69
C PRO A 52 34.18 23.16 34.24
N MET A 53 34.02 21.88 33.91
CA MET A 53 34.25 21.37 32.56
C MET A 53 33.03 20.57 32.13
N PRO A 54 31.98 21.22 31.63
CA PRO A 54 30.77 20.51 31.24
C PRO A 54 30.93 19.74 29.93
N ILE A 55 30.00 18.83 29.70
CA ILE A 55 29.99 18.00 28.51
C ILE A 55 29.54 18.84 27.31
N ASP A 56 30.33 18.83 26.25
CA ASP A 56 30.08 19.58 25.03
C ASP A 56 29.76 18.61 23.92
N THR A 57 28.50 18.56 23.49
CA THR A 57 28.09 17.59 22.50
C THR A 57 28.39 18.03 21.07
N SER A 58 28.88 19.25 20.87
CA SER A 58 29.23 19.71 19.54
C SER A 58 30.65 19.32 19.17
N LYS A 59 31.32 18.61 20.08
CA LYS A 59 32.65 18.07 19.81
C LYS A 59 32.61 16.56 19.98
N ALA A 60 31.41 16.06 20.31
CA ALA A 60 31.11 14.68 20.66
C ALA A 60 31.95 14.21 21.84
N GLU A 61 31.94 14.96 22.93
CA GLU A 61 32.71 14.59 24.11
C GLU A 61 32.02 13.47 24.84
N GLY A 62 32.78 12.45 25.23
CA GLY A 62 32.25 11.37 26.02
C GLY A 62 31.41 10.37 25.27
N VAL A 63 31.49 10.33 23.96
CA VAL A 63 30.66 9.45 23.15
C VAL A 63 31.48 8.22 22.81
N ILE A 64 30.94 7.06 23.14
CA ILE A 64 31.56 5.78 22.84
C ILE A 64 31.13 5.38 21.43
N TYR A 65 32.11 5.01 20.61
CA TYR A 65 31.84 4.62 19.24
C TYR A 65 31.02 3.32 19.22
N PRO A 66 29.99 3.23 18.38
CA PRO A 66 29.18 2.01 18.33
C PRO A 66 29.96 0.81 17.82
N ASN A 67 29.65 -0.37 18.34
CA ASN A 67 30.36 -1.57 17.96
C ASN A 67 29.94 -2.02 16.58
N GLY A 68 30.81 -2.78 15.93
CA GLY A 68 30.55 -3.20 14.58
C GLY A 68 31.46 -2.51 13.59
N LYS A 69 30.88 -1.92 12.55
CA LYS A 69 31.65 -1.32 11.47
C LYS A 69 31.73 0.19 11.68
N SER A 70 32.35 0.86 10.72
CA SER A 70 32.49 2.31 10.74
C SER A 70 31.61 2.91 9.65
N TYR A 71 31.06 4.09 9.93
CA TYR A 71 30.26 4.81 8.97
C TYR A 71 31.04 6.02 8.45
N SER A 72 30.48 6.65 7.42
CA SER A 72 31.06 7.85 6.85
C SER A 72 29.95 8.64 6.15
N ASN A 73 29.96 9.96 6.36
CA ASN A 73 29.08 10.92 5.67
C ASN A 73 27.59 10.62 5.91
N ILE A 74 27.24 10.40 7.18
CA ILE A 74 25.84 10.22 7.54
C ILE A 74 25.59 10.79 8.92
N THR A 75 24.31 10.89 9.27
CA THR A 75 23.85 11.26 10.59
C THR A 75 22.71 10.32 10.94
N LEU A 76 22.81 9.66 12.08
CA LEU A 76 21.77 8.74 12.48
C LEU A 76 21.51 8.78 13.98
N THR A 77 20.35 8.27 14.37
CA THR A 77 19.92 8.23 15.76
C THR A 77 20.38 6.92 16.40
N TYR A 78 20.65 6.98 17.70
CA TYR A 78 21.13 5.83 18.43
C TYR A 78 20.57 5.87 19.84
N THR A 79 20.22 4.72 20.39
CA THR A 79 19.86 4.61 21.78
C THR A 79 20.97 3.84 22.49
N GLY A 80 21.48 4.39 23.57
CA GLY A 80 22.61 3.76 24.24
C GLY A 80 22.92 4.44 25.54
N LEU A 81 24.14 4.25 26.01
CA LEU A 81 24.61 4.81 27.25
C LEU A 81 25.48 6.02 26.95
N TYR A 82 24.98 7.21 27.28
CA TYR A 82 25.61 8.46 26.89
C TYR A 82 25.51 9.42 28.06
N PRO A 83 26.39 10.41 28.15
CA PRO A 83 26.24 11.42 29.19
C PRO A 83 25.23 12.49 28.80
N LYS A 84 24.75 13.21 29.80
CA LYS A 84 23.82 14.31 29.61
C LYS A 84 24.55 15.47 28.93
N ALA A 85 23.81 16.35 28.27
CA ALA A 85 24.39 17.54 27.69
C ALA A 85 24.57 18.58 28.77
N ASN A 86 25.74 19.22 28.76
CA ASN A 86 26.14 20.26 29.70
C ASN A 86 26.07 19.77 31.15
N ASP A 87 26.46 18.53 31.36
CA ASP A 87 26.57 17.95 32.69
C ASP A 87 27.97 18.25 33.22
N LEU A 88 28.04 18.70 34.47
CA LEU A 88 29.31 19.16 35.01
C LEU A 88 30.21 18.00 35.43
N GLY A 89 29.63 16.91 35.89
CA GLY A 89 30.39 15.79 36.39
C GLY A 89 30.95 16.05 37.76
N LYS A 90 31.93 15.23 38.14
CA LYS A 90 32.59 15.39 39.43
C LYS A 90 34.09 15.48 39.24
N GLN A 91 34.69 16.46 39.89
CA GLN A 91 36.11 16.74 39.77
C GLN A 91 36.89 16.08 40.89
N TYR A 92 38.00 15.44 40.51
CA TYR A 92 38.87 14.78 41.47
C TYR A 92 40.28 15.34 41.32
N LEU A 93 40.78 15.93 42.40
CA LEU A 93 42.06 16.61 42.41
C LEU A 93 43.05 15.85 43.29
N PHE A 94 44.23 15.56 42.73
CA PHE A 94 45.30 14.92 43.48
C PHE A 94 46.46 15.90 43.61
N SER A 95 47.49 15.50 44.37
CA SER A 95 48.65 16.35 44.61
C SER A 95 49.89 15.57 45.00
N ASP A 96 50.91 16.27 45.46
CA ASP A 96 52.12 15.65 45.97
C ASP A 96 52.09 15.67 47.48
N GLY A 97 52.69 14.66 48.08
CA GLY A 97 52.72 14.56 49.53
C GLY A 97 53.76 15.46 50.15
N HIS A 98 53.84 15.39 51.49
CA HIS A 98 54.76 16.23 52.24
C HIS A 98 56.20 15.85 51.94
N SER A 99 57.01 16.86 51.64
CA SER A 99 58.40 16.65 51.26
C SER A 99 59.26 17.72 51.90
N ALA A 100 60.45 17.33 52.29
CA ALA A 100 61.47 18.18 52.86
C ALA A 100 62.75 18.06 52.02
N PRO A 101 63.68 19.01 52.13
CA PRO A 101 65.01 18.82 51.52
C PRO A 101 65.74 17.62 52.12
N GLY A 102 65.90 16.57 51.32
CA GLY A 102 66.52 15.34 51.77
C GLY A 102 65.60 14.33 52.41
N ARG A 103 64.29 14.58 52.45
CA ARG A 103 63.35 13.74 53.17
C ARG A 103 62.04 13.62 52.41
N LEU A 104 61.39 12.46 52.53
CA LEU A 104 60.05 12.24 52.00
C LEU A 104 59.13 11.87 53.17
N ASN A 105 58.16 12.75 53.45
CA ASN A 105 57.29 12.65 54.61
C ASN A 105 55.92 12.08 54.21
N ASN A 106 54.95 12.18 55.12
CA ASN A 106 53.65 11.53 55.01
C ASN A 106 52.86 12.04 53.81
N LEU A 107 51.89 11.24 53.39
CA LEU A 107 51.14 11.53 52.18
C LEU A 107 50.08 12.59 52.44
N PHE A 108 49.74 13.31 51.38
CA PHE A 108 48.74 14.38 51.43
C PHE A 108 47.59 13.99 50.50
N VAL A 109 46.45 13.63 51.09
CA VAL A 109 45.30 13.13 50.34
C VAL A 109 44.03 13.84 50.78
N SER A 110 42.88 13.42 50.23
CA SER A 110 41.58 13.96 50.58
C SER A 110 40.72 12.85 51.15
N ASN A 111 39.43 13.13 51.35
CA ASN A 111 38.52 12.14 51.91
C ASN A 111 37.92 11.25 50.82
N TYR A 112 38.75 10.71 49.95
CA TYR A 112 38.24 10.03 48.76
C TYR A 112 38.12 8.53 48.98
N SER A 113 38.76 8.00 50.02
CA SER A 113 38.78 6.56 50.22
C SER A 113 37.67 6.09 51.16
N SER A 114 36.65 6.92 51.35
CA SER A 114 35.53 6.52 52.19
C SER A 114 34.23 6.85 51.47
N GLN A 115 34.36 7.54 50.34
CA GLN A 115 33.24 7.79 49.45
C GLN A 115 32.95 6.54 48.64
N VAL A 116 31.72 6.07 48.69
CA VAL A 116 31.28 4.91 47.95
C VAL A 116 30.16 5.36 47.02
N GLU A 117 30.50 5.57 45.75
CA GLU A 117 29.51 5.93 44.76
C GLU A 117 28.88 4.67 44.18
N SER A 118 27.75 4.86 43.51
CA SER A 118 27.06 3.74 42.90
C SER A 118 27.33 3.71 41.40
N PHE A 119 27.57 2.51 40.89
CA PHE A 119 28.04 2.37 39.51
C PHE A 119 26.89 2.59 38.53
N ASP A 120 25.92 1.68 38.53
CA ASP A 120 24.57 1.74 37.99
C ASP A 120 24.42 1.78 36.47
N ASP A 121 25.41 2.28 35.74
CA ASP A 121 25.40 2.15 34.28
C ASP A 121 26.78 2.08 33.68
N GLY A 122 27.76 2.63 34.35
CA GLY A 122 29.09 2.85 33.83
C GLY A 122 29.40 4.32 33.95
N PHE A 123 30.62 4.67 33.58
CA PHE A 123 30.98 6.09 33.57
C PHE A 123 32.09 6.34 32.57
N VAL A 124 32.31 7.62 32.29
CA VAL A 124 33.43 8.07 31.49
C VAL A 124 34.24 9.06 32.29
N VAL A 125 35.55 9.11 32.00
CA VAL A 125 36.52 9.91 32.73
C VAL A 125 37.27 10.76 31.71
N ARG A 126 37.35 12.07 31.97
CA ARG A 126 38.17 12.99 31.21
C ARG A 126 39.49 13.16 31.95
N ILE A 127 40.60 12.88 31.26
CA ILE A 127 41.92 12.83 31.86
C ILE A 127 42.84 13.80 31.13
N GLY A 128 43.45 14.71 31.90
CA GLY A 128 44.55 15.49 31.40
C GLY A 128 44.17 16.67 30.53
N ALA A 129 43.10 17.38 30.86
CA ALA A 129 42.64 18.48 30.02
C ALA A 129 43.48 19.73 30.22
N ALA A 130 44.28 19.78 31.29
CA ALA A 130 45.11 20.94 31.59
C ALA A 130 46.60 20.64 31.44
N ALA A 131 46.97 19.78 30.49
CA ALA A 131 48.38 19.53 30.23
C ALA A 131 49.01 20.73 29.54
N ASN A 132 50.32 20.91 29.81
CA ASN A 132 51.22 21.96 29.30
C ASN A 132 50.90 23.37 29.80
N LYS A 133 49.81 23.54 30.55
CA LYS A 133 49.51 24.84 31.12
C LYS A 133 50.21 24.98 32.46
N THR A 134 50.15 26.18 33.01
CA THR A 134 50.70 26.43 34.33
C THR A 134 49.60 26.27 35.37
N GLY A 135 50.00 25.89 36.58
CA GLY A 135 49.04 25.74 37.65
C GLY A 135 49.72 25.49 38.98
N THR A 136 48.88 25.45 40.02
CA THR A 136 49.37 25.28 41.38
C THR A 136 49.78 23.84 41.64
N THR A 137 50.86 23.70 42.40
CA THR A 137 51.17 22.43 43.05
C THR A 137 50.39 22.28 44.35
N VAL A 138 49.22 21.64 44.30
CA VAL A 138 48.08 21.78 45.23
C VAL A 138 48.44 21.71 46.72
N ILE A 139 49.55 21.04 47.05
CA ILE A 139 50.07 21.06 48.42
C ILE A 139 50.56 22.46 48.80
N SER A 140 51.10 23.21 47.84
CA SER A 140 51.51 24.59 48.06
C SER A 140 50.94 25.43 46.92
N GLN A 141 49.82 26.12 47.17
CA GLN A 141 49.10 26.81 46.12
C GLN A 141 49.82 28.07 45.63
N SER A 142 50.85 28.52 46.33
CA SER A 142 51.64 29.67 45.90
C SER A 142 52.75 29.29 44.92
N THR A 143 52.93 28.01 44.63
CA THR A 143 53.97 27.56 43.71
C THR A 143 53.32 27.24 42.36
N PHE A 144 53.84 27.83 41.29
CA PHE A 144 53.31 27.59 39.95
C PHE A 144 54.28 26.75 39.14
N LYS A 145 53.76 25.69 38.53
CA LYS A 145 54.53 24.72 37.77
C LYS A 145 53.70 24.25 36.59
N PRO A 146 54.34 23.71 35.55
CA PRO A 146 53.57 23.10 34.46
C PRO A 146 52.84 21.84 34.90
N ILE A 147 51.54 21.79 34.58
CA ILE A 147 50.66 20.72 35.07
C ILE A 147 50.85 19.47 34.23
N LYS A 148 50.78 18.32 34.89
CA LYS A 148 50.99 17.03 34.25
C LYS A 148 49.71 16.18 34.31
N LYS A 149 49.79 15.03 33.65
CA LYS A 149 48.66 14.12 33.54
C LYS A 149 48.81 12.98 34.55
N ILE A 150 47.71 12.60 35.18
CA ILE A 150 47.69 11.54 36.18
C ILE A 150 46.48 10.65 35.90
N TYR A 151 46.69 9.33 35.85
CA TYR A 151 45.60 8.41 35.56
C TYR A 151 44.93 7.99 36.86
N PRO A 152 43.62 7.72 36.85
CA PRO A 152 42.94 7.27 38.06
C PRO A 152 43.08 5.77 38.28
N ALA A 153 42.89 5.38 39.53
CA ALA A 153 42.91 3.98 39.93
C ALA A 153 41.59 3.66 40.62
N PHE A 154 41.01 2.52 40.30
CA PHE A 154 39.64 2.24 40.72
C PHE A 154 39.54 0.95 41.51
N LEU A 155 38.54 0.93 42.39
CA LEU A 155 38.13 -0.24 43.15
C LEU A 155 36.64 -0.44 42.95
N LEU A 156 36.24 -1.57 42.36
CA LEU A 156 34.85 -1.80 42.00
C LEU A 156 34.37 -3.10 42.62
N GLY A 157 33.18 -3.09 43.22
CA GLY A 157 32.69 -4.28 43.89
C GLY A 157 31.20 -4.41 44.07
N HIS A 158 30.77 -5.57 44.58
CA HIS A 158 29.36 -5.89 44.78
C HIS A 158 28.86 -5.71 46.21
N SER A 159 29.74 -5.68 47.19
CA SER A 159 29.33 -5.61 48.60
C SER A 159 30.29 -4.69 49.32
N VAL A 160 29.81 -3.94 50.29
CA VAL A 160 30.66 -2.99 51.00
C VAL A 160 30.39 -3.11 52.50
N GLY A 161 31.39 -2.69 53.29
CA GLY A 161 31.31 -2.78 54.74
C GLY A 161 32.22 -1.80 55.43
N ASN A 162 32.63 -2.11 56.66
CA ASN A 162 33.41 -1.21 57.51
C ASN A 162 34.78 -1.79 57.78
N TYR A 163 35.78 -0.90 57.90
CA TYR A 163 37.13 -1.30 58.27
C TYR A 163 37.24 -1.44 59.78
N THR A 164 37.14 -2.66 60.28
CA THR A 164 37.34 -2.88 61.70
C THR A 164 38.80 -3.18 62.00
N PRO A 165 39.36 -2.70 63.12
CA PRO A 165 38.77 -1.86 64.17
C PRO A 165 39.07 -0.38 64.00
N SER A 166 39.21 0.07 62.76
CA SER A 166 39.27 1.51 62.52
C SER A 166 37.86 2.08 62.61
N ASN A 167 36.88 1.23 62.28
CA ASN A 167 35.44 1.51 62.27
C ASN A 167 35.07 2.67 61.36
N ARG A 168 35.82 2.86 60.27
CA ARG A 168 35.44 3.78 59.22
C ARG A 168 34.76 2.99 58.10
N THR A 169 34.43 3.63 56.99
CA THR A 169 33.65 3.01 55.94
C THR A 169 34.46 2.94 54.65
N GLY A 170 34.01 2.06 53.75
CA GLY A 170 34.63 1.91 52.45
C GLY A 170 35.40 0.63 52.24
N ARG A 171 35.00 -0.47 52.87
CA ARG A 171 35.71 -1.74 52.73
C ARG A 171 34.91 -2.67 51.84
N TYR A 172 35.55 -3.16 50.78
CA TYR A 172 34.92 -4.10 49.85
C TYR A 172 35.24 -5.51 50.31
N LEU A 173 34.20 -6.27 50.61
CA LEU A 173 34.38 -7.61 51.16
C LEU A 173 33.66 -8.67 50.35
N ASN A 174 34.27 -9.06 49.24
CA ASN A 174 34.22 -10.34 48.53
C ASN A 174 35.26 -10.17 47.44
N HIS A 175 35.18 -10.98 46.40
CA HIS A 175 35.90 -10.71 45.16
C HIS A 175 35.67 -9.29 44.67
N THR A 176 36.76 -8.56 44.42
CA THR A 176 36.75 -7.15 44.08
C THR A 176 37.63 -6.91 42.87
N LEU A 177 37.17 -6.07 41.95
CA LEU A 177 37.90 -5.74 40.74
C LEU A 177 38.74 -4.50 40.97
N VAL A 178 40.03 -4.58 40.69
CA VAL A 178 40.97 -3.50 40.95
C VAL A 178 41.57 -3.09 39.61
N ILE A 179 41.61 -1.80 39.33
CA ILE A 179 42.22 -1.29 38.11
C ILE A 179 43.32 -0.31 38.50
N LEU A 180 44.56 -0.62 38.13
CA LEU A 180 45.71 0.13 38.58
C LEU A 180 46.55 0.61 37.40
N PRO A 181 46.94 1.87 37.35
CA PRO A 181 47.99 2.29 36.43
C PRO A 181 49.35 2.20 37.09
N ASP A 182 50.35 1.85 36.30
CA ASP A 182 51.68 1.68 36.85
C ASP A 182 52.73 1.88 35.77
N GLY A 183 54.01 1.86 36.17
CA GLY A 183 55.08 2.04 35.22
C GLY A 183 55.22 3.45 34.72
N CYS A 184 54.96 4.43 35.58
CA CYS A 184 54.96 5.87 35.29
C CYS A 184 53.99 6.18 34.16
N GLY A 185 52.83 5.53 34.21
CA GLY A 185 51.80 5.73 33.21
C GLY A 185 52.00 4.98 31.92
N THR A 186 52.67 3.82 31.94
CA THR A 186 52.94 3.07 30.73
C THR A 186 52.31 1.69 30.74
N ILE A 187 51.75 1.26 31.87
CA ILE A 187 51.15 -0.07 31.93
C ILE A 187 49.90 0.02 32.80
N LEU A 188 48.99 -0.92 32.58
CA LEU A 188 47.69 -0.95 33.24
C LEU A 188 47.37 -2.37 33.67
N HIS A 189 47.21 -2.59 34.96
CA HIS A 189 46.89 -3.88 35.52
C HIS A 189 45.41 -3.95 35.87
N ALA A 190 44.80 -5.09 35.57
CA ALA A 190 43.44 -5.38 35.96
C ALA A 190 43.38 -6.76 36.59
N PHE A 191 42.87 -6.84 37.81
CA PHE A 191 42.79 -8.14 38.46
C PHE A 191 41.60 -8.18 39.38
N TYR A 192 41.26 -9.38 39.85
CA TYR A 192 39.99 -9.67 40.50
C TYR A 192 40.27 -10.63 41.64
N CYS A 193 40.46 -10.10 42.84
CA CYS A 193 40.88 -10.93 43.97
C CYS A 193 39.99 -10.63 45.17
N VAL A 194 40.26 -11.34 46.24
CA VAL A 194 39.73 -11.01 47.56
C VAL A 194 40.82 -10.24 48.30
N LEU A 195 40.44 -9.13 48.91
CA LEU A 195 41.38 -8.26 49.60
C LEU A 195 41.32 -8.59 51.09
N HIS A 196 42.44 -9.05 51.64
CA HIS A 196 42.52 -9.24 53.08
C HIS A 196 43.38 -8.14 53.69
N PRO A 197 42.87 -7.34 54.61
CA PRO A 197 43.70 -6.30 55.21
C PRO A 197 44.77 -6.88 56.11
N ARG A 198 45.99 -6.38 55.96
CA ARG A 198 47.13 -6.94 56.68
C ARG A 198 47.14 -6.47 58.13
N THR A 199 48.15 -6.91 58.88
CA THR A 199 48.29 -6.55 60.28
C THR A 199 49.70 -6.03 60.50
N GLN A 200 49.88 -4.74 60.24
CA GLN A 200 51.15 -4.04 60.45
C GLN A 200 50.79 -2.67 60.99
N GLN A 201 51.71 -1.71 60.93
CA GLN A 201 51.41 -0.35 61.35
C GLN A 201 50.63 0.34 60.24
N ASN A 202 49.35 0.60 60.50
CA ASN A 202 48.42 1.30 59.61
C ASN A 202 48.20 0.57 58.28
N CYS A 203 48.34 -0.75 58.25
CA CYS A 203 48.09 -1.52 57.04
C CYS A 203 46.69 -2.15 57.09
N ALA A 204 45.69 -1.29 57.33
CA ALA A 204 44.28 -1.49 57.01
C ALA A 204 43.53 -2.53 57.85
N GLY A 205 44.23 -3.39 58.57
CA GLY A 205 43.62 -4.15 59.64
C GLY A 205 43.92 -3.55 60.98
N GLU A 206 43.54 -2.29 61.21
CA GLU A 206 44.16 -1.55 62.30
C GLU A 206 43.20 -0.66 63.09
N THR A 207 43.58 -0.37 64.33
CA THR A 207 42.95 0.70 65.09
C THR A 207 43.58 2.05 64.79
N ASN A 208 44.61 2.08 63.95
CA ASN A 208 45.31 3.31 63.59
C ASN A 208 45.42 3.50 62.09
N PHE A 209 44.56 2.84 61.30
CA PHE A 209 44.55 3.01 59.86
C PHE A 209 43.68 4.19 59.48
N LYS A 210 44.23 5.08 58.64
CA LYS A 210 43.56 6.34 58.31
C LYS A 210 42.75 6.24 57.03
N SER A 211 43.41 5.98 55.90
CA SER A 211 42.77 5.86 54.60
C SER A 211 43.73 5.24 53.60
N LEU A 212 43.21 4.46 52.65
CA LEU A 212 44.04 3.89 51.61
C LEU A 212 44.58 4.99 50.71
N SER A 213 45.90 4.99 50.51
CA SER A 213 46.53 6.03 49.73
C SER A 213 47.77 5.46 49.07
N LEU A 214 47.89 5.67 47.77
CA LEU A 214 49.01 5.14 47.00
C LEU A 214 49.98 6.26 46.69
N TRP A 215 51.20 5.85 46.31
CA TRP A 215 52.29 6.80 46.15
C TRP A 215 53.29 6.24 45.16
N ASP A 216 54.09 7.14 44.59
CA ASP A 216 55.22 6.76 43.76
C ASP A 216 56.43 7.60 44.15
N THR A 217 57.62 7.02 44.04
CA THR A 217 58.83 7.80 44.18
C THR A 217 59.51 7.86 42.81
N PRO A 218 59.23 8.89 42.02
CA PRO A 218 59.68 8.87 40.61
C PRO A 218 61.16 9.15 40.44
N ALA A 219 61.82 9.68 41.48
CA ALA A 219 63.28 9.84 41.43
C ALA A 219 63.98 8.49 41.45
N SER A 220 63.31 7.46 41.96
CA SER A 220 63.77 6.08 41.88
C SER A 220 63.02 5.27 40.84
N ASP A 221 61.70 5.37 40.78
CA ASP A 221 60.89 4.55 39.89
C ASP A 221 60.91 5.02 38.45
N CYS A 222 60.84 6.32 38.21
CA CYS A 222 60.69 6.88 36.87
C CYS A 222 62.02 7.37 36.32
N VAL A 223 63.10 6.69 36.69
CA VAL A 223 64.39 6.88 36.03
C VAL A 223 64.25 6.41 34.59
N SER A 224 64.74 7.23 33.65
CA SER A 224 64.45 7.04 32.24
C SER A 224 65.08 5.76 31.71
N GLY A 225 64.25 4.93 31.06
CA GLY A 225 64.67 3.63 30.59
C GLY A 225 64.46 2.50 31.57
N SER A 226 64.32 2.80 32.86
CA SER A 226 64.25 1.78 33.91
C SER A 226 62.99 1.99 34.74
N TYR A 227 61.85 2.13 34.06
CA TYR A 227 60.56 2.25 34.73
C TYR A 227 60.20 0.97 35.45
N ASN A 228 59.95 1.07 36.76
CA ASN A 228 59.51 -0.08 37.54
C ASN A 228 58.02 -0.30 37.29
N GLN A 229 57.69 -1.35 36.54
CA GLN A 229 56.30 -1.60 36.17
C GLN A 229 55.54 -2.44 37.18
N GLU A 230 56.01 -2.50 38.43
CA GLU A 230 55.27 -3.15 39.51
C GLU A 230 55.33 -2.32 40.79
N ALA A 231 55.53 -1.01 40.67
CA ALA A 231 55.75 -0.17 41.84
C ALA A 231 54.46 0.08 42.59
N THR A 232 53.44 0.58 41.88
CA THR A 232 52.15 0.85 42.50
C THR A 232 51.47 -0.44 42.93
N LEU A 233 51.69 -1.53 42.19
CA LEU A 233 51.22 -2.85 42.59
C LEU A 233 51.88 -3.29 43.89
N GLY A 234 53.15 -2.95 44.08
CA GLY A 234 53.86 -3.25 45.32
C GLY A 234 53.32 -2.45 46.49
N ALA A 235 53.08 -1.16 46.24
CA ALA A 235 52.47 -0.30 47.27
C ALA A 235 51.06 -0.75 47.60
N PHE A 236 50.36 -1.37 46.64
CA PHE A 236 49.05 -1.93 46.89
C PHE A 236 49.16 -3.22 47.72
N LYS A 237 50.16 -4.05 47.41
CA LYS A 237 50.40 -5.29 48.15
C LYS A 237 50.85 -5.03 49.58
N VAL A 238 51.41 -3.86 49.87
CA VAL A 238 51.73 -3.53 51.26
C VAL A 238 50.45 -3.36 52.09
N TYR A 239 49.37 -2.86 51.48
CA TYR A 239 48.11 -2.68 52.20
C TYR A 239 47.29 -3.94 52.34
N PHE A 240 47.28 -4.82 51.33
CA PHE A 240 46.35 -5.93 51.26
C PHE A 240 47.10 -7.21 50.92
N ASP A 241 46.47 -8.34 51.24
CA ASP A 241 46.85 -9.63 50.68
C ASP A 241 45.84 -10.02 49.62
N LEU A 242 46.35 -10.52 48.49
CA LEU A 242 45.53 -10.85 47.33
C LEU A 242 45.22 -12.34 47.36
N ILE A 243 44.02 -12.67 47.80
CA ILE A 243 43.61 -14.06 47.97
C ILE A 243 42.74 -14.46 46.77
N ASN A 244 43.10 -15.59 46.15
CA ASN A 244 42.27 -16.32 45.19
C ASN A 244 41.96 -15.48 43.94
N CYS A 245 43.02 -14.98 43.32
CA CYS A 245 42.86 -14.13 42.14
C CYS A 245 42.47 -14.98 40.95
N THR A 246 41.36 -14.62 40.30
CA THR A 246 40.82 -15.39 39.20
C THR A 246 41.39 -14.98 37.85
N PHE A 247 41.76 -13.71 37.67
CA PHE A 247 42.49 -13.34 36.46
C PHE A 247 43.42 -12.19 36.80
N ARG A 248 44.31 -11.89 35.85
CA ARG A 248 45.23 -10.76 35.97
C ARG A 248 45.72 -10.40 34.57
N TYR A 249 45.37 -9.22 34.10
CA TYR A 249 45.67 -8.76 32.75
C TYR A 249 46.51 -7.49 32.79
N ASN A 250 47.25 -7.27 31.71
CA ASN A 250 48.12 -6.11 31.56
C ASN A 250 47.94 -5.50 30.18
N TYR A 251 47.97 -4.18 30.13
CA TYR A 251 47.85 -3.45 28.87
C TYR A 251 48.92 -2.38 28.84
N THR A 252 49.52 -2.16 27.67
CA THR A 252 50.65 -1.25 27.54
C THR A 252 50.21 0.07 26.95
N ILE A 253 50.56 1.16 27.64
CA ILE A 253 50.24 2.52 27.19
C ILE A 253 51.54 3.21 26.80
N THR A 254 51.44 4.32 26.06
CA THR A 254 52.58 5.11 25.65
C THR A 254 52.53 6.44 26.39
N GLU A 255 53.63 6.80 27.05
CA GLU A 255 53.66 8.02 27.84
C GLU A 255 53.68 9.25 26.92
N ASP A 256 52.56 9.96 26.91
CA ASP A 256 52.46 11.27 26.26
C ASP A 256 51.32 12.01 26.92
N GLU A 257 51.40 13.34 26.91
CA GLU A 257 50.46 14.16 27.65
C GLU A 257 49.72 15.08 26.69
N ASN A 258 48.58 14.65 26.18
CA ASN A 258 47.74 15.64 25.51
C ASN A 258 46.39 15.82 26.19
N ALA A 259 45.49 14.84 26.04
CA ALA A 259 44.16 14.78 26.64
C ALA A 259 43.55 13.44 26.24
N GLU A 260 42.89 12.74 27.14
CA GLU A 260 42.27 11.49 26.72
C GLU A 260 41.03 11.21 27.55
N TRP A 261 40.33 10.16 27.13
CA TRP A 261 39.09 9.72 27.76
C TRP A 261 39.21 8.25 28.08
N PHE A 262 38.56 7.83 29.16
CA PHE A 262 38.55 6.43 29.55
C PHE A 262 37.18 6.08 30.09
N GLY A 263 36.58 5.02 29.57
CA GLY A 263 35.24 4.65 29.99
C GLY A 263 35.16 3.21 30.44
N ILE A 264 34.14 2.91 31.23
CA ILE A 264 33.92 1.55 31.70
C ILE A 264 32.42 1.30 31.86
N THR A 265 31.92 0.21 31.24
CA THR A 265 30.55 -0.25 31.38
C THR A 265 30.53 -1.74 31.70
N GLN A 266 29.33 -2.28 31.92
CA GLN A 266 29.18 -3.70 32.23
C GLN A 266 27.91 -4.26 31.62
N ASP A 267 27.99 -5.46 31.06
CA ASP A 267 26.80 -6.21 30.65
C ASP A 267 27.08 -7.70 30.81
N THR A 268 26.26 -8.54 30.17
CA THR A 268 26.35 -9.98 30.35
C THR A 268 27.56 -10.61 29.65
N GLN A 269 28.34 -9.85 28.90
CA GLN A 269 29.61 -10.37 28.42
C GLN A 269 30.76 -9.98 29.31
N GLY A 270 30.52 -9.23 30.38
CA GLY A 270 31.55 -8.87 31.31
C GLY A 270 31.64 -7.37 31.44
N VAL A 271 32.82 -6.91 31.86
CA VAL A 271 33.09 -5.50 32.05
C VAL A 271 33.89 -5.00 30.85
N HIS A 272 33.39 -4.00 30.15
CA HIS A 272 34.07 -3.45 29.00
C HIS A 272 34.79 -2.17 29.37
N LEU A 273 36.03 -2.05 28.87
CA LEU A 273 36.84 -0.86 29.05
C LEU A 273 37.04 -0.20 27.69
N TYR A 274 36.92 1.11 27.66
CA TYR A 274 37.00 1.90 26.44
C TYR A 274 38.06 2.97 26.62
N SER A 275 38.77 3.30 25.55
CA SER A 275 39.80 4.32 25.64
C SER A 275 39.75 5.22 24.43
N SER A 276 40.17 6.47 24.63
CA SER A 276 40.27 7.40 23.52
C SER A 276 41.60 7.26 22.81
N ARG A 277 42.56 6.60 23.45
CA ARG A 277 43.87 6.38 22.85
C ARG A 277 43.80 5.34 21.74
N LYS A 278 42.73 4.54 21.73
CA LYS A 278 42.59 3.47 20.75
C LYS A 278 42.34 4.04 19.37
N GLU A 279 43.18 3.59 18.43
CA GLU A 279 43.13 3.77 16.97
C GLU A 279 43.45 5.18 16.47
N ASN A 280 43.43 6.18 17.36
CA ASN A 280 43.94 7.53 17.16
C ASN A 280 43.87 8.26 18.49
N VAL A 281 44.97 8.85 18.94
CA VAL A 281 44.94 9.55 20.22
C VAL A 281 44.38 10.97 20.05
N PHE A 282 44.31 11.48 18.83
CA PHE A 282 44.02 12.87 18.57
C PHE A 282 42.53 13.20 18.52
N ARG A 283 41.64 12.28 18.85
CA ARG A 283 40.21 12.53 18.74
C ARG A 283 39.54 12.37 20.11
N ASN A 284 38.22 12.45 20.12
CA ASN A 284 37.42 12.32 21.33
C ASN A 284 36.69 10.99 21.42
N ASN A 285 36.72 10.18 20.37
CA ASN A 285 35.93 8.96 20.38
C ASN A 285 36.60 7.89 21.21
N MET A 286 35.80 7.13 21.93
CA MET A 286 36.29 6.04 22.76
C MET A 286 36.01 4.73 22.06
N PHE A 287 37.02 3.88 21.98
CA PHE A 287 36.91 2.60 21.32
C PHE A 287 37.18 1.48 22.30
N HIS A 288 36.53 0.34 22.04
CA HIS A 288 36.61 -0.82 22.91
C HIS A 288 37.97 -1.49 22.79
N PHE A 289 38.59 -1.78 23.93
CA PHE A 289 39.87 -2.46 23.91
C PHE A 289 40.00 -3.62 24.90
N ALA A 290 39.04 -3.83 25.79
CA ALA A 290 39.18 -4.89 26.78
C ALA A 290 37.84 -5.36 27.30
N THR A 291 37.70 -6.67 27.50
CA THR A 291 36.56 -7.26 28.18
C THR A 291 37.09 -8.13 29.31
N LEU A 292 36.54 -7.95 30.48
CA LEU A 292 36.96 -8.67 31.67
C LEU A 292 35.86 -9.60 32.15
N PRO A 293 36.17 -10.85 32.46
CA PRO A 293 35.13 -11.80 32.87
C PRO A 293 34.59 -11.61 34.27
N VAL A 294 33.83 -10.55 34.48
CA VAL A 294 33.17 -10.26 35.75
C VAL A 294 31.68 -10.26 35.46
N TYR A 295 30.99 -11.34 35.83
CA TYR A 295 29.61 -11.53 35.42
C TYR A 295 28.59 -11.17 36.49
N GLN A 296 29.01 -11.09 37.75
CA GLN A 296 28.10 -10.57 38.76
C GLN A 296 27.96 -9.06 38.62
N LYS A 297 26.84 -8.55 39.09
CA LYS A 297 26.50 -7.15 38.87
C LYS A 297 27.28 -6.26 39.83
N ILE A 298 28.12 -5.38 39.26
CA ILE A 298 28.86 -4.41 40.05
C ILE A 298 27.91 -3.33 40.54
N LEU A 299 27.94 -3.05 41.84
CA LEU A 299 27.11 -2.02 42.41
C LEU A 299 27.85 -0.76 42.83
N TYR A 300 29.08 -0.88 43.31
CA TYR A 300 29.77 0.26 43.89
C TYR A 300 31.15 0.41 43.27
N TYR A 301 31.65 1.64 43.29
CA TYR A 301 33.04 1.90 42.93
C TYR A 301 33.63 2.94 43.86
N THR A 302 34.94 3.13 43.77
CA THR A 302 35.70 3.98 44.67
C THR A 302 36.98 4.42 43.95
N VAL A 303 37.24 5.71 43.98
CA VAL A 303 38.47 6.26 43.43
C VAL A 303 39.53 6.23 44.51
N ILE A 304 40.67 5.61 44.21
CA ILE A 304 41.74 5.43 45.20
C ILE A 304 42.56 6.70 45.23
N PRO A 305 42.72 7.35 46.38
CA PRO A 305 43.52 8.59 46.46
C PRO A 305 44.99 8.32 46.24
N ARG A 306 45.60 9.11 45.37
CA ARG A 306 47.03 9.02 45.15
C ARG A 306 47.73 10.27 45.67
N SER A 307 49.03 10.14 45.93
CA SER A 307 49.86 11.27 46.38
C SER A 307 51.29 10.96 45.97
N ILE A 308 51.76 11.63 44.92
CA ILE A 308 53.06 11.32 44.34
C ILE A 308 54.17 11.91 45.21
N ARG A 309 55.03 11.05 45.74
CA ARG A 309 56.18 11.48 46.54
C ARG A 309 57.34 11.92 45.63
N SER A 310 57.15 13.08 45.03
CA SER A 310 58.23 13.72 44.29
C SER A 310 59.21 14.35 45.29
N PRO A 311 60.45 14.60 44.89
CA PRO A 311 61.35 15.41 45.73
C PRO A 311 60.82 16.83 45.90
N PHE A 312 61.26 17.47 46.98
CA PHE A 312 60.75 18.80 47.32
C PHE A 312 61.20 19.86 46.32
N ASN A 313 62.36 19.66 45.71
CA ASN A 313 62.84 20.56 44.68
C ASN A 313 62.11 20.39 43.36
N ASP A 314 61.53 19.22 43.10
CA ASP A 314 60.91 18.90 41.81
C ASP A 314 59.42 18.68 41.98
N ARG A 315 58.77 19.57 42.74
CA ARG A 315 57.33 19.48 42.94
C ARG A 315 56.59 19.81 41.65
N LYS A 316 55.77 18.87 41.20
CA LYS A 316 55.02 18.99 39.96
C LYS A 316 53.56 19.27 40.25
N ALA A 317 52.83 19.63 39.20
CA ALA A 317 51.38 19.77 39.27
C ALA A 317 50.73 18.70 38.41
N TRP A 318 49.59 18.18 38.88
CA TRP A 318 48.88 17.09 38.23
C TRP A 318 47.47 17.55 37.90
N ALA A 319 47.03 17.26 36.68
CA ALA A 319 45.73 17.74 36.23
C ALA A 319 44.62 16.88 36.81
N ALA A 320 43.63 17.53 37.42
CA ALA A 320 42.45 16.88 37.95
C ALA A 320 41.71 16.13 36.86
N PHE A 321 41.03 15.05 37.24
CA PHE A 321 40.24 14.34 36.25
C PHE A 321 38.76 14.45 36.61
N TYR A 322 37.91 14.13 35.63
CA TYR A 322 36.48 14.37 35.79
C TYR A 322 35.71 13.11 35.47
N ILE A 323 34.73 12.78 36.30
CA ILE A 323 33.91 11.58 36.12
C ILE A 323 32.49 12.00 35.79
N TYR A 324 31.95 11.45 34.71
CA TYR A 324 30.59 11.70 34.25
C TYR A 324 29.83 10.38 34.13
N LYS A 325 28.60 10.38 34.64
CA LYS A 325 27.76 9.19 34.66
C LYS A 325 27.09 8.97 33.31
N LEU A 326 26.86 7.71 32.96
CA LEU A 326 26.22 7.36 31.71
C LEU A 326 24.74 7.07 31.95
N HIS A 327 23.90 7.43 31.00
CA HIS A 327 22.45 7.33 31.09
C HIS A 327 21.90 6.67 29.84
N PRO A 328 20.74 6.03 29.94
CA PRO A 328 20.13 5.43 28.74
C PRO A 328 19.42 6.46 27.87
N LEU A 329 20.14 7.09 26.95
CA LEU A 329 19.62 8.23 26.21
C LEU A 329 19.56 7.92 24.71
N THR A 330 18.80 8.76 24.01
CA THR A 330 18.79 8.84 22.56
C THR A 330 19.68 9.99 22.10
N TYR A 331 20.51 9.71 21.09
CA TYR A 331 21.48 10.66 20.59
C TYR A 331 21.40 10.71 19.09
N LEU A 332 21.82 11.84 18.52
CA LEU A 332 21.99 12.00 17.09
C LEU A 332 23.46 12.17 16.81
N LEU A 333 24.02 11.30 15.95
CA LEU A 333 25.46 11.24 15.74
C LEU A 333 25.78 11.52 14.28
N ASN A 334 26.83 12.30 14.06
CA ASN A 334 27.28 12.64 12.70
C ASN A 334 28.68 12.09 12.45
N PHE A 335 28.83 11.30 11.39
CA PHE A 335 30.07 10.61 11.05
C PHE A 335 30.74 11.35 9.89
N ASP A 336 32.00 11.74 10.06
CA ASP A 336 32.67 12.50 9.01
C ASP A 336 33.26 11.57 7.95
N VAL A 337 34.07 12.13 7.05
CA VAL A 337 34.66 11.36 5.95
C VAL A 337 35.67 10.34 6.46
N GLU A 338 36.45 10.70 7.48
CA GLU A 338 37.44 9.80 8.07
C GLU A 338 36.81 8.71 8.91
N GLY A 339 35.54 8.85 9.27
CA GLY A 339 34.85 7.83 10.03
C GLY A 339 34.59 8.17 11.48
N TYR A 340 35.06 9.31 11.95
CA TYR A 340 34.98 9.67 13.35
C TYR A 340 33.73 10.49 13.62
N ILE A 341 33.12 10.28 14.79
CA ILE A 341 31.96 11.06 15.16
C ILE A 341 32.40 12.48 15.46
N THR A 342 31.89 13.42 14.67
CA THR A 342 32.29 14.83 14.80
C THR A 342 31.39 15.60 15.74
N LYS A 343 30.08 15.38 15.68
CA LYS A 343 29.18 16.07 16.59
C LYS A 343 27.98 15.19 16.90
N ALA A 344 27.35 15.49 18.03
CA ALA A 344 26.24 14.73 18.55
C ALA A 344 25.20 15.69 19.09
N VAL A 345 23.99 15.18 19.28
CA VAL A 345 22.87 15.93 19.84
C VAL A 345 22.15 15.06 20.85
N ASP A 346 22.05 15.55 22.09
CA ASP A 346 21.24 14.93 23.13
C ASP A 346 19.80 15.35 22.89
N CYS A 347 18.94 14.37 22.58
CA CYS A 347 17.68 14.74 21.96
C CYS A 347 16.58 15.02 22.97
N GLY A 348 16.94 15.32 24.20
CA GLY A 348 15.93 15.54 25.19
C GLY A 348 16.31 16.73 26.03
N TYR A 349 17.35 17.44 25.60
CA TYR A 349 17.90 18.54 26.37
C TYR A 349 17.06 19.79 26.26
N ASP A 350 16.82 20.28 25.04
CA ASP A 350 15.92 21.40 24.83
C ASP A 350 15.12 21.19 23.56
N ASP A 351 14.47 22.23 23.07
CA ASP A 351 13.54 22.11 21.94
C ASP A 351 14.21 22.16 20.59
N LEU A 352 15.34 22.85 20.46
CA LEU A 352 16.11 22.77 19.22
C LEU A 352 16.65 21.37 19.00
N ALA A 353 17.03 20.70 20.08
CA ALA A 353 17.50 19.32 19.99
C ALA A 353 16.37 18.36 19.64
N GLN A 354 15.16 18.58 20.16
CA GLN A 354 14.00 17.82 19.75
C GLN A 354 13.63 18.04 18.30
N LEU A 355 13.80 19.26 17.78
CA LEU A 355 13.64 19.53 16.36
C LEU A 355 14.64 18.78 15.50
N GLN A 356 15.92 18.85 15.89
CA GLN A 356 16.98 18.19 15.12
C GLN A 356 16.83 16.68 15.14
N CYS A 357 16.39 16.11 16.25
CA CYS A 357 16.21 14.67 16.29
C CYS A 357 14.88 14.20 15.71
N SER A 358 13.89 15.07 15.67
CA SER A 358 12.61 14.75 15.07
C SER A 358 12.63 14.82 13.55
N TYR A 359 13.49 15.65 12.98
CA TYR A 359 13.62 15.71 11.53
C TYR A 359 14.92 15.08 11.03
N GLU A 360 15.81 14.67 11.94
CA GLU A 360 17.01 13.86 11.69
C GLU A 360 17.98 14.54 10.73
N SER A 361 18.34 15.76 11.10
CA SER A 361 19.32 16.54 10.37
C SER A 361 19.86 17.60 11.31
N PHE A 362 21.06 18.08 11.01
CA PHE A 362 21.69 19.12 11.82
C PHE A 362 21.45 20.52 11.28
N GLU A 363 21.13 20.69 10.00
CA GLU A 363 20.83 21.99 9.41
C GLU A 363 19.34 22.04 9.12
N VAL A 364 18.66 23.06 9.64
CA VAL A 364 17.23 22.93 9.86
C VAL A 364 16.37 23.95 9.12
N GLU A 365 16.95 24.96 8.43
CA GLU A 365 16.19 25.76 7.45
C GLU A 365 14.99 26.54 7.97
N THR A 366 15.22 27.76 8.49
CA THR A 366 14.30 28.60 9.28
C THR A 366 12.81 28.43 9.02
N GLY A 367 12.05 28.21 10.07
CA GLY A 367 10.66 27.87 9.91
C GLY A 367 9.97 27.68 11.25
N VAL A 368 8.77 27.12 11.19
CA VAL A 368 7.98 26.76 12.37
C VAL A 368 7.61 25.30 12.25
N TYR A 369 8.05 24.48 13.20
CA TYR A 369 8.00 23.04 13.06
C TYR A 369 7.26 22.41 14.22
N SER A 370 6.56 21.31 13.94
CA SER A 370 5.95 20.54 15.01
C SER A 370 6.83 19.34 15.35
N VAL A 371 7.04 19.10 16.64
CA VAL A 371 8.07 18.17 17.08
C VAL A 371 7.50 17.06 17.95
N SER A 372 8.33 16.04 18.17
CA SER A 372 8.03 14.89 18.99
C SER A 372 8.76 14.99 20.33
N SER A 373 8.45 14.06 21.23
CA SER A 373 8.99 14.06 22.58
C SER A 373 10.01 12.92 22.72
N PHE A 374 11.17 13.25 23.28
CA PHE A 374 12.20 12.27 23.55
C PHE A 374 12.62 12.23 25.01
N GLU A 375 11.77 12.63 25.94
CA GLU A 375 12.17 12.61 27.34
C GLU A 375 11.68 11.33 28.02
N ALA A 376 12.37 10.97 29.10
CA ALA A 376 12.13 9.72 29.81
C ALA A 376 10.93 9.83 30.74
N SER A 377 10.99 10.72 31.76
CA SER A 377 9.91 11.03 32.71
C SER A 377 9.44 9.79 33.46
N PRO A 378 10.20 9.32 34.45
CA PRO A 378 9.90 8.03 35.13
C PRO A 378 8.52 7.99 35.78
N ARG A 379 7.85 6.86 35.62
CA ARG A 379 6.42 6.78 35.92
C ARG A 379 6.13 6.32 37.34
N GLY A 380 4.85 6.23 37.67
CA GLY A 380 4.45 5.76 38.97
C GLY A 380 3.57 4.55 38.84
N GLU A 381 2.53 4.49 39.66
CA GLU A 381 1.67 3.31 39.71
C GLU A 381 0.32 3.69 40.29
N PHE A 382 -0.74 3.20 39.67
CA PHE A 382 -2.11 3.44 40.10
C PHE A 382 -2.87 2.11 39.96
N ILE A 383 -2.90 1.35 41.04
CA ILE A 383 -3.56 0.04 41.04
C ILE A 383 -4.79 0.11 41.91
N GLU A 384 -5.91 -0.39 41.39
CA GLU A 384 -7.19 -0.26 42.09
C GLU A 384 -8.08 -1.41 41.62
N GLN A 385 -8.19 -2.45 42.46
CA GLN A 385 -9.08 -3.57 42.20
C GLN A 385 -9.95 -3.81 43.41
N ALA A 386 -11.01 -4.60 43.21
CA ALA A 386 -12.03 -4.81 44.22
C ALA A 386 -11.74 -6.05 45.05
N THR A 387 -12.32 -6.09 46.24
CA THR A 387 -12.10 -7.18 47.19
C THR A 387 -13.26 -8.17 47.12
N THR A 388 -12.92 -9.45 47.12
CA THR A 388 -13.92 -10.51 47.00
C THR A 388 -13.44 -11.70 47.82
N GLN A 389 -14.12 -12.83 47.64
CA GLN A 389 -13.78 -14.06 48.34
C GLN A 389 -12.82 -14.89 47.51
N GLU A 390 -12.30 -15.95 48.12
CA GLU A 390 -11.43 -16.86 47.39
C GLU A 390 -12.24 -17.81 46.54
N CYS A 391 -11.73 -18.11 45.34
CA CYS A 391 -12.31 -19.14 44.49
C CYS A 391 -11.97 -20.49 45.10
N ASP A 392 -12.90 -21.42 45.03
CA ASP A 392 -12.74 -22.72 45.67
C ASP A 392 -12.32 -23.76 44.64
N PHE A 393 -11.07 -24.21 44.74
CA PHE A 393 -10.58 -25.33 43.95
C PHE A 393 -10.67 -26.65 44.69
N THR A 394 -11.48 -26.71 45.73
CA THR A 394 -11.62 -27.94 46.52
C THR A 394 -12.30 -29.11 45.82
N PRO A 395 -13.26 -28.94 44.86
CA PRO A 395 -13.66 -30.12 44.08
C PRO A 395 -12.72 -30.43 42.92
N MET A 396 -11.42 -30.39 43.16
CA MET A 396 -10.43 -30.81 42.19
C MET A 396 -9.40 -31.63 42.93
N LEU A 397 -9.34 -31.44 44.24
CA LEU A 397 -8.34 -32.05 45.10
C LEU A 397 -8.93 -33.11 46.01
N THR A 398 -10.23 -33.40 45.89
CA THR A 398 -10.87 -34.38 46.75
C THR A 398 -11.79 -35.28 45.95
N GLY A 399 -11.49 -36.57 45.91
CA GLY A 399 -12.35 -37.52 45.25
C GLY A 399 -11.61 -38.22 44.15
N THR A 400 -12.37 -38.87 43.27
CA THR A 400 -11.81 -39.57 42.13
C THR A 400 -12.01 -38.72 40.89
N PRO A 401 -10.97 -38.49 40.08
CA PRO A 401 -11.16 -37.70 38.88
C PRO A 401 -11.94 -38.48 37.85
N PRO A 402 -12.82 -37.82 37.09
CA PRO A 402 -13.75 -38.53 36.23
C PRO A 402 -13.08 -38.98 34.94
N PRO A 403 -13.72 -39.84 34.15
CA PRO A 403 -13.17 -40.17 32.83
C PRO A 403 -13.29 -39.03 31.84
N ILE A 404 -12.60 -39.16 30.71
CA ILE A 404 -12.43 -38.06 29.76
C ILE A 404 -13.76 -37.71 29.09
N TYR A 405 -14.58 -38.71 28.80
CA TYR A 405 -15.87 -38.46 28.17
C TYR A 405 -16.89 -37.90 29.14
N ASN A 406 -16.60 -37.96 30.44
CA ASN A 406 -17.48 -37.45 31.48
C ASN A 406 -16.70 -36.47 32.32
N PHE A 407 -15.98 -35.55 31.68
CA PHE A 407 -15.09 -34.63 32.37
C PHE A 407 -15.86 -33.67 33.26
N LYS A 408 -15.15 -33.00 34.14
CA LYS A 408 -15.79 -32.08 35.08
C LYS A 408 -15.42 -30.64 34.74
N ARG A 409 -16.38 -29.74 34.89
CA ARG A 409 -16.21 -28.34 34.52
C ARG A 409 -16.52 -27.44 35.69
N LEU A 410 -15.64 -26.47 35.94
CA LEU A 410 -15.81 -25.48 37.00
C LEU A 410 -15.69 -24.10 36.38
N VAL A 411 -16.64 -23.22 36.65
CA VAL A 411 -16.62 -21.86 36.14
C VAL A 411 -16.63 -20.90 37.32
N PHE A 412 -15.65 -20.00 37.35
CA PHE A 412 -15.49 -19.05 38.43
C PHE A 412 -15.69 -17.64 37.92
N THR A 413 -16.51 -16.88 38.65
CA THR A 413 -16.71 -15.46 38.46
C THR A 413 -16.74 -14.81 39.83
N ASN A 414 -16.25 -13.56 39.90
CA ASN A 414 -16.33 -12.68 41.07
C ASN A 414 -15.61 -13.27 42.28
N CYS A 415 -14.33 -13.59 42.10
CA CYS A 415 -13.55 -14.13 43.19
C CYS A 415 -12.06 -13.87 43.00
N ASN A 416 -11.31 -14.25 44.02
CA ASN A 416 -9.85 -14.15 44.03
C ASN A 416 -9.27 -15.54 43.94
N TYR A 417 -8.30 -15.73 43.06
CA TYR A 417 -7.69 -17.03 42.88
C TYR A 417 -6.21 -17.00 43.27
N ASN A 418 -5.70 -18.17 43.62
CA ASN A 418 -4.29 -18.38 43.92
C ASN A 418 -3.89 -19.62 43.13
N LEU A 419 -3.40 -19.41 41.90
CA LEU A 419 -3.03 -20.53 41.04
C LEU A 419 -1.75 -21.20 41.49
N THR A 420 -0.90 -20.50 42.24
CA THR A 420 0.34 -21.08 42.76
C THR A 420 0.04 -22.21 43.75
N LYS A 421 -0.94 -21.99 44.61
CA LYS A 421 -1.37 -22.98 45.61
C LYS A 421 -1.89 -24.24 44.95
N LEU A 422 -2.60 -24.08 43.83
CA LEU A 422 -3.11 -25.22 43.08
C LEU A 422 -1.98 -25.97 42.39
N LEU A 423 -1.14 -25.28 41.65
CA LEU A 423 -0.11 -25.96 40.87
C LEU A 423 1.04 -26.47 41.73
N SER A 424 1.12 -26.07 42.98
CA SER A 424 2.17 -26.58 43.86
C SER A 424 1.93 -28.02 44.30
N LEU A 425 0.73 -28.54 44.13
CA LEU A 425 0.36 -29.87 44.60
C LEU A 425 0.60 -30.96 43.57
N PHE A 426 1.00 -30.61 42.36
CA PHE A 426 1.08 -31.58 41.27
C PHE A 426 2.50 -31.57 40.74
N GLN A 427 2.80 -32.52 39.87
CA GLN A 427 4.05 -32.54 39.14
C GLN A 427 3.74 -32.33 37.67
N VAL A 428 4.00 -31.12 37.18
CA VAL A 428 3.65 -30.78 35.82
C VAL A 428 4.69 -31.32 34.86
N SER A 429 4.22 -31.94 33.79
CA SER A 429 5.11 -32.39 32.73
C SER A 429 4.81 -31.78 31.38
N GLU A 430 3.78 -30.93 31.27
CA GLU A 430 3.44 -30.26 30.03
C GLU A 430 2.60 -29.04 30.37
N PHE A 431 2.85 -27.91 29.73
CA PHE A 431 2.11 -26.68 29.98
C PHE A 431 2.09 -25.91 28.67
N SER A 432 1.04 -26.11 27.88
CA SER A 432 0.96 -25.60 26.52
C SER A 432 -0.20 -24.63 26.38
N CYS A 433 0.10 -23.39 26.02
CA CYS A 433 -0.88 -22.32 26.07
C CYS A 433 -1.08 -21.68 24.71
N HIS A 434 -2.13 -20.87 24.61
CA HIS A 434 -2.60 -20.27 23.37
C HIS A 434 -3.19 -18.91 23.69
N GLN A 435 -2.57 -17.87 23.12
CA GLN A 435 -2.88 -16.45 23.28
C GLN A 435 -2.66 -15.92 24.69
N VAL A 436 -1.93 -16.67 25.52
CA VAL A 436 -1.56 -16.24 26.86
C VAL A 436 -0.33 -17.07 27.20
N SER A 437 0.46 -16.62 28.17
CA SER A 437 1.57 -17.44 28.61
C SER A 437 1.24 -18.09 29.94
N PRO A 438 1.94 -19.15 30.35
CA PRO A 438 1.70 -19.71 31.68
C PRO A 438 2.05 -18.79 32.82
N SER A 439 2.98 -17.86 32.62
CA SER A 439 3.38 -16.94 33.66
C SER A 439 2.39 -15.80 33.83
N SER A 440 1.77 -15.36 32.75
CA SER A 440 0.76 -14.31 32.80
C SER A 440 -0.59 -14.82 33.26
N LEU A 441 -0.79 -16.13 33.26
CA LEU A 441 -2.04 -16.72 33.72
C LEU A 441 -2.28 -16.54 35.20
N ALA A 442 -1.23 -16.37 35.98
CA ALA A 442 -1.35 -16.22 37.42
C ALA A 442 -1.31 -14.76 37.86
N THR A 443 -1.45 -13.81 36.95
CA THR A 443 -1.35 -12.39 37.30
C THR A 443 -2.46 -11.53 36.68
N GLY A 444 -3.28 -12.09 35.80
CA GLY A 444 -4.25 -11.31 35.06
C GLY A 444 -5.60 -11.27 35.74
N CYS A 445 -6.41 -10.28 35.35
CA CYS A 445 -7.77 -10.14 35.83
C CYS A 445 -8.71 -10.47 34.68
N TYR A 446 -9.64 -11.38 34.91
CA TYR A 446 -10.51 -11.90 33.86
C TYR A 446 -11.96 -11.67 34.23
N SER A 447 -12.85 -11.86 33.27
CA SER A 447 -14.27 -11.82 33.54
C SER A 447 -14.85 -13.19 33.90
N SER A 448 -14.21 -14.28 33.47
CA SER A 448 -14.59 -15.62 33.86
C SER A 448 -13.39 -16.53 33.77
N LEU A 449 -13.45 -17.66 34.47
CA LEU A 449 -12.33 -18.61 34.47
C LEU A 449 -12.90 -20.01 34.48
N THR A 450 -12.62 -20.81 33.45
CA THR A 450 -13.18 -22.15 33.31
C THR A 450 -12.06 -23.18 33.40
N VAL A 451 -12.30 -24.24 34.17
CA VAL A 451 -11.37 -25.35 34.30
C VAL A 451 -12.14 -26.63 33.98
N ASP A 452 -11.73 -27.33 32.93
CA ASP A 452 -12.15 -28.71 32.69
C ASP A 452 -11.07 -29.63 33.20
N TYR A 453 -11.46 -30.71 33.86
CA TYR A 453 -10.45 -31.63 34.35
C TYR A 453 -10.97 -33.06 34.31
N PHE A 454 -10.03 -33.98 34.13
CA PHE A 454 -10.33 -35.40 34.03
C PHE A 454 -9.04 -36.17 34.28
N ALA A 455 -9.17 -37.48 34.41
CA ALA A 455 -8.01 -38.35 34.52
C ALA A 455 -7.57 -38.77 33.12
N TYR A 456 -6.26 -38.87 32.92
CA TYR A 456 -5.69 -39.07 31.60
C TYR A 456 -4.24 -39.44 31.76
N SER A 457 -3.80 -40.47 31.06
CA SER A 457 -2.42 -40.93 31.13
C SER A 457 -1.56 -40.19 30.13
N THR A 458 -0.44 -39.65 30.59
CA THR A 458 0.36 -38.72 29.79
C THR A 458 1.33 -39.43 28.86
N ASP A 459 1.20 -40.74 28.68
CA ASP A 459 1.81 -41.40 27.55
C ASP A 459 0.95 -41.31 26.31
N MET A 460 -0.30 -40.89 26.45
CA MET A 460 -1.20 -40.61 25.34
C MET A 460 -1.29 -39.11 25.12
N SER A 461 -0.20 -38.40 25.34
CA SER A 461 -0.19 -36.95 25.30
C SER A 461 -0.31 -36.38 23.90
N SER A 462 -0.02 -37.16 22.87
CA SER A 462 -0.10 -36.68 21.50
C SER A 462 -1.49 -36.75 20.92
N ALA A 463 -2.45 -37.28 21.67
CA ALA A 463 -3.81 -37.40 21.21
C ALA A 463 -4.68 -36.23 21.63
N LEU A 464 -4.18 -35.35 22.49
CA LEU A 464 -4.87 -34.15 22.90
C LEU A 464 -4.39 -32.92 22.15
N GLN A 465 -3.43 -33.08 21.26
CA GLN A 465 -2.84 -32.00 20.50
C GLN A 465 -3.84 -31.43 19.50
N PRO A 466 -3.65 -30.19 19.04
CA PRO A 466 -4.60 -29.62 18.06
C PRO A 466 -4.56 -30.33 16.72
N GLY A 467 -5.73 -30.77 16.28
CA GLY A 467 -5.83 -31.47 15.02
C GLY A 467 -5.32 -32.88 15.04
N ALA A 468 -5.43 -33.57 16.17
CA ALA A 468 -4.86 -34.90 16.27
C ALA A 468 -5.77 -35.93 15.61
N ALA A 469 -5.28 -37.16 15.51
CA ALA A 469 -5.84 -38.13 14.58
C ALA A 469 -6.93 -39.00 15.16
N GLY A 470 -6.73 -39.55 16.36
CA GLY A 470 -7.53 -40.70 16.78
C GLY A 470 -8.91 -40.45 17.34
N ALA A 471 -9.31 -41.25 18.31
CA ALA A 471 -10.64 -41.26 18.86
C ALA A 471 -10.79 -40.40 20.10
N ILE A 472 -9.74 -39.70 20.50
CA ILE A 472 -9.86 -38.82 21.66
C ILE A 472 -10.56 -37.52 21.27
N VAL A 473 -10.15 -36.90 20.17
CA VAL A 473 -10.79 -35.67 19.71
C VAL A 473 -12.13 -35.93 19.05
N GLN A 474 -12.37 -37.13 18.55
CA GLN A 474 -13.60 -37.43 17.83
C GLN A 474 -14.77 -37.77 18.74
N PHE A 475 -14.55 -38.49 19.83
CA PHE A 475 -15.65 -38.99 20.63
C PHE A 475 -15.54 -38.61 22.10
N ASN A 476 -14.41 -38.07 22.54
CA ASN A 476 -14.26 -37.82 23.97
C ASN A 476 -14.16 -36.34 24.31
N TYR A 477 -13.17 -35.64 23.75
CA TYR A 477 -12.95 -34.25 24.13
C TYR A 477 -12.25 -33.52 23.00
N LYS A 478 -12.82 -32.42 22.54
CA LYS A 478 -12.18 -31.54 21.57
C LYS A 478 -12.03 -30.16 22.18
N GLN A 479 -10.80 -29.67 22.25
CA GLN A 479 -10.53 -28.39 22.87
C GLN A 479 -10.99 -27.23 21.98
N ASP A 480 -11.40 -26.15 22.62
CA ASP A 480 -11.96 -24.98 21.97
C ASP A 480 -10.94 -23.86 21.97
N PHE A 481 -10.56 -23.39 20.78
CA PHE A 481 -9.50 -22.41 20.62
C PHE A 481 -10.00 -21.04 20.25
N SER A 482 -11.20 -20.66 20.70
CA SER A 482 -11.71 -19.33 20.39
C SER A 482 -11.38 -18.33 21.50
N ASN A 483 -11.03 -18.82 22.67
CA ASN A 483 -10.58 -18.03 23.80
C ASN A 483 -9.10 -18.28 24.06
N PRO A 484 -8.45 -17.46 24.88
CA PRO A 484 -7.14 -17.85 25.39
C PRO A 484 -7.27 -19.07 26.29
N THR A 485 -6.32 -20.01 26.15
CA THR A 485 -6.51 -21.31 26.78
C THR A 485 -5.15 -21.93 27.07
N CYS A 486 -5.15 -22.89 27.99
CA CYS A 486 -3.94 -23.62 28.38
C CYS A 486 -4.30 -25.07 28.67
N ARG A 487 -3.33 -25.95 28.49
CA ARG A 487 -3.51 -27.39 28.66
C ARG A 487 -2.40 -27.93 29.54
N VAL A 488 -2.74 -28.29 30.79
CA VAL A 488 -1.74 -28.80 31.72
C VAL A 488 -1.91 -30.31 31.88
N LEU A 489 -0.78 -31.02 31.91
CA LEU A 489 -0.75 -32.47 32.08
C LEU A 489 0.10 -32.75 33.32
N ALA A 490 -0.49 -33.33 34.36
CA ALA A 490 0.18 -33.39 35.64
C ALA A 490 0.10 -34.79 36.23
N THR A 491 0.98 -35.06 37.19
CA THR A 491 0.97 -36.30 37.95
C THR A 491 0.68 -35.99 39.40
N VAL A 492 -0.20 -36.79 40.01
CA VAL A 492 -0.58 -36.64 41.40
C VAL A 492 0.42 -37.40 42.28
N PRO A 493 1.20 -36.70 43.10
CA PRO A 493 2.20 -37.41 43.92
C PRO A 493 1.56 -38.12 45.10
N GLN A 494 2.36 -38.95 45.76
CA GLN A 494 1.81 -39.94 46.67
C GLN A 494 1.42 -39.33 48.02
N ASN A 495 2.07 -38.23 48.40
CA ASN A 495 1.78 -37.56 49.66
C ASN A 495 0.39 -36.92 49.65
N LEU A 496 -0.06 -36.46 48.49
CA LEU A 496 -1.42 -35.95 48.35
C LEU A 496 -2.41 -37.10 48.44
N THR A 497 -3.09 -37.22 49.59
CA THR A 497 -3.86 -38.41 49.89
C THR A 497 -5.36 -38.20 49.77
N THR A 498 -5.79 -36.97 49.48
CA THR A 498 -7.22 -36.73 49.34
C THR A 498 -7.74 -37.12 47.97
N ILE A 499 -6.85 -37.31 47.00
CA ILE A 499 -7.23 -37.73 45.67
C ILE A 499 -7.11 -39.25 45.59
N THR A 500 -8.24 -39.93 45.54
CA THR A 500 -8.25 -41.38 45.37
C THR A 500 -7.95 -41.68 43.91
N LYS A 501 -7.61 -42.92 43.60
CA LYS A 501 -7.36 -43.25 42.21
C LYS A 501 -8.37 -44.29 41.76
N PRO A 502 -8.73 -44.29 40.49
CA PRO A 502 -9.65 -45.32 39.97
C PRO A 502 -8.91 -46.61 39.67
N SER A 503 -9.60 -47.59 39.07
CA SER A 503 -8.96 -48.84 38.72
C SER A 503 -8.58 -48.94 37.25
N ASN A 504 -9.26 -48.23 36.36
CA ASN A 504 -9.02 -48.35 34.93
C ASN A 504 -9.16 -46.98 34.30
N TYR A 505 -8.18 -46.55 33.53
CA TYR A 505 -8.39 -45.49 32.56
C TYR A 505 -9.36 -45.98 31.49
N ALA A 506 -10.18 -45.08 30.96
CA ALA A 506 -11.22 -45.45 30.02
C ALA A 506 -11.44 -44.36 29.00
N TYR A 507 -11.74 -44.75 27.76
CA TYR A 507 -12.19 -43.78 26.77
C TYR A 507 -13.08 -44.44 25.74
N LEU A 508 -13.92 -43.63 25.09
CA LEU A 508 -14.84 -44.12 24.08
C LEU A 508 -14.14 -44.23 22.74
N THR A 509 -14.50 -45.25 21.96
CA THR A 509 -13.96 -45.46 20.64
C THR A 509 -14.99 -45.30 19.53
N GLU A 510 -16.27 -45.20 19.86
CA GLU A 510 -17.32 -45.16 18.85
C GLU A 510 -18.55 -44.48 19.44
N CYS A 511 -19.26 -43.74 18.58
CA CYS A 511 -20.58 -43.20 18.91
C CYS A 511 -21.26 -42.91 17.57
N TYR A 512 -22.26 -43.71 17.23
CA TYR A 512 -22.92 -43.60 15.93
C TYR A 512 -24.40 -43.91 16.02
N LYS A 513 -25.11 -43.54 14.96
CA LYS A 513 -26.50 -43.96 14.75
C LYS A 513 -26.53 -44.97 13.60
N THR A 514 -27.42 -45.96 13.71
CA THR A 514 -27.62 -46.87 12.59
C THR A 514 -28.32 -46.15 11.46
N SER A 515 -27.93 -46.49 10.23
CA SER A 515 -28.51 -45.89 9.04
C SER A 515 -28.86 -47.00 8.06
N ALA A 516 -29.44 -46.61 6.93
CA ALA A 516 -29.75 -47.57 5.88
C ALA A 516 -28.51 -48.10 5.18
N TYR A 517 -27.36 -47.42 5.35
CA TYR A 517 -26.08 -47.85 4.79
C TYR A 517 -25.02 -47.63 5.87
N GLY A 518 -24.78 -48.68 6.67
CA GLY A 518 -23.69 -48.66 7.62
C GLY A 518 -23.95 -47.87 8.89
N LYS A 519 -22.99 -47.03 9.25
CA LYS A 519 -23.01 -46.27 10.49
C LYS A 519 -22.95 -44.80 10.17
N ASN A 520 -23.52 -43.98 11.06
CA ASN A 520 -23.45 -42.52 10.93
C ASN A 520 -22.79 -41.99 12.20
N TYR A 521 -21.52 -41.64 12.09
CA TYR A 521 -20.72 -41.25 13.25
C TYR A 521 -21.10 -39.87 13.74
N LEU A 522 -21.08 -39.69 15.06
CA LEU A 522 -21.46 -38.44 15.71
C LEU A 522 -20.25 -37.84 16.40
N TYR A 523 -19.64 -36.86 15.77
CA TYR A 523 -18.39 -36.28 16.25
C TYR A 523 -18.65 -35.18 17.26
N ASN A 524 -17.66 -34.97 18.13
CA ASN A 524 -17.75 -33.95 19.16
C ASN A 524 -17.65 -32.55 18.57
N ALA A 525 -18.32 -31.63 19.23
CA ALA A 525 -18.17 -30.20 19.00
C ALA A 525 -17.11 -29.66 19.94
N PRO A 526 -16.47 -28.53 19.62
CA PRO A 526 -15.45 -27.98 20.53
C PRO A 526 -16.00 -27.48 21.84
N GLY A 527 -15.56 -28.09 22.94
CA GLY A 527 -15.99 -27.73 24.27
C GLY A 527 -17.22 -28.45 24.77
N ALA A 528 -17.80 -29.34 23.98
CA ALA A 528 -19.06 -29.98 24.30
C ALA A 528 -18.85 -31.44 24.66
N TYR A 529 -19.81 -31.98 25.42
CA TYR A 529 -19.83 -33.38 25.77
C TYR A 529 -20.23 -34.23 24.57
N THR A 530 -20.00 -35.51 24.68
CA THR A 530 -20.40 -36.40 23.60
C THR A 530 -21.89 -36.69 23.69
N PRO A 531 -22.56 -36.92 22.54
CA PRO A 531 -23.98 -37.26 22.57
C PRO A 531 -24.29 -38.63 23.16
N CYS A 532 -23.31 -39.52 23.27
CA CYS A 532 -23.47 -40.86 23.80
C CYS A 532 -23.18 -40.90 25.30
N LEU A 533 -23.40 -39.79 26.00
CA LEU A 533 -23.03 -39.70 27.40
C LEU A 533 -23.97 -40.45 28.32
N SER A 534 -25.28 -40.42 28.06
CA SER A 534 -26.20 -41.22 28.85
C SER A 534 -26.05 -42.71 28.61
N LEU A 535 -25.62 -43.09 27.41
CA LEU A 535 -25.31 -44.47 27.10
C LEU A 535 -24.01 -44.95 27.73
N ALA A 536 -23.11 -44.04 28.08
CA ALA A 536 -21.82 -44.42 28.63
C ALA A 536 -21.84 -44.55 30.14
N SER A 537 -22.94 -44.18 30.79
CA SER A 537 -22.98 -44.16 32.24
C SER A 537 -23.19 -45.55 32.82
N ARG A 538 -23.53 -46.54 31.98
CA ARG A 538 -23.70 -47.89 32.49
C ARG A 538 -22.39 -48.56 32.85
N GLY A 539 -21.27 -48.02 32.38
CA GLY A 539 -19.96 -48.53 32.75
C GLY A 539 -19.47 -49.58 31.77
N PHE A 540 -18.14 -49.69 31.69
CA PHE A 540 -17.50 -50.66 30.81
C PHE A 540 -16.66 -51.58 31.66
N SER A 541 -17.00 -52.87 31.66
CA SER A 541 -16.30 -53.86 32.48
C SER A 541 -15.15 -54.52 31.74
N THR A 542 -15.17 -54.52 30.40
CA THR A 542 -14.11 -55.11 29.60
C THR A 542 -13.82 -54.19 28.42
N LYS A 543 -12.72 -54.46 27.74
CA LYS A 543 -12.39 -53.71 26.53
C LYS A 543 -13.35 -54.05 25.41
N TYR A 544 -13.73 -53.02 24.64
CA TYR A 544 -14.64 -53.12 23.49
C TYR A 544 -16.00 -53.68 23.89
N GLN A 545 -16.55 -53.14 24.97
CA GLN A 545 -17.88 -53.49 25.45
C GLN A 545 -18.85 -52.43 24.97
N SER A 546 -19.79 -52.81 24.12
CA SER A 546 -20.71 -51.88 23.52
C SER A 546 -21.98 -51.73 24.34
N HIS A 547 -22.64 -50.60 24.16
CA HIS A 547 -23.95 -50.33 24.74
C HIS A 547 -24.80 -49.69 23.67
N SER A 548 -26.11 -49.91 23.74
CA SER A 548 -27.02 -49.44 22.70
C SER A 548 -28.36 -49.08 23.29
N ASP A 549 -28.92 -47.97 22.83
CA ASP A 549 -30.27 -47.56 23.19
C ASP A 549 -31.19 -47.74 21.98
N GLY A 550 -30.78 -48.57 21.04
CA GLY A 550 -31.49 -48.71 19.79
C GLY A 550 -31.03 -47.70 18.77
N GLU A 551 -31.23 -46.42 19.05
CA GLU A 551 -30.87 -45.38 18.09
C GLU A 551 -29.38 -45.13 18.06
N LEU A 552 -28.72 -45.16 19.22
CA LEU A 552 -27.30 -44.91 19.31
C LEU A 552 -26.56 -46.16 19.79
N THR A 553 -25.26 -46.17 19.53
CA THR A 553 -24.38 -47.27 19.94
C THR A 553 -23.05 -46.67 20.32
N THR A 554 -22.45 -47.17 21.40
CA THR A 554 -21.16 -46.71 21.84
C THR A 554 -20.29 -47.87 22.30
N THR A 555 -18.98 -47.64 22.28
CA THR A 555 -17.99 -48.65 22.61
C THR A 555 -16.92 -48.03 23.49
N GLY A 556 -16.50 -48.75 24.52
CA GLY A 556 -15.49 -48.25 25.43
C GLY A 556 -14.24 -49.10 25.41
N TYR A 557 -13.16 -48.51 25.90
CA TYR A 557 -11.89 -49.18 26.06
C TYR A 557 -11.31 -48.81 27.40
N ILE A 558 -11.00 -49.82 28.22
CA ILE A 558 -10.43 -49.61 29.55
C ILE A 558 -9.05 -50.27 29.61
N TYR A 559 -8.21 -49.77 30.53
CA TYR A 559 -6.90 -50.35 30.79
C TYR A 559 -6.41 -49.88 32.15
N PRO A 560 -5.71 -50.72 32.92
CA PRO A 560 -5.52 -50.42 34.34
C PRO A 560 -4.51 -49.32 34.63
N VAL A 561 -4.62 -48.75 35.82
CA VAL A 561 -3.78 -47.64 36.27
C VAL A 561 -2.57 -48.23 36.99
N THR A 562 -1.39 -48.04 36.42
CA THR A 562 -0.15 -48.55 37.01
C THR A 562 0.75 -47.37 37.33
N GLY A 563 1.09 -47.22 38.61
CA GLY A 563 1.91 -46.12 39.07
C GLY A 563 1.08 -45.08 39.81
N ASN A 564 1.52 -43.83 39.71
CA ASN A 564 0.76 -42.72 40.24
C ASN A 564 -0.35 -42.34 39.26
N LEU A 565 -1.33 -41.61 39.77
CA LEU A 565 -2.42 -41.15 38.93
C LEU A 565 -2.00 -39.89 38.18
N GLN A 566 -2.39 -39.80 36.91
CA GLN A 566 -2.11 -38.64 36.09
C GLN A 566 -3.42 -37.99 35.66
N MET A 567 -3.40 -36.68 35.49
CA MET A 567 -4.60 -35.91 35.22
C MET A 567 -4.34 -34.88 34.15
N ALA A 568 -5.42 -34.41 33.53
CA ALA A 568 -5.36 -33.33 32.55
C ALA A 568 -6.33 -32.21 32.95
N PHE A 569 -5.84 -30.98 32.83
CA PHE A 569 -6.59 -29.76 33.09
C PHE A 569 -6.58 -28.90 31.84
N ILE A 570 -7.73 -28.36 31.48
CA ILE A 570 -7.85 -27.40 30.39
C ILE A 570 -8.40 -26.12 31.00
N ILE A 571 -7.61 -25.05 30.97
CA ILE A 571 -8.01 -23.78 31.56
C ILE A 571 -8.31 -22.79 30.45
N SER A 572 -9.39 -22.03 30.60
CA SER A 572 -9.79 -21.03 29.61
C SER A 572 -10.20 -19.76 30.33
N VAL A 573 -9.73 -18.62 29.82
CA VAL A 573 -10.01 -17.33 30.44
C VAL A 573 -10.68 -16.43 29.41
N GLN A 574 -11.23 -15.33 29.90
CA GLN A 574 -11.94 -14.38 29.07
C GLN A 574 -11.69 -12.97 29.57
N TYR A 575 -10.99 -12.18 28.77
CA TYR A 575 -10.77 -10.78 29.06
C TYR A 575 -11.93 -9.99 28.47
N GLY A 576 -12.47 -9.07 29.26
CA GLY A 576 -13.49 -8.17 28.78
C GLY A 576 -13.17 -6.75 29.19
N THR A 577 -13.97 -5.82 28.68
CA THR A 577 -14.01 -4.53 29.31
C THR A 577 -15.12 -4.52 30.35
N ASP A 578 -15.29 -3.37 31.02
CA ASP A 578 -16.23 -3.18 32.11
C ASP A 578 -16.02 -4.14 33.27
N THR A 579 -14.91 -3.95 34.01
CA THR A 579 -14.66 -4.57 35.32
C THR A 579 -14.53 -6.08 35.29
N ASN A 580 -13.42 -6.57 34.78
CA ASN A 580 -12.94 -7.94 34.98
C ASN A 580 -12.88 -8.25 36.46
N SER A 581 -13.68 -9.22 36.91
CA SER A 581 -13.92 -9.44 38.33
C SER A 581 -13.20 -10.64 38.92
N VAL A 582 -12.63 -11.53 38.11
CA VAL A 582 -11.83 -12.64 38.63
C VAL A 582 -10.40 -12.15 38.72
N CYS A 583 -9.95 -11.78 39.91
CA CYS A 583 -8.66 -11.13 40.00
C CYS A 583 -7.75 -11.94 40.90
N PRO A 584 -6.42 -11.82 40.77
CA PRO A 584 -5.55 -12.62 41.64
C PRO A 584 -5.53 -12.07 43.05
N MET A 585 -5.04 -12.90 43.97
CA MET A 585 -4.90 -12.49 45.36
C MET A 585 -3.71 -11.56 45.49
N GLN A 586 -3.86 -10.50 46.27
CA GLN A 586 -2.81 -9.51 46.43
C GLN A 586 -2.64 -9.15 47.89
N ALA A 587 -1.40 -8.78 48.24
CA ALA A 587 -1.14 -8.07 49.48
C ALA A 587 -1.45 -6.59 49.29
N LEU A 588 -1.78 -5.92 50.38
CA LEU A 588 -2.25 -4.55 50.29
C LEU A 588 -1.10 -3.57 50.49
N ARG A 589 -1.14 -2.46 49.76
CA ARG A 589 -0.13 -1.40 49.87
C ARG A 589 -0.83 -0.07 49.65
N ASN A 590 -0.45 0.94 50.43
CA ASN A 590 -1.11 2.24 50.39
C ASN A 590 -0.80 3.01 49.11
N ASP A 591 0.48 3.06 48.74
CA ASP A 591 1.07 4.01 47.81
C ASP A 591 0.42 4.09 46.44
N THR A 592 -0.20 3.00 45.97
CA THR A 592 -0.84 3.01 44.67
C THR A 592 -2.15 3.78 44.70
N SER A 593 -2.07 5.11 44.74
CA SER A 593 -3.24 5.97 44.72
C SER A 593 -2.99 7.11 43.74
N ILE A 594 -4.00 7.93 43.52
CA ILE A 594 -3.94 9.01 42.56
C ILE A 594 -4.09 10.37 43.22
N GLU A 595 -4.36 10.38 44.53
CA GLU A 595 -4.54 11.60 45.29
C GLU A 595 -3.26 12.44 45.30
N ASP A 596 -2.11 11.77 45.30
CA ASP A 596 -0.84 12.48 45.29
C ASP A 596 -0.34 12.75 43.87
N LYS A 597 -0.13 11.69 43.09
CA LYS A 597 0.54 11.79 41.80
C LYS A 597 -0.47 12.08 40.69
N LEU A 598 -0.93 13.33 40.64
CA LEU A 598 -2.01 13.60 39.72
C LEU A 598 -1.54 13.85 38.29
N ASP A 599 -0.84 14.95 38.03
CA ASP A 599 -0.57 15.27 36.63
C ASP A 599 0.77 14.73 36.16
N VAL A 600 1.04 13.47 36.45
CA VAL A 600 2.24 12.79 35.98
C VAL A 600 1.79 11.56 35.23
N CYS A 601 2.69 11.06 34.39
CA CYS A 601 2.40 9.83 33.67
C CYS A 601 2.56 8.63 34.60
N VAL A 602 1.48 7.87 34.75
CA VAL A 602 1.48 6.69 35.61
C VAL A 602 1.14 5.48 34.75
N GLU A 603 1.45 4.32 35.28
CA GLU A 603 1.09 3.04 34.68
C GLU A 603 -0.03 2.45 35.52
N TYR A 604 -1.24 2.44 34.98
CA TYR A 604 -2.38 2.10 35.82
C TYR A 604 -2.88 0.70 35.56
N SER A 605 -3.59 0.15 36.55
CA SER A 605 -4.26 -1.14 36.44
C SER A 605 -5.53 -1.05 37.28
N LEU A 606 -6.63 -0.69 36.61
CA LEU A 606 -7.88 -0.35 37.26
C LEU A 606 -8.92 -1.39 36.90
N HIS A 607 -9.24 -2.27 37.86
CA HIS A 607 -10.24 -3.33 37.75
C HIS A 607 -10.04 -4.22 36.53
N GLY A 608 -8.79 -4.45 36.16
CA GLY A 608 -8.46 -5.28 35.03
C GLY A 608 -8.07 -4.53 33.78
N ILE A 609 -8.23 -3.21 33.75
CA ILE A 609 -7.88 -2.41 32.59
C ILE A 609 -6.49 -1.82 32.81
N THR A 610 -5.62 -1.94 31.82
CA THR A 610 -4.24 -1.52 31.99
C THR A 610 -3.88 -0.49 30.94
N GLY A 611 -2.82 0.27 31.22
CA GLY A 611 -2.31 1.22 30.27
C GLY A 611 -1.40 2.23 30.96
N ARG A 612 -1.04 3.27 30.22
CA ARG A 612 -0.28 4.39 30.74
C ARG A 612 -1.04 5.66 30.46
N GLY A 613 -0.90 6.66 31.33
CA GLY A 613 -1.60 7.90 31.04
C GLY A 613 -1.45 8.91 32.14
N VAL A 614 -2.10 10.05 31.93
CA VAL A 614 -2.09 11.18 32.84
C VAL A 614 -3.52 11.39 33.32
N PHE A 615 -3.70 11.58 34.63
CA PHE A 615 -5.02 11.74 35.23
C PHE A 615 -5.19 13.16 35.72
N HIS A 616 -6.30 13.78 35.35
CA HIS A 616 -6.54 15.18 35.70
C HIS A 616 -7.89 15.31 36.38
N ASN A 617 -8.04 16.34 37.20
CA ASN A 617 -9.26 16.55 37.98
C ASN A 617 -10.32 17.17 37.10
N CYS A 618 -11.39 16.42 36.87
CA CYS A 618 -12.52 16.90 36.08
C CYS A 618 -13.79 16.87 36.94
N THR A 619 -14.88 17.41 36.41
CA THR A 619 -16.17 17.41 37.07
C THR A 619 -17.26 17.10 36.04
N SER A 620 -17.68 15.84 35.98
CA SER A 620 -18.34 15.33 34.78
C SER A 620 -19.15 14.07 35.04
N VAL A 621 -19.20 13.23 33.99
CA VAL A 621 -20.22 12.25 33.60
C VAL A 621 -20.92 11.50 34.72
N GLY A 622 -22.22 11.31 34.54
CA GLY A 622 -23.19 10.76 35.47
C GLY A 622 -23.43 9.29 35.25
N LEU A 623 -24.29 8.98 34.27
CA LEU A 623 -24.97 7.72 33.98
C LEU A 623 -24.19 6.42 34.18
N ARG A 624 -24.93 5.34 34.43
CA ARG A 624 -24.51 4.25 35.29
C ARG A 624 -23.63 3.19 34.63
N ASN A 625 -22.87 3.53 33.58
CA ASN A 625 -21.74 2.68 33.20
C ASN A 625 -20.48 3.07 33.96
N GLN A 626 -20.65 3.77 35.07
CA GLN A 626 -19.78 4.80 35.67
C GLN A 626 -18.28 4.64 35.47
N ARG A 627 -17.76 3.44 35.70
CA ARG A 627 -16.32 3.23 35.92
C ARG A 627 -15.44 3.68 34.77
N PHE A 628 -15.79 3.33 33.54
CA PHE A 628 -14.94 3.66 32.41
C PHE A 628 -15.75 4.37 31.33
N VAL A 629 -15.29 5.56 30.96
CA VAL A 629 -15.90 6.34 29.91
C VAL A 629 -15.02 6.25 28.68
N TYR A 630 -15.62 5.95 27.54
CA TYR A 630 -14.86 5.74 26.32
C TYR A 630 -15.26 6.78 25.28
N ASP A 631 -14.42 6.89 24.26
CA ASP A 631 -14.63 7.76 23.11
C ASP A 631 -15.40 7.01 22.03
N THR A 632 -15.52 7.62 20.86
CA THR A 632 -16.14 6.91 19.73
C THR A 632 -15.11 6.05 19.01
N PHE A 633 -13.83 6.22 19.34
CA PHE A 633 -12.77 5.37 18.84
C PHE A 633 -12.17 4.48 19.92
N ASP A 634 -12.92 4.28 21.02
CA ASP A 634 -12.59 3.37 22.12
C ASP A 634 -11.32 3.75 22.85
N ASN A 635 -11.20 5.03 23.22
CA ASN A 635 -10.12 5.48 24.07
C ASN A 635 -10.63 5.73 25.48
N LEU A 636 -9.85 5.33 26.47
CA LEU A 636 -10.25 5.57 27.85
C LEU A 636 -10.13 7.04 28.18
N VAL A 637 -11.21 7.80 27.97
CA VAL A 637 -11.18 9.24 28.10
C VAL A 637 -11.49 9.69 29.53
N GLY A 638 -12.00 8.79 30.36
CA GLY A 638 -12.38 9.20 31.70
C GLY A 638 -12.61 8.06 32.65
N TYR A 639 -12.63 8.33 33.96
CA TYR A 639 -12.64 7.26 34.94
C TYR A 639 -13.34 7.71 36.22
N HIS A 640 -14.19 6.86 36.77
CA HIS A 640 -14.90 7.15 38.01
C HIS A 640 -14.23 6.42 39.16
N SER A 641 -13.53 7.15 40.02
CA SER A 641 -12.66 6.55 41.00
C SER A 641 -13.44 5.96 42.16
N ASP A 642 -12.72 5.27 43.04
CA ASP A 642 -13.37 4.60 44.15
C ASP A 642 -13.82 5.55 45.24
N ASN A 643 -13.06 6.62 45.50
CA ASN A 643 -13.46 7.51 46.58
C ASN A 643 -14.74 8.29 46.28
N GLY A 644 -14.66 9.32 45.45
CA GLY A 644 -15.87 9.91 44.92
C GLY A 644 -15.64 10.68 43.64
N ASN A 645 -14.42 10.64 43.13
CA ASN A 645 -13.95 11.65 42.19
C ASN A 645 -14.01 11.15 40.76
N TYR A 646 -14.12 12.09 39.84
CA TYR A 646 -14.02 11.82 38.41
C TYR A 646 -12.69 12.35 37.92
N TYR A 647 -12.05 11.61 37.02
CA TYR A 647 -10.77 11.99 36.45
C TYR A 647 -10.81 11.87 34.95
N CYS A 648 -10.20 12.83 34.27
CA CYS A 648 -9.97 12.77 32.84
C CYS A 648 -8.66 12.05 32.58
N VAL A 649 -8.66 11.14 31.62
CA VAL A 649 -7.48 10.35 31.27
C VAL A 649 -6.98 10.83 29.93
N ARG A 650 -5.72 11.22 29.88
CA ARG A 650 -5.06 11.63 28.65
C ARG A 650 -3.87 10.72 28.42
N PRO A 651 -3.41 10.57 27.17
CA PRO A 651 -2.18 9.81 26.95
C PRO A 651 -0.95 10.52 27.48
N CYS A 652 0.15 9.76 27.56
CA CYS A 652 1.37 10.23 28.22
C CYS A 652 2.05 11.37 27.46
N VAL A 653 1.85 11.47 26.15
CA VAL A 653 2.28 12.61 25.35
C VAL A 653 1.03 13.15 24.65
N SER A 654 0.53 14.28 25.12
CA SER A 654 -0.76 14.78 24.67
C SER A 654 -0.70 16.22 24.17
N VAL A 655 0.08 17.07 24.82
CA VAL A 655 0.10 18.51 24.49
C VAL A 655 0.91 18.72 23.22
N PRO A 656 0.40 19.45 22.23
CA PRO A 656 1.20 19.73 21.04
C PRO A 656 2.23 20.81 21.28
N VAL A 657 3.39 20.64 20.64
CA VAL A 657 4.53 21.54 20.81
C VAL A 657 5.07 21.89 19.42
N SER A 658 5.25 23.17 19.16
CA SER A 658 5.91 23.65 17.96
C SER A 658 7.11 24.50 18.37
N VAL A 659 8.16 24.47 17.57
CA VAL A 659 9.32 25.30 17.81
C VAL A 659 9.54 26.21 16.60
N ILE A 660 9.71 27.50 16.88
CA ILE A 660 10.01 28.51 15.89
C ILE A 660 11.53 28.65 15.84
N TYR A 661 12.12 28.49 14.67
CA TYR A 661 13.57 28.47 14.51
C TYR A 661 14.01 29.48 13.47
N ASP A 662 15.01 30.27 13.83
CA ASP A 662 15.62 31.27 12.94
C ASP A 662 17.10 30.96 12.80
N LYS A 663 17.54 30.72 11.56
CA LYS A 663 18.87 30.18 11.32
C LYS A 663 19.94 31.27 11.31
N ALA A 664 19.58 32.47 10.86
CA ALA A 664 20.55 33.55 10.72
C ALA A 664 21.06 34.02 12.07
N SER A 665 20.20 34.00 13.09
CA SER A 665 20.61 34.32 14.44
C SER A 665 20.76 33.08 15.31
N ASN A 666 20.38 31.92 14.79
CA ASN A 666 20.40 30.63 15.49
C ASN A 666 19.60 30.69 16.79
N SER A 667 18.35 31.13 16.69
CA SER A 667 17.49 31.30 17.85
C SER A 667 16.23 30.45 17.71
N HIS A 668 15.60 30.16 18.83
CA HIS A 668 14.39 29.33 18.81
C HIS A 668 13.48 29.71 19.96
N ALA A 669 12.18 29.48 19.77
CA ALA A 669 11.18 29.71 20.80
C ALA A 669 10.11 28.65 20.68
N THR A 670 9.21 28.57 21.66
CA THR A 670 8.30 27.44 21.76
C THR A 670 6.86 27.91 21.78
N LEU A 671 5.97 27.13 21.19
CA LEU A 671 4.53 27.39 21.20
C LEU A 671 3.79 26.11 21.58
N PHE A 672 3.01 26.17 22.65
CA PHE A 672 2.10 25.09 23.03
C PHE A 672 0.74 25.48 22.47
N GLY A 673 0.37 24.88 21.34
CA GLY A 673 -0.82 25.30 20.64
C GLY A 673 -2.06 24.78 21.34
N SER A 674 -3.12 25.60 21.38
CA SER A 674 -4.45 25.27 21.90
C SER A 674 -4.47 25.05 23.41
N VAL A 675 -3.41 25.43 24.11
CA VAL A 675 -3.35 25.22 25.56
C VAL A 675 -3.33 26.57 26.25
N ALA A 676 -4.18 26.71 27.26
CA ALA A 676 -4.12 27.87 28.14
C ALA A 676 -2.87 27.83 28.99
N CYS A 677 -2.40 29.00 29.38
CA CYS A 677 -1.10 29.13 30.02
C CYS A 677 -1.10 28.72 31.49
N SER A 678 -2.24 28.31 32.05
CA SER A 678 -2.28 27.82 33.42
C SER A 678 -2.16 26.32 33.52
N HIS A 679 -2.46 25.60 32.44
CA HIS A 679 -2.27 24.16 32.41
C HIS A 679 -0.83 23.79 32.08
N VAL A 680 -0.04 24.72 31.58
CA VAL A 680 1.32 24.39 31.16
C VAL A 680 2.22 24.23 32.36
N THR A 681 2.03 25.05 33.39
CA THR A 681 2.89 24.96 34.57
C THR A 681 2.51 23.79 35.45
N THR A 682 1.32 23.21 35.27
CA THR A 682 0.99 22.02 36.05
C THR A 682 1.55 20.77 35.38
N MET A 683 1.33 20.63 34.09
CA MET A 683 1.83 19.47 33.35
C MET A 683 3.22 19.68 32.79
N MET A 684 4.17 20.11 33.61
CA MET A 684 5.53 20.32 33.15
C MET A 684 6.39 19.09 33.28
N SER A 685 5.93 17.94 32.79
CA SER A 685 6.69 16.71 32.86
C SER A 685 6.72 15.95 31.54
N GLN A 686 5.87 16.31 30.60
CA GLN A 686 5.95 15.80 29.23
C GLN A 686 7.09 16.44 28.45
N PHE A 687 7.58 17.60 28.89
CA PHE A 687 8.38 18.46 28.06
C PHE A 687 9.86 18.13 28.19
N SER A 688 10.70 18.92 27.51
CA SER A 688 12.11 18.64 27.50
C SER A 688 12.75 19.06 28.81
N ARG A 689 14.04 18.76 28.94
CA ARG A 689 14.80 19.00 30.16
C ARG A 689 14.99 20.48 30.45
N MET A 690 15.13 21.31 29.42
CA MET A 690 15.29 22.74 29.60
C MET A 690 13.98 23.49 29.73
N THR A 691 12.90 22.99 29.13
CA THR A 691 11.59 23.60 29.28
C THR A 691 11.06 23.43 30.70
N LYS A 692 11.36 22.28 31.31
CA LYS A 692 10.93 22.02 32.69
C LYS A 692 11.54 23.00 33.68
N THR A 693 12.83 23.29 33.55
CA THR A 693 13.48 24.20 34.48
C THR A 693 13.07 25.64 34.26
N ASN A 694 12.78 26.04 33.03
CA ASN A 694 12.33 27.39 32.76
C ASN A 694 10.89 27.57 33.21
N LEU A 695 10.09 26.50 33.16
CA LEU A 695 8.74 26.54 33.67
C LEU A 695 8.75 26.60 35.19
N LEU A 696 9.55 25.75 35.82
CA LEU A 696 9.63 25.66 37.27
C LEU A 696 10.28 26.86 37.91
N ALA A 697 11.19 27.54 37.19
CA ALA A 697 11.87 28.69 37.75
C ALA A 697 10.95 29.90 37.83
N ARG A 698 10.06 30.05 36.84
CA ARG A 698 9.20 31.21 36.63
C ARG A 698 9.98 32.51 36.56
N THR A 699 11.14 32.49 35.90
CA THR A 699 11.98 33.67 35.84
C THR A 699 12.56 33.78 34.43
N THR A 700 11.83 34.46 33.55
CA THR A 700 12.14 34.73 32.15
C THR A 700 11.16 35.80 31.68
N PRO A 701 11.23 36.24 30.42
CA PRO A 701 9.97 36.60 29.74
C PRO A 701 9.01 35.43 29.86
N GLY A 702 7.91 35.61 30.56
CA GLY A 702 7.10 34.49 31.00
C GLY A 702 6.28 33.86 29.90
N PRO A 703 5.45 32.88 30.26
CA PRO A 703 4.48 32.35 29.30
C PRO A 703 3.46 33.42 28.92
N LEU A 704 3.14 33.47 27.64
CA LEU A 704 2.28 34.49 27.06
C LEU A 704 1.09 33.82 26.40
N GLN A 705 -0.09 34.39 26.58
CA GLN A 705 -1.30 33.85 25.99
C GLN A 705 -1.60 34.59 24.69
N THR A 706 -1.48 33.90 23.58
CA THR A 706 -1.81 34.44 22.27
C THR A 706 -3.15 33.88 21.82
N THR A 707 -3.53 34.15 20.58
CA THR A 707 -4.75 33.60 20.01
C THR A 707 -4.55 32.23 19.38
N VAL A 708 -3.35 31.65 19.51
CA VAL A 708 -3.07 30.31 19.00
C VAL A 708 -2.46 29.41 20.05
N GLY A 709 -2.33 29.84 21.28
CA GLY A 709 -1.85 29.02 22.36
C GLY A 709 -0.87 29.76 23.23
N CYS A 710 -0.23 29.02 24.13
CA CYS A 710 0.74 29.61 25.03
C CYS A 710 2.11 29.69 24.34
N ALA A 711 2.82 30.78 24.60
CA ALA A 711 4.06 31.04 23.88
C ALA A 711 5.18 31.30 24.88
N MET A 712 6.30 30.61 24.70
CA MET A 712 7.46 30.75 25.58
C MET A 712 8.65 31.27 24.78
N GLY A 713 9.16 32.42 25.19
CA GLY A 713 10.27 33.05 24.53
C GLY A 713 9.88 34.24 23.71
N PHE A 714 8.66 34.74 23.93
CA PHE A 714 8.07 35.78 23.10
C PHE A 714 7.74 37.01 23.93
N ILE A 715 7.42 38.10 23.23
CA ILE A 715 7.14 39.40 23.82
C ILE A 715 6.09 40.10 22.97
N ASN A 716 5.13 40.73 23.66
CA ASN A 716 4.15 41.57 23.00
C ASN A 716 4.82 42.78 22.33
N SER A 717 4.49 42.98 21.07
CA SER A 717 4.95 44.17 20.36
C SER A 717 3.73 44.87 19.77
N SER A 718 3.97 46.05 19.23
CA SER A 718 2.92 46.86 18.62
C SER A 718 3.26 47.19 17.18
N MET A 719 4.18 46.43 16.58
CA MET A 719 4.63 46.69 15.23
C MET A 719 3.79 45.90 14.25
N VAL A 720 3.77 46.37 13.01
CA VAL A 720 2.89 45.85 11.96
C VAL A 720 3.76 45.60 10.74
N VAL A 721 3.72 44.38 10.22
CA VAL A 721 4.56 43.99 9.11
C VAL A 721 3.69 43.66 7.90
N ASP A 722 4.32 43.64 6.74
CA ASP A 722 3.64 43.33 5.48
C ASP A 722 3.95 41.94 4.98
N GLU A 723 5.21 41.54 4.98
CA GLU A 723 5.60 40.19 4.63
C GLU A 723 6.04 39.45 5.88
N CYS A 724 5.91 38.13 5.83
CA CYS A 724 6.19 37.33 7.02
C CYS A 724 6.99 36.10 6.62
N GLN A 725 8.06 35.84 7.37
CA GLN A 725 8.89 34.67 7.17
C GLN A 725 8.64 33.57 8.17
N LEU A 726 8.14 33.92 9.37
CA LEU A 726 7.82 32.95 10.42
C LEU A 726 6.38 33.16 10.85
N PRO A 727 5.41 32.61 10.11
CA PRO A 727 4.01 32.84 10.46
C PRO A 727 3.49 31.86 11.49
N LEU A 728 2.78 32.39 12.48
CA LEU A 728 2.22 31.57 13.54
C LEU A 728 0.78 31.14 13.29
N GLY A 729 0.04 31.85 12.43
CA GLY A 729 -1.35 31.58 12.21
C GLY A 729 -2.19 32.73 12.73
N GLN A 730 -3.37 32.93 12.14
CA GLN A 730 -4.33 33.98 12.53
C GLN A 730 -3.73 35.37 12.43
N SER A 731 -2.99 35.61 11.34
CA SER A 731 -2.33 36.87 11.00
C SER A 731 -1.34 37.30 12.08
N LEU A 732 -0.57 36.35 12.60
CA LEU A 732 0.49 36.64 13.55
C LEU A 732 1.82 36.26 12.94
N CYS A 733 2.83 37.07 13.19
CA CYS A 733 4.15 36.86 12.63
C CYS A 733 5.17 36.94 13.76
N ALA A 734 6.23 36.15 13.64
CA ALA A 734 7.30 36.15 14.63
C ALA A 734 8.48 36.95 14.12
N ILE A 735 8.99 37.84 14.95
CA ILE A 735 10.13 38.68 14.60
C ILE A 735 11.34 38.18 15.37
N PRO A 736 12.37 37.69 14.69
CA PRO A 736 13.50 37.10 15.39
C PRO A 736 14.35 38.17 16.04
N PRO A 737 15.11 37.83 17.07
CA PRO A 737 15.89 38.84 17.78
C PRO A 737 17.10 39.31 16.98
N THR A 738 17.67 40.42 17.44
CA THR A 738 18.76 41.08 16.74
C THR A 738 20.12 40.66 17.27
N SER A 751 16.66 43.43 19.62
CA SER A 751 16.13 42.78 20.81
C SER A 751 16.86 41.47 21.08
N ASP A 752 16.48 40.79 22.16
CA ASP A 752 17.11 39.54 22.54
C ASP A 752 16.16 38.36 22.56
N VAL A 753 14.85 38.59 22.45
CA VAL A 753 13.84 37.53 22.38
C VAL A 753 13.02 37.77 21.12
N PHE A 754 12.20 36.80 20.76
CA PHE A 754 11.29 36.95 19.64
C PHE A 754 10.19 37.95 19.97
N GLN A 755 9.62 38.60 18.97
CA GLN A 755 8.48 39.48 19.17
C GLN A 755 7.32 38.99 18.32
N ILE A 756 6.12 39.44 18.65
CA ILE A 756 4.93 39.06 17.90
C ILE A 756 4.39 40.30 17.21
N ALA A 757 4.27 40.23 15.89
CA ALA A 757 3.77 41.35 15.10
C ALA A 757 2.46 40.93 14.45
N THR A 758 1.92 41.79 13.59
CA THR A 758 0.65 41.52 12.93
C THR A 758 0.81 41.77 11.44
N LEU A 759 0.04 41.03 10.64
CA LEU A 759 0.04 41.18 9.20
C LEU A 759 -1.12 42.10 8.81
N ASN A 760 -0.79 43.31 8.37
CA ASN A 760 -1.77 44.21 7.77
C ASN A 760 -1.24 44.65 6.42
N PHE A 761 -1.96 44.31 5.36
CA PHE A 761 -1.64 44.79 4.03
C PHE A 761 -2.18 46.19 3.89
N THR A 762 -1.40 47.06 3.25
CA THR A 762 -1.87 48.40 2.95
C THR A 762 -2.76 48.37 1.72
N SER A 763 -3.26 49.51 1.32
CA SER A 763 -3.97 49.60 0.06
C SER A 763 -3.60 50.96 -0.52
N PRO A 764 -3.38 51.06 -1.84
CA PRO A 764 -3.11 52.37 -2.43
C PRO A 764 -4.31 53.28 -2.28
N LEU A 765 -4.02 54.58 -2.14
CA LEU A 765 -5.01 55.53 -1.67
C LEU A 765 -6.11 55.71 -2.71
N THR A 766 -7.32 55.91 -2.20
CA THR A 766 -8.55 55.80 -2.97
C THR A 766 -8.74 57.07 -3.76
N LEU A 767 -9.03 56.91 -5.04
CA LEU A 767 -9.32 58.04 -5.91
C LEU A 767 -10.82 58.30 -5.93
N ALA A 768 -11.24 59.43 -5.36
CA ALA A 768 -12.66 59.70 -5.16
C ALA A 768 -13.24 60.47 -6.34
N PRO A 769 -14.47 60.16 -6.76
CA PRO A 769 -15.07 60.89 -7.88
C PRO A 769 -15.39 62.34 -7.52
N ILE A 770 -15.02 63.24 -8.43
CA ILE A 770 -15.31 64.65 -8.28
C ILE A 770 -16.71 64.93 -8.85
N ASN A 771 -17.39 65.92 -8.30
CA ASN A 771 -18.69 66.32 -8.80
C ASN A 771 -18.51 67.43 -9.83
N SER A 772 -18.55 67.02 -11.09
CA SER A 772 -18.44 67.89 -12.26
C SER A 772 -18.99 67.07 -13.40
N THR A 773 -18.78 67.48 -14.64
CA THR A 773 -19.31 66.72 -15.75
C THR A 773 -18.46 65.50 -16.11
N GLY A 774 -17.14 65.64 -16.19
CA GLY A 774 -16.27 64.55 -16.57
C GLY A 774 -15.96 63.63 -15.41
N PHE A 775 -14.72 63.15 -15.40
CA PHE A 775 -14.22 62.29 -14.33
C PHE A 775 -12.72 62.53 -14.20
N VAL A 776 -12.13 62.00 -13.13
CA VAL A 776 -10.70 62.07 -12.90
C VAL A 776 -10.08 60.77 -13.37
N VAL A 777 -8.90 60.86 -13.96
CA VAL A 777 -8.14 59.68 -14.35
C VAL A 777 -6.68 59.90 -13.96
N ALA A 778 -6.07 58.88 -13.38
CA ALA A 778 -4.67 58.92 -13.02
C ALA A 778 -3.85 58.37 -14.18
N VAL A 779 -3.10 59.23 -14.84
CA VAL A 779 -2.34 58.86 -16.04
C VAL A 779 -0.86 58.89 -15.70
N PRO A 780 -0.05 57.94 -16.16
CA PRO A 780 1.37 57.94 -15.83
C PRO A 780 2.14 59.11 -16.44
N THR A 781 3.12 59.61 -15.69
CA THR A 781 4.06 60.60 -16.19
C THR A 781 5.50 60.10 -16.21
N ASN A 782 5.75 58.89 -15.71
CA ASN A 782 7.08 58.29 -15.72
C ASN A 782 6.90 56.79 -15.63
N PHE A 783 7.95 56.05 -15.97
CA PHE A 783 7.83 54.58 -16.00
C PHE A 783 9.21 53.94 -15.87
N THR A 784 9.18 52.64 -15.64
CA THR A 784 10.36 51.76 -15.76
C THR A 784 9.91 50.49 -16.47
N PHE A 785 10.85 49.57 -16.66
CA PHE A 785 10.56 48.22 -17.14
C PHE A 785 10.84 47.23 -16.02
N GLY A 786 9.86 46.42 -15.69
CA GLY A 786 10.01 45.40 -14.66
C GLY A 786 10.03 44.00 -15.25
N VAL A 787 10.87 43.16 -14.64
CA VAL A 787 11.08 41.81 -15.14
C VAL A 787 10.56 40.77 -14.16
N THR A 788 9.62 39.94 -14.61
CA THR A 788 9.12 38.84 -13.82
C THR A 788 9.72 37.52 -14.32
N GLN A 789 10.24 36.72 -13.38
CA GLN A 789 10.87 35.46 -13.71
C GLN A 789 9.95 34.31 -13.35
N GLU A 790 10.07 33.21 -14.08
CA GLU A 790 9.15 32.10 -13.93
C GLU A 790 9.76 30.83 -14.52
N PHE A 791 9.68 29.74 -13.78
CA PHE A 791 10.19 28.44 -14.21
C PHE A 791 9.03 27.51 -14.51
N ILE A 792 9.09 26.85 -15.66
CA ILE A 792 8.10 25.85 -16.05
C ILE A 792 8.82 24.55 -16.34
N GLU A 793 8.47 23.51 -15.61
CA GLU A 793 9.08 22.21 -15.77
C GLU A 793 8.44 21.43 -16.90
N THR A 794 9.28 20.88 -17.79
CA THR A 794 8.77 20.16 -18.94
C THR A 794 9.09 18.68 -18.97
N THR A 795 9.93 18.17 -18.07
CA THR A 795 10.35 16.77 -18.13
C THR A 795 10.81 16.33 -16.75
N ILE A 796 10.92 15.01 -16.59
CA ILE A 796 11.48 14.40 -15.39
C ILE A 796 12.55 13.41 -15.80
N GLN A 797 13.25 12.87 -14.82
CA GLN A 797 14.29 11.89 -15.09
C GLN A 797 13.65 10.53 -15.33
N LYS A 798 14.07 9.86 -16.40
CA LYS A 798 13.50 8.59 -16.81
C LYS A 798 14.29 7.45 -16.18
N ILE A 799 13.58 6.51 -15.55
CA ILE A 799 14.19 5.44 -14.78
C ILE A 799 13.54 4.12 -15.16
N THR A 800 14.36 3.10 -15.41
CA THR A 800 13.89 1.73 -15.58
C THR A 800 14.48 0.89 -14.45
N VAL A 801 13.68 0.00 -13.90
CA VAL A 801 14.08 -0.83 -12.77
C VAL A 801 14.14 -2.29 -13.20
N ASP A 802 15.22 -2.97 -12.88
CA ASP A 802 15.30 -4.42 -13.00
C ASP A 802 14.63 -5.03 -11.77
N CYS A 803 13.41 -5.51 -11.94
CA CYS A 803 12.56 -5.93 -10.83
C CYS A 803 13.00 -7.24 -10.20
N LYS A 804 13.48 -8.19 -11.00
CA LYS A 804 13.97 -9.48 -10.51
C LYS A 804 15.21 -9.34 -9.65
N GLN A 805 16.18 -8.54 -10.09
CA GLN A 805 17.38 -8.33 -9.30
C GLN A 805 17.10 -7.47 -8.09
N TYR A 806 16.12 -6.58 -8.19
CA TYR A 806 15.76 -5.75 -7.03
C TYR A 806 15.13 -6.58 -5.95
N VAL A 807 14.19 -7.45 -6.30
CA VAL A 807 13.49 -8.20 -5.26
C VAL A 807 14.30 -9.39 -4.79
N CYS A 808 14.85 -10.20 -5.69
CA CYS A 808 15.28 -11.53 -5.28
C CYS A 808 16.79 -11.70 -5.30
N ASN A 809 17.51 -10.75 -5.93
CA ASN A 809 18.97 -10.70 -5.98
C ASN A 809 19.59 -11.95 -6.61
N GLY A 810 18.84 -12.63 -7.47
CA GLY A 810 19.36 -13.80 -8.14
C GLY A 810 19.39 -15.08 -7.34
N PHE A 811 18.51 -15.21 -6.36
CA PHE A 811 18.41 -16.43 -5.57
C PHE A 811 17.21 -17.22 -6.04
N LYS A 812 17.43 -18.50 -6.32
CA LYS A 812 16.37 -19.35 -6.86
C LYS A 812 15.30 -19.68 -5.83
N LYS A 813 15.64 -19.69 -4.54
CA LYS A 813 14.64 -19.93 -3.52
C LYS A 813 13.69 -18.75 -3.37
N CYS A 814 14.18 -17.53 -3.53
CA CYS A 814 13.33 -16.35 -3.56
C CYS A 814 12.46 -16.28 -4.81
N GLU A 815 12.95 -16.73 -5.95
CA GLU A 815 12.23 -16.55 -7.19
C GLU A 815 11.05 -17.50 -7.33
N ASP A 816 11.03 -18.59 -6.57
CA ASP A 816 9.90 -19.51 -6.52
C ASP A 816 8.85 -19.06 -5.51
N LEU A 817 9.25 -18.31 -4.51
CA LEU A 817 8.28 -17.70 -3.61
C LEU A 817 7.62 -16.47 -4.21
N LEU A 818 8.20 -15.85 -5.23
CA LEU A 818 7.64 -14.68 -5.87
C LEU A 818 6.56 -15.03 -6.88
N LYS A 819 6.47 -16.29 -7.31
CA LYS A 819 5.42 -16.73 -8.20
C LYS A 819 4.05 -16.74 -7.55
N GLU A 820 3.99 -16.74 -6.22
CA GLU A 820 2.74 -16.73 -5.49
C GLU A 820 2.12 -15.35 -5.43
N TYR A 821 2.77 -14.33 -5.96
CA TYR A 821 2.27 -12.98 -5.95
C TYR A 821 1.88 -12.50 -7.34
N GLY A 822 1.78 -13.40 -8.30
CA GLY A 822 1.33 -13.06 -9.63
C GLY A 822 2.47 -12.88 -10.59
N GLN A 823 2.21 -12.28 -11.74
CA GLN A 823 3.23 -11.91 -12.69
C GLN A 823 3.63 -10.48 -12.37
N PHE A 824 4.37 -10.32 -11.27
CA PHE A 824 4.61 -9.01 -10.70
C PHE A 824 5.59 -8.18 -11.52
N CYS A 825 6.73 -8.76 -11.91
CA CYS A 825 7.78 -7.97 -12.51
C CYS A 825 7.48 -7.62 -13.96
N SER A 826 6.61 -8.38 -14.61
CA SER A 826 6.21 -8.06 -15.97
C SER A 826 5.37 -6.80 -16.02
N LYS A 827 4.61 -6.53 -14.96
CA LYS A 827 3.74 -5.37 -14.90
C LYS A 827 4.43 -4.13 -14.38
N ILE A 828 5.48 -4.29 -13.58
CA ILE A 828 6.38 -3.19 -13.24
C ILE A 828 7.17 -2.74 -14.46
N ASN A 829 7.66 -3.68 -15.28
CA ASN A 829 8.39 -3.33 -16.49
C ASN A 829 7.54 -2.62 -17.52
N GLN A 830 6.28 -3.04 -17.69
CA GLN A 830 5.42 -2.44 -18.69
C GLN A 830 4.89 -1.08 -18.29
N ALA A 831 4.75 -0.79 -16.99
CA ALA A 831 4.29 0.52 -16.58
C ALA A 831 5.36 1.58 -16.77
N LEU A 832 6.59 1.29 -16.39
CA LEU A 832 7.69 2.22 -16.56
C LEU A 832 8.14 2.37 -18.00
N HIS A 833 7.94 1.36 -18.83
CA HIS A 833 8.21 1.52 -20.25
C HIS A 833 7.22 2.45 -20.91
N GLY A 834 5.94 2.32 -20.56
CA GLY A 834 4.94 3.21 -21.09
C GLY A 834 4.99 4.61 -20.53
N ALA A 835 5.51 4.79 -19.31
CA ALA A 835 5.71 6.13 -18.81
C ALA A 835 6.84 6.86 -19.54
N ASN A 836 7.91 6.16 -19.87
CA ASN A 836 9.03 6.75 -20.58
C ASN A 836 8.72 7.00 -22.04
N LEU A 837 7.70 6.36 -22.59
CA LEU A 837 7.30 6.56 -23.98
C LEU A 837 6.51 7.83 -24.19
N ARG A 838 5.62 8.17 -23.27
CA ARG A 838 4.86 9.41 -23.37
C ARG A 838 5.61 10.60 -22.83
N GLN A 839 6.77 10.37 -22.22
CA GLN A 839 7.72 11.43 -21.94
C GLN A 839 8.46 11.88 -23.18
N ASP A 840 8.68 10.99 -24.14
CA ASP A 840 9.34 11.31 -25.39
C ASP A 840 8.41 11.94 -26.41
N GLU A 841 7.11 11.66 -26.34
CA GLU A 841 6.15 12.26 -27.23
C GLU A 841 5.72 13.65 -26.78
N SER A 842 6.05 14.05 -25.57
CA SER A 842 5.79 15.40 -25.09
C SER A 842 6.94 16.34 -25.40
N ILE A 843 8.18 15.86 -25.29
CA ILE A 843 9.32 16.67 -25.68
C ILE A 843 9.37 16.88 -27.19
N ALA A 844 9.04 15.86 -27.96
CA ALA A 844 9.08 15.95 -29.41
C ALA A 844 7.99 16.85 -29.97
N ASN A 845 6.89 17.03 -29.27
CA ASN A 845 5.88 17.99 -29.69
C ASN A 845 6.27 19.42 -29.41
N LEU A 846 6.90 19.67 -28.26
CA LEU A 846 7.35 21.01 -27.90
C LEU A 846 8.47 21.48 -28.82
N PHE A 847 9.30 20.56 -29.28
CA PHE A 847 10.44 20.89 -30.13
C PHE A 847 10.12 20.83 -31.61
N SER A 848 8.89 20.52 -31.98
CA SER A 848 8.51 20.41 -33.38
C SER A 848 8.11 21.74 -33.99
N SER A 849 8.27 22.83 -33.24
CA SER A 849 8.05 24.14 -33.82
C SER A 849 9.31 24.69 -34.49
N ILE A 850 10.45 24.03 -34.34
CA ILE A 850 11.66 24.43 -35.04
C ILE A 850 11.52 24.25 -36.54
N LYS A 851 10.84 23.18 -36.98
CA LYS A 851 10.74 22.83 -38.38
C LYS A 851 9.74 23.68 -39.15
N THR A 852 8.96 24.51 -38.47
CA THR A 852 7.94 25.31 -39.15
C THR A 852 8.11 26.81 -38.92
N GLN A 853 9.05 27.23 -38.09
CA GLN A 853 9.12 28.61 -37.65
C GLN A 853 10.02 29.41 -38.59
N ASN A 854 9.49 30.53 -39.08
CA ASN A 854 10.26 31.47 -39.85
C ASN A 854 11.02 32.40 -38.92
N THR A 855 12.24 32.74 -39.32
CA THR A 855 13.18 33.37 -38.43
C THR A 855 13.95 34.42 -39.20
N GLN A 856 14.34 35.49 -38.51
CA GLN A 856 15.24 36.44 -39.14
C GLN A 856 16.58 36.45 -38.39
N PRO A 857 17.68 36.79 -39.07
CA PRO A 857 18.96 36.88 -38.35
C PRO A 857 19.09 38.18 -37.59
N LEU A 858 19.58 38.09 -36.36
CA LEU A 858 19.86 39.26 -35.55
C LEU A 858 21.34 39.63 -35.65
N GLN A 859 21.68 40.76 -35.05
CA GLN A 859 23.07 41.20 -35.01
C GLN A 859 23.69 40.78 -33.68
N ALA A 860 25.01 40.65 -33.68
CA ALA A 860 25.74 40.15 -32.52
C ALA A 860 26.04 41.33 -31.59
N GLY A 861 25.11 41.58 -30.67
CA GLY A 861 25.37 42.49 -29.58
C GLY A 861 24.47 43.70 -29.48
N LEU A 862 24.29 44.46 -30.54
CA LEU A 862 23.46 45.66 -30.42
C LEU A 862 22.55 45.83 -31.63
N ASN A 863 21.25 45.64 -31.39
CA ASN A 863 20.23 45.73 -32.43
C ASN A 863 19.51 47.06 -32.28
N GLY A 864 19.94 48.05 -33.00
CA GLY A 864 19.43 49.40 -32.77
C GLY A 864 20.18 50.08 -31.62
N ASP A 865 19.53 50.15 -30.46
CA ASP A 865 20.18 50.58 -29.24
C ASP A 865 19.91 49.58 -28.13
N PHE A 866 19.35 48.43 -28.48
CA PHE A 866 18.99 47.40 -27.52
C PHE A 866 20.10 46.36 -27.48
N ASN A 867 20.66 46.16 -26.29
CA ASN A 867 21.78 45.25 -26.11
C ASN A 867 21.23 43.88 -25.76
N LEU A 868 21.35 42.94 -26.69
CA LEU A 868 20.84 41.59 -26.53
C LEU A 868 21.94 40.57 -26.26
N THR A 869 23.10 41.01 -25.80
CA THR A 869 24.26 40.14 -25.63
C THR A 869 24.09 39.13 -24.52
N MET A 870 23.26 39.41 -23.52
CA MET A 870 22.98 38.45 -22.47
C MET A 870 22.23 37.22 -22.96
N LEU A 871 21.53 37.31 -24.09
CA LEU A 871 20.64 36.25 -24.55
C LEU A 871 21.21 35.49 -25.73
N GLN A 872 22.35 35.91 -26.27
CA GLN A 872 22.90 35.31 -27.47
C GLN A 872 24.04 34.37 -27.12
N ILE A 873 24.29 33.42 -28.01
CA ILE A 873 25.38 32.47 -27.84
C ILE A 873 26.67 33.14 -28.33
N PRO A 874 27.70 33.22 -27.50
CA PRO A 874 28.94 33.89 -27.93
C PRO A 874 29.72 33.09 -28.96
N GLN A 875 29.98 33.73 -30.11
CA GLN A 875 30.66 33.05 -31.21
C GLN A 875 32.15 32.91 -30.93
N VAL A 876 32.77 31.95 -31.62
CA VAL A 876 34.14 31.53 -31.32
C VAL A 876 34.89 31.28 -32.61
N THR A 877 36.22 31.35 -32.52
CA THR A 877 37.09 31.10 -33.67
C THR A 877 37.34 29.61 -33.85
N THR A 878 37.93 28.97 -32.85
CA THR A 878 38.16 27.53 -32.86
C THR A 878 36.84 26.78 -32.81
N GLY A 879 36.82 25.59 -33.39
CA GLY A 879 35.58 24.83 -33.52
C GLY A 879 35.06 24.19 -32.25
N GLU A 880 34.83 24.98 -31.21
CA GLU A 880 34.21 24.49 -30.00
C GLU A 880 32.69 24.62 -30.01
N ARG A 881 32.17 25.67 -30.66
CA ARG A 881 30.75 25.86 -30.96
C ARG A 881 29.87 25.80 -29.73
N LYS A 882 29.98 26.80 -28.85
CA LYS A 882 29.22 26.92 -27.61
C LYS A 882 27.72 26.67 -27.77
N TYR A 883 27.11 26.00 -26.79
CA TYR A 883 25.71 25.66 -26.84
C TYR A 883 24.95 26.32 -25.70
N ARG A 884 25.51 27.39 -25.14
CA ARG A 884 24.96 27.99 -23.95
C ARG A 884 25.18 29.49 -24.00
N SER A 885 24.13 30.25 -23.74
CA SER A 885 24.21 31.70 -23.77
C SER A 885 24.85 32.22 -22.48
N THR A 886 24.92 33.53 -22.33
CA THR A 886 25.56 34.12 -21.17
C THR A 886 24.72 34.01 -19.91
N ILE A 887 23.40 34.19 -20.04
CA ILE A 887 22.53 34.10 -18.88
C ILE A 887 22.24 32.64 -18.54
N GLU A 888 22.33 31.75 -19.52
CA GLU A 888 22.17 30.32 -19.29
C GLU A 888 23.38 29.69 -18.62
N ASP A 889 24.58 30.14 -18.95
CA ASP A 889 25.78 29.70 -18.26
C ASP A 889 25.86 30.21 -16.83
N LEU A 890 25.14 31.27 -16.50
CA LEU A 890 25.08 31.80 -15.16
C LEU A 890 24.01 31.15 -14.31
N LEU A 891 22.98 30.58 -14.92
CA LEU A 891 21.92 29.86 -14.23
C LEU A 891 22.29 28.41 -13.96
N PHE A 892 23.02 27.78 -14.88
CA PHE A 892 23.44 26.40 -14.69
C PHE A 892 24.55 26.26 -13.67
N ASN A 893 25.35 27.29 -13.45
CA ASN A 893 26.34 27.23 -12.37
C ASN A 893 25.79 27.86 -11.09
N LYS A 894 24.56 27.53 -10.73
CA LYS A 894 24.01 27.89 -9.43
C LYS A 894 23.22 26.71 -8.91
N VAL A 895 23.11 25.69 -9.74
CA VAL A 895 22.33 24.50 -9.47
C VAL A 895 23.30 23.35 -9.30
N THR A 896 23.04 22.50 -8.32
CA THR A 896 23.91 21.37 -8.02
C THR A 896 23.25 20.10 -8.54
N ILE A 897 23.64 19.68 -9.75
CA ILE A 897 23.13 18.46 -10.35
C ILE A 897 24.26 17.44 -10.41
N ALA A 898 23.94 16.18 -10.13
CA ALA A 898 24.91 15.11 -10.21
C ALA A 898 25.05 14.64 -11.65
N ASP A 899 26.28 14.59 -12.14
CA ASP A 899 26.57 14.12 -13.49
C ASP A 899 26.32 12.62 -13.58
N PRO A 900 25.46 12.16 -14.48
CA PRO A 900 25.03 10.75 -14.46
C PRO A 900 25.95 9.79 -15.19
N GLY A 901 26.90 10.28 -15.98
CA GLY A 901 27.84 9.42 -16.67
C GLY A 901 27.19 8.51 -17.69
N TYR A 902 26.68 9.07 -18.77
CA TYR A 902 25.96 8.26 -19.75
C TYR A 902 26.88 7.40 -20.60
N MET A 903 28.13 7.80 -20.77
CA MET A 903 29.01 7.09 -21.70
C MET A 903 29.79 5.97 -21.05
N GLN A 904 30.57 6.29 -20.01
CA GLN A 904 31.35 5.31 -19.30
C GLN A 904 31.25 5.53 -17.79
N GLY A 905 30.03 5.71 -17.30
CA GLY A 905 29.82 5.88 -15.88
C GLY A 905 29.92 4.65 -15.03
N TYR A 906 29.98 3.46 -15.64
CA TYR A 906 30.15 2.24 -14.88
C TYR A 906 31.58 2.08 -14.39
N ASP A 907 32.55 2.59 -15.14
CA ASP A 907 33.94 2.49 -14.79
C ASP A 907 34.44 3.69 -13.99
N GLU A 908 33.76 4.82 -14.06
CA GLU A 908 34.07 5.96 -13.21
C GLU A 908 33.71 5.71 -11.76
N CYS A 909 32.74 4.84 -11.48
CA CYS A 909 32.38 4.47 -10.13
C CYS A 909 33.34 3.46 -9.52
N MET A 910 34.29 2.96 -10.30
CA MET A 910 35.32 2.06 -9.80
C MET A 910 36.65 2.74 -9.55
N GLN A 911 37.01 3.77 -10.31
CA GLN A 911 38.25 4.49 -10.08
C GLN A 911 38.21 5.34 -8.82
N GLN A 912 37.06 5.89 -8.48
CA GLN A 912 36.88 6.59 -7.23
C GLN A 912 36.20 5.66 -6.23
N GLY A 913 36.36 5.98 -4.95
CA GLY A 913 35.73 5.21 -3.91
C GLY A 913 34.32 5.69 -3.66
N PRO A 914 33.82 5.49 -2.44
CA PRO A 914 32.45 5.95 -2.14
C PRO A 914 32.39 7.43 -1.77
N GLN A 915 32.43 8.32 -2.76
CA GLN A 915 32.21 9.75 -2.55
C GLN A 915 30.71 9.96 -2.42
N SER A 916 30.27 10.37 -1.24
CA SER A 916 28.85 10.38 -0.92
C SER A 916 28.19 11.69 -1.36
N ALA A 917 28.37 12.06 -2.62
CA ALA A 917 27.63 13.13 -3.25
C ALA A 917 27.17 12.66 -4.61
N ARG A 918 27.84 11.62 -5.11
CA ARG A 918 27.46 10.90 -6.31
C ARG A 918 27.18 9.45 -5.94
N ASP A 919 26.47 9.27 -4.84
CA ASP A 919 26.21 7.94 -4.31
C ASP A 919 24.94 7.31 -4.83
N LEU A 920 23.92 8.10 -5.16
CA LEU A 920 22.76 7.53 -5.85
C LEU A 920 22.93 7.52 -7.35
N ILE A 921 24.07 7.99 -7.86
CA ILE A 921 24.51 7.76 -9.22
C ILE A 921 25.30 6.47 -9.33
N CYS A 922 26.14 6.16 -8.35
CA CYS A 922 26.81 4.87 -8.35
C CYS A 922 25.98 3.77 -7.72
N ALA A 923 24.75 4.05 -7.27
CA ALA A 923 23.87 3.02 -6.75
C ALA A 923 23.00 2.40 -7.82
N GLN A 924 23.15 2.82 -9.08
CA GLN A 924 22.46 2.14 -10.16
C GLN A 924 23.00 0.73 -10.37
N TYR A 925 24.26 0.50 -10.06
CA TYR A 925 24.91 -0.77 -10.33
C TYR A 925 24.97 -1.66 -9.12
N VAL A 926 24.46 -1.22 -7.97
CA VAL A 926 24.31 -2.11 -6.83
C VAL A 926 22.86 -2.29 -6.40
N ALA A 927 21.94 -1.40 -6.73
CA ALA A 927 20.53 -1.59 -6.40
C ALA A 927 19.76 -2.24 -7.55
N GLY A 928 19.99 -1.80 -8.78
CA GLY A 928 19.38 -2.46 -9.90
C GLY A 928 18.50 -1.59 -10.76
N TYR A 929 18.76 -0.29 -10.82
CA TYR A 929 18.01 0.61 -11.69
C TYR A 929 18.96 1.28 -12.67
N LYS A 930 18.40 2.17 -13.48
CA LYS A 930 19.14 2.85 -14.54
C LYS A 930 18.55 4.23 -14.74
N VAL A 931 19.40 5.23 -14.89
CA VAL A 931 18.98 6.56 -15.31
C VAL A 931 19.22 6.67 -16.81
N LEU A 932 18.14 6.87 -17.57
CA LEU A 932 18.19 6.91 -19.03
C LEU A 932 18.55 8.30 -19.51
N PRO A 933 19.33 8.41 -20.57
CA PRO A 933 19.70 9.71 -21.10
C PRO A 933 18.51 10.39 -21.75
N PRO A 934 18.48 11.72 -21.79
CA PRO A 934 17.36 12.41 -22.42
C PRO A 934 17.33 12.22 -23.93
N LEU A 935 16.22 12.63 -24.52
CA LEU A 935 15.98 12.37 -25.94
C LEU A 935 16.87 13.20 -26.84
N TYR A 936 17.16 14.45 -26.45
CA TYR A 936 17.97 15.35 -27.24
C TYR A 936 19.19 15.79 -26.43
N ASP A 937 20.28 16.06 -27.11
CA ASP A 937 21.49 16.55 -26.49
C ASP A 937 21.38 18.05 -26.28
N PRO A 938 22.31 18.68 -25.53
CA PRO A 938 22.25 20.14 -25.36
C PRO A 938 22.44 21.00 -26.60
N TYR A 939 22.79 20.42 -27.74
CA TYR A 939 22.86 21.22 -28.96
C TYR A 939 21.51 21.35 -29.64
N MET A 940 20.59 20.44 -29.38
CA MET A 940 19.26 20.56 -29.96
C MET A 940 18.42 21.58 -29.22
N GLU A 941 18.51 21.61 -27.89
CA GLU A 941 17.73 22.58 -27.13
C GLU A 941 18.36 23.96 -27.10
N ALA A 942 19.61 24.10 -27.56
CA ALA A 942 20.17 25.39 -27.85
C ALA A 942 19.76 25.92 -29.22
N ALA A 943 19.24 25.06 -30.07
CA ALA A 943 18.63 25.48 -31.32
C ALA A 943 17.17 25.83 -31.16
N TYR A 944 16.52 25.33 -30.11
CA TYR A 944 15.14 25.67 -29.86
C TYR A 944 14.99 27.09 -29.34
N THR A 945 15.88 27.51 -28.45
CA THR A 945 15.78 28.85 -27.88
C THR A 945 16.46 29.91 -28.73
N SER A 946 17.29 29.53 -29.71
CA SER A 946 17.79 30.47 -30.68
C SER A 946 16.78 30.79 -31.77
N SER A 947 15.88 29.87 -32.08
CA SER A 947 14.77 30.12 -32.97
C SER A 947 13.63 30.87 -32.31
N LEU A 948 13.58 30.88 -30.98
CA LEU A 948 12.61 31.66 -30.23
C LEU A 948 13.02 33.11 -30.11
N LEU A 949 14.30 33.42 -30.22
CA LEU A 949 14.77 34.78 -30.09
C LEU A 949 14.61 35.59 -31.36
N GLY A 950 14.69 34.95 -32.52
CA GLY A 950 14.65 35.68 -33.77
C GLY A 950 13.48 35.32 -34.66
N SER A 951 12.35 34.94 -34.08
CA SER A 951 11.18 34.57 -34.86
C SER A 951 10.59 35.79 -35.57
N ILE A 952 10.10 35.58 -36.79
CA ILE A 952 9.62 36.70 -37.61
C ILE A 952 8.29 37.18 -37.07
N ALA A 953 7.27 36.30 -37.08
CA ALA A 953 5.94 36.55 -36.54
C ALA A 953 5.27 37.77 -37.19
N GLY A 954 4.80 37.62 -38.43
CA GLY A 954 4.30 38.72 -39.25
C GLY A 954 3.32 39.71 -38.61
N ALA A 955 3.25 40.89 -39.23
CA ALA A 955 3.05 42.18 -38.57
C ALA A 955 1.82 42.24 -37.68
N SER A 956 1.87 43.11 -36.67
CA SER A 956 0.97 43.07 -35.53
C SER A 956 -0.25 43.98 -35.69
N TRP A 957 -0.68 44.18 -36.94
CA TRP A 957 -1.93 44.89 -37.19
C TRP A 957 -2.75 44.07 -38.17
N THR A 958 -2.28 42.86 -38.46
CA THR A 958 -2.86 42.01 -39.48
C THR A 958 -3.55 40.82 -38.81
N ALA A 959 -4.59 40.31 -39.45
CA ALA A 959 -5.21 39.07 -39.02
C ALA A 959 -4.55 37.89 -39.71
N GLY A 960 -4.63 36.72 -39.08
CA GLY A 960 -4.06 35.52 -39.63
C GLY A 960 -2.67 35.24 -39.09
N LEU A 961 -2.18 34.06 -39.46
CA LEU A 961 -0.88 33.59 -39.01
C LEU A 961 -0.07 33.08 -40.19
N SER A 962 -0.30 33.64 -41.38
CA SER A 962 0.22 33.05 -42.61
C SER A 962 1.14 33.96 -43.40
N SER A 963 1.41 35.17 -42.92
CA SER A 963 2.40 36.03 -43.54
C SER A 963 3.48 36.33 -42.53
N PHE A 964 4.67 36.65 -43.03
CA PHE A 964 5.86 36.80 -42.18
C PHE A 964 6.59 38.06 -42.59
N ALA A 965 6.47 39.10 -41.78
CA ALA A 965 7.03 40.41 -42.08
C ALA A 965 8.33 40.61 -41.34
N ALA A 966 9.42 40.74 -42.08
CA ALA A 966 10.75 40.81 -41.49
C ALA A 966 11.11 42.26 -41.16
N ILE A 967 10.51 42.75 -40.09
CA ILE A 967 10.83 44.07 -39.56
C ILE A 967 11.87 43.86 -38.46
N PRO A 968 12.81 44.79 -38.25
CA PRO A 968 13.88 44.55 -37.27
C PRO A 968 13.38 44.53 -35.84
N PHE A 969 14.26 44.10 -34.94
CA PHE A 969 13.91 43.95 -33.53
C PHE A 969 13.64 45.29 -32.88
N ALA A 970 14.45 46.30 -33.19
CA ALA A 970 14.28 47.62 -32.61
C ALA A 970 12.98 48.27 -33.03
N GLN A 971 12.51 48.04 -34.25
CA GLN A 971 11.27 48.61 -34.73
C GLN A 971 10.04 47.87 -34.22
N SER A 972 10.17 46.59 -33.90
CA SER A 972 9.02 45.83 -33.41
C SER A 972 8.83 45.95 -31.91
N ILE A 973 9.81 46.48 -31.18
CA ILE A 973 9.58 46.84 -29.79
C ILE A 973 8.76 48.12 -29.69
N PHE A 974 9.05 49.11 -30.52
CA PHE A 974 8.31 50.35 -30.55
C PHE A 974 6.89 50.20 -31.06
N TYR A 975 6.57 49.10 -31.73
CA TYR A 975 5.19 48.79 -32.09
C TYR A 975 4.45 48.08 -30.99
N ARG A 976 5.15 47.46 -30.04
CA ARG A 976 4.55 46.90 -28.86
C ARG A 976 4.31 47.92 -27.76
N LEU A 977 5.08 49.02 -27.73
CA LEU A 977 4.83 50.12 -26.84
C LEU A 977 3.73 51.04 -27.34
N ASN A 978 3.54 51.12 -28.65
CA ASN A 978 2.44 51.86 -29.25
C ASN A 978 1.12 51.12 -29.12
N GLY A 979 1.17 49.83 -28.87
CA GLY A 979 -0.05 49.06 -28.77
C GLY A 979 -0.65 49.12 -27.39
N VAL A 980 0.13 49.52 -26.39
CA VAL A 980 -0.39 49.61 -25.02
C VAL A 980 -0.82 51.01 -24.65
N GLY A 981 -0.68 51.99 -25.53
CA GLY A 981 -1.17 53.31 -25.28
C GLY A 981 -0.16 54.42 -25.20
N ILE A 982 1.00 54.26 -25.80
CA ILE A 982 1.98 55.34 -25.88
C ILE A 982 1.99 55.84 -27.31
N THR A 983 1.76 57.14 -27.50
CA THR A 983 1.62 57.67 -28.84
C THR A 983 2.98 57.77 -29.52
N GLN A 984 2.95 58.00 -30.83
CA GLN A 984 4.14 58.07 -31.65
C GLN A 984 4.94 59.34 -31.43
N GLN A 985 4.39 60.35 -30.79
CA GLN A 985 5.11 61.57 -30.50
C GLN A 985 5.89 61.48 -29.20
N VAL A 986 5.56 60.53 -28.34
CA VAL A 986 6.31 60.32 -27.13
C VAL A 986 7.44 59.33 -27.43
N LEU A 987 7.14 58.31 -28.23
CA LEU A 987 8.11 57.31 -28.61
C LEU A 987 9.21 57.85 -29.51
N SER A 988 8.96 58.93 -30.25
CA SER A 988 9.98 59.53 -31.10
C SER A 988 10.87 60.50 -30.36
N GLU A 989 10.36 61.15 -29.32
CA GLU A 989 11.16 62.07 -28.52
C GLU A 989 11.95 61.38 -27.42
N ASN A 990 11.61 60.13 -27.09
CA ASN A 990 12.27 59.43 -26.00
C ASN A 990 12.81 58.08 -26.45
N GLN A 991 13.50 58.04 -27.59
CA GLN A 991 14.06 56.78 -28.06
C GLN A 991 15.21 56.31 -27.17
N LYS A 992 16.14 57.21 -26.88
CA LYS A 992 17.34 56.86 -26.13
C LYS A 992 17.04 56.53 -24.68
N ILE A 993 16.06 57.22 -24.08
CA ILE A 993 15.71 56.96 -22.69
C ILE A 993 15.03 55.60 -22.55
N ILE A 994 14.15 55.27 -23.50
CA ILE A 994 13.47 53.97 -23.51
C ILE A 994 14.47 52.85 -23.74
N ALA A 995 15.44 53.07 -24.65
CA ALA A 995 16.46 52.07 -24.89
C ALA A 995 17.37 51.87 -23.68
N ASN A 996 17.68 52.95 -22.95
CA ASN A 996 18.50 52.82 -21.76
C ASN A 996 17.77 52.08 -20.66
N LYS A 997 16.49 52.41 -20.43
CA LYS A 997 15.70 51.70 -19.44
C LYS A 997 15.48 50.24 -19.80
N PHE A 998 15.41 49.91 -21.09
CA PHE A 998 15.33 48.51 -21.47
C PHE A 998 16.67 47.80 -21.27
N ASN A 999 17.77 48.51 -21.49
CA ASN A 999 19.09 47.89 -21.35
C ASN A 999 19.44 47.63 -19.90
N GLN A 1000 19.04 48.51 -18.98
CA GLN A 1000 19.33 48.24 -17.57
C GLN A 1000 18.19 47.52 -16.88
N ALA A 1001 17.61 46.54 -17.56
CA ALA A 1001 16.65 45.62 -16.97
C ALA A 1001 17.07 44.23 -17.38
N LEU A 1002 17.80 44.14 -18.47
CA LEU A 1002 18.50 42.92 -18.86
C LEU A 1002 19.83 42.78 -18.15
N GLY A 1003 20.38 43.86 -17.62
CA GLY A 1003 21.61 43.77 -16.86
C GLY A 1003 21.34 43.44 -15.42
N ALA A 1004 20.06 43.47 -15.03
CA ALA A 1004 19.66 43.12 -13.69
C ALA A 1004 19.08 41.73 -13.58
N MET A 1005 19.00 40.98 -14.68
CA MET A 1005 18.53 39.60 -14.59
C MET A 1005 19.56 38.71 -13.92
N GLN A 1006 20.83 39.00 -14.15
CA GLN A 1006 21.90 38.19 -13.55
C GLN A 1006 22.31 38.73 -12.18
N THR A 1007 21.32 39.06 -11.35
CA THR A 1007 21.51 39.30 -9.94
C THR A 1007 20.28 38.79 -9.22
N GLY A 1008 19.54 37.90 -9.88
CA GLY A 1008 18.30 37.39 -9.34
C GLY A 1008 18.34 35.89 -9.19
N PHE A 1009 19.53 35.32 -9.26
CA PHE A 1009 19.72 33.88 -9.03
C PHE A 1009 20.16 33.62 -7.60
N THR A 1010 19.35 34.06 -6.64
CA THR A 1010 19.63 33.92 -5.23
C THR A 1010 18.50 33.16 -4.55
N THR A 1011 18.73 32.75 -3.31
CA THR A 1011 17.72 31.99 -2.56
C THR A 1011 16.55 32.82 -2.11
N THR A 1012 16.60 34.15 -2.18
CA THR A 1012 15.43 34.97 -1.92
C THR A 1012 14.46 34.99 -3.08
N ASN A 1013 14.96 34.83 -4.30
CA ASN A 1013 14.14 34.77 -5.50
C ASN A 1013 13.36 33.47 -5.50
N LEU A 1014 12.04 33.57 -5.38
CA LEU A 1014 11.22 32.38 -5.22
C LEU A 1014 10.96 31.66 -6.53
N ALA A 1015 11.21 32.30 -7.67
CA ALA A 1015 11.08 31.65 -8.95
C ALA A 1015 12.32 30.85 -9.34
N PHE A 1016 13.46 31.15 -8.72
CA PHE A 1016 14.67 30.39 -8.89
C PHE A 1016 14.73 29.19 -7.96
N ASN A 1017 14.04 29.25 -6.82
CA ASN A 1017 14.02 28.16 -5.86
C ASN A 1017 13.21 26.97 -6.36
N LYS A 1018 12.43 27.14 -7.41
CA LYS A 1018 11.71 26.04 -8.02
C LYS A 1018 12.55 25.30 -9.04
N VAL A 1019 13.64 25.89 -9.50
CA VAL A 1019 14.57 25.16 -10.35
C VAL A 1019 15.34 24.13 -9.54
N GLN A 1020 15.75 24.46 -8.32
CA GLN A 1020 16.44 23.55 -7.44
C GLN A 1020 15.51 22.52 -6.80
N ASP A 1021 14.26 22.88 -6.57
CA ASP A 1021 13.31 21.96 -5.95
C ASP A 1021 12.83 20.87 -6.90
N ALA A 1022 13.05 21.01 -8.20
CA ALA A 1022 12.85 19.92 -9.14
C ALA A 1022 14.05 19.00 -9.22
N VAL A 1023 15.26 19.54 -9.10
CA VAL A 1023 16.47 18.73 -9.01
C VAL A 1023 16.44 17.89 -7.75
N ASN A 1024 16.00 18.47 -6.64
CA ASN A 1024 15.90 17.75 -5.38
C ASN A 1024 14.79 16.71 -5.41
N ALA A 1025 13.72 16.97 -6.14
CA ALA A 1025 12.64 16.01 -6.26
C ALA A 1025 13.05 14.83 -7.12
N ASN A 1026 13.87 15.08 -8.14
CA ASN A 1026 14.40 14.00 -8.96
C ASN A 1026 15.31 13.06 -8.17
N ALA A 1027 16.09 13.60 -7.24
CA ALA A 1027 17.05 12.81 -6.47
C ALA A 1027 16.45 12.15 -5.25
N MET A 1028 15.39 12.71 -4.68
CA MET A 1028 14.73 12.11 -3.53
C MET A 1028 13.98 10.84 -3.88
N ALA A 1029 13.56 10.70 -5.13
CA ALA A 1029 12.89 9.49 -5.58
C ALA A 1029 13.86 8.33 -5.69
N LEU A 1030 15.09 8.58 -6.12
CA LEU A 1030 16.07 7.53 -6.28
C LEU A 1030 16.67 7.06 -4.97
N SER A 1031 16.69 7.92 -3.96
CA SER A 1031 17.27 7.50 -2.68
C SER A 1031 16.29 6.71 -1.84
N LYS A 1032 15.00 6.82 -2.12
CA LYS A 1032 13.99 6.00 -1.48
C LYS A 1032 13.84 4.64 -2.13
N LEU A 1033 14.53 4.40 -3.23
CA LEU A 1033 14.63 3.08 -3.82
C LEU A 1033 15.79 2.29 -3.25
N ALA A 1034 16.96 2.91 -3.14
CA ALA A 1034 18.16 2.23 -2.66
C ALA A 1034 18.15 2.02 -1.16
N ALA A 1035 17.38 2.80 -0.41
CA ALA A 1035 17.36 2.69 1.04
C ALA A 1035 16.42 1.60 1.54
N GLU A 1036 15.54 1.08 0.69
CA GLU A 1036 14.64 0.01 1.08
C GLU A 1036 15.27 -1.36 0.91
N LEU A 1037 16.52 -1.42 0.50
CA LEU A 1037 17.24 -2.68 0.39
C LEU A 1037 18.11 -2.98 1.61
N SER A 1038 18.27 -2.02 2.52
CA SER A 1038 18.99 -2.26 3.76
C SER A 1038 18.07 -2.43 4.95
N ASN A 1039 16.75 -2.37 4.74
CA ASN A 1039 15.80 -2.66 5.79
C ASN A 1039 15.66 -4.16 5.93
N THR A 1040 15.41 -4.61 7.16
CA THR A 1040 15.20 -6.02 7.42
C THR A 1040 13.73 -6.39 7.50
N PHE A 1041 12.85 -5.41 7.76
CA PHE A 1041 11.40 -5.56 7.82
C PHE A 1041 10.96 -6.56 8.88
N GLY A 1042 11.78 -6.72 9.92
CA GLY A 1042 11.51 -7.66 10.97
C GLY A 1042 12.13 -9.02 10.80
N ALA A 1043 12.82 -9.29 9.70
CA ALA A 1043 13.52 -10.54 9.52
C ALA A 1043 14.83 -10.51 10.31
N ILE A 1044 15.56 -11.63 10.29
CA ILE A 1044 16.81 -11.73 11.02
C ILE A 1044 17.94 -10.96 10.36
N SER A 1045 17.82 -10.65 9.08
CA SER A 1045 18.86 -9.97 8.33
C SER A 1045 18.21 -9.35 7.10
N SER A 1046 18.92 -8.40 6.49
CA SER A 1046 18.47 -7.77 5.26
C SER A 1046 19.09 -8.43 4.04
N SER A 1047 19.66 -9.60 4.22
CA SER A 1047 20.41 -10.29 3.18
C SER A 1047 19.88 -11.70 3.06
N ILE A 1048 19.56 -12.12 1.84
CA ILE A 1048 19.02 -13.46 1.62
C ILE A 1048 20.08 -14.54 1.82
N SER A 1049 21.34 -14.27 1.51
CA SER A 1049 22.39 -15.26 1.67
C SER A 1049 22.73 -15.55 3.13
N ASP A 1050 22.29 -14.70 4.06
CA ASP A 1050 22.42 -14.97 5.49
C ASP A 1050 21.22 -15.71 6.06
N ILE A 1051 20.03 -15.49 5.54
CA ILE A 1051 18.86 -16.27 5.94
C ILE A 1051 19.01 -17.71 5.49
N LEU A 1052 19.57 -17.94 4.31
CA LEU A 1052 19.79 -19.28 3.80
C LEU A 1052 20.90 -20.02 4.51
N ALA A 1053 21.76 -19.33 5.23
CA ALA A 1053 22.88 -19.97 5.92
C ALA A 1053 22.64 -20.23 7.39
N ARG A 1054 21.67 -19.58 8.02
CA ARG A 1054 21.42 -19.74 9.44
C ARG A 1054 20.21 -20.57 9.78
N LEU A 1055 19.21 -20.65 8.92
CA LEU A 1055 17.96 -21.32 9.24
C LEU A 1055 17.80 -22.57 8.38
N ASP A 1056 16.73 -23.29 8.63
CA ASP A 1056 16.39 -24.47 7.84
C ASP A 1056 15.19 -24.16 6.95
N THR A 1057 14.89 -25.12 6.07
CA THR A 1057 14.05 -24.92 4.90
C THR A 1057 12.63 -24.49 5.21
N VAL A 1058 12.08 -24.86 6.37
CA VAL A 1058 10.76 -24.39 6.76
C VAL A 1058 10.79 -23.03 7.43
N GLU A 1059 11.92 -22.63 8.00
CA GLU A 1059 12.06 -21.32 8.61
C GLU A 1059 12.59 -20.28 7.65
N GLN A 1060 13.23 -20.71 6.55
CA GLN A 1060 13.71 -19.77 5.55
C GLN A 1060 12.56 -19.11 4.80
N GLU A 1061 11.50 -19.86 4.53
CA GLU A 1061 10.39 -19.39 3.74
C GLU A 1061 9.53 -18.37 4.46
N ALA A 1062 9.57 -18.35 5.78
CA ALA A 1062 8.84 -17.35 6.55
C ALA A 1062 9.61 -16.05 6.70
N GLN A 1063 10.94 -16.10 6.59
CA GLN A 1063 11.77 -14.91 6.68
C GLN A 1063 12.03 -14.27 5.33
N ILE A 1064 12.15 -15.05 4.26
CA ILE A 1064 12.25 -14.47 2.93
C ILE A 1064 10.93 -13.82 2.51
N ASP A 1065 9.80 -14.32 2.99
CA ASP A 1065 8.50 -13.72 2.72
C ASP A 1065 8.29 -12.37 3.38
N ARG A 1066 9.14 -11.99 4.33
CA ARG A 1066 9.13 -10.64 4.87
C ARG A 1066 9.88 -9.65 4.01
N LEU A 1067 11.07 -10.02 3.54
CA LEU A 1067 11.83 -9.22 2.58
C LEU A 1067 11.07 -9.04 1.28
N ILE A 1068 10.41 -10.09 0.80
CA ILE A 1068 9.62 -10.01 -0.43
C ILE A 1068 8.49 -9.01 -0.28
N ASN A 1069 7.76 -9.10 0.83
CA ASN A 1069 6.65 -8.19 1.08
C ASN A 1069 7.12 -6.76 1.30
N GLY A 1070 8.29 -6.58 1.89
CA GLY A 1070 8.80 -5.24 2.09
C GLY A 1070 9.34 -4.62 0.82
N ARG A 1071 9.83 -5.44 -0.11
CA ARG A 1071 10.39 -4.92 -1.34
C ARG A 1071 9.37 -4.79 -2.46
N LEU A 1072 8.25 -5.53 -2.38
CA LEU A 1072 7.16 -5.28 -3.32
C LEU A 1072 6.40 -4.01 -3.02
N THR A 1073 6.40 -3.55 -1.77
CA THR A 1073 5.76 -2.31 -1.41
C THR A 1073 6.51 -1.09 -1.90
N SER A 1074 7.84 -1.11 -1.81
CA SER A 1074 8.67 -0.03 -2.31
C SER A 1074 8.61 0.14 -3.81
N LEU A 1075 8.59 -0.95 -4.57
CA LEU A 1075 8.45 -0.87 -6.01
C LEU A 1075 7.08 -0.36 -6.43
N ASN A 1076 6.03 -0.75 -5.75
CA ASN A 1076 4.71 -0.23 -6.04
C ASN A 1076 4.61 1.26 -5.73
N ALA A 1077 5.20 1.69 -4.62
CA ALA A 1077 5.21 3.11 -4.30
C ALA A 1077 6.09 3.93 -5.23
N PHE A 1078 7.12 3.33 -5.82
CA PHE A 1078 7.94 4.06 -6.79
C PHE A 1078 7.21 4.20 -8.12
N VAL A 1079 6.64 3.10 -8.62
CA VAL A 1079 5.94 3.12 -9.89
C VAL A 1079 4.68 3.97 -9.81
N ALA A 1080 4.02 4.02 -8.66
CA ALA A 1080 2.83 4.85 -8.53
C ALA A 1080 3.16 6.34 -8.45
N GLN A 1081 4.38 6.72 -8.06
CA GLN A 1081 4.80 8.10 -8.05
C GLN A 1081 5.34 8.56 -9.38
N GLN A 1082 5.99 7.67 -10.13
CA GLN A 1082 6.49 8.03 -11.46
C GLN A 1082 5.37 8.39 -12.42
N LEU A 1083 4.23 7.71 -12.34
CA LEU A 1083 3.12 8.04 -13.22
C LEU A 1083 2.48 9.37 -12.87
N VAL A 1084 2.43 9.71 -11.58
CA VAL A 1084 1.92 11.00 -11.13
C VAL A 1084 2.82 12.12 -11.63
N ARG A 1085 4.14 11.98 -11.45
CA ARG A 1085 5.06 13.00 -11.93
C ARG A 1085 5.11 13.09 -13.45
N THR A 1086 4.95 11.99 -14.16
CA THR A 1086 4.88 12.00 -15.62
C THR A 1086 3.65 12.72 -16.14
N GLU A 1087 2.48 12.50 -15.54
CA GLU A 1087 1.31 13.24 -15.97
C GLU A 1087 1.38 14.71 -15.61
N ALA A 1088 1.94 15.05 -14.45
CA ALA A 1088 2.11 16.45 -14.10
C ALA A 1088 3.12 17.16 -14.97
N ALA A 1089 4.17 16.48 -15.42
CA ALA A 1089 5.11 17.09 -16.34
C ALA A 1089 4.61 17.12 -17.77
N ALA A 1090 3.65 16.27 -18.12
CA ALA A 1090 3.04 16.36 -19.43
C ALA A 1090 2.01 17.48 -19.51
N ARG A 1091 1.26 17.72 -18.43
CA ARG A 1091 0.37 18.87 -18.41
C ARG A 1091 1.11 20.19 -18.37
N SER A 1092 2.32 20.20 -17.84
CA SER A 1092 3.08 21.42 -17.68
C SER A 1092 3.92 21.77 -18.89
N ALA A 1093 4.17 20.83 -19.79
CA ALA A 1093 4.77 21.13 -21.08
C ALA A 1093 3.75 21.58 -22.10
N GLN A 1094 2.48 21.38 -21.83
CA GLN A 1094 1.41 21.99 -22.60
C GLN A 1094 1.18 23.45 -22.20
N LEU A 1095 1.46 23.80 -20.96
CA LEU A 1095 1.44 25.18 -20.52
C LEU A 1095 2.62 25.97 -21.06
N ALA A 1096 3.75 25.33 -21.31
CA ALA A 1096 4.89 26.02 -21.89
C ALA A 1096 4.70 26.31 -23.37
N GLN A 1097 3.84 25.56 -24.05
CA GLN A 1097 3.52 25.91 -25.42
C GLN A 1097 2.59 27.11 -25.50
N ASP A 1098 1.61 27.19 -24.61
CA ASP A 1098 0.71 28.33 -24.54
C ASP A 1098 1.41 29.59 -24.12
N LYS A 1099 2.43 29.48 -23.28
CA LYS A 1099 3.18 30.63 -22.81
C LYS A 1099 4.21 31.09 -23.82
N VAL A 1100 4.67 30.22 -24.70
CA VAL A 1100 5.53 30.62 -25.80
C VAL A 1100 4.74 31.27 -26.93
N ASN A 1101 3.62 30.69 -27.34
CA ASN A 1101 2.81 31.22 -28.43
C ASN A 1101 2.12 32.53 -28.08
N GLU A 1102 1.97 32.86 -26.81
CA GLU A 1102 1.31 34.09 -26.42
C GLU A 1102 2.24 35.16 -25.91
N CYS A 1103 3.15 34.84 -24.99
CA CYS A 1103 4.07 35.84 -24.46
C CYS A 1103 5.31 36.04 -25.31
N VAL A 1104 5.92 34.97 -25.81
CA VAL A 1104 7.19 35.11 -26.51
C VAL A 1104 6.98 35.54 -27.96
N LYS A 1105 6.05 34.90 -28.67
CA LYS A 1105 5.84 35.20 -30.08
C LYS A 1105 4.79 36.27 -30.32
N SER A 1106 4.07 36.69 -29.29
CA SER A 1106 3.05 37.71 -29.44
C SER A 1106 3.07 38.65 -28.25
N GLN A 1107 2.04 39.45 -28.09
CA GLN A 1107 1.90 40.33 -26.94
C GLN A 1107 0.57 40.04 -26.26
N SER A 1108 0.59 39.93 -24.94
CA SER A 1108 -0.58 39.53 -24.20
C SER A 1108 -1.45 40.70 -23.83
N LYS A 1109 -2.78 40.49 -23.91
CA LYS A 1109 -3.76 41.50 -23.56
C LYS A 1109 -4.45 41.19 -22.24
N ARG A 1110 -4.02 40.13 -21.56
CA ARG A 1110 -4.61 39.71 -20.30
C ARG A 1110 -3.65 40.03 -19.17
N ASN A 1111 -4.17 40.43 -18.03
CA ASN A 1111 -3.31 40.65 -16.88
C ASN A 1111 -3.18 39.35 -16.09
N GLY A 1112 -1.96 39.03 -15.70
CA GLY A 1112 -1.73 37.87 -14.86
C GLY A 1112 -1.09 36.70 -15.56
N PHE A 1113 -1.26 36.61 -16.89
CA PHE A 1113 -0.69 35.47 -17.60
C PHE A 1113 0.81 35.62 -17.76
N CYS A 1114 1.24 36.62 -18.53
CA CYS A 1114 2.67 36.86 -18.77
C CYS A 1114 3.17 37.92 -17.79
N GLY A 1115 3.12 37.60 -16.51
CA GLY A 1115 3.62 38.51 -15.49
C GLY A 1115 2.57 39.51 -15.04
N THR A 1116 3.04 40.54 -14.34
CA THR A 1116 2.17 41.56 -13.77
C THR A 1116 2.39 42.89 -14.49
N GLY A 1117 1.31 43.63 -14.69
CA GLY A 1117 1.37 44.90 -15.38
C GLY A 1117 0.91 44.78 -16.82
N THR A 1118 1.38 45.72 -17.62
CA THR A 1118 1.15 45.64 -19.05
C THR A 1118 2.32 44.94 -19.73
N HIS A 1119 2.03 43.86 -20.43
CA HIS A 1119 3.04 43.00 -21.01
C HIS A 1119 3.63 43.62 -22.27
N ILE A 1120 4.95 43.70 -22.32
CA ILE A 1120 5.63 44.17 -23.51
C ILE A 1120 6.26 42.99 -24.26
N VAL A 1121 7.17 42.27 -23.62
CA VAL A 1121 7.90 41.22 -24.32
C VAL A 1121 8.29 40.13 -23.33
N SER A 1122 8.60 38.94 -23.84
CA SER A 1122 9.07 37.83 -23.02
C SER A 1122 10.18 37.10 -23.73
N PHE A 1123 11.10 36.54 -22.95
CA PHE A 1123 12.19 35.71 -23.44
C PHE A 1123 12.21 34.40 -22.68
N ALA A 1124 12.69 33.35 -23.33
CA ALA A 1124 12.76 32.02 -22.73
C ALA A 1124 14.16 31.47 -22.87
N ILE A 1125 14.70 30.94 -21.78
CA ILE A 1125 16.00 30.27 -21.81
C ILE A 1125 15.83 28.86 -21.28
N ASN A 1126 16.83 28.03 -21.52
CA ASN A 1126 16.84 26.66 -21.04
C ASN A 1126 17.28 26.61 -19.59
N ALA A 1127 16.63 25.77 -18.80
CA ALA A 1127 16.94 25.55 -17.40
C ALA A 1127 16.95 24.05 -17.18
N PRO A 1128 17.61 23.56 -16.11
CA PRO A 1128 17.54 22.14 -15.78
C PRO A 1128 16.11 21.66 -15.54
N ASN A 1129 15.70 20.70 -16.37
CA ASN A 1129 14.37 20.09 -16.46
C ASN A 1129 13.31 21.05 -16.97
N GLY A 1130 13.69 22.09 -17.70
CA GLY A 1130 12.63 22.89 -18.30
C GLY A 1130 13.01 24.22 -18.90
N LEU A 1131 12.07 25.15 -18.87
CA LEU A 1131 12.24 26.47 -19.46
C LEU A 1131 12.13 27.53 -18.39
N TYR A 1132 12.77 28.67 -18.61
CA TYR A 1132 12.79 29.76 -17.65
C TYR A 1132 12.46 31.03 -18.40
N PHE A 1133 11.41 31.72 -17.96
CA PHE A 1133 10.87 32.87 -18.67
C PHE A 1133 11.24 34.17 -17.99
N PHE A 1134 11.48 35.20 -18.80
CA PHE A 1134 11.63 36.57 -18.34
C PHE A 1134 10.55 37.39 -19.01
N HIS A 1135 9.64 37.95 -18.21
CA HIS A 1135 8.52 38.73 -18.72
C HIS A 1135 8.77 40.21 -18.47
N VAL A 1136 9.23 40.92 -19.50
CA VAL A 1136 9.41 42.37 -19.42
C VAL A 1136 8.06 43.04 -19.58
N GLY A 1137 7.63 43.73 -18.53
CA GLY A 1137 6.37 44.46 -18.52
C GLY A 1137 6.61 45.94 -18.28
N TYR A 1138 5.52 46.71 -18.27
CA TYR A 1138 5.57 48.17 -18.17
C TYR A 1138 5.08 48.59 -16.80
N GLN A 1139 5.91 49.29 -16.04
CA GLN A 1139 5.56 49.71 -14.69
C GLN A 1139 5.66 51.22 -14.56
N PRO A 1140 4.55 51.93 -14.36
CA PRO A 1140 4.65 53.38 -14.12
C PRO A 1140 5.08 53.68 -12.71
N THR A 1141 5.79 54.80 -12.54
CA THR A 1141 6.35 55.17 -11.25
C THR A 1141 5.83 56.49 -10.71
N SER A 1142 5.06 57.25 -11.50
CA SER A 1142 4.40 58.44 -11.00
C SER A 1142 3.10 58.59 -11.77
N HIS A 1143 2.26 59.54 -11.36
CA HIS A 1143 0.94 59.69 -11.95
C HIS A 1143 0.56 61.16 -11.91
N VAL A 1144 -0.53 61.49 -12.60
CA VAL A 1144 -1.12 62.82 -12.59
C VAL A 1144 -2.63 62.64 -12.61
N ASN A 1145 -3.33 63.50 -11.88
CA ASN A 1145 -4.78 63.49 -11.83
C ASN A 1145 -5.30 64.44 -12.90
N ALA A 1146 -5.73 63.88 -14.02
CA ALA A 1146 -6.23 64.68 -15.12
C ALA A 1146 -7.74 64.65 -15.15
N THR A 1147 -8.32 65.80 -15.49
CA THR A 1147 -9.75 65.94 -15.68
C THR A 1147 -10.12 65.48 -17.08
N ALA A 1148 -10.93 64.44 -17.17
CA ALA A 1148 -11.28 63.83 -18.44
C ALA A 1148 -12.71 64.18 -18.82
N ALA A 1149 -13.15 63.65 -19.95
CA ALA A 1149 -14.52 63.79 -20.42
C ALA A 1149 -14.94 62.50 -21.10
N TYR A 1150 -16.24 62.23 -21.07
CA TYR A 1150 -16.76 61.05 -21.76
C TYR A 1150 -16.80 61.24 -23.26
N GLY A 1151 -17.08 62.46 -23.71
CA GLY A 1151 -17.08 62.76 -25.13
C GLY A 1151 -17.45 64.20 -25.32
N LEU A 1152 -17.42 64.63 -26.57
CA LEU A 1152 -17.72 66.01 -26.92
C LEU A 1152 -18.79 66.03 -28.00
N CYS A 1153 -19.61 67.09 -27.99
CA CYS A 1153 -20.63 67.29 -29.01
C CYS A 1153 -20.66 68.76 -29.39
N ASN A 1154 -21.15 69.05 -30.59
CA ASN A 1154 -21.36 70.43 -30.96
C ASN A 1154 -22.78 70.85 -30.57
N THR A 1155 -23.20 72.01 -31.05
CA THR A 1155 -24.49 72.56 -30.67
C THR A 1155 -25.34 72.90 -31.88
N GLU A 1156 -25.42 71.99 -32.84
CA GLU A 1156 -26.16 72.22 -34.06
C GLU A 1156 -27.13 71.06 -34.28
N ASN A 1157 -27.98 71.22 -35.28
CA ASN A 1157 -28.93 70.17 -35.66
C ASN A 1157 -28.70 69.82 -37.12
N PRO A 1158 -28.35 68.56 -37.45
CA PRO A 1158 -28.19 67.44 -36.53
C PRO A 1158 -26.83 67.38 -35.83
N GLN A 1159 -26.86 67.00 -34.56
CA GLN A 1159 -25.68 67.03 -33.70
C GLN A 1159 -24.67 65.96 -34.06
N LYS A 1160 -23.38 66.31 -34.05
CA LYS A 1160 -22.30 65.36 -34.18
C LYS A 1160 -21.57 65.23 -32.86
N CYS A 1161 -21.08 64.03 -32.56
CA CYS A 1161 -20.45 63.75 -31.29
C CYS A 1161 -19.27 62.79 -31.52
N ILE A 1162 -18.21 62.97 -30.75
CA ILE A 1162 -16.98 62.19 -30.93
C ILE A 1162 -16.56 61.56 -29.60
N ALA A 1163 -15.66 60.59 -29.71
CA ALA A 1163 -15.17 59.83 -28.57
C ALA A 1163 -13.74 59.42 -28.85
N PRO A 1164 -12.90 59.24 -27.82
CA PRO A 1164 -11.49 58.94 -28.09
C PRO A 1164 -11.27 57.49 -28.53
N ILE A 1165 -10.08 57.26 -29.08
CA ILE A 1165 -9.65 55.94 -29.52
C ILE A 1165 -8.40 55.59 -28.74
N ASP A 1166 -8.53 54.64 -27.79
CA ASP A 1166 -7.47 54.14 -26.93
C ASP A 1166 -6.76 55.26 -26.17
N GLY A 1167 -7.51 56.13 -25.53
CA GLY A 1167 -6.95 57.28 -24.84
C GLY A 1167 -8.07 58.08 -24.22
N TYR A 1168 -7.72 59.27 -23.78
CA TYR A 1168 -8.66 60.12 -23.08
C TYR A 1168 -8.70 61.53 -23.68
N PHE A 1169 -9.84 62.19 -23.50
CA PHE A 1169 -9.99 63.61 -23.82
C PHE A 1169 -9.75 64.36 -22.52
N VAL A 1170 -8.62 65.05 -22.42
CA VAL A 1170 -8.24 65.65 -21.15
C VAL A 1170 -8.10 67.17 -21.25
N LEU A 1171 -7.82 67.80 -20.12
CA LEU A 1171 -7.53 69.22 -20.00
C LEU A 1171 -6.05 69.36 -19.69
N ASN A 1172 -5.37 70.27 -20.39
CA ASN A 1172 -3.97 70.55 -20.10
C ASN A 1172 -3.87 71.42 -18.86
N GLN A 1173 -3.82 70.80 -17.69
CA GLN A 1173 -3.90 71.54 -16.43
C GLN A 1173 -2.57 72.24 -16.15
N THR A 1174 -2.52 73.53 -16.48
CA THR A 1174 -1.32 74.32 -16.26
C THR A 1174 -1.56 75.42 -15.22
N THR A 1175 -2.49 76.33 -15.53
CA THR A 1175 -2.77 77.45 -14.65
C THR A 1175 -4.06 77.22 -13.86
N SER A 1176 -4.52 78.25 -13.15
CA SER A 1176 -5.78 78.22 -12.42
C SER A 1176 -6.66 79.38 -12.87
N THR A 1177 -6.59 79.69 -14.17
CA THR A 1177 -7.39 80.76 -14.76
C THR A 1177 -8.19 80.33 -15.98
N VAL A 1178 -7.92 79.15 -16.53
CA VAL A 1178 -8.55 78.70 -17.77
C VAL A 1178 -9.89 78.03 -17.45
N ALA A 1179 -10.98 78.63 -17.94
CA ALA A 1179 -12.31 78.14 -17.58
C ALA A 1179 -13.32 78.53 -18.65
N ASP A 1180 -13.70 77.55 -19.48
CA ASP A 1180 -14.90 77.52 -20.32
C ASP A 1180 -14.88 78.46 -21.51
N SER A 1181 -13.87 79.32 -21.62
CA SER A 1181 -13.64 80.09 -22.84
C SER A 1181 -12.23 79.80 -23.32
N ASP A 1182 -11.40 79.26 -22.43
CA ASP A 1182 -10.11 78.73 -22.81
C ASP A 1182 -9.95 77.27 -22.41
N GLN A 1183 -11.02 76.60 -21.97
CA GLN A 1183 -10.99 75.18 -21.65
C GLN A 1183 -10.97 74.41 -22.97
N GLN A 1184 -9.78 74.29 -23.53
CA GLN A 1184 -9.61 73.50 -24.73
C GLN A 1184 -9.28 72.07 -24.35
N TRP A 1185 -9.84 71.13 -25.08
CA TRP A 1185 -9.67 69.72 -24.80
C TRP A 1185 -8.62 69.14 -25.72
N TYR A 1186 -7.77 68.28 -25.17
CA TYR A 1186 -6.74 67.61 -25.93
C TYR A 1186 -6.93 66.12 -25.83
N TYR A 1187 -6.13 65.38 -26.58
CA TYR A 1187 -6.13 63.93 -26.54
C TYR A 1187 -4.86 63.48 -25.86
N THR A 1188 -4.95 62.41 -25.07
CA THR A 1188 -3.76 61.80 -24.52
C THR A 1188 -3.87 60.28 -24.66
N GLY A 1189 -2.72 59.64 -24.79
CA GLY A 1189 -2.69 58.20 -24.73
C GLY A 1189 -2.94 57.72 -23.31
N SER A 1190 -3.41 56.48 -23.21
CA SER A 1190 -3.84 55.98 -21.91
C SER A 1190 -2.68 55.56 -21.03
N SER A 1191 -1.47 55.45 -21.55
CA SER A 1191 -0.34 54.97 -20.77
C SER A 1191 0.74 56.01 -20.55
N PHE A 1192 0.59 57.23 -21.06
CA PHE A 1192 1.56 58.29 -20.84
C PHE A 1192 0.88 59.63 -21.07
N PHE A 1193 1.01 60.55 -20.11
CA PHE A 1193 0.34 61.83 -20.19
C PHE A 1193 1.14 62.77 -21.07
N HIS A 1194 0.60 63.09 -22.25
CA HIS A 1194 1.21 64.05 -23.16
C HIS A 1194 0.12 64.56 -24.09
N PRO A 1195 -0.47 65.72 -23.78
CA PRO A 1195 -1.63 66.19 -24.55
C PRO A 1195 -1.25 66.66 -25.95
N GLU A 1196 -2.12 66.32 -26.92
CA GLU A 1196 -1.93 66.62 -28.33
C GLU A 1196 -3.28 66.97 -28.94
N PRO A 1197 -3.34 67.64 -30.10
CA PRO A 1197 -4.64 68.08 -30.63
C PRO A 1197 -5.51 66.92 -31.11
N ILE A 1198 -6.81 67.14 -31.02
CA ILE A 1198 -7.82 66.15 -31.41
C ILE A 1198 -8.06 66.25 -32.91
N THR A 1199 -7.70 65.20 -33.64
CA THR A 1199 -7.97 65.11 -35.07
C THR A 1199 -8.81 63.87 -35.31
N GLU A 1200 -9.00 63.53 -36.58
CA GLU A 1200 -9.72 62.31 -36.91
C GLU A 1200 -8.85 61.08 -36.88
N ALA A 1201 -7.58 61.22 -36.52
CA ALA A 1201 -6.69 60.10 -36.31
C ALA A 1201 -6.85 59.47 -34.94
N ASN A 1202 -7.55 60.13 -34.02
CA ASN A 1202 -7.72 59.60 -32.67
C ASN A 1202 -9.12 59.78 -32.12
N SER A 1203 -10.15 59.85 -32.95
CA SER A 1203 -11.51 60.02 -32.44
C SER A 1203 -12.51 59.36 -33.39
N LYS A 1204 -13.44 58.63 -32.80
CA LYS A 1204 -14.59 58.05 -33.47
C LYS A 1204 -15.77 59.00 -33.43
N TYR A 1205 -16.69 58.82 -34.35
CA TYR A 1205 -18.03 59.37 -34.26
C TYR A 1205 -18.91 58.39 -33.51
N VAL A 1206 -19.74 58.88 -32.61
CA VAL A 1206 -20.61 58.04 -31.81
C VAL A 1206 -22.01 58.65 -31.82
N SER A 1207 -22.97 57.88 -31.30
CA SER A 1207 -24.31 58.38 -31.11
C SER A 1207 -24.37 59.20 -29.84
N MET A 1208 -25.34 60.10 -29.76
CA MET A 1208 -25.34 61.15 -28.75
C MET A 1208 -25.61 60.63 -27.35
N ASP A 1209 -24.74 60.99 -26.42
CA ASP A 1209 -24.92 60.67 -25.01
C ASP A 1209 -25.30 61.93 -24.25
N VAL A 1210 -25.76 61.76 -23.01
CA VAL A 1210 -26.15 62.89 -22.19
C VAL A 1210 -24.97 63.37 -21.36
N LYS A 1211 -24.00 62.49 -21.12
CA LYS A 1211 -22.85 62.81 -20.30
C LYS A 1211 -21.77 63.55 -21.10
N PHE A 1212 -22.00 63.77 -22.38
CA PHE A 1212 -21.01 64.40 -23.22
C PHE A 1212 -21.05 65.91 -23.00
N GLU A 1213 -19.92 66.56 -23.22
CA GLU A 1213 -19.81 68.00 -23.04
C GLU A 1213 -20.43 68.69 -24.25
N ASN A 1214 -21.19 69.75 -23.99
CA ASN A 1214 -21.70 70.59 -25.07
C ASN A 1214 -20.75 71.74 -25.30
N LEU A 1215 -20.21 71.83 -26.51
CA LEU A 1215 -19.20 72.81 -26.84
C LEU A 1215 -19.77 73.84 -27.80
N THR A 1216 -19.45 75.11 -27.58
CA THR A 1216 -19.87 76.19 -28.45
C THR A 1216 -18.74 76.71 -29.32
N ASN A 1217 -17.60 77.02 -28.72
CA ASN A 1217 -16.41 77.46 -29.45
C ASN A 1217 -15.27 76.47 -29.18
N ARG A 1218 -14.14 76.72 -29.82
CA ARG A 1218 -12.92 75.90 -29.75
C ARG A 1218 -13.19 74.46 -30.11
N LEU A 1219 -13.86 74.26 -31.23
CA LEU A 1219 -14.23 72.91 -31.64
C LEU A 1219 -13.04 72.22 -32.28
N PRO A 1220 -12.88 70.91 -32.07
CA PRO A 1220 -11.92 70.15 -32.87
C PRO A 1220 -12.37 70.06 -34.31
N PRO A 1221 -11.45 69.80 -35.24
CA PRO A 1221 -11.81 69.71 -36.67
C PRO A 1221 -12.78 68.58 -37.01
N PRO A 1222 -12.89 67.46 -36.22
CA PRO A 1222 -14.05 66.58 -36.46
C PRO A 1222 -15.42 67.19 -36.20
N LEU A 1223 -15.49 68.23 -35.38
CA LEU A 1223 -16.78 68.82 -35.05
C LEU A 1223 -17.07 70.12 -35.79
N LEU A 1224 -16.40 70.40 -36.90
CA LEU A 1224 -16.63 71.61 -37.67
C LEU A 1224 -17.39 71.31 -38.96
N SER A 1225 -17.86 72.36 -39.60
CA SER A 1225 -18.55 72.26 -40.89
C SER A 1225 -17.53 72.00 -41.98
N ASN A 1226 -17.52 70.76 -42.49
CA ASN A 1226 -16.50 70.34 -43.44
C ASN A 1226 -16.73 70.95 -44.82
N SER A 1227 -17.97 71.33 -45.11
CA SER A 1227 -18.30 71.99 -46.37
C SER A 1227 -17.67 73.36 -46.45
N THR A 1228 -17.02 73.66 -47.57
CA THR A 1228 -16.35 74.94 -47.77
C THR A 1228 -17.36 76.04 -48.08
N SER B 33 -52.88 -35.02 48.26
CA SER B 33 -53.05 -35.41 46.87
C SER B 33 -53.27 -34.19 45.98
N CYS B 34 -53.38 -34.43 44.68
CA CYS B 34 -53.39 -33.34 43.72
C CYS B 34 -54.81 -32.97 43.31
N LEU B 35 -54.98 -31.71 42.92
CA LEU B 35 -56.28 -31.20 42.49
C LEU B 35 -56.53 -31.57 41.03
N ASP B 36 -57.80 -31.52 40.64
CA ASP B 36 -58.17 -31.84 39.27
C ASP B 36 -58.09 -30.58 38.40
N SER B 37 -57.90 -30.79 37.10
CA SER B 37 -57.76 -29.70 36.14
C SER B 37 -58.55 -30.04 34.88
N GLN B 38 -59.32 -29.08 34.39
CA GLN B 38 -60.11 -29.26 33.18
C GLN B 38 -59.30 -28.84 31.96
N VAL B 39 -59.25 -29.72 30.95
CA VAL B 39 -58.41 -29.49 29.78
C VAL B 39 -59.27 -29.13 28.58
N GLN B 40 -59.41 -27.82 28.32
CA GLN B 40 -60.15 -27.35 27.16
C GLN B 40 -59.27 -26.42 26.33
N PRO B 41 -58.63 -26.94 25.28
CA PRO B 41 -57.72 -26.08 24.49
C PRO B 41 -58.44 -25.08 23.60
N ASP B 42 -59.59 -25.47 23.03
CA ASP B 42 -60.25 -24.67 22.01
C ASP B 42 -60.81 -23.37 22.58
N TYR B 43 -61.25 -23.41 23.84
CA TYR B 43 -61.72 -22.21 24.51
C TYR B 43 -60.59 -21.28 24.90
N PHE B 44 -59.35 -21.80 24.96
CA PHE B 44 -58.17 -21.00 25.27
C PHE B 44 -57.49 -20.42 24.04
N GLU B 45 -57.50 -21.13 22.91
CA GLU B 45 -56.89 -20.67 21.67
C GLU B 45 -58.01 -20.52 20.65
N SER B 46 -58.67 -19.38 20.67
CA SER B 46 -59.84 -19.12 19.84
C SER B 46 -59.58 -17.95 18.90
N VAL B 47 -60.57 -17.66 18.05
CA VAL B 47 -60.44 -16.56 17.09
C VAL B 47 -60.84 -15.23 17.70
N HIS B 48 -61.51 -15.22 18.85
CA HIS B 48 -61.81 -13.99 19.56
C HIS B 48 -60.77 -13.67 20.61
N THR B 49 -59.67 -14.42 20.65
CA THR B 49 -58.59 -14.19 21.59
C THR B 49 -57.28 -13.89 20.86
N THR B 50 -57.14 -14.36 19.61
CA THR B 50 -55.98 -14.17 18.75
C THR B 50 -55.64 -12.69 18.56
N TRP B 51 -54.36 -12.35 18.67
CA TRP B 51 -53.92 -10.98 18.88
C TRP B 51 -52.46 -10.87 18.42
N PRO B 52 -52.23 -10.70 17.12
CA PRO B 52 -50.86 -10.80 16.57
C PRO B 52 -49.95 -9.66 16.99
N MET B 53 -48.77 -10.01 17.52
CA MET B 53 -47.79 -9.03 17.99
C MET B 53 -46.44 -9.35 17.36
N PRO B 54 -46.20 -8.90 16.14
CA PRO B 54 -44.93 -9.21 15.47
C PRO B 54 -43.76 -8.40 16.01
N ILE B 55 -42.57 -8.87 15.68
CA ILE B 55 -41.34 -8.22 16.13
C ILE B 55 -41.12 -6.95 15.33
N ASP B 56 -40.90 -5.84 16.02
CA ASP B 56 -40.70 -4.52 15.42
C ASP B 56 -39.26 -4.10 15.67
N THR B 57 -38.45 -4.09 14.62
CA THR B 57 -37.03 -3.79 14.78
C THR B 57 -36.75 -2.30 14.82
N SER B 58 -37.75 -1.45 14.61
CA SER B 58 -37.53 -0.01 14.70
C SER B 58 -37.69 0.49 16.12
N LYS B 59 -37.94 -0.42 17.05
CA LYS B 59 -38.01 -0.10 18.47
C LYS B 59 -36.98 -0.94 19.20
N ALA B 60 -36.26 -1.76 18.44
CA ALA B 60 -35.30 -2.77 18.89
C ALA B 60 -35.94 -3.77 19.83
N GLU B 61 -37.06 -4.35 19.43
CA GLU B 61 -37.76 -5.32 20.26
C GLU B 61 -37.02 -6.64 20.24
N GLY B 62 -36.82 -7.23 21.41
CA GLY B 62 -36.21 -8.53 21.50
C GLY B 62 -34.72 -8.57 21.31
N VAL B 63 -34.04 -7.45 21.41
CA VAL B 63 -32.60 -7.38 21.17
C VAL B 63 -31.89 -7.44 22.50
N ILE B 64 -30.98 -8.39 22.63
CA ILE B 64 -30.18 -8.56 23.83
C ILE B 64 -28.96 -7.66 23.69
N TYR B 65 -28.69 -6.86 24.72
CA TYR B 65 -27.56 -5.94 24.70
C TYR B 65 -26.25 -6.73 24.67
N PRO B 66 -25.28 -6.33 23.84
CA PRO B 66 -24.01 -7.05 23.78
C PRO B 66 -23.22 -6.95 25.07
N ASN B 67 -22.50 -8.02 25.40
CA ASN B 67 -21.75 -8.06 26.64
C ASN B 67 -20.50 -7.19 26.53
N GLY B 68 -20.00 -6.76 27.67
CA GLY B 68 -18.86 -5.87 27.68
C GLY B 68 -19.25 -4.47 28.11
N LYS B 69 -18.87 -3.47 27.33
CA LYS B 69 -19.09 -2.08 27.69
C LYS B 69 -20.33 -1.55 26.97
N SER B 70 -20.59 -0.27 27.17
CA SER B 70 -21.71 0.41 26.55
C SER B 70 -21.19 1.38 25.50
N TYR B 71 -21.95 1.53 24.43
CA TYR B 71 -21.62 2.48 23.37
C TYR B 71 -22.56 3.67 23.43
N SER B 72 -22.24 4.68 22.63
CA SER B 72 -23.07 5.87 22.52
C SER B 72 -22.79 6.53 21.17
N ASN B 73 -23.86 6.96 20.49
CA ASN B 73 -23.80 7.75 19.26
C ASN B 73 -23.06 7.03 18.13
N ILE B 74 -23.40 5.75 17.92
CA ILE B 74 -22.84 5.00 16.81
C ILE B 74 -23.87 4.02 16.28
N THR B 75 -23.55 3.44 15.14
CA THR B 75 -24.32 2.36 14.54
C THR B 75 -23.31 1.33 14.04
N LEU B 76 -23.48 0.08 14.45
CA LEU B 76 -22.55 -0.95 14.02
C LEU B 76 -23.26 -2.27 13.77
N THR B 77 -22.57 -3.14 13.03
CA THR B 77 -23.09 -4.45 12.67
C THR B 77 -22.66 -5.47 13.72
N TYR B 78 -23.51 -6.48 13.91
CA TYR B 78 -23.28 -7.50 14.90
C TYR B 78 -23.80 -8.83 14.39
N THR B 79 -23.09 -9.91 14.67
CA THR B 79 -23.59 -11.24 14.41
C THR B 79 -23.88 -11.90 15.75
N GLY B 80 -25.08 -12.44 15.89
CA GLY B 80 -25.47 -13.00 17.17
C GLY B 80 -26.79 -13.73 17.07
N LEU B 81 -27.44 -13.88 18.22
CA LEU B 81 -28.71 -14.57 18.30
C LEU B 81 -29.81 -13.53 18.44
N TYR B 82 -30.63 -13.40 17.40
CA TYR B 82 -31.61 -12.34 17.29
C TYR B 82 -32.88 -12.93 16.71
N PRO B 83 -34.04 -12.31 16.95
CA PRO B 83 -35.25 -12.78 16.29
C PRO B 83 -35.37 -12.23 14.88
N LYS B 84 -36.21 -12.89 14.08
CA LYS B 84 -36.49 -12.45 12.72
C LYS B 84 -37.31 -11.16 12.75
N ALA B 85 -37.27 -10.39 11.68
CA ALA B 85 -38.09 -9.20 11.56
C ALA B 85 -39.49 -9.61 11.16
N ASN B 86 -40.47 -9.00 11.85
CA ASN B 86 -41.90 -9.22 11.65
C ASN B 86 -42.28 -10.69 11.83
N ASP B 87 -41.64 -11.34 12.79
CA ASP B 87 -41.98 -12.70 13.18
C ASP B 87 -43.09 -12.66 14.21
N LEU B 88 -44.10 -13.50 14.03
CA LEU B 88 -45.29 -13.41 14.87
C LEU B 88 -45.07 -14.06 16.23
N GLY B 89 -44.25 -15.10 16.28
CA GLY B 89 -44.03 -15.84 17.51
C GLY B 89 -45.20 -16.74 17.84
N LYS B 90 -45.24 -17.18 19.10
CA LYS B 90 -46.31 -18.03 19.57
C LYS B 90 -46.95 -17.43 20.81
N GLN B 91 -48.27 -17.39 20.82
CA GLN B 91 -49.05 -16.78 21.88
C GLN B 91 -49.49 -17.83 22.89
N TYR B 92 -49.31 -17.52 24.17
CA TYR B 92 -49.73 -18.40 25.25
C TYR B 92 -50.68 -17.64 26.16
N LEU B 93 -51.89 -18.16 26.28
CA LEU B 93 -52.97 -17.54 27.03
C LEU B 93 -53.32 -18.37 28.25
N PHE B 94 -53.33 -17.73 29.42
CA PHE B 94 -53.73 -18.37 30.66
C PHE B 94 -55.03 -17.74 31.16
N SER B 95 -55.60 -18.29 32.23
CA SER B 95 -56.86 -17.80 32.78
C SER B 95 -57.03 -18.17 34.24
N ASP B 96 -58.25 -17.98 34.75
CA ASP B 96 -58.60 -18.37 36.11
C ASP B 96 -59.41 -19.66 36.05
N GLY B 97 -59.24 -20.48 37.08
CA GLY B 97 -59.93 -21.74 37.14
C GLY B 97 -61.38 -21.58 37.56
N HIS B 98 -62.06 -22.73 37.64
CA HIS B 98 -63.49 -22.76 37.99
C HIS B 98 -63.69 -22.31 39.43
N SER B 99 -64.62 -21.36 39.60
CA SER B 99 -64.88 -20.78 40.91
C SER B 99 -66.38 -20.61 41.08
N ALA B 100 -66.82 -20.81 42.32
CA ALA B 100 -68.20 -20.64 42.74
C ALA B 100 -68.23 -19.65 43.90
N PRO B 101 -69.41 -19.06 44.21
CA PRO B 101 -69.52 -18.30 45.46
C PRO B 101 -69.29 -19.15 46.69
N GLY B 102 -68.18 -18.91 47.38
CA GLY B 102 -67.80 -19.68 48.55
C GLY B 102 -67.00 -20.94 48.26
N ARG B 103 -66.62 -21.20 47.01
CA ARG B 103 -65.96 -22.44 46.63
C ARG B 103 -64.90 -22.19 45.57
N LEU B 104 -63.83 -22.99 45.61
CA LEU B 104 -62.80 -22.99 44.59
C LEU B 104 -62.75 -24.39 43.98
N ASN B 105 -63.10 -24.49 42.69
CA ASN B 105 -63.24 -25.74 41.97
C ASN B 105 -62.02 -26.01 41.11
N ASN B 106 -62.14 -27.00 40.21
CA ASN B 106 -61.03 -27.54 39.43
C ASN B 106 -60.42 -26.50 38.50
N LEU B 107 -59.19 -26.76 38.09
CA LEU B 107 -58.43 -25.79 37.31
C LEU B 107 -58.86 -25.81 35.85
N PHE B 108 -58.68 -24.67 35.20
CA PHE B 108 -59.04 -24.49 33.79
C PHE B 108 -57.76 -24.17 33.02
N VAL B 109 -57.30 -25.14 32.22
CA VAL B 109 -56.03 -25.01 31.50
C VAL B 109 -56.22 -25.40 30.04
N SER B 110 -55.12 -25.43 29.28
CA SER B 110 -55.12 -25.82 27.88
C SER B 110 -54.23 -27.04 27.71
N ASN B 111 -53.96 -27.42 26.46
CA ASN B 111 -53.13 -28.59 26.17
C ASN B 111 -51.65 -28.23 26.14
N TYR B 112 -51.17 -27.49 27.13
CA TYR B 112 -49.83 -26.94 27.06
C TYR B 112 -48.80 -27.84 27.73
N SER B 113 -49.24 -28.80 28.54
CA SER B 113 -48.30 -29.61 29.29
C SER B 113 -47.97 -30.92 28.57
N SER B 114 -48.21 -30.97 27.27
CA SER B 114 -47.87 -32.16 26.50
C SER B 114 -47.17 -31.74 25.23
N GLN B 115 -47.12 -30.42 25.00
CA GLN B 115 -46.34 -29.86 23.91
C GLN B 115 -44.89 -29.81 24.33
N VAL B 116 -44.02 -30.39 23.50
CA VAL B 116 -42.59 -30.40 23.73
C VAL B 116 -41.94 -29.69 22.56
N GLU B 117 -41.58 -28.43 22.76
CA GLU B 117 -40.88 -27.67 21.74
C GLU B 117 -39.38 -27.92 21.85
N SER B 118 -38.66 -27.56 20.79
CA SER B 118 -37.22 -27.73 20.78
C SER B 118 -36.55 -26.40 21.04
N PHE B 119 -35.50 -26.44 21.87
CA PHE B 119 -34.88 -25.21 22.36
C PHE B 119 -34.02 -24.58 21.28
N ASP B 120 -32.93 -25.25 20.93
CA ASP B 120 -32.08 -25.11 19.74
C ASP B 120 -31.26 -23.83 19.61
N ASP B 121 -31.67 -22.73 20.20
CA ASP B 121 -30.81 -21.56 20.27
C ASP B 121 -31.06 -20.71 21.50
N GLY B 122 -32.25 -20.79 22.06
CA GLY B 122 -32.72 -19.89 23.08
C GLY B 122 -33.97 -19.24 22.59
N PHE B 123 -34.59 -18.45 23.46
CA PHE B 123 -35.77 -17.71 23.04
C PHE B 123 -35.92 -16.44 23.87
N VAL B 124 -36.81 -15.57 23.40
CA VAL B 124 -37.20 -14.39 24.15
C VAL B 124 -38.71 -14.40 24.33
N VAL B 125 -39.17 -13.79 25.43
CA VAL B 125 -40.56 -13.80 25.83
C VAL B 125 -40.98 -12.34 26.05
N ARG B 126 -42.09 -11.95 25.44
CA ARG B 126 -42.74 -10.67 25.68
C ARG B 126 -43.83 -10.88 26.71
N ILE B 127 -43.76 -10.13 27.83
CA ILE B 127 -44.62 -10.31 28.98
C ILE B 127 -45.36 -9.01 29.28
N GLY B 128 -46.68 -9.10 29.31
CA GLY B 128 -47.49 -8.02 29.86
C GLY B 128 -47.71 -6.85 28.94
N ALA B 129 -47.92 -7.09 27.65
CA ALA B 129 -48.08 -5.99 26.71
C ALA B 129 -49.48 -5.37 26.78
N ALA B 130 -50.42 -6.05 27.43
CA ALA B 130 -51.79 -5.57 27.54
C ALA B 130 -52.15 -5.18 28.97
N ALA B 131 -51.20 -4.66 29.74
CA ALA B 131 -51.50 -4.19 31.08
C ALA B 131 -52.30 -2.89 31.02
N ASN B 132 -53.14 -2.69 32.04
CA ASN B 132 -54.04 -1.55 32.28
C ASN B 132 -55.19 -1.42 31.28
N LYS B 133 -55.21 -2.25 30.24
CA LYS B 133 -56.32 -2.23 29.31
C LYS B 133 -57.44 -3.13 29.82
N THR B 134 -58.58 -3.07 29.15
CA THR B 134 -59.70 -3.93 29.48
C THR B 134 -59.64 -5.18 28.61
N GLY B 135 -60.18 -6.27 29.13
CA GLY B 135 -60.20 -7.51 28.37
C GLY B 135 -61.02 -8.58 29.06
N THR B 136 -61.16 -9.69 28.35
CA THR B 136 -61.97 -10.80 28.84
C THR B 136 -61.24 -11.58 29.93
N THR B 137 -62.01 -12.00 30.93
CA THR B 137 -61.58 -13.06 31.83
C THR B 137 -61.80 -14.43 31.23
N VAL B 138 -60.79 -14.98 30.55
CA VAL B 138 -60.88 -16.01 29.50
C VAL B 138 -61.76 -17.21 29.83
N ILE B 139 -61.93 -17.51 31.12
CA ILE B 139 -62.90 -18.53 31.53
C ILE B 139 -64.33 -18.09 31.23
N SER B 140 -64.62 -16.79 31.31
CA SER B 140 -65.93 -16.24 30.95
C SER B 140 -65.68 -15.04 30.05
N GLN B 141 -65.81 -15.24 28.73
CA GLN B 141 -65.45 -14.21 27.77
C GLN B 141 -66.42 -13.03 27.76
N SER B 142 -67.58 -13.16 28.39
CA SER B 142 -68.53 -12.06 28.47
C SER B 142 -68.24 -11.11 29.63
N THR B 143 -67.24 -11.40 30.46
CA THR B 143 -66.89 -10.54 31.59
C THR B 143 -65.66 -9.72 31.21
N PHE B 144 -65.76 -8.40 31.37
CA PHE B 144 -64.65 -7.50 31.05
C PHE B 144 -64.03 -6.95 32.33
N LYS B 145 -62.72 -7.04 32.43
CA LYS B 145 -61.96 -6.65 33.60
C LYS B 145 -60.63 -6.07 33.15
N PRO B 146 -59.98 -5.26 33.99
CA PRO B 146 -58.61 -4.81 33.65
C PRO B 146 -57.61 -5.95 33.66
N ILE B 147 -56.83 -6.04 32.58
CA ILE B 147 -55.93 -7.17 32.36
C ILE B 147 -54.67 -6.98 33.19
N LYS B 148 -54.13 -8.08 33.72
CA LYS B 148 -52.95 -8.06 34.56
C LYS B 148 -51.81 -8.84 33.91
N LYS B 149 -50.65 -8.79 34.56
CA LYS B 149 -49.42 -9.39 34.07
C LYS B 149 -49.20 -10.73 34.77
N ILE B 150 -48.77 -11.74 34.01
CA ILE B 150 -48.50 -13.07 34.54
C ILE B 150 -47.17 -13.55 33.96
N TYR B 151 -46.29 -14.04 34.81
CA TYR B 151 -44.99 -14.51 34.36
C TYR B 151 -45.06 -15.99 33.98
N PRO B 152 -44.28 -16.44 33.00
CA PRO B 152 -44.29 -17.85 32.63
C PRO B 152 -43.39 -18.68 33.52
N ALA B 153 -43.67 -19.99 33.55
CA ALA B 153 -42.86 -20.95 34.27
C ALA B 153 -42.41 -22.03 33.31
N PHE B 154 -41.15 -22.44 33.40
CA PHE B 154 -40.57 -23.27 32.36
C PHE B 154 -40.00 -24.56 32.93
N LEU B 155 -40.00 -25.58 32.07
CA LEU B 155 -39.37 -26.86 32.32
C LEU B 155 -38.46 -27.17 31.15
N LEU B 156 -37.15 -27.28 31.40
CA LEU B 156 -36.18 -27.46 30.32
C LEU B 156 -35.34 -28.70 30.57
N GLY B 157 -35.14 -29.51 29.53
CA GLY B 157 -34.41 -30.75 29.72
C GLY B 157 -33.74 -31.36 28.51
N HIS B 158 -32.99 -32.43 28.73
CA HIS B 158 -32.23 -33.11 27.68
C HIS B 158 -32.89 -34.37 27.16
N SER B 159 -33.82 -34.97 27.88
CA SER B 159 -34.42 -36.24 27.47
C SER B 159 -35.90 -36.18 27.83
N VAL B 160 -36.74 -36.80 27.01
CA VAL B 160 -38.16 -36.75 27.24
C VAL B 160 -38.76 -38.16 27.06
N GLY B 161 -39.91 -38.37 27.67
CA GLY B 161 -40.58 -39.67 27.65
C GLY B 161 -42.05 -39.57 27.91
N ASN B 162 -42.66 -40.65 28.40
CA ASN B 162 -44.10 -40.76 28.60
C ASN B 162 -44.43 -40.89 30.07
N TYR B 163 -45.58 -40.33 30.47
CA TYR B 163 -46.08 -40.47 31.83
C TYR B 163 -46.83 -41.79 31.98
N THR B 164 -46.16 -42.80 32.52
CA THR B 164 -46.83 -44.07 32.78
C THR B 164 -47.42 -44.06 34.19
N PRO B 165 -48.60 -44.66 34.41
CA PRO B 165 -49.50 -45.32 33.45
C PRO B 165 -50.61 -44.42 32.95
N SER B 166 -50.35 -43.13 32.85
CA SER B 166 -51.31 -42.26 32.17
C SER B 166 -51.13 -42.45 30.67
N ASN B 167 -49.91 -42.81 30.26
CA ASN B 167 -49.48 -43.04 28.89
C ASN B 167 -49.69 -41.83 27.99
N ARG B 168 -49.58 -40.63 28.54
CA ARG B 168 -49.53 -39.42 27.76
C ARG B 168 -48.06 -39.00 27.59
N THR B 169 -47.80 -37.85 26.99
CA THR B 169 -46.44 -37.44 26.65
C THR B 169 -46.08 -36.17 27.39
N GLY B 170 -44.78 -35.91 27.48
CA GLY B 170 -44.27 -34.72 28.10
C GLY B 170 -43.56 -34.91 29.43
N ARG B 171 -42.91 -36.05 29.65
CA ARG B 171 -42.24 -36.33 30.90
C ARG B 171 -40.74 -36.20 30.70
N TYR B 172 -40.11 -35.36 31.51
CA TYR B 172 -38.67 -35.16 31.48
C TYR B 172 -38.01 -36.11 32.46
N LEU B 173 -37.16 -37.00 31.96
CA LEU B 173 -36.55 -38.02 32.81
C LEU B 173 -35.04 -37.99 32.73
N ASN B 174 -34.44 -37.06 33.47
CA ASN B 174 -33.13 -37.06 34.10
C ASN B 174 -33.13 -35.79 34.92
N HIS B 175 -31.96 -35.28 35.28
CA HIS B 175 -31.83 -33.92 35.77
C HIS B 175 -32.51 -32.92 34.85
N THR B 176 -33.37 -32.08 35.41
CA THR B 176 -34.22 -31.16 34.68
C THR B 176 -34.16 -29.79 35.33
N LEU B 177 -34.07 -28.75 34.51
CA LEU B 177 -34.00 -27.37 34.98
C LEU B 177 -35.40 -26.79 35.05
N VAL B 178 -35.76 -26.24 36.21
CA VAL B 178 -37.10 -25.73 36.46
C VAL B 178 -36.97 -24.25 36.78
N ILE B 179 -37.77 -23.41 36.14
CA ILE B 179 -37.77 -21.98 36.42
C ILE B 179 -39.18 -21.58 36.85
N LEU B 180 -39.31 -21.08 38.08
CA LEU B 180 -40.60 -20.82 38.68
C LEU B 180 -40.71 -19.38 39.17
N PRO B 181 -41.77 -18.66 38.85
CA PRO B 181 -42.05 -17.41 39.55
C PRO B 181 -42.93 -17.66 40.75
N ASP B 182 -42.71 -16.88 41.81
CA ASP B 182 -43.46 -17.08 43.03
C ASP B 182 -43.51 -15.80 43.84
N GLY B 183 -44.27 -15.82 44.93
CA GLY B 183 -44.38 -14.64 45.77
C GLY B 183 -45.21 -13.54 45.16
N CYS B 184 -46.26 -13.90 44.44
CA CYS B 184 -47.14 -12.99 43.70
C CYS B 184 -46.35 -12.13 42.71
N GLY B 185 -45.39 -12.78 42.06
CA GLY B 185 -44.55 -12.11 41.09
C GLY B 185 -43.42 -11.30 41.66
N THR B 186 -42.89 -11.67 42.83
CA THR B 186 -41.82 -10.91 43.46
C THR B 186 -40.55 -11.72 43.63
N ILE B 187 -40.58 -13.01 43.35
CA ILE B 187 -39.38 -13.84 43.52
C ILE B 187 -39.34 -14.86 42.40
N LEU B 188 -38.15 -15.33 42.10
CA LEU B 188 -37.90 -16.25 41.00
C LEU B 188 -36.94 -17.34 41.45
N HIS B 189 -37.39 -18.59 41.41
CA HIS B 189 -36.60 -19.74 41.79
C HIS B 189 -36.08 -20.45 40.55
N ALA B 190 -34.82 -20.88 40.63
CA ALA B 190 -34.21 -21.69 39.60
C ALA B 190 -33.52 -22.87 40.26
N PHE B 191 -33.88 -24.08 39.84
CA PHE B 191 -33.24 -25.25 40.44
C PHE B 191 -33.16 -26.36 39.42
N TYR B 192 -32.38 -27.38 39.74
CA TYR B 192 -31.95 -28.41 38.80
C TYR B 192 -31.97 -29.74 39.52
N CYS B 193 -33.07 -30.48 39.39
CA CYS B 193 -33.25 -31.70 40.16
C CYS B 193 -33.70 -32.82 39.24
N VAL B 194 -33.86 -33.99 39.81
CA VAL B 194 -34.57 -35.10 39.17
C VAL B 194 -36.00 -35.09 39.71
N LEU B 195 -36.96 -35.21 38.80
CA LEU B 195 -38.37 -35.16 39.15
C LEU B 195 -38.88 -36.58 39.26
N HIS B 196 -39.32 -36.97 40.44
CA HIS B 196 -39.98 -38.26 40.60
C HIS B 196 -41.48 -38.05 40.77
N PRO B 197 -42.32 -38.61 39.91
CA PRO B 197 -43.76 -38.44 40.06
C PRO B 197 -44.28 -39.18 41.28
N ARG B 198 -45.11 -38.51 42.07
CA ARG B 198 -45.59 -39.07 43.32
C ARG B 198 -46.70 -40.09 43.07
N THR B 199 -47.22 -40.66 44.15
CA THR B 199 -48.28 -41.67 44.07
C THR B 199 -49.40 -41.23 45.01
N GLN B 200 -50.28 -40.38 44.50
CA GLN B 200 -51.46 -39.91 45.23
C GLN B 200 -52.57 -39.84 44.20
N GLN B 201 -53.65 -39.12 44.51
CA GLN B 201 -54.74 -38.93 43.55
C GLN B 201 -54.29 -37.88 42.54
N ASN B 202 -54.06 -38.32 41.30
CA ASN B 202 -53.68 -37.48 40.15
C ASN B 202 -52.36 -36.74 40.35
N CYS B 203 -51.45 -37.28 41.16
CA CYS B 203 -50.13 -36.67 41.36
C CYS B 203 -49.10 -37.36 40.48
N ALA B 204 -49.39 -37.43 39.18
CA ALA B 204 -48.45 -37.62 38.07
C ALA B 204 -47.81 -39.00 37.95
N GLY B 205 -47.88 -39.83 38.99
CA GLY B 205 -47.60 -41.24 38.84
C GLY B 205 -48.89 -42.03 38.78
N GLU B 206 -49.75 -41.75 37.80
CA GLU B 206 -51.14 -42.18 37.94
C GLU B 206 -51.77 -42.70 36.65
N THR B 207 -52.79 -43.53 36.80
CA THR B 207 -53.70 -43.85 35.72
C THR B 207 -54.80 -42.82 35.56
N ASN B 208 -54.84 -41.82 36.44
CA ASN B 208 -55.85 -40.77 36.41
C ASN B 208 -55.25 -39.37 36.42
N PHE B 209 -53.99 -39.23 36.04
CA PHE B 209 -53.35 -37.93 35.96
C PHE B 209 -53.62 -37.28 34.60
N LYS B 210 -54.07 -36.03 34.63
CA LYS B 210 -54.51 -35.36 33.41
C LYS B 210 -53.41 -34.51 32.78
N SER B 211 -52.92 -33.50 33.50
CA SER B 211 -51.87 -32.61 33.02
C SER B 211 -51.31 -31.80 34.18
N LEU B 212 -50.02 -31.49 34.14
CA LEU B 212 -49.43 -30.64 35.16
C LEU B 212 -49.99 -29.23 35.06
N SER B 213 -50.48 -28.71 36.20
CA SER B 213 -51.11 -27.40 36.21
C SER B 213 -50.89 -26.79 37.59
N LEU B 214 -50.42 -25.55 37.60
CA LEU B 214 -50.13 -24.85 38.83
C LEU B 214 -51.21 -23.82 39.10
N TRP B 215 -51.25 -23.35 40.35
CA TRP B 215 -52.34 -22.51 40.81
C TRP B 215 -51.86 -21.67 41.96
N ASP B 216 -52.56 -20.56 42.20
CA ASP B 216 -52.35 -19.73 43.37
C ASP B 216 -53.70 -19.37 43.96
N THR B 217 -53.75 -19.22 45.28
CA THR B 217 -54.93 -18.66 45.92
C THR B 217 -54.56 -17.30 46.49
N PRO B 218 -54.77 -16.22 45.72
CA PRO B 218 -54.21 -14.92 46.14
C PRO B 218 -54.98 -14.25 47.26
N ALA B 219 -56.20 -14.73 47.55
CA ALA B 219 -56.94 -14.23 48.71
C ALA B 219 -56.28 -14.68 50.00
N SER B 220 -55.50 -15.76 49.96
CA SER B 220 -54.65 -16.19 51.06
C SER B 220 -53.18 -15.87 50.85
N ASP B 221 -52.66 -16.13 49.66
CA ASP B 221 -51.23 -15.96 49.41
C ASP B 221 -50.82 -14.51 49.20
N CYS B 222 -51.62 -13.74 48.47
CA CYS B 222 -51.24 -12.38 48.08
C CYS B 222 -51.91 -11.34 48.96
N VAL B 223 -52.08 -11.68 50.23
CA VAL B 223 -52.45 -10.70 51.25
C VAL B 223 -51.30 -9.72 51.40
N SER B 224 -51.61 -8.43 51.40
CA SER B 224 -50.60 -7.39 51.27
C SER B 224 -49.67 -7.35 52.48
N GLY B 225 -48.36 -7.38 52.20
CA GLY B 225 -47.36 -7.48 53.23
C GLY B 225 -46.96 -8.88 53.62
N SER B 226 -47.79 -9.88 53.33
CA SER B 226 -47.56 -11.25 53.78
C SER B 226 -47.59 -12.20 52.58
N TYR B 227 -46.84 -11.84 51.54
CA TYR B 227 -46.71 -12.69 50.36
C TYR B 227 -45.99 -13.99 50.72
N ASN B 228 -46.64 -15.12 50.43
CA ASN B 228 -46.01 -16.42 50.63
C ASN B 228 -45.07 -16.71 49.47
N GLN B 229 -43.76 -16.63 49.73
CA GLN B 229 -42.77 -16.79 48.68
C GLN B 229 -42.36 -18.24 48.45
N GLU B 230 -43.17 -19.20 48.86
CA GLU B 230 -42.95 -20.61 48.55
C GLU B 230 -44.25 -21.30 48.15
N ALA B 231 -45.22 -20.55 47.66
CA ALA B 231 -46.54 -21.11 47.41
C ALA B 231 -46.55 -21.97 46.16
N THR B 232 -46.10 -21.40 45.03
CA THR B 232 -46.03 -22.15 43.79
C THR B 232 -45.01 -23.27 43.85
N LEU B 233 -43.94 -23.09 44.62
CA LEU B 233 -42.99 -24.15 44.90
C LEU B 233 -43.65 -25.29 45.66
N GLY B 234 -44.55 -24.96 46.59
CA GLY B 234 -45.29 -25.96 47.32
C GLY B 234 -46.25 -26.74 46.44
N ALA B 235 -46.95 -26.00 45.56
CA ALA B 235 -47.84 -26.64 44.60
C ALA B 235 -47.06 -27.50 43.61
N PHE B 236 -45.81 -27.14 43.34
CA PHE B 236 -44.94 -27.96 42.51
C PHE B 236 -44.49 -29.22 43.25
N LYS B 237 -44.17 -29.08 44.54
CA LYS B 237 -43.77 -30.21 45.38
C LYS B 237 -44.90 -31.20 45.62
N VAL B 238 -46.15 -30.76 45.49
CA VAL B 238 -47.26 -31.72 45.57
C VAL B 238 -47.25 -32.67 44.37
N TYR B 239 -46.82 -32.21 43.20
CA TYR B 239 -46.77 -33.06 42.02
C TYR B 239 -45.55 -33.98 41.97
N PHE B 240 -44.39 -33.51 42.43
CA PHE B 240 -43.14 -34.21 42.21
C PHE B 240 -42.35 -34.30 43.50
N ASP B 241 -41.42 -35.25 43.55
CA ASP B 241 -40.37 -35.26 44.53
C ASP B 241 -39.08 -34.80 43.88
N LEU B 242 -38.35 -33.94 44.59
CA LEU B 242 -37.14 -33.32 44.07
C LEU B 242 -35.93 -34.10 44.58
N ILE B 243 -35.38 -34.94 43.71
CA ILE B 243 -34.28 -35.82 44.06
C ILE B 243 -32.97 -35.21 43.56
N ASN B 244 -31.99 -35.10 44.44
CA ASN B 244 -30.58 -34.83 44.11
C ASN B 244 -30.41 -33.47 43.43
N CYS B 245 -30.91 -32.44 44.09
CA CYS B 245 -30.84 -31.09 43.53
C CYS B 245 -29.43 -30.56 43.65
N THR B 246 -28.86 -30.14 42.52
CA THR B 246 -27.48 -29.69 42.47
C THR B 246 -27.32 -28.20 42.76
N PHE B 247 -28.31 -27.37 42.43
CA PHE B 247 -28.27 -25.99 42.88
C PHE B 247 -29.71 -25.50 43.07
N ARG B 248 -29.82 -24.33 43.69
CA ARG B 248 -31.11 -23.68 43.91
C ARG B 248 -30.84 -22.20 44.16
N TYR B 249 -31.31 -21.35 43.25
CA TYR B 249 -31.06 -19.92 43.29
C TYR B 249 -32.38 -19.15 43.35
N ASN B 250 -32.30 -17.94 43.89
CA ASN B 250 -33.45 -17.06 44.04
C ASN B 250 -33.09 -15.65 43.59
N TYR B 251 -34.04 -15.00 42.94
CA TYR B 251 -33.86 -13.63 42.47
C TYR B 251 -35.10 -12.83 42.84
N THR B 252 -34.90 -11.58 43.24
CA THR B 252 -35.99 -10.76 43.76
C THR B 252 -36.45 -9.76 42.71
N ILE B 253 -37.75 -9.76 42.43
CA ILE B 253 -38.37 -8.86 41.47
C ILE B 253 -39.24 -7.87 42.23
N THR B 254 -39.61 -6.76 41.58
CA THR B 254 -40.49 -5.76 42.16
C THR B 254 -41.81 -5.80 41.42
N GLU B 255 -42.91 -5.90 42.17
CA GLU B 255 -44.23 -6.01 41.56
C GLU B 255 -44.65 -4.67 40.96
N ASP B 256 -44.67 -4.63 39.63
CA ASP B 256 -45.23 -3.50 38.89
C ASP B 256 -45.61 -4.03 37.51
N GLU B 257 -46.60 -3.39 36.90
CA GLU B 257 -47.17 -3.90 35.66
C GLU B 257 -47.01 -2.85 34.56
N ASN B 258 -45.92 -2.91 33.81
CA ASN B 258 -45.91 -2.12 32.59
C ASN B 258 -45.81 -2.96 31.34
N ALA B 259 -44.62 -3.51 31.07
CA ALA B 259 -44.29 -4.40 29.96
C ALA B 259 -42.85 -4.82 30.13
N GLU B 260 -42.52 -6.09 29.91
CA GLU B 260 -41.12 -6.46 30.02
C GLU B 260 -40.79 -7.62 29.09
N TRP B 261 -39.49 -7.92 29.03
CA TRP B 261 -38.96 -8.98 28.19
C TRP B 261 -38.11 -9.89 29.05
N PHE B 262 -38.08 -11.17 28.69
CA PHE B 262 -37.27 -12.14 29.40
C PHE B 262 -36.68 -13.11 28.40
N GLY B 263 -35.38 -13.33 28.43
CA GLY B 263 -34.73 -14.19 27.47
C GLY B 263 -33.89 -15.25 28.15
N ILE B 264 -33.64 -16.33 27.41
CA ILE B 264 -32.79 -17.40 27.91
C ILE B 264 -32.03 -18.04 26.76
N THR B 265 -30.70 -18.14 26.90
CA THR B 265 -29.83 -18.83 25.96
C THR B 265 -28.91 -19.79 26.70
N GLN B 266 -28.09 -20.53 25.96
CA GLN B 266 -27.16 -21.48 26.55
C GLN B 266 -25.86 -21.54 25.76
N ASP B 267 -24.73 -21.60 26.46
CA ASP B 267 -23.45 -21.90 25.83
C ASP B 267 -22.58 -22.64 26.84
N THR B 268 -21.27 -22.69 26.56
CA THR B 268 -20.35 -23.47 27.38
C THR B 268 -20.07 -22.86 28.75
N GLN B 269 -20.57 -21.66 29.03
CA GLN B 269 -20.50 -21.16 30.39
C GLN B 269 -21.76 -21.44 31.18
N GLY B 270 -22.75 -22.07 30.56
CA GLY B 270 -23.97 -22.42 31.26
C GLY B 270 -25.16 -21.84 30.56
N VAL B 271 -26.23 -21.67 31.33
CA VAL B 271 -27.48 -21.12 30.83
C VAL B 271 -27.57 -19.67 31.27
N HIS B 272 -27.71 -18.74 30.34
CA HIS B 272 -27.81 -17.34 30.66
C HIS B 272 -29.25 -16.87 30.62
N LEU B 273 -29.63 -16.09 31.61
CA LEU B 273 -30.94 -15.48 31.70
C LEU B 273 -30.80 -13.97 31.55
N TYR B 274 -31.68 -13.38 30.76
CA TYR B 274 -31.65 -11.95 30.45
C TYR B 274 -33.00 -11.35 30.80
N SER B 275 -32.98 -10.10 31.25
CA SER B 275 -34.23 -9.46 31.61
C SER B 275 -34.23 -8.01 31.12
N SER B 276 -35.42 -7.52 30.82
CA SER B 276 -35.57 -6.11 30.45
C SER B 276 -35.69 -5.23 31.68
N ARG B 277 -35.96 -5.82 32.83
CA ARG B 277 -36.06 -5.07 34.07
C ARG B 277 -34.71 -4.62 34.56
N LYS B 278 -33.64 -5.25 34.05
CA LYS B 278 -32.29 -4.94 34.49
C LYS B 278 -31.86 -3.57 34.00
N GLU B 279 -31.42 -2.75 34.96
CA GLU B 279 -30.76 -1.45 34.84
C GLU B 279 -31.67 -0.29 34.40
N ASN B 280 -32.85 -0.61 33.85
CA ASN B 280 -33.96 0.31 33.60
C ASN B 280 -35.15 -0.51 33.15
N VAL B 281 -36.32 -0.33 33.80
CA VAL B 281 -37.48 -1.11 33.38
C VAL B 281 -38.17 -0.47 32.18
N PHE B 282 -37.86 0.79 31.88
CA PHE B 282 -38.61 1.57 30.91
C PHE B 282 -38.16 1.38 29.47
N ARG B 283 -37.27 0.44 29.17
CA ARG B 283 -36.76 0.27 27.81
C ARG B 283 -37.07 -1.15 27.31
N ASN B 284 -36.55 -1.46 26.13
CA ASN B 284 -36.73 -2.75 25.51
C ASN B 284 -35.49 -3.63 25.56
N ASN B 285 -34.36 -3.11 26.01
CA ASN B 285 -33.13 -3.87 25.96
C ASN B 285 -33.09 -4.89 27.08
N MET B 286 -32.56 -6.05 26.78
CA MET B 286 -32.42 -7.13 27.74
C MET B 286 -30.98 -7.20 28.19
N PHE B 287 -30.77 -7.26 29.50
CA PHE B 287 -29.43 -7.30 30.07
C PHE B 287 -29.25 -8.58 30.86
N HIS B 288 -28.01 -9.05 30.89
CA HIS B 288 -27.65 -10.29 31.55
C HIS B 288 -27.70 -10.14 33.06
N PHE B 289 -28.37 -11.09 33.73
CA PHE B 289 -28.43 -11.04 35.18
C PHE B 289 -28.17 -12.38 35.87
N ALA B 290 -28.05 -13.48 35.15
CA ALA B 290 -27.87 -14.77 35.80
C ALA B 290 -27.21 -15.78 34.89
N THR B 291 -26.29 -16.58 35.44
CA THR B 291 -25.72 -17.72 34.76
C THR B 291 -25.91 -18.95 35.64
N LEU B 292 -26.41 -20.00 35.07
CA LEU B 292 -26.71 -21.24 35.79
C LEU B 292 -25.79 -22.35 35.32
N PRO B 293 -25.17 -23.12 36.22
CA PRO B 293 -24.24 -24.16 35.82
C PRO B 293 -24.88 -25.40 35.24
N VAL B 294 -25.42 -25.30 34.03
CA VAL B 294 -26.00 -26.42 33.30
C VAL B 294 -25.19 -26.56 32.03
N TYR B 295 -24.29 -27.55 32.00
CA TYR B 295 -23.33 -27.64 30.91
C TYR B 295 -23.70 -28.67 29.85
N GLN B 296 -24.61 -29.58 30.14
CA GLN B 296 -25.10 -30.44 29.09
C GLN B 296 -26.07 -29.69 28.20
N LYS B 297 -26.20 -30.14 26.96
CA LYS B 297 -26.95 -29.40 25.95
C LYS B 297 -28.44 -29.60 26.16
N ILE B 298 -29.15 -28.52 26.43
CA ILE B 298 -30.60 -28.55 26.56
C ILE B 298 -31.22 -28.73 25.18
N LEU B 299 -32.12 -29.68 25.04
CA LEU B 299 -32.80 -29.92 23.78
C LEU B 299 -34.26 -29.52 23.77
N TYR B 300 -34.98 -29.66 24.89
CA TYR B 300 -36.42 -29.45 24.89
C TYR B 300 -36.82 -28.49 26.00
N TYR B 301 -37.94 -27.82 25.80
CA TYR B 301 -38.56 -27.03 26.86
C TYR B 301 -40.06 -27.19 26.81
N THR B 302 -40.72 -26.70 27.85
CA THR B 302 -42.15 -26.87 28.04
C THR B 302 -42.66 -25.74 28.93
N VAL B 303 -43.72 -25.09 28.48
CA VAL B 303 -44.39 -24.05 29.25
C VAL B 303 -45.40 -24.71 30.17
N ILE B 304 -45.31 -24.44 31.47
CA ILE B 304 -46.16 -25.09 32.47
C ILE B 304 -47.48 -24.32 32.52
N PRO B 305 -48.63 -24.96 32.31
CA PRO B 305 -49.91 -24.25 32.35
C PRO B 305 -50.25 -23.81 33.76
N ARG B 306 -50.64 -22.54 33.89
CA ARG B 306 -51.09 -22.03 35.17
C ARG B 306 -52.58 -21.72 35.11
N SER B 307 -53.21 -21.66 36.28
CA SER B 307 -54.62 -21.31 36.41
C SER B 307 -54.83 -20.73 37.80
N ILE B 308 -54.96 -19.41 37.88
CA ILE B 308 -55.01 -18.71 39.16
C ILE B 308 -56.39 -18.89 39.79
N ARG B 309 -56.42 -19.50 40.98
CA ARG B 309 -57.66 -19.69 41.73
C ARG B 309 -58.02 -18.41 42.50
N SER B 310 -58.47 -17.42 41.75
CA SER B 310 -59.03 -16.23 42.36
C SER B 310 -60.43 -16.54 42.86
N PRO B 311 -60.96 -15.75 43.80
CA PRO B 311 -62.39 -15.87 44.14
C PRO B 311 -63.28 -15.50 42.97
N PHE B 312 -64.51 -16.03 42.98
CA PHE B 312 -65.43 -15.83 41.86
C PHE B 312 -65.86 -14.39 41.72
N ASN B 313 -65.91 -13.65 42.83
CA ASN B 313 -66.24 -12.23 42.79
C ASN B 313 -65.10 -11.37 42.26
N ASP B 314 -63.86 -11.85 42.36
CA ASP B 314 -62.67 -11.06 42.02
C ASP B 314 -61.95 -11.69 40.84
N ARG B 315 -62.70 -12.10 39.83
CA ARG B 315 -62.10 -12.69 38.64
C ARG B 315 -61.34 -11.64 37.84
N LYS B 316 -60.05 -11.88 37.63
CA LYS B 316 -59.15 -10.98 36.95
C LYS B 316 -58.86 -11.48 35.54
N ALA B 317 -58.25 -10.62 34.74
CA ALA B 317 -57.75 -10.99 33.43
C ALA B 317 -56.23 -10.92 33.43
N TRP B 318 -55.60 -11.86 32.72
CA TRP B 318 -54.15 -11.97 32.67
C TRP B 318 -53.68 -11.85 31.24
N ALA B 319 -52.63 -11.06 31.02
CA ALA B 319 -52.18 -10.81 29.67
C ALA B 319 -51.36 -11.98 29.15
N ALA B 320 -51.72 -12.46 27.96
CA ALA B 320 -51.00 -13.52 27.28
C ALA B 320 -49.55 -13.13 27.04
N PHE B 321 -48.67 -14.11 27.00
CA PHE B 321 -47.28 -13.81 26.70
C PHE B 321 -46.89 -14.43 25.38
N TYR B 322 -45.78 -13.98 24.82
CA TYR B 322 -45.40 -14.39 23.48
C TYR B 322 -43.96 -14.88 23.47
N ILE B 323 -43.72 -15.99 22.78
CA ILE B 323 -42.40 -16.60 22.70
C ILE B 323 -41.90 -16.51 21.27
N TYR B 324 -40.69 -15.97 21.11
CA TYR B 324 -40.03 -15.83 19.82
C TYR B 324 -38.68 -16.53 19.85
N LYS B 325 -38.39 -17.27 18.78
CA LYS B 325 -37.17 -18.05 18.68
C LYS B 325 -36.01 -17.18 18.23
N LEU B 326 -34.81 -17.52 18.68
CA LEU B 326 -33.61 -16.78 18.32
C LEU B 326 -32.87 -17.51 17.21
N HIS B 327 -32.27 -16.75 16.31
CA HIS B 327 -31.60 -17.25 15.12
C HIS B 327 -30.22 -16.63 15.00
N PRO B 328 -29.28 -17.31 14.34
CA PRO B 328 -27.95 -16.72 14.13
C PRO B 328 -27.93 -15.70 13.00
N LEU B 329 -28.23 -14.44 13.31
CA LEU B 329 -28.43 -13.42 12.29
C LEU B 329 -27.40 -12.31 12.41
N THR B 330 -27.29 -11.53 11.34
CA THR B 330 -26.59 -10.26 11.31
C THR B 330 -27.57 -9.12 11.49
N TYR B 331 -27.21 -8.17 12.35
CA TYR B 331 -28.08 -7.05 12.70
C TYR B 331 -27.29 -5.76 12.62
N LEU B 332 -27.99 -4.67 12.40
CA LEU B 332 -27.43 -3.34 12.49
C LEU B 332 -28.06 -2.63 13.67
N LEU B 333 -27.24 -2.14 14.60
CA LEU B 333 -27.71 -1.63 15.87
C LEU B 333 -27.29 -0.18 16.02
N ASN B 334 -28.21 0.66 16.52
CA ASN B 334 -27.95 2.08 16.74
C ASN B 334 -28.03 2.41 18.23
N PHE B 335 -26.97 2.98 18.77
CA PHE B 335 -26.85 3.29 20.19
C PHE B 335 -27.07 4.79 20.40
N ASP B 336 -28.00 5.16 21.29
CA ASP B 336 -28.29 6.57 21.49
C ASP B 336 -27.33 7.20 22.48
N VAL B 337 -27.61 8.44 22.91
CA VAL B 337 -26.75 9.18 23.82
C VAL B 337 -26.73 8.54 25.19
N GLU B 338 -27.86 8.04 25.67
CA GLU B 338 -27.94 7.39 26.97
C GLU B 338 -27.33 6.01 26.98
N GLY B 339 -27.05 5.43 25.83
CA GLY B 339 -26.40 4.14 25.74
C GLY B 339 -27.30 3.00 25.32
N TYR B 340 -28.58 3.25 25.14
CA TYR B 340 -29.55 2.19 24.87
C TYR B 340 -29.71 2.00 23.37
N ILE B 341 -29.91 0.76 22.95
CA ILE B 341 -30.16 0.49 21.54
C ILE B 341 -31.55 1.00 21.19
N THR B 342 -31.60 1.97 20.28
CA THR B 342 -32.85 2.59 19.89
C THR B 342 -33.51 1.92 18.71
N LYS B 343 -32.74 1.52 17.70
CA LYS B 343 -33.32 0.83 16.56
C LYS B 343 -32.31 -0.15 15.99
N ALA B 344 -32.84 -1.14 15.28
CA ALA B 344 -32.06 -2.22 14.71
C ALA B 344 -32.59 -2.51 13.31
N VAL B 345 -31.77 -3.23 12.54
CA VAL B 345 -32.13 -3.64 11.19
C VAL B 345 -31.70 -5.09 11.00
N ASP B 346 -32.66 -5.95 10.66
CA ASP B 346 -32.40 -7.33 10.26
C ASP B 346 -31.94 -7.32 8.83
N CYS B 347 -30.69 -7.72 8.58
CA CYS B 347 -30.06 -7.36 7.32
C CYS B 347 -30.32 -8.37 6.23
N GLY B 348 -31.34 -9.19 6.37
CA GLY B 348 -31.58 -10.20 5.37
C GLY B 348 -33.05 -10.27 5.07
N TYR B 349 -33.80 -9.32 5.61
CA TYR B 349 -35.24 -9.32 5.51
C TYR B 349 -35.72 -8.87 4.14
N ASP B 350 -35.34 -7.68 3.70
CA ASP B 350 -35.65 -7.23 2.35
C ASP B 350 -34.46 -6.45 1.79
N ASP B 351 -34.67 -5.73 0.70
CA ASP B 351 -33.58 -5.08 -0.01
C ASP B 351 -33.20 -3.72 0.55
N LEU B 352 -34.14 -2.99 1.16
CA LEU B 352 -33.77 -1.78 1.88
C LEU B 352 -32.88 -2.09 3.07
N ALA B 353 -33.12 -3.22 3.73
CA ALA B 353 -32.28 -3.64 4.83
C ALA B 353 -30.90 -4.07 4.36
N GLN B 354 -30.81 -4.73 3.21
CA GLN B 354 -29.52 -5.03 2.61
C GLN B 354 -28.76 -3.79 2.19
N LEU B 355 -29.45 -2.75 1.73
CA LEU B 355 -28.82 -1.47 1.45
C LEU B 355 -28.27 -0.81 2.71
N GLN B 356 -29.09 -0.77 3.77
CA GLN B 356 -28.68 -0.15 5.03
C GLN B 356 -27.52 -0.89 5.68
N CYS B 357 -27.49 -2.21 5.57
CA CYS B 357 -26.39 -2.95 6.18
C CYS B 357 -25.17 -3.01 5.28
N SER B 358 -25.33 -2.84 3.97
CA SER B 358 -24.21 -2.82 3.06
C SER B 358 -23.48 -1.49 3.06
N TYR B 359 -24.17 -0.39 3.37
CA TYR B 359 -23.50 0.90 3.47
C TYR B 359 -23.36 1.38 4.91
N GLU B 360 -23.93 0.66 5.88
CA GLU B 360 -23.74 0.81 7.33
C GLU B 360 -24.16 2.19 7.81
N SER B 361 -25.40 2.52 7.49
CA SER B 361 -26.03 3.76 7.93
C SER B 361 -27.53 3.59 7.85
N PHE B 362 -28.25 4.36 8.64
CA PHE B 362 -29.71 4.32 8.63
C PHE B 362 -30.34 5.35 7.70
N GLU B 363 -29.65 6.43 7.36
CA GLU B 363 -30.15 7.45 6.46
C GLU B 363 -29.37 7.33 5.15
N VAL B 364 -30.09 7.18 4.03
CA VAL B 364 -29.48 6.55 2.86
C VAL B 364 -29.45 7.42 1.62
N GLU B 365 -30.07 8.62 1.59
CA GLU B 365 -29.80 9.62 0.56
C GLU B 365 -30.12 9.22 -0.88
N THR B 366 -31.38 9.39 -1.33
CA THR B 366 -32.00 8.87 -2.56
C THR B 366 -31.06 8.62 -3.74
N GLY B 367 -31.13 7.41 -4.29
CA GLY B 367 -30.17 7.04 -5.31
C GLY B 367 -30.44 5.63 -5.82
N VAL B 368 -29.46 5.11 -6.56
CA VAL B 368 -29.48 3.75 -7.07
C VAL B 368 -28.18 3.09 -6.63
N TYR B 369 -28.29 2.02 -5.84
CA TYR B 369 -27.13 1.47 -5.13
C TYR B 369 -26.96 0.00 -5.46
N SER B 370 -25.71 -0.45 -5.49
CA SER B 370 -25.44 -1.87 -5.63
C SER B 370 -25.14 -2.47 -4.27
N VAL B 371 -25.74 -3.63 -3.98
CA VAL B 371 -25.74 -4.15 -2.62
C VAL B 371 -25.14 -5.55 -2.55
N SER B 372 -24.88 -5.97 -1.32
CA SER B 372 -24.34 -7.28 -0.99
C SER B 372 -25.43 -8.18 -0.42
N SER B 373 -25.10 -9.45 -0.24
CA SER B 373 -26.05 -10.47 0.22
C SER B 373 -25.75 -10.83 1.67
N PHE B 374 -26.79 -10.86 2.50
CA PHE B 374 -26.67 -11.27 3.89
C PHE B 374 -27.61 -12.42 4.25
N GLU B 375 -28.00 -13.24 3.30
CA GLU B 375 -28.89 -14.34 3.63
C GLU B 375 -28.11 -15.63 3.86
N ALA B 376 -28.72 -16.54 4.62
CA ALA B 376 -28.07 -17.77 5.05
C ALA B 376 -28.12 -18.83 3.97
N SER B 377 -29.32 -19.28 3.54
CA SER B 377 -29.57 -20.22 2.45
C SER B 377 -28.85 -21.55 2.67
N PRO B 378 -29.37 -22.42 3.55
CA PRO B 378 -28.65 -23.64 3.95
C PRO B 378 -28.36 -24.59 2.78
N ARG B 379 -27.15 -25.14 2.79
CA ARG B 379 -26.62 -25.81 1.61
C ARG B 379 -26.89 -27.30 1.58
N GLY B 380 -26.44 -27.96 0.52
CA GLY B 380 -26.62 -29.39 0.40
C GLY B 380 -25.26 -30.05 0.27
N GLU B 381 -25.19 -31.05 -0.60
CA GLU B 381 -23.98 -31.86 -0.73
C GLU B 381 -23.95 -32.52 -2.08
N PHE B 382 -22.80 -32.50 -2.74
CA PHE B 382 -22.60 -33.12 -4.04
C PHE B 382 -21.24 -33.80 -4.00
N ILE B 383 -21.22 -35.07 -3.65
CA ILE B 383 -19.98 -35.82 -3.54
C ILE B 383 -19.95 -36.88 -4.65
N GLU B 384 -18.82 -36.95 -5.34
CA GLU B 384 -18.70 -37.81 -6.51
C GLU B 384 -17.23 -38.17 -6.67
N GLN B 385 -16.87 -39.39 -6.25
CA GLN B 385 -15.52 -39.90 -6.43
C GLN B 385 -15.59 -41.28 -7.07
N ALA B 386 -14.45 -41.74 -7.56
CA ALA B 386 -14.38 -42.97 -8.35
C ALA B 386 -14.04 -44.16 -7.47
N THR B 387 -14.38 -45.35 -7.97
CA THR B 387 -14.17 -46.59 -7.23
C THR B 387 -12.91 -47.28 -7.71
N THR B 388 -12.12 -47.78 -6.76
CA THR B 388 -10.86 -48.42 -7.07
C THR B 388 -10.63 -49.54 -6.06
N GLN B 389 -9.42 -50.08 -6.05
CA GLN B 389 -9.03 -51.14 -5.14
C GLN B 389 -8.43 -50.56 -3.87
N GLU B 390 -8.20 -51.42 -2.89
CA GLU B 390 -7.55 -50.99 -1.67
C GLU B 390 -6.04 -50.91 -1.86
N CYS B 391 -5.43 -49.89 -1.26
CA CYS B 391 -3.98 -49.79 -1.22
C CYS B 391 -3.47 -50.83 -0.24
N ASP B 392 -2.33 -51.44 -0.56
CA ASP B 392 -1.80 -52.53 0.24
C ASP B 392 -0.69 -52.03 1.15
N PHE B 393 -0.97 -51.99 2.45
CA PHE B 393 0.05 -51.69 3.45
C PHE B 393 0.66 -52.95 4.05
N THR B 394 0.52 -54.08 3.37
CA THR B 394 1.05 -55.34 3.87
C THR B 394 2.57 -55.45 3.90
N PRO B 395 3.37 -54.81 3.01
CA PRO B 395 4.81 -54.79 3.28
C PRO B 395 5.24 -53.70 4.25
N MET B 396 4.51 -53.54 5.35
CA MET B 396 4.88 -52.65 6.44
C MET B 396 4.63 -53.39 7.74
N LEU B 397 3.77 -54.40 7.66
CA LEU B 397 3.33 -55.15 8.82
C LEU B 397 3.88 -56.56 8.85
N THR B 398 4.73 -56.92 7.89
CA THR B 398 5.28 -58.27 7.83
C THR B 398 6.76 -58.24 7.52
N GLY B 399 7.59 -58.71 8.43
CA GLY B 399 9.00 -58.82 8.20
C GLY B 399 9.77 -58.00 9.21
N THR B 400 11.03 -57.74 8.89
CA THR B 400 11.89 -56.95 9.74
C THR B 400 12.01 -55.56 9.16
N PRO B 401 11.81 -54.50 9.93
CA PRO B 401 11.94 -53.16 9.38
C PRO B 401 13.41 -52.84 9.12
N PRO B 402 13.71 -52.13 8.05
CA PRO B 402 15.09 -51.95 7.63
C PRO B 402 15.79 -50.90 8.45
N PRO B 403 17.12 -50.78 8.35
CA PRO B 403 17.81 -49.66 9.00
C PRO B 403 17.55 -48.33 8.32
N ILE B 404 17.94 -47.25 9.00
CA ILE B 404 17.56 -45.89 8.59
C ILE B 404 18.24 -45.51 7.27
N TYR B 405 19.49 -45.93 7.08
CA TYR B 405 20.20 -45.63 5.86
C TYR B 405 19.75 -46.46 4.69
N ASN B 406 18.98 -47.51 4.95
CA ASN B 406 18.46 -48.39 3.93
C ASN B 406 16.95 -48.47 4.08
N PHE B 407 16.29 -47.31 4.23
CA PHE B 407 14.87 -47.24 4.51
C PHE B 407 14.05 -47.77 3.34
N LYS B 408 12.78 -48.03 3.60
CA LYS B 408 11.91 -48.58 2.56
C LYS B 408 10.88 -47.54 2.14
N ARG B 409 10.56 -47.51 0.86
CA ARG B 409 9.67 -46.51 0.29
C ARG B 409 8.53 -47.18 -0.47
N LEU B 410 7.32 -46.72 -0.20
CA LEU B 410 6.12 -47.21 -0.87
C LEU B 410 5.39 -46.02 -1.47
N VAL B 411 5.02 -46.11 -2.75
CA VAL B 411 4.29 -45.04 -3.42
C VAL B 411 2.98 -45.61 -3.93
N PHE B 412 1.88 -44.98 -3.56
CA PHE B 412 0.54 -45.43 -3.93
C PHE B 412 -0.13 -44.40 -4.82
N THR B 413 -0.69 -44.89 -5.91
CA THR B 413 -1.53 -44.13 -6.82
C THR B 413 -2.71 -45.01 -7.19
N ASN B 414 -3.86 -44.37 -7.42
CA ASN B 414 -5.09 -44.99 -7.95
C ASN B 414 -5.62 -46.10 -7.04
N CYS B 415 -5.85 -45.75 -5.77
CA CYS B 415 -6.38 -46.73 -4.84
C CYS B 415 -7.12 -46.05 -3.70
N ASN B 416 -7.73 -46.90 -2.87
CA ASN B 416 -8.45 -46.49 -1.68
C ASN B 416 -7.65 -46.89 -0.46
N TYR B 417 -7.49 -45.98 0.48
CA TYR B 417 -6.71 -46.25 1.68
C TYR B 417 -7.59 -46.19 2.92
N ASN B 418 -7.16 -46.88 3.96
CA ASN B 418 -7.79 -46.85 5.27
C ASN B 418 -6.65 -46.65 6.26
N LEU B 419 -6.38 -45.39 6.59
CA LEU B 419 -5.27 -45.06 7.49
C LEU B 419 -5.58 -45.41 8.93
N THR B 420 -6.86 -45.51 9.29
CA THR B 420 -7.26 -45.90 10.64
C THR B 420 -6.83 -47.32 10.96
N LYS B 421 -7.01 -48.22 9.99
CA LYS B 421 -6.62 -49.63 10.12
C LYS B 421 -5.13 -49.77 10.33
N LEU B 422 -4.34 -48.94 9.66
CA LEU B 422 -2.90 -48.95 9.82
C LEU B 422 -2.48 -48.41 11.18
N LEU B 423 -2.98 -47.24 11.55
CA LEU B 423 -2.53 -46.63 12.79
C LEU B 423 -3.11 -47.28 14.04
N SER B 424 -4.10 -48.15 13.88
CA SER B 424 -4.65 -48.86 15.03
C SER B 424 -3.73 -49.94 15.56
N LEU B 425 -2.73 -50.36 14.80
CA LEU B 425 -1.85 -51.45 15.16
C LEU B 425 -0.62 -51.01 15.93
N PHE B 426 -0.42 -49.72 16.12
CA PHE B 426 0.82 -49.21 16.70
C PHE B 426 0.47 -48.38 17.92
N GLN B 427 1.48 -48.00 18.68
CA GLN B 427 1.32 -47.05 19.77
C GLN B 427 2.07 -45.79 19.41
N VAL B 428 1.34 -44.76 19.02
CA VAL B 428 1.96 -43.53 18.56
C VAL B 428 2.40 -42.69 19.75
N SER B 429 3.61 -42.18 19.67
CA SER B 429 4.10 -41.26 20.68
C SER B 429 4.49 -39.91 20.11
N GLU B 430 4.40 -39.69 18.80
CA GLU B 430 4.71 -38.43 18.17
C GLU B 430 4.02 -38.38 16.82
N PHE B 431 3.43 -37.26 16.46
CA PHE B 431 2.72 -37.10 15.20
C PHE B 431 2.87 -35.64 14.79
N SER B 432 3.89 -35.33 14.02
CA SER B 432 4.26 -33.96 13.70
C SER B 432 4.14 -33.71 12.20
N CYS B 433 3.30 -32.75 11.83
CA CYS B 433 2.93 -32.58 10.43
C CYS B 433 3.27 -31.17 9.95
N HIS B 434 3.20 -31.00 8.63
CA HIS B 434 3.63 -29.79 7.94
C HIS B 434 2.74 -29.59 6.73
N GLN B 435 1.99 -28.48 6.73
CA GLN B 435 1.01 -28.04 5.73
C GLN B 435 -0.20 -28.95 5.63
N VAL B 436 -0.42 -29.81 6.63
CA VAL B 436 -1.60 -30.66 6.71
C VAL B 436 -1.73 -31.00 8.19
N SER B 437 -2.90 -31.41 8.63
CA SER B 437 -3.04 -31.86 9.99
C SER B 437 -3.11 -33.39 10.02
N PRO B 438 -2.86 -34.03 11.16
CA PRO B 438 -3.05 -35.49 11.24
C PRO B 438 -4.47 -35.94 11.05
N SER B 439 -5.45 -35.10 11.38
CA SER B 439 -6.84 -35.47 11.22
C SER B 439 -7.32 -35.35 9.80
N SER B 440 -6.81 -34.40 9.05
CA SER B 440 -7.14 -34.23 7.65
C SER B 440 -6.42 -35.20 6.74
N LEU B 441 -5.38 -35.86 7.24
CA LEU B 441 -4.63 -36.84 6.47
C LEU B 441 -5.44 -38.08 6.15
N ALA B 442 -6.43 -38.39 6.96
CA ALA B 442 -7.25 -39.58 6.76
C ALA B 442 -8.56 -39.28 6.03
N THR B 443 -8.71 -38.11 5.44
CA THR B 443 -9.97 -37.74 4.79
C THR B 443 -9.78 -37.11 3.41
N GLY B 444 -8.54 -36.82 3.00
CA GLY B 444 -8.29 -36.10 1.78
C GLY B 444 -8.08 -37.01 0.58
N CYS B 445 -8.24 -36.43 -0.60
CA CYS B 445 -7.98 -37.14 -1.86
C CYS B 445 -6.73 -36.55 -2.48
N TYR B 446 -5.76 -37.41 -2.81
CA TYR B 446 -4.45 -36.97 -3.28
C TYR B 446 -4.18 -37.57 -4.64
N SER B 447 -3.14 -37.06 -5.29
CA SER B 447 -2.68 -37.65 -6.54
C SER B 447 -1.63 -38.73 -6.33
N SER B 448 -0.89 -38.69 -5.22
CA SER B 448 0.05 -39.74 -4.87
C SER B 448 0.23 -39.76 -3.35
N LEU B 449 0.71 -40.89 -2.84
CA LEU B 449 0.91 -41.03 -1.40
C LEU B 449 2.18 -41.82 -1.16
N THR B 450 3.17 -41.23 -0.50
CA THR B 450 4.45 -41.87 -0.28
C THR B 450 4.68 -42.12 1.20
N VAL B 451 5.14 -43.32 1.54
CA VAL B 451 5.47 -43.69 2.90
C VAL B 451 6.90 -44.21 2.91
N ASP B 452 7.79 -43.53 3.63
CA ASP B 452 9.10 -44.06 3.97
C ASP B 452 9.02 -44.64 5.37
N TYR B 453 9.64 -45.78 5.59
CA TYR B 453 9.60 -46.36 6.93
C TYR B 453 10.89 -47.11 7.21
N PHE B 454 11.23 -47.14 8.50
CA PHE B 454 12.45 -47.77 8.97
C PHE B 454 12.31 -47.99 10.46
N ALA B 455 13.25 -48.73 11.03
CA ALA B 455 13.32 -48.92 12.47
C ALA B 455 14.16 -47.81 13.08
N TYR B 456 13.75 -47.34 14.26
CA TYR B 456 14.34 -46.16 14.86
C TYR B 456 13.88 -46.08 16.31
N SER B 457 14.81 -45.84 17.21
CA SER B 457 14.49 -45.75 18.63
C SER B 457 14.09 -44.34 18.99
N THR B 458 12.95 -44.19 19.68
CA THR B 458 12.35 -42.87 19.90
C THR B 458 12.92 -42.15 21.10
N ASP B 459 14.02 -42.63 21.66
CA ASP B 459 14.83 -41.81 22.54
C ASP B 459 15.79 -40.93 21.77
N MET B 460 15.98 -41.19 20.48
CA MET B 460 16.74 -40.36 19.58
C MET B 460 15.82 -39.51 18.72
N SER B 461 14.70 -39.09 19.30
CA SER B 461 13.67 -38.40 18.56
C SER B 461 14.04 -36.97 18.18
N SER B 462 15.02 -36.38 18.84
CA SER B 462 15.41 -35.01 18.55
C SER B 462 16.40 -34.91 17.40
N ALA B 463 16.80 -36.04 16.84
CA ALA B 463 17.74 -36.06 15.74
C ALA B 463 17.06 -36.10 14.39
N LEU B 464 15.76 -36.32 14.35
CA LEU B 464 14.97 -36.29 13.13
C LEU B 464 14.26 -34.97 12.92
N GLN B 465 14.41 -34.03 13.84
CA GLN B 465 13.76 -32.74 13.80
C GLN B 465 14.32 -31.90 12.66
N PRO B 466 13.58 -30.89 12.19
CA PRO B 466 14.09 -30.05 11.10
C PRO B 466 15.29 -29.22 11.51
N GLY B 467 16.36 -29.35 10.74
CA GLY B 467 17.58 -28.62 11.02
C GLY B 467 18.36 -29.14 12.20
N ALA B 468 18.33 -30.45 12.45
CA ALA B 468 18.98 -30.99 13.61
C ALA B 468 20.48 -31.14 13.36
N ALA B 469 21.20 -31.49 14.42
CA ALA B 469 22.65 -31.28 14.45
C ALA B 469 23.46 -32.47 13.95
N GLY B 470 23.15 -33.68 14.40
CA GLY B 470 24.11 -34.76 14.30
C GLY B 470 24.24 -35.49 12.97
N ALA B 471 24.50 -36.79 13.04
CA ALA B 471 24.81 -37.60 11.89
C ALA B 471 23.60 -38.31 11.31
N ILE B 472 22.41 -38.07 11.85
CA ILE B 472 21.22 -38.67 11.28
C ILE B 472 20.79 -37.93 10.01
N VAL B 473 20.74 -36.61 10.06
CA VAL B 473 20.37 -35.84 8.88
C VAL B 473 21.50 -35.72 7.88
N GLN B 474 22.75 -35.91 8.29
CA GLN B 474 23.88 -35.76 7.40
C GLN B 474 24.16 -36.98 6.56
N PHE B 475 24.02 -38.19 7.11
CA PHE B 475 24.45 -39.38 6.41
C PHE B 475 23.36 -40.44 6.30
N ASN B 476 22.23 -40.27 6.97
CA ASN B 476 21.23 -41.33 6.96
C ASN B 476 19.93 -40.92 6.29
N TYR B 477 19.28 -39.88 6.78
CA TYR B 477 17.97 -39.50 6.24
C TYR B 477 17.72 -38.03 6.49
N LYS B 478 17.43 -37.28 5.43
CA LYS B 478 17.01 -35.89 5.55
C LYS B 478 15.62 -35.75 4.95
N GLN B 479 14.68 -35.25 5.75
CA GLN B 479 13.30 -35.13 5.32
C GLN B 479 13.13 -33.97 4.35
N ASP B 480 12.19 -34.12 3.43
CA ASP B 480 11.94 -33.19 2.35
C ASP B 480 10.66 -32.40 2.66
N PHE B 481 10.78 -31.08 2.75
CA PHE B 481 9.68 -30.23 3.16
C PHE B 481 9.09 -29.42 2.02
N SER B 482 9.12 -29.95 0.79
CA SER B 482 8.54 -29.21 -0.33
C SER B 482 7.09 -29.61 -0.57
N ASN B 483 6.67 -30.74 -0.04
CA ASN B 483 5.31 -31.22 -0.06
C ASN B 483 4.70 -31.17 1.33
N PRO B 484 3.38 -31.32 1.46
CA PRO B 484 2.82 -31.60 2.77
C PRO B 484 3.29 -32.95 3.29
N THR B 485 3.62 -33.00 4.58
CA THR B 485 4.32 -34.18 5.08
C THR B 485 4.02 -34.36 6.56
N CYS B 486 4.24 -35.58 7.05
CA CYS B 486 4.02 -35.93 8.45
C CYS B 486 5.08 -36.93 8.88
N ARG B 487 5.39 -36.92 10.17
CA ARG B 487 6.43 -37.77 10.76
C ARG B 487 5.86 -38.48 11.98
N VAL B 488 5.61 -39.78 11.86
CA VAL B 488 5.07 -40.56 12.96
C VAL B 488 6.16 -41.42 13.60
N LEU B 489 6.15 -41.47 14.93
CA LEU B 489 7.09 -42.27 15.69
C LEU B 489 6.29 -43.23 16.56
N ALA B 490 6.42 -44.54 16.33
CA ALA B 490 5.49 -45.48 16.93
C ALA B 490 6.23 -46.65 17.57
N THR B 491 5.54 -47.35 18.45
CA THR B 491 6.04 -48.56 19.08
C THR B 491 5.17 -49.74 18.65
N VAL B 492 5.84 -50.84 18.30
CA VAL B 492 5.16 -52.06 17.89
C VAL B 492 4.81 -52.89 19.11
N PRO B 493 3.54 -53.07 19.42
CA PRO B 493 3.17 -53.83 20.63
C PRO B 493 3.35 -55.31 20.43
N GLN B 494 3.25 -56.05 21.54
CA GLN B 494 3.74 -57.42 21.56
C GLN B 494 2.75 -58.39 20.90
N ASN B 495 1.47 -58.05 20.89
CA ASN B 495 0.46 -58.90 20.27
C ASN B 495 0.60 -58.95 18.77
N LEU B 496 1.08 -57.87 18.15
CA LEU B 496 1.39 -57.89 16.72
C LEU B 496 2.62 -58.75 16.46
N THR B 497 2.40 -59.95 15.93
CA THR B 497 3.45 -60.96 15.89
C THR B 497 4.02 -61.14 14.49
N THR B 498 3.48 -60.46 13.49
CA THR B 498 4.02 -60.60 12.14
C THR B 498 5.25 -59.74 11.91
N ILE B 499 5.49 -58.77 12.79
CA ILE B 499 6.67 -57.92 12.69
C ILE B 499 7.76 -58.52 13.57
N THR B 500 8.78 -59.09 12.95
CA THR B 500 9.93 -59.60 13.69
C THR B 500 10.78 -58.41 14.12
N LYS B 501 11.70 -58.63 15.07
CA LYS B 501 12.55 -57.54 15.46
C LYS B 501 14.00 -57.88 15.12
N PRO B 502 14.82 -56.89 14.84
CA PRO B 502 16.23 -57.16 14.59
C PRO B 502 17.02 -57.30 15.89
N SER B 503 18.34 -57.41 15.80
CA SER B 503 19.15 -57.51 17.00
C SER B 503 19.82 -56.22 17.39
N ASN B 504 20.08 -55.31 16.45
CA ASN B 504 20.80 -54.08 16.75
C ASN B 504 20.21 -52.96 15.92
N TYR B 505 19.86 -51.85 16.55
CA TYR B 505 19.69 -50.60 15.84
C TYR B 505 21.05 -50.17 15.28
N ALA B 506 21.03 -49.52 14.12
CA ALA B 506 22.27 -49.17 13.43
C ALA B 506 22.10 -47.85 12.68
N TYR B 507 23.16 -47.05 12.64
CA TYR B 507 23.17 -45.89 11.77
C TYR B 507 24.59 -45.55 11.35
N LEU B 508 24.72 -44.84 10.24
CA LEU B 508 26.01 -44.44 9.70
C LEU B 508 26.48 -43.17 10.37
N THR B 509 27.79 -43.07 10.60
CA THR B 509 28.39 -41.89 11.20
C THR B 509 29.32 -41.15 10.24
N GLU B 510 29.64 -41.72 9.08
CA GLU B 510 30.61 -41.12 8.17
C GLU B 510 30.36 -41.63 6.77
N CYS B 511 30.57 -40.75 5.79
CA CYS B 511 30.59 -41.13 4.38
C CYS B 511 31.39 -40.03 3.66
N TYR B 512 32.60 -40.37 3.21
CA TYR B 512 33.49 -39.39 2.61
C TYR B 512 34.32 -39.99 1.49
N LYS B 513 34.92 -39.11 0.71
CA LYS B 513 35.95 -39.48 -0.26
C LYS B 513 37.31 -38.98 0.24
N THR B 514 38.36 -39.75 -0.01
CA THR B 514 39.70 -39.27 0.30
C THR B 514 40.08 -38.15 -0.66
N SER B 515 40.80 -37.17 -0.14
CA SER B 515 41.25 -36.03 -0.92
C SER B 515 42.72 -35.79 -0.64
N ALA B 516 43.30 -34.80 -1.33
CA ALA B 516 44.68 -34.41 -1.10
C ALA B 516 44.88 -33.75 0.26
N TYR B 517 43.79 -33.28 0.89
CA TYR B 517 43.83 -32.67 2.21
C TYR B 517 42.64 -33.21 3.00
N GLY B 518 42.87 -34.30 3.73
CA GLY B 518 41.87 -34.83 4.65
C GLY B 518 40.75 -35.60 4.00
N LYS B 519 39.52 -35.28 4.39
CA LYS B 519 38.33 -36.00 3.97
C LYS B 519 37.39 -35.04 3.25
N ASN B 520 36.59 -35.56 2.34
CA ASN B 520 35.57 -34.78 1.65
C ASN B 520 34.23 -35.44 1.94
N TYR B 521 33.45 -34.86 2.84
CA TYR B 521 32.22 -35.46 3.31
C TYR B 521 31.12 -35.35 2.27
N LEU B 522 30.29 -36.38 2.18
CA LEU B 522 29.21 -36.47 1.20
C LEU B 522 27.88 -36.47 1.93
N TYR B 523 27.22 -35.32 1.96
CA TYR B 523 26.00 -35.15 2.72
C TYR B 523 24.78 -35.57 1.93
N ASN B 524 23.73 -35.95 2.65
CA ASN B 524 22.49 -36.40 2.05
C ASN B 524 21.75 -35.23 1.41
N ALA B 525 21.02 -35.54 0.35
CA ALA B 525 20.04 -34.67 -0.25
C ALA B 525 18.67 -34.94 0.37
N PRO B 526 17.74 -33.97 0.34
CA PRO B 526 16.41 -34.23 0.92
C PRO B 526 15.61 -35.28 0.17
N GLY B 527 15.28 -36.37 0.85
CA GLY B 527 14.51 -37.45 0.28
C GLY B 527 15.31 -38.52 -0.41
N ALA B 528 16.64 -38.40 -0.44
CA ALA B 528 17.49 -39.30 -1.19
C ALA B 528 18.27 -40.22 -0.27
N TYR B 529 18.69 -41.36 -0.81
CA TYR B 529 19.53 -42.30 -0.12
C TYR B 529 20.95 -41.76 -0.01
N THR B 530 21.73 -42.38 0.84
CA THR B 530 23.12 -41.98 0.98
C THR B 530 23.95 -42.57 -0.16
N PRO B 531 25.01 -41.87 -0.59
CA PRO B 531 25.88 -42.43 -1.64
C PRO B 531 26.69 -43.63 -1.21
N CYS B 532 26.84 -43.87 0.09
CA CYS B 532 27.62 -44.99 0.62
C CYS B 532 26.73 -46.20 0.88
N LEU B 533 25.65 -46.35 0.11
CA LEU B 533 24.68 -47.40 0.37
C LEU B 533 25.16 -48.78 -0.07
N SER B 534 25.86 -48.88 -1.19
CA SER B 534 26.43 -50.16 -1.59
C SER B 534 27.58 -50.58 -0.69
N LEU B 535 28.29 -49.63 -0.11
CA LEU B 535 29.32 -49.92 0.87
C LEU B 535 28.76 -50.32 2.22
N ALA B 536 27.52 -49.97 2.52
CA ALA B 536 26.94 -50.28 3.81
C ALA B 536 26.24 -51.63 3.85
N SER B 537 26.13 -52.30 2.70
CA SER B 537 25.37 -53.55 2.65
C SER B 537 26.17 -54.72 3.17
N ARG B 538 27.47 -54.55 3.41
CA ARG B 538 28.27 -55.64 3.94
C ARG B 538 27.98 -55.90 5.41
N GLY B 539 27.34 -54.97 6.11
CA GLY B 539 26.94 -55.17 7.48
C GLY B 539 28.00 -54.68 8.46
N PHE B 540 27.53 -54.33 9.65
CA PHE B 540 28.42 -53.84 10.71
C PHE B 540 28.26 -54.78 11.90
N SER B 541 29.35 -55.45 12.27
CA SER B 541 29.32 -56.40 13.37
C SER B 541 29.68 -55.77 14.70
N THR B 542 30.40 -54.65 14.70
CA THR B 542 30.78 -53.95 15.92
C THR B 542 30.59 -52.45 15.71
N LYS B 543 30.67 -51.70 16.80
CA LYS B 543 30.61 -50.25 16.71
C LYS B 543 31.87 -49.71 16.07
N TYR B 544 31.70 -48.69 15.23
CA TYR B 544 32.77 -47.99 14.51
C TYR B 544 33.57 -48.94 13.64
N GLN B 545 32.85 -49.75 12.86
CA GLN B 545 33.45 -50.67 11.91
C GLN B 545 33.35 -50.04 10.53
N SER B 546 34.50 -49.73 9.94
CA SER B 546 34.55 -49.03 8.67
C SER B 546 34.57 -50.00 7.49
N HIS B 547 34.13 -49.50 6.35
CA HIS B 547 34.22 -50.21 5.09
C HIS B 547 34.69 -49.24 4.03
N SER B 548 35.40 -49.73 3.02
CA SER B 548 35.99 -48.88 2.02
C SER B 548 36.03 -49.57 0.67
N ASP B 549 35.70 -48.81 -0.38
CA ASP B 549 35.83 -49.29 -1.74
C ASP B 549 36.99 -48.58 -2.43
N GLY B 550 37.91 -48.05 -1.63
CA GLY B 550 38.98 -47.24 -2.15
C GLY B 550 38.59 -45.78 -2.27
N GLU B 551 37.59 -45.49 -3.11
CA GLU B 551 37.17 -44.12 -3.33
C GLU B 551 36.35 -43.58 -2.17
N LEU B 552 35.48 -44.41 -1.60
CA LEU B 552 34.61 -44.00 -0.51
C LEU B 552 34.94 -44.78 0.75
N THR B 553 34.51 -44.24 1.88
CA THR B 553 34.70 -44.85 3.18
C THR B 553 33.47 -44.56 4.03
N THR B 554 33.01 -45.55 4.78
CA THR B 554 31.86 -45.37 5.64
C THR B 554 32.09 -46.06 6.98
N THR B 555 31.35 -45.61 7.98
CA THR B 555 31.47 -46.08 9.35
C THR B 555 30.08 -46.27 9.95
N GLY B 556 29.89 -47.37 10.66
CA GLY B 556 28.60 -47.65 11.25
C GLY B 556 28.66 -47.69 12.76
N TYR B 557 27.49 -47.55 13.38
CA TYR B 557 27.34 -47.66 14.83
C TYR B 557 26.11 -48.49 15.11
N ILE B 558 26.28 -49.55 15.88
CA ILE B 558 25.17 -50.44 16.25
C ILE B 558 25.01 -50.44 17.76
N TYR B 559 23.80 -50.77 18.21
CA TYR B 559 23.51 -50.93 19.64
C TYR B 559 22.23 -51.72 19.80
N PRO B 560 22.12 -52.59 20.83
CA PRO B 560 21.07 -53.61 20.82
C PRO B 560 19.68 -53.10 21.12
N VAL B 561 18.69 -53.88 20.70
CA VAL B 561 17.28 -53.54 20.86
C VAL B 561 16.79 -54.10 22.19
N THR B 562 16.42 -53.22 23.12
CA THR B 562 15.93 -53.63 24.42
C THR B 562 14.51 -53.13 24.60
N GLY B 563 13.57 -54.06 24.78
CA GLY B 563 12.17 -53.74 24.92
C GLY B 563 11.40 -54.10 23.67
N ASN B 564 10.35 -53.34 23.41
CA ASN B 564 9.61 -53.49 22.16
C ASN B 564 10.33 -52.77 21.04
N LEU B 565 9.98 -53.14 19.81
CA LEU B 565 10.55 -52.49 18.65
C LEU B 565 9.84 -51.16 18.38
N GLN B 566 10.61 -50.15 18.01
CA GLN B 566 10.08 -48.85 17.65
C GLN B 566 10.43 -48.52 16.21
N MET B 567 9.55 -47.78 15.55
CA MET B 567 9.66 -47.53 14.13
C MET B 567 9.36 -46.07 13.83
N ALA B 568 9.82 -45.61 12.68
CA ALA B 568 9.53 -44.28 12.18
C ALA B 568 8.94 -44.36 10.78
N PHE B 569 7.89 -43.55 10.56
CA PHE B 569 7.19 -43.42 9.28
C PHE B 569 7.22 -41.97 8.87
N ILE B 570 7.52 -41.71 7.60
CA ILE B 570 7.44 -40.38 7.02
C ILE B 570 6.44 -40.46 5.88
N ILE B 571 5.33 -39.74 6.00
CA ILE B 571 4.28 -39.77 5.01
C ILE B 571 4.26 -38.46 4.25
N SER B 572 4.12 -38.52 2.93
CA SER B 572 4.08 -37.33 2.09
C SER B 572 2.97 -37.46 1.08
N VAL B 573 2.20 -36.40 0.90
CA VAL B 573 1.07 -36.41 -0.02
C VAL B 573 1.25 -35.30 -1.04
N GLN B 574 0.44 -35.36 -2.08
CA GLN B 574 0.50 -34.40 -3.17
C GLN B 574 -0.90 -34.12 -3.68
N TYR B 575 -1.36 -32.90 -3.49
CA TYR B 575 -2.63 -32.44 -4.02
C TYR B 575 -2.39 -31.89 -5.41
N GLY B 576 -3.23 -32.29 -6.37
CA GLY B 576 -3.18 -31.73 -7.69
C GLY B 576 -4.58 -31.35 -8.15
N THR B 577 -4.62 -30.71 -9.31
CA THR B 577 -5.88 -30.67 -10.02
C THR B 577 -5.93 -31.84 -10.99
N ASP B 578 -7.05 -31.93 -11.73
CA ASP B 578 -7.34 -33.02 -12.65
C ASP B 578 -7.34 -34.39 -11.98
N THR B 579 -8.35 -34.65 -11.14
CA THR B 579 -8.71 -35.96 -10.62
C THR B 579 -7.64 -36.60 -9.74
N ASN B 580 -7.53 -36.10 -8.53
CA ASN B 580 -6.84 -36.76 -7.41
C ASN B 580 -7.43 -38.15 -7.21
N SER B 581 -6.60 -39.18 -7.41
CA SER B 581 -7.07 -40.55 -7.52
C SER B 581 -6.84 -41.41 -6.28
N VAL B 582 -6.01 -40.99 -5.33
CA VAL B 582 -5.84 -41.72 -4.09
C VAL B 582 -6.87 -41.19 -3.10
N CYS B 583 -7.96 -41.92 -2.93
CA CYS B 583 -9.05 -41.36 -2.15
C CYS B 583 -9.35 -42.26 -0.97
N PRO B 584 -9.94 -41.75 0.11
CA PRO B 584 -10.22 -42.63 1.26
C PRO B 584 -11.37 -43.57 0.97
N MET B 585 -11.46 -44.60 1.81
CA MET B 585 -12.55 -45.57 1.71
C MET B 585 -13.83 -44.94 2.24
N GLN B 586 -14.93 -45.16 1.55
CA GLN B 586 -16.20 -44.58 1.95
C GLN B 586 -17.31 -45.61 1.90
N ALA B 587 -18.30 -45.41 2.75
CA ALA B 587 -19.59 -46.07 2.61
C ALA B 587 -20.42 -45.32 1.58
N LEU B 588 -21.34 -46.03 0.93
CA LEU B 588 -22.09 -45.46 -0.16
C LEU B 588 -23.41 -44.89 0.32
N ARG B 589 -23.82 -43.77 -0.28
CA ARG B 589 -25.08 -43.11 0.03
C ARG B 589 -25.63 -42.51 -1.25
N ASN B 590 -26.94 -42.61 -1.45
CA ASN B 590 -27.57 -42.15 -2.68
C ASN B 590 -27.60 -40.64 -2.80
N ASP B 591 -28.01 -39.97 -1.72
CA ASP B 591 -28.48 -38.58 -1.71
C ASP B 591 -27.52 -37.54 -2.28
N THR B 592 -26.21 -37.81 -2.24
CA THR B 592 -25.25 -36.86 -2.79
C THR B 592 -25.24 -36.88 -4.30
N SER B 593 -26.27 -36.29 -4.92
CA SER B 593 -26.36 -36.19 -6.37
C SER B 593 -26.79 -34.78 -6.72
N ILE B 594 -26.81 -34.48 -8.01
CA ILE B 594 -27.13 -33.15 -8.50
C ILE B 594 -28.40 -33.13 -9.35
N GLU B 595 -28.97 -34.31 -9.59
CA GLU B 595 -30.18 -34.46 -10.38
C GLU B 595 -31.35 -33.75 -9.72
N ASP B 596 -31.39 -33.74 -8.39
CA ASP B 596 -32.46 -33.09 -7.66
C ASP B 596 -32.13 -31.63 -7.35
N LYS B 597 -31.04 -31.39 -6.63
CA LYS B 597 -30.74 -30.07 -6.08
C LYS B 597 -29.92 -29.26 -7.09
N LEU B 598 -30.60 -28.77 -8.12
CA LEU B 598 -29.83 -28.14 -9.18
C LEU B 598 -29.47 -26.69 -8.89
N ASP B 599 -30.44 -25.78 -8.86
CA ASP B 599 -30.06 -24.37 -8.77
C ASP B 599 -30.02 -23.87 -7.33
N VAL B 600 -29.38 -24.62 -6.46
CA VAL B 600 -29.17 -24.21 -5.09
C VAL B 600 -27.67 -24.25 -4.82
N CYS B 601 -27.26 -23.54 -3.78
CA CYS B 601 -25.87 -23.55 -3.38
C CYS B 601 -25.56 -24.85 -2.65
N VAL B 602 -24.60 -25.61 -3.18
CA VAL B 602 -24.20 -26.87 -2.58
C VAL B 602 -22.73 -26.78 -2.25
N GLU B 603 -22.29 -27.68 -1.38
CA GLU B 603 -20.88 -27.84 -1.03
C GLU B 603 -20.40 -29.12 -1.69
N TYR B 604 -19.58 -28.99 -2.72
CA TYR B 604 -19.27 -30.15 -3.54
C TYR B 604 -17.88 -30.70 -3.23
N SER B 605 -17.70 -31.98 -3.58
CA SER B 605 -16.41 -32.65 -3.48
C SER B 605 -16.34 -33.65 -4.64
N LEU B 606 -15.77 -33.21 -5.74
CA LEU B 606 -15.80 -33.93 -7.01
C LEU B 606 -14.39 -34.36 -7.36
N HIS B 607 -14.12 -35.66 -7.18
CA HIS B 607 -12.84 -36.32 -7.50
C HIS B 607 -11.65 -35.63 -6.85
N GLY B 608 -11.84 -35.10 -5.66
CA GLY B 608 -10.78 -34.43 -4.94
C GLY B 608 -10.85 -32.91 -4.98
N ILE B 609 -11.72 -32.33 -5.80
CA ILE B 609 -11.85 -30.89 -5.88
C ILE B 609 -13.00 -30.45 -5.01
N THR B 610 -12.79 -29.43 -4.18
CA THR B 610 -13.80 -29.02 -3.21
C THR B 610 -14.16 -27.56 -3.43
N GLY B 611 -15.33 -27.19 -2.91
CA GLY B 611 -15.75 -25.81 -2.96
C GLY B 611 -17.24 -25.70 -2.70
N ARG B 612 -17.77 -24.50 -2.92
CA ARG B 612 -19.20 -24.24 -2.84
C ARG B 612 -19.63 -23.62 -4.16
N GLY B 613 -20.87 -23.86 -4.56
CA GLY B 613 -21.31 -23.24 -5.79
C GLY B 613 -22.69 -23.68 -6.20
N VAL B 614 -23.12 -23.15 -7.34
CA VAL B 614 -24.43 -23.41 -7.93
C VAL B 614 -24.20 -24.09 -9.27
N PHE B 615 -24.94 -25.16 -9.53
CA PHE B 615 -24.79 -25.95 -10.74
C PHE B 615 -26.01 -25.76 -11.63
N HIS B 616 -25.77 -25.46 -12.90
CA HIS B 616 -26.86 -25.18 -13.83
C HIS B 616 -26.71 -26.04 -15.06
N ASN B 617 -27.83 -26.33 -15.73
CA ASN B 617 -27.85 -27.21 -16.89
C ASN B 617 -27.37 -26.45 -18.12
N CYS B 618 -26.23 -26.88 -18.64
CA CYS B 618 -25.66 -26.29 -19.84
C CYS B 618 -25.52 -27.36 -20.92
N THR B 619 -25.15 -26.95 -22.13
CA THR B 619 -24.92 -27.85 -23.25
C THR B 619 -23.68 -27.40 -24.01
N SER B 620 -22.55 -28.04 -23.72
CA SER B 620 -21.27 -27.42 -24.01
C SER B 620 -20.12 -28.41 -24.06
N VAL B 621 -18.94 -27.93 -23.67
CA VAL B 621 -17.56 -28.30 -24.02
C VAL B 621 -17.30 -29.78 -24.25
N GLY B 622 -16.49 -30.06 -25.27
CA GLY B 622 -16.15 -31.36 -25.83
C GLY B 622 -14.86 -31.90 -25.26
N LEU B 623 -13.73 -31.42 -25.84
CA LEU B 623 -12.37 -31.94 -25.77
C LEU B 623 -11.87 -32.49 -24.44
N ARG B 624 -10.89 -33.39 -24.52
CA ARG B 624 -10.74 -34.50 -23.60
C ARG B 624 -10.02 -34.19 -22.30
N ASN B 625 -10.05 -32.96 -21.81
CA ASN B 625 -9.73 -32.71 -20.39
C ASN B 625 -10.98 -32.86 -19.53
N GLN B 626 -12.00 -33.53 -20.05
CA GLN B 626 -13.43 -33.35 -19.83
C GLN B 626 -13.87 -32.85 -18.46
N ARG B 627 -13.36 -33.46 -17.40
CA ARG B 627 -13.96 -33.37 -16.08
C ARG B 627 -14.06 -31.95 -15.54
N PHE B 628 -13.02 -31.15 -15.64
CA PHE B 628 -13.04 -29.82 -15.06
C PHE B 628 -12.63 -28.79 -16.11
N VAL B 629 -13.50 -27.82 -16.33
CA VAL B 629 -13.24 -26.73 -17.24
C VAL B 629 -12.93 -25.49 -16.42
N TYR B 630 -11.84 -24.81 -16.77
CA TYR B 630 -11.40 -23.67 -15.99
C TYR B 630 -11.42 -22.41 -16.86
N ASP B 631 -11.34 -21.28 -16.19
CA ASP B 631 -11.28 -19.96 -16.80
C ASP B 631 -9.83 -19.58 -17.05
N THR B 632 -9.59 -18.33 -17.46
CA THR B 632 -8.22 -17.87 -17.60
C THR B 632 -7.67 -17.37 -16.27
N PHE B 633 -8.53 -17.24 -15.28
CA PHE B 633 -8.13 -16.92 -13.92
C PHE B 633 -8.31 -18.09 -12.97
N ASP B 634 -8.42 -19.32 -13.52
CA ASP B 634 -8.47 -20.58 -12.78
C ASP B 634 -9.71 -20.70 -11.89
N ASN B 635 -10.87 -20.39 -12.46
CA ASN B 635 -12.12 -20.63 -11.77
C ASN B 635 -12.82 -21.85 -12.35
N LEU B 636 -13.40 -22.68 -11.49
CA LEU B 636 -14.11 -23.85 -11.98
C LEU B 636 -15.41 -23.42 -12.64
N VAL B 637 -15.37 -23.18 -13.95
CA VAL B 637 -16.51 -22.63 -14.66
C VAL B 637 -17.44 -23.72 -15.17
N GLY B 638 -17.00 -24.97 -15.16
CA GLY B 638 -17.82 -26.02 -15.71
C GLY B 638 -17.39 -27.41 -15.33
N TYR B 639 -18.26 -28.41 -15.51
CA TYR B 639 -18.00 -29.74 -14.98
C TYR B 639 -18.69 -30.80 -15.82
N HIS B 640 -17.98 -31.88 -16.12
CA HIS B 640 -18.53 -32.99 -16.89
C HIS B 640 -18.90 -34.12 -15.94
N SER B 641 -20.19 -34.35 -15.75
CA SER B 641 -20.66 -35.22 -14.69
C SER B 641 -20.50 -36.69 -15.08
N ASP B 642 -20.77 -37.55 -14.11
CA ASP B 642 -20.58 -38.98 -14.34
C ASP B 642 -21.64 -39.58 -15.22
N ASN B 643 -22.89 -39.13 -15.14
CA ASN B 643 -23.93 -39.74 -15.94
C ASN B 643 -23.76 -39.46 -17.43
N GLY B 644 -24.12 -38.28 -17.89
CA GLY B 644 -23.74 -37.87 -19.22
C GLY B 644 -23.72 -36.37 -19.41
N ASN B 645 -23.97 -35.64 -18.34
CA ASN B 645 -24.42 -34.26 -18.44
C ASN B 645 -23.29 -33.28 -18.22
N TYR B 646 -23.44 -32.09 -18.78
CA TYR B 646 -22.53 -30.98 -18.55
C TYR B 646 -23.25 -29.96 -17.66
N TYR B 647 -22.51 -29.37 -16.73
CA TYR B 647 -23.06 -28.38 -15.83
C TYR B 647 -22.17 -27.16 -15.77
N CYS B 648 -22.78 -26.00 -15.74
CA CYS B 648 -22.08 -24.74 -15.49
C CYS B 648 -22.01 -24.51 -14.00
N VAL B 649 -20.85 -24.10 -13.52
CA VAL B 649 -20.62 -23.86 -12.10
C VAL B 649 -20.49 -22.37 -11.90
N ARG B 650 -21.29 -21.82 -11.02
CA ARG B 650 -21.23 -20.41 -10.65
C ARG B 650 -20.99 -20.31 -9.15
N PRO B 651 -20.42 -19.20 -8.67
CA PRO B 651 -20.30 -19.04 -7.22
C PRO B 651 -21.64 -18.85 -6.53
N CYS B 652 -21.63 -18.97 -5.22
CA CYS B 652 -22.84 -19.00 -4.41
C CYS B 652 -23.58 -17.66 -4.41
N VAL B 653 -22.88 -16.55 -4.62
CA VAL B 653 -23.48 -15.23 -4.82
C VAL B 653 -22.95 -14.73 -6.16
N SER B 654 -23.79 -14.74 -7.18
CA SER B 654 -23.35 -14.47 -8.55
C SER B 654 -24.16 -13.37 -9.22
N VAL B 655 -25.47 -13.33 -9.01
CA VAL B 655 -26.34 -12.39 -9.71
C VAL B 655 -26.18 -11.00 -9.12
N PRO B 656 -25.97 -9.96 -9.91
CA PRO B 656 -25.90 -8.61 -9.36
C PRO B 656 -27.28 -8.06 -9.03
N VAL B 657 -27.34 -7.29 -7.95
CA VAL B 657 -28.58 -6.72 -7.43
C VAL B 657 -28.34 -5.24 -7.13
N SER B 658 -29.22 -4.38 -7.64
CA SER B 658 -29.24 -2.98 -7.30
C SER B 658 -30.59 -2.61 -6.72
N VAL B 659 -30.62 -1.68 -5.80
CA VAL B 659 -31.87 -1.19 -5.23
C VAL B 659 -31.98 0.29 -5.49
N ILE B 660 -33.14 0.69 -6.01
CA ILE B 660 -33.49 2.08 -6.26
C ILE B 660 -34.24 2.57 -5.04
N TYR B 661 -33.77 3.66 -4.44
CA TYR B 661 -34.31 4.16 -3.18
C TYR B 661 -34.70 5.62 -3.31
N ASP B 662 -35.91 5.94 -2.86
CA ASP B 662 -36.44 7.30 -2.84
C ASP B 662 -36.80 7.67 -1.41
N LYS B 663 -36.17 8.74 -0.89
CA LYS B 663 -36.24 9.04 0.53
C LYS B 663 -37.50 9.82 0.88
N ALA B 664 -37.97 10.66 -0.04
CA ALA B 664 -39.11 11.52 0.24
C ALA B 664 -40.39 10.72 0.42
N SER B 665 -40.54 9.63 -0.32
CA SER B 665 -41.66 8.72 -0.15
C SER B 665 -41.28 7.46 0.61
N ASN B 666 -39.99 7.27 0.89
CA ASN B 666 -39.43 6.09 1.55
C ASN B 666 -39.81 4.80 0.82
N SER B 667 -39.51 4.76 -0.47
CA SER B 667 -39.86 3.62 -1.30
C SER B 667 -38.62 3.03 -1.94
N HIS B 668 -38.70 1.78 -2.37
CA HIS B 668 -37.57 1.11 -2.97
C HIS B 668 -38.04 0.05 -3.95
N ALA B 669 -37.20 -0.21 -4.95
CA ALA B 669 -37.46 -1.25 -5.94
C ALA B 669 -36.15 -1.92 -6.30
N THR B 670 -36.21 -3.02 -7.05
CA THR B 670 -35.03 -3.86 -7.24
C THR B 670 -34.75 -4.04 -8.73
N LEU B 671 -33.47 -4.13 -9.08
CA LEU B 671 -33.03 -4.39 -10.44
C LEU B 671 -31.98 -5.49 -10.42
N PHE B 672 -32.24 -6.58 -11.14
CA PHE B 672 -31.25 -7.62 -11.37
C PHE B 672 -30.64 -7.33 -12.73
N GLY B 673 -29.45 -6.73 -12.72
CA GLY B 673 -28.84 -6.27 -13.96
C GLY B 673 -28.29 -7.43 -14.76
N SER B 674 -28.44 -7.36 -16.08
CA SER B 674 -27.88 -8.30 -17.07
C SER B 674 -28.50 -9.68 -16.98
N VAL B 675 -29.62 -9.84 -16.29
CA VAL B 675 -30.25 -11.15 -16.14
C VAL B 675 -31.61 -11.11 -16.82
N ALA B 676 -31.87 -12.13 -17.64
CA ALA B 676 -33.18 -12.34 -18.20
C ALA B 676 -34.16 -12.75 -17.10
N CYS B 677 -35.43 -12.43 -17.32
CA CYS B 677 -36.43 -12.58 -16.27
C CYS B 677 -36.91 -14.02 -16.08
N SER B 678 -36.40 -14.97 -16.85
CA SER B 678 -36.75 -16.37 -16.66
C SER B 678 -35.75 -17.10 -15.77
N HIS B 679 -34.53 -16.60 -15.65
CA HIS B 679 -33.55 -17.18 -14.74
C HIS B 679 -33.74 -16.70 -13.32
N VAL B 680 -34.53 -15.63 -13.12
CA VAL B 680 -34.66 -15.07 -11.78
C VAL B 680 -35.57 -15.93 -10.93
N THR B 681 -36.63 -16.48 -11.54
CA THR B 681 -37.55 -17.30 -10.77
C THR B 681 -37.00 -18.70 -10.50
N THR B 682 -35.96 -19.11 -11.20
CA THR B 682 -35.36 -20.40 -10.89
C THR B 682 -34.34 -20.26 -9.77
N MET B 683 -33.47 -19.26 -9.86
CA MET B 683 -32.46 -19.04 -8.84
C MET B 683 -32.93 -18.11 -7.74
N MET B 684 -34.10 -18.36 -7.17
CA MET B 684 -34.61 -17.51 -6.09
C MET B 684 -34.17 -17.97 -4.71
N SER B 685 -32.87 -18.19 -4.52
CA SER B 685 -32.35 -18.61 -3.23
C SER B 685 -31.12 -17.83 -2.80
N GLN B 686 -30.51 -17.07 -3.71
CA GLN B 686 -29.46 -16.12 -3.37
C GLN B 686 -30.02 -14.87 -2.70
N PHE B 687 -31.30 -14.59 -2.88
CA PHE B 687 -31.85 -13.27 -2.64
C PHE B 687 -32.34 -13.15 -1.20
N SER B 688 -32.92 -12.01 -0.88
CA SER B 688 -33.35 -11.75 0.48
C SER B 688 -34.62 -12.51 0.80
N ARG B 689 -35.04 -12.42 2.05
CA ARG B 689 -36.19 -13.15 2.56
C ARG B 689 -37.51 -12.68 1.97
N MET B 690 -37.64 -11.38 1.67
CA MET B 690 -38.84 -10.84 1.07
C MET B 690 -38.87 -10.95 -0.44
N THR B 691 -37.72 -10.94 -1.09
CA THR B 691 -37.66 -11.14 -2.54
C THR B 691 -38.03 -12.56 -2.92
N LYS B 692 -37.66 -13.54 -2.09
CA LYS B 692 -38.00 -14.94 -2.34
C LYS B 692 -39.50 -15.18 -2.32
N THR B 693 -40.21 -14.60 -1.37
CA THR B 693 -41.65 -14.81 -1.30
C THR B 693 -42.41 -14.07 -2.39
N ASN B 694 -41.91 -12.91 -2.81
CA ASN B 694 -42.56 -12.19 -3.90
C ASN B 694 -42.29 -12.86 -5.23
N LEU B 695 -41.13 -13.51 -5.36
CA LEU B 695 -40.82 -14.30 -6.55
C LEU B 695 -41.67 -15.55 -6.60
N LEU B 696 -41.74 -16.27 -5.47
CA LEU B 696 -42.46 -17.53 -5.37
C LEU B 696 -43.98 -17.35 -5.44
N ALA B 697 -44.48 -16.19 -5.00
CA ALA B 697 -45.92 -15.97 -5.03
C ALA B 697 -46.44 -15.73 -6.44
N ARG B 698 -45.63 -15.05 -7.25
CA ARG B 698 -45.97 -14.56 -8.60
C ARG B 698 -47.23 -13.71 -8.58
N THR B 699 -47.39 -12.85 -7.58
CA THR B 699 -48.58 -12.03 -7.47
C THR B 699 -48.18 -10.64 -7.01
N THR B 700 -47.89 -9.77 -7.98
CA THR B 700 -47.49 -8.38 -7.83
C THR B 700 -47.58 -7.75 -9.21
N PRO B 701 -47.27 -6.47 -9.37
CA PRO B 701 -46.63 -6.05 -10.61
C PRO B 701 -45.41 -6.93 -10.84
N GLY B 702 -45.42 -7.74 -11.89
CA GLY B 702 -44.48 -8.82 -12.02
C GLY B 702 -43.07 -8.39 -12.38
N PRO B 703 -42.19 -9.36 -12.59
CA PRO B 703 -40.87 -9.04 -13.14
C PRO B 703 -40.99 -8.50 -14.55
N LEU B 704 -40.21 -7.47 -14.85
CA LEU B 704 -40.27 -6.74 -16.09
C LEU B 704 -38.91 -6.78 -16.76
N GLN B 705 -38.90 -7.00 -18.08
CA GLN B 705 -37.66 -7.04 -18.83
C GLN B 705 -37.38 -5.69 -19.45
N THR B 706 -36.35 -5.02 -18.97
CA THR B 706 -35.91 -3.75 -19.53
C THR B 706 -34.67 -3.98 -20.39
N THR B 707 -34.05 -2.89 -20.84
CA THR B 707 -32.81 -2.98 -21.58
C THR B 707 -31.58 -3.00 -20.70
N VAL B 708 -31.75 -3.07 -19.39
CA VAL B 708 -30.64 -3.17 -18.45
C VAL B 708 -30.80 -4.32 -17.46
N GLY B 709 -31.82 -5.14 -17.60
CA GLY B 709 -32.00 -6.31 -16.77
C GLY B 709 -33.42 -6.45 -16.33
N CYS B 710 -33.65 -7.38 -15.41
CA CYS B 710 -34.98 -7.63 -14.88
C CYS B 710 -35.28 -6.65 -13.75
N ALA B 711 -36.53 -6.18 -13.70
CA ALA B 711 -36.89 -5.13 -12.76
C ALA B 711 -38.09 -5.56 -11.95
N MET B 712 -38.00 -5.44 -10.63
CA MET B 712 -39.07 -5.82 -9.72
C MET B 712 -39.56 -4.60 -8.96
N GLY B 713 -40.85 -4.29 -9.12
CA GLY B 713 -41.44 -3.15 -8.47
C GLY B 713 -41.71 -2.01 -9.42
N PHE B 714 -41.64 -2.28 -10.72
CA PHE B 714 -41.71 -1.25 -11.75
C PHE B 714 -42.88 -1.50 -12.68
N ILE B 715 -43.16 -0.49 -13.50
CA ILE B 715 -44.30 -0.48 -14.41
C ILE B 715 -43.89 0.29 -15.67
N ASN B 716 -44.29 -0.25 -16.82
CA ASN B 716 -44.12 0.44 -18.09
C ASN B 716 -44.94 1.72 -18.13
N SER B 717 -44.28 2.81 -18.51
CA SER B 717 -44.98 4.07 -18.71
C SER B 717 -44.64 4.57 -20.11
N SER B 718 -45.31 5.63 -20.51
CA SER B 718 -45.11 6.24 -21.81
C SER B 718 -44.75 7.71 -21.68
N MET B 719 -44.30 8.11 -20.49
CA MET B 719 -43.98 9.50 -20.23
C MET B 719 -42.51 9.76 -20.52
N VAL B 720 -42.19 11.02 -20.78
CA VAL B 720 -40.88 11.44 -21.24
C VAL B 720 -40.43 12.60 -20.36
N VAL B 721 -39.26 12.47 -19.76
CA VAL B 721 -38.77 13.47 -18.83
C VAL B 721 -37.51 14.11 -19.39
N ASP B 722 -37.16 15.26 -18.82
CA ASP B 722 -35.98 16.01 -19.23
C ASP B 722 -34.83 15.89 -18.24
N GLU B 723 -35.11 16.03 -16.96
CA GLU B 723 -34.13 15.82 -15.92
C GLU B 723 -34.43 14.52 -15.18
N CYS B 724 -33.39 13.94 -14.60
CA CYS B 724 -33.55 12.64 -13.98
C CYS B 724 -32.81 12.62 -12.65
N GLN B 725 -33.49 12.14 -11.61
CA GLN B 725 -32.89 12.01 -10.29
C GLN B 725 -32.51 10.58 -9.96
N LEU B 726 -33.16 9.59 -10.57
CA LEU B 726 -32.89 8.18 -10.36
C LEU B 726 -32.61 7.53 -11.72
N PRO B 727 -31.40 7.67 -12.25
CA PRO B 727 -31.13 7.10 -13.58
C PRO B 727 -30.73 5.63 -13.53
N LEU B 728 -31.32 4.85 -14.42
CA LEU B 728 -31.03 3.43 -14.49
C LEU B 728 -29.95 3.08 -15.51
N GLY B 729 -29.69 3.93 -16.49
CA GLY B 729 -28.76 3.63 -17.54
C GLY B 729 -29.50 3.50 -18.86
N GLN B 730 -28.82 3.77 -19.97
CA GLN B 730 -29.35 3.67 -21.33
C GLN B 730 -30.58 4.55 -21.54
N SER B 731 -30.50 5.77 -21.02
CA SER B 731 -31.54 6.81 -21.09
C SER B 731 -32.85 6.35 -20.47
N LEU B 732 -32.78 5.68 -19.33
CA LEU B 732 -33.95 5.27 -18.58
C LEU B 732 -33.95 5.98 -17.24
N CYS B 733 -35.11 6.38 -16.80
CA CYS B 733 -35.25 7.11 -15.54
C CYS B 733 -36.36 6.45 -14.72
N ALA B 734 -36.19 6.48 -13.41
CA ALA B 734 -37.18 5.92 -12.50
C ALA B 734 -38.01 7.02 -11.89
N ILE B 735 -39.33 6.86 -11.93
CA ILE B 735 -40.26 7.83 -11.38
C ILE B 735 -40.84 7.26 -10.10
N PRO B 736 -40.58 7.89 -8.95
CA PRO B 736 -41.02 7.32 -7.69
C PRO B 736 -42.51 7.49 -7.51
N PRO B 737 -43.14 6.64 -6.69
CA PRO B 737 -44.60 6.70 -6.56
C PRO B 737 -45.06 7.92 -5.76
N THR B 738 -46.36 8.18 -5.84
CA THR B 738 -46.95 9.36 -5.25
C THR B 738 -47.53 9.07 -3.87
N SER B 751 -49.25 7.43 -8.27
CA SER B 751 -49.15 5.98 -8.42
C SER B 751 -48.67 5.34 -7.12
N ASP B 752 -48.57 4.01 -7.11
CA ASP B 752 -48.15 3.30 -5.93
C ASP B 752 -46.87 2.49 -6.14
N VAL B 753 -46.40 2.35 -7.37
CA VAL B 753 -45.16 1.65 -7.70
C VAL B 753 -44.30 2.62 -8.50
N PHE B 754 -43.05 2.26 -8.71
CA PHE B 754 -42.17 3.06 -9.55
C PHE B 754 -42.58 2.94 -11.00
N GLN B 755 -42.27 3.94 -11.82
CA GLN B 755 -42.50 3.87 -13.26
C GLN B 755 -41.19 4.07 -13.99
N ILE B 756 -41.16 3.68 -15.25
CA ILE B 756 -39.97 3.84 -16.08
C ILE B 756 -40.25 4.85 -17.17
N ALA B 757 -39.46 5.91 -17.22
CA ALA B 757 -39.64 6.96 -18.21
C ALA B 757 -38.41 6.98 -19.12
N THR B 758 -38.35 7.96 -20.01
CA THR B 758 -37.24 8.06 -20.95
C THR B 758 -36.72 9.48 -20.93
N LEU B 759 -35.42 9.63 -21.19
CA LEU B 759 -34.77 10.92 -21.26
C LEU B 759 -34.73 11.37 -22.71
N ASN B 760 -35.51 12.39 -23.06
CA ASN B 760 -35.41 13.05 -24.34
C ASN B 760 -35.26 14.54 -24.10
N PHE B 761 -34.14 15.10 -24.54
CA PHE B 761 -33.94 16.53 -24.48
C PHE B 761 -34.65 17.16 -25.68
N THR B 762 -35.29 18.29 -25.44
CA THR B 762 -35.89 19.03 -26.54
C THR B 762 -34.82 19.82 -27.27
N SER B 763 -35.22 20.56 -28.27
CA SER B 763 -34.32 21.49 -28.91
C SER B 763 -35.17 22.70 -29.29
N PRO B 764 -34.64 23.92 -29.14
CA PRO B 764 -35.39 25.10 -29.57
C PRO B 764 -35.61 25.07 -31.07
N LEU B 765 -36.76 25.61 -31.49
CA LEU B 765 -37.26 25.40 -32.84
C LEU B 765 -36.35 26.07 -33.87
N THR B 766 -36.23 25.40 -35.01
CA THR B 766 -35.21 25.68 -36.00
C THR B 766 -35.62 26.89 -36.81
N LEU B 767 -34.70 27.84 -36.96
CA LEU B 767 -34.95 29.01 -37.79
C LEU B 767 -34.46 28.75 -39.20
N ALA B 768 -35.39 28.69 -40.15
CA ALA B 768 -35.06 28.26 -41.50
C ALA B 768 -34.75 29.47 -42.38
N PRO B 769 -33.77 29.36 -43.28
CA PRO B 769 -33.44 30.48 -44.15
C PRO B 769 -34.54 30.76 -45.18
N ILE B 770 -34.88 32.03 -45.32
CA ILE B 770 -35.85 32.48 -46.29
C ILE B 770 -35.14 32.72 -47.61
N ASN B 771 -35.86 32.53 -48.72
CA ASN B 771 -35.29 32.79 -50.04
C ASN B 771 -35.64 34.22 -50.45
N SER B 772 -34.67 35.10 -50.24
CA SER B 772 -34.72 36.51 -50.58
C SER B 772 -33.28 36.97 -50.63
N THR B 773 -33.03 38.27 -50.64
CA THR B 773 -31.65 38.74 -50.69
C THR B 773 -30.96 38.70 -49.33
N GLY B 774 -31.61 39.18 -48.28
CA GLY B 774 -31.01 39.23 -46.97
C GLY B 774 -31.07 37.91 -46.23
N PHE B 775 -31.28 38.00 -44.93
CA PHE B 775 -31.44 36.84 -44.06
C PHE B 775 -32.36 37.22 -42.90
N VAL B 776 -32.79 36.22 -42.14
CA VAL B 776 -33.60 36.43 -40.95
C VAL B 776 -32.68 36.41 -39.74
N VAL B 777 -32.96 37.26 -38.77
CA VAL B 777 -32.23 37.26 -37.51
C VAL B 777 -33.24 37.40 -36.38
N ALA B 778 -33.07 36.60 -35.33
CA ALA B 778 -33.92 36.68 -34.15
C ALA B 778 -33.27 37.64 -33.15
N VAL B 779 -33.88 38.79 -32.96
CA VAL B 779 -33.32 39.84 -32.10
C VAL B 779 -34.19 39.94 -30.85
N PRO B 780 -33.61 40.11 -29.66
CA PRO B 780 -34.41 40.20 -28.44
C PRO B 780 -35.28 41.45 -28.37
N THR B 781 -36.46 41.30 -27.80
CA THR B 781 -37.34 42.43 -27.50
C THR B 781 -37.61 42.59 -26.01
N ASN B 782 -37.11 41.69 -25.18
CA ASN B 782 -37.26 41.77 -23.73
C ASN B 782 -36.13 40.95 -23.11
N PHE B 783 -35.87 41.18 -21.82
CA PHE B 783 -34.75 40.51 -21.18
C PHE B 783 -34.95 40.48 -19.67
N THR B 784 -34.12 39.67 -19.01
CA THR B 784 -33.93 39.67 -17.56
C THR B 784 -32.44 39.60 -17.27
N PHE B 785 -32.09 39.58 -15.99
CA PHE B 785 -30.74 39.30 -15.55
C PHE B 785 -30.73 37.97 -14.81
N GLY B 786 -29.87 37.05 -15.23
CA GLY B 786 -29.73 35.77 -14.60
C GLY B 786 -28.43 35.63 -13.84
N VAL B 787 -28.50 34.95 -12.70
CA VAL B 787 -27.35 34.82 -11.82
C VAL B 787 -26.89 33.37 -11.76
N THR B 788 -25.63 33.14 -12.12
CA THR B 788 -25.02 31.83 -11.99
C THR B 788 -24.07 31.81 -10.80
N GLN B 789 -24.21 30.79 -9.96
CA GLN B 789 -23.40 30.65 -8.76
C GLN B 789 -22.34 29.58 -8.97
N GLU B 790 -21.21 29.74 -8.28
CA GLU B 790 -20.07 28.86 -8.49
C GLU B 790 -19.11 28.94 -7.32
N PHE B 791 -18.66 27.80 -6.83
CA PHE B 791 -17.73 27.71 -5.72
C PHE B 791 -16.38 27.24 -6.24
N ILE B 792 -15.33 27.93 -5.83
CA ILE B 792 -13.96 27.55 -6.16
C ILE B 792 -13.18 27.39 -4.86
N GLU B 793 -12.64 26.21 -4.64
CA GLU B 793 -11.90 25.91 -3.44
C GLU B 793 -10.44 26.35 -3.58
N THR B 794 -9.95 27.07 -2.57
CA THR B 794 -8.61 27.61 -2.62
C THR B 794 -7.65 27.03 -1.58
N THR B 795 -8.13 26.25 -0.61
CA THR B 795 -7.27 25.79 0.46
C THR B 795 -7.87 24.52 1.06
N ILE B 796 -7.04 23.81 1.84
CA ILE B 796 -7.49 22.66 2.62
C ILE B 796 -7.01 22.84 4.06
N GLN B 797 -7.45 21.95 4.92
CA GLN B 797 -7.05 21.99 6.32
C GLN B 797 -5.65 21.43 6.47
N LYS B 798 -4.79 22.13 7.18
CA LYS B 798 -3.41 21.75 7.36
C LYS B 798 -3.26 20.92 8.62
N ILE B 799 -2.59 19.77 8.48
CA ILE B 799 -2.49 18.78 9.56
C ILE B 799 -1.05 18.33 9.67
N THR B 800 -0.53 18.29 10.91
CA THR B 800 0.75 17.69 11.22
C THR B 800 0.52 16.51 12.13
N VAL B 801 1.23 15.41 11.91
CA VAL B 801 1.06 14.19 12.67
C VAL B 801 2.33 13.90 13.45
N ASP B 802 2.16 13.59 14.74
CA ASP B 802 3.25 13.06 15.55
C ASP B 802 3.35 11.57 15.28
N CYS B 803 4.33 11.17 14.49
CA CYS B 803 4.42 9.82 13.96
C CYS B 803 4.86 8.80 15.00
N LYS B 804 5.75 9.17 15.92
CA LYS B 804 6.21 8.29 16.99
C LYS B 804 5.11 7.95 17.97
N GLN B 805 4.33 8.93 18.39
CA GLN B 805 3.23 8.67 19.30
C GLN B 805 2.09 7.97 18.60
N TYR B 806 1.93 8.19 17.31
CA TYR B 806 0.88 7.50 16.58
C TYR B 806 1.20 6.02 16.44
N VAL B 807 2.43 5.68 16.09
CA VAL B 807 2.74 4.28 15.86
C VAL B 807 3.00 3.55 17.16
N CYS B 808 3.82 4.09 18.06
CA CYS B 808 4.38 3.25 19.11
C CYS B 808 3.83 3.58 20.49
N ASN B 809 3.16 4.74 20.63
CA ASN B 809 2.50 5.20 21.85
C ASN B 809 3.47 5.32 23.04
N GLY B 810 4.75 5.53 22.74
CA GLY B 810 5.71 5.73 23.81
C GLY B 810 6.22 4.46 24.48
N PHE B 811 6.19 3.34 23.79
CA PHE B 811 6.70 2.08 24.31
C PHE B 811 8.06 1.81 23.70
N LYS B 812 9.04 1.53 24.54
CA LYS B 812 10.41 1.32 24.08
C LYS B 812 10.58 0.01 23.32
N LYS B 813 9.77 -1.00 23.60
CA LYS B 813 9.84 -2.24 22.86
C LYS B 813 9.33 -2.08 21.44
N CYS B 814 8.31 -1.25 21.22
CA CYS B 814 7.84 -0.92 19.89
C CYS B 814 8.83 -0.06 19.12
N GLU B 815 9.54 0.85 19.80
CA GLU B 815 10.39 1.80 19.10
C GLU B 815 11.67 1.17 18.57
N ASP B 816 12.07 0.02 19.11
CA ASP B 816 13.21 -0.74 18.61
C ASP B 816 12.82 -1.65 17.46
N LEU B 817 11.57 -2.07 17.41
CA LEU B 817 11.09 -2.81 16.26
C LEU B 817 10.81 -1.91 15.07
N LEU B 818 10.63 -0.61 15.26
CA LEU B 818 10.36 0.32 14.19
C LEU B 818 11.63 0.74 13.45
N LYS B 819 12.80 0.51 14.03
CA LYS B 819 14.07 0.79 13.35
C LYS B 819 14.34 -0.13 12.19
N GLU B 820 13.65 -1.27 12.12
CA GLU B 820 13.82 -2.22 11.04
C GLU B 820 13.06 -1.81 9.78
N TYR B 821 12.31 -0.71 9.83
CA TYR B 821 11.55 -0.24 8.71
C TYR B 821 12.10 1.05 8.14
N GLY B 822 13.31 1.44 8.53
CA GLY B 822 13.95 2.61 7.98
C GLY B 822 13.82 3.81 8.88
N GLN B 823 14.11 4.98 8.36
CA GLN B 823 13.88 6.24 9.06
C GLN B 823 12.49 6.71 8.66
N PHE B 824 11.48 6.05 9.20
CA PHE B 824 10.12 6.22 8.73
C PHE B 824 9.52 7.55 9.15
N CYS B 825 9.63 7.92 10.42
CA CYS B 825 8.90 9.06 10.93
C CYS B 825 9.55 10.38 10.51
N SER B 826 10.83 10.36 10.16
CA SER B 826 11.48 11.56 9.67
C SER B 826 10.98 11.95 8.29
N LYS B 827 10.55 10.98 7.50
CA LYS B 827 10.07 11.23 6.16
C LYS B 827 8.58 11.53 6.10
N ILE B 828 7.81 11.04 7.07
CA ILE B 828 6.45 11.49 7.27
C ILE B 828 6.40 12.94 7.74
N ASN B 829 7.30 13.34 8.64
CA ASN B 829 7.36 14.72 9.11
C ASN B 829 7.77 15.70 8.03
N GLN B 830 8.70 15.33 7.17
CA GLN B 830 9.18 16.22 6.13
C GLN B 830 8.21 16.36 4.97
N ALA B 831 7.39 15.36 4.70
CA ALA B 831 6.42 15.48 3.62
C ALA B 831 5.29 16.40 3.98
N LEU B 832 4.74 16.27 5.19
CA LEU B 832 3.67 17.12 5.65
C LEU B 832 4.11 18.53 5.97
N HIS B 833 5.38 18.73 6.34
CA HIS B 833 5.87 20.08 6.51
C HIS B 833 5.99 20.80 5.18
N GLY B 834 6.47 20.12 4.15
CA GLY B 834 6.54 20.71 2.84
C GLY B 834 5.21 20.88 2.16
N ALA B 835 4.22 20.06 2.49
CA ALA B 835 2.88 20.30 1.97
C ALA B 835 2.24 21.54 2.57
N ASN B 836 2.44 21.79 3.86
CA ASN B 836 1.90 22.95 4.52
C ASN B 836 2.60 24.24 4.14
N LEU B 837 3.82 24.15 3.60
CA LEU B 837 4.57 25.31 3.18
C LEU B 837 4.12 25.87 1.85
N ARG B 838 3.78 25.00 0.89
CA ARG B 838 3.28 25.46 -0.39
C ARG B 838 1.79 25.73 -0.36
N GLN B 839 1.11 25.41 0.74
CA GLN B 839 -0.21 25.91 1.01
C GLN B 839 -0.22 27.35 1.43
N ASP B 840 0.83 27.83 2.08
CA ASP B 840 0.96 29.21 2.50
C ASP B 840 1.46 30.11 1.38
N GLU B 841 2.20 29.59 0.41
CA GLU B 841 2.66 30.38 -0.71
C GLU B 841 1.60 30.51 -1.80
N SER B 842 0.52 29.74 -1.73
CA SER B 842 -0.59 29.89 -2.65
C SER B 842 -1.62 30.88 -2.15
N ILE B 843 -1.88 30.89 -0.84
CA ILE B 843 -2.77 31.90 -0.27
C ILE B 843 -2.16 33.28 -0.32
N ALA B 844 -0.86 33.39 -0.07
CA ALA B 844 -0.19 34.68 -0.07
C ALA B 844 -0.06 35.29 -1.45
N ASN B 845 -0.07 34.48 -2.51
CA ASN B 845 -0.10 35.00 -3.85
C ASN B 845 -1.47 35.52 -4.26
N LEU B 846 -2.53 34.82 -3.87
CA LEU B 846 -3.88 35.24 -4.17
C LEU B 846 -4.24 36.52 -3.45
N PHE B 847 -3.70 36.73 -2.25
CA PHE B 847 -4.00 37.89 -1.42
C PHE B 847 -3.04 39.04 -1.66
N SER B 848 -2.07 38.89 -2.55
CA SER B 848 -1.09 39.93 -2.81
C SER B 848 -1.57 40.95 -3.82
N SER B 849 -2.81 40.86 -4.26
CA SER B 849 -3.37 41.89 -5.11
C SER B 849 -3.97 43.03 -4.32
N ILE B 850 -4.08 42.90 -2.99
CA ILE B 850 -4.54 44.00 -2.15
C ILE B 850 -3.55 45.16 -2.16
N LYS B 851 -2.26 44.86 -2.19
CA LYS B 851 -1.23 45.88 -2.08
C LYS B 851 -0.99 46.66 -3.36
N THR B 852 -1.60 46.26 -4.47
CA THR B 852 -1.37 46.93 -5.75
C THR B 852 -2.65 47.45 -6.38
N GLN B 853 -3.81 47.18 -5.80
CA GLN B 853 -5.08 47.46 -6.44
C GLN B 853 -5.57 48.86 -6.08
N ASN B 854 -5.89 49.64 -7.10
CA ASN B 854 -6.51 50.94 -6.93
C ASN B 854 -8.01 50.76 -6.75
N THR B 855 -8.58 51.58 -5.88
CA THR B 855 -9.93 51.35 -5.41
C THR B 855 -10.63 52.68 -5.28
N GLN B 856 -11.95 52.69 -5.51
CA GLN B 856 -12.70 53.89 -5.20
C GLN B 856 -13.70 53.62 -4.09
N PRO B 857 -14.08 54.62 -3.30
CA PRO B 857 -15.09 54.40 -2.26
C PRO B 857 -16.49 54.37 -2.84
N LEU B 858 -17.28 53.42 -2.37
CA LEU B 858 -18.69 53.33 -2.75
C LEU B 858 -19.56 53.96 -1.67
N GLN B 859 -20.84 54.07 -1.96
CA GLN B 859 -21.79 54.58 -1.00
C GLN B 859 -22.47 53.43 -0.27
N ALA B 860 -22.96 53.72 0.93
CA ALA B 860 -23.53 52.70 1.80
C ALA B 860 -25.00 52.52 1.44
N GLY B 861 -25.26 51.61 0.50
CA GLY B 861 -26.61 51.16 0.24
C GLY B 861 -27.14 51.38 -1.15
N LEU B 862 -27.05 52.59 -1.68
CA LEU B 862 -27.62 52.81 -3.01
C LEU B 862 -26.71 53.68 -3.87
N ASN B 863 -26.12 53.06 -4.89
CA ASN B 863 -25.19 53.72 -5.79
C ASN B 863 -25.91 53.99 -7.09
N GLY B 864 -26.45 55.17 -7.23
CA GLY B 864 -27.33 55.47 -8.37
C GLY B 864 -28.75 54.99 -8.09
N ASP B 865 -29.12 53.87 -8.69
CA ASP B 865 -30.37 53.19 -8.37
C ASP B 865 -30.11 51.72 -8.10
N PHE B 866 -28.84 51.34 -7.99
CA PHE B 866 -28.42 49.96 -7.78
C PHE B 866 -28.19 49.74 -6.30
N ASN B 867 -28.91 48.80 -5.72
CA ASN B 867 -28.84 48.52 -4.30
C ASN B 867 -27.79 47.45 -4.06
N LEU B 868 -26.67 47.85 -3.46
CA LEU B 868 -25.54 46.97 -3.21
C LEU B 868 -25.43 46.56 -1.76
N THR B 869 -26.51 46.67 -0.98
CA THR B 869 -26.48 46.44 0.45
C THR B 869 -26.25 44.98 0.82
N MET B 870 -26.60 44.04 -0.06
CA MET B 870 -26.34 42.64 0.19
C MET B 870 -24.85 42.30 0.18
N LEU B 871 -24.03 43.12 -0.45
CA LEU B 871 -22.62 42.80 -0.66
C LEU B 871 -21.70 43.61 0.23
N GLN B 872 -22.22 44.55 1.00
CA GLN B 872 -21.40 45.45 1.79
C GLN B 872 -21.42 45.02 3.25
N ILE B 873 -20.36 45.41 3.97
CA ILE B 873 -20.24 45.12 5.39
C ILE B 873 -21.04 46.17 6.15
N PRO B 874 -21.99 45.78 6.99
CA PRO B 874 -22.80 46.76 7.72
C PRO B 874 -22.03 47.49 8.80
N GLN B 875 -22.01 48.83 8.72
CA GLN B 875 -21.24 49.63 9.66
C GLN B 875 -21.93 49.71 11.00
N VAL B 876 -21.16 50.02 12.04
CA VAL B 876 -21.62 49.94 13.42
C VAL B 876 -21.09 51.12 14.21
N THR B 877 -21.78 51.43 15.31
CA THR B 877 -21.38 52.52 16.19
C THR B 877 -20.31 52.06 17.19
N THR B 878 -20.63 51.06 18.01
CA THR B 878 -19.68 50.49 18.94
C THR B 878 -18.58 49.75 18.20
N GLY B 879 -17.40 49.70 18.80
CA GLY B 879 -16.23 49.15 18.14
C GLY B 879 -16.20 47.63 18.00
N GLU B 880 -17.22 47.05 17.38
CA GLU B 880 -17.22 45.63 17.09
C GLU B 880 -16.64 45.31 15.73
N ARG B 881 -16.83 46.20 14.74
CA ARG B 881 -16.18 46.17 13.43
C ARG B 881 -16.39 44.86 12.70
N LYS B 882 -17.63 44.60 12.26
CA LYS B 882 -18.03 43.40 11.53
C LYS B 882 -17.10 43.03 10.38
N TYR B 883 -16.86 41.74 10.19
CA TYR B 883 -15.96 41.25 9.17
C TYR B 883 -16.71 40.39 8.15
N ARG B 884 -18.02 40.55 8.08
CA ARG B 884 -18.84 39.65 7.28
C ARG B 884 -20.01 40.44 6.71
N SER B 885 -20.23 40.28 5.40
CA SER B 885 -21.30 41.00 4.73
C SER B 885 -22.63 40.29 5.00
N THR B 886 -23.70 40.79 4.38
CA THR B 886 -25.02 40.24 4.63
C THR B 886 -25.22 38.90 3.94
N ILE B 887 -24.71 38.75 2.71
CA ILE B 887 -24.86 37.49 2.00
C ILE B 887 -23.85 36.46 2.50
N GLU B 888 -22.73 36.91 3.04
CA GLU B 888 -21.74 36.02 3.65
C GLU B 888 -22.17 35.48 4.99
N ASP B 889 -22.86 36.27 5.79
CA ASP B 889 -23.44 35.81 7.04
C ASP B 889 -24.59 34.85 6.84
N LEU B 890 -25.21 34.85 5.67
CA LEU B 890 -26.28 33.94 5.33
C LEU B 890 -25.77 32.63 4.74
N LEU B 891 -24.58 32.64 4.15
CA LEU B 891 -23.95 31.44 3.60
C LEU B 891 -23.21 30.65 4.67
N PHE B 892 -22.58 31.33 5.62
CA PHE B 892 -21.86 30.66 6.69
C PHE B 892 -22.79 30.00 7.70
N ASN B 893 -24.02 30.50 7.87
CA ASN B 893 -24.98 29.81 8.72
C ASN B 893 -25.86 28.86 7.93
N LYS B 894 -25.26 28.09 7.03
CA LYS B 894 -25.97 27.01 6.36
C LYS B 894 -25.03 25.82 6.27
N VAL B 895 -23.80 26.04 6.72
CA VAL B 895 -22.73 25.05 6.66
C VAL B 895 -22.42 24.64 8.09
N THR B 896 -22.20 23.36 8.29
CA THR B 896 -21.92 22.80 9.61
C THR B 896 -20.43 22.51 9.70
N ILE B 897 -19.66 23.43 10.26
CA ILE B 897 -18.23 23.26 10.47
C ILE B 897 -17.96 23.14 11.96
N ALA B 898 -17.05 22.25 12.32
CA ALA B 898 -16.66 22.08 13.71
C ALA B 898 -15.63 23.14 14.08
N ASP B 899 -15.88 23.85 15.17
CA ASP B 899 -14.97 24.85 15.68
C ASP B 899 -13.72 24.18 16.25
N PRO B 900 -12.52 24.52 15.75
CA PRO B 900 -11.32 23.75 16.11
C PRO B 900 -10.65 24.17 17.41
N GLY B 901 -11.01 25.32 17.98
CA GLY B 901 -10.44 25.76 19.23
C GLY B 901 -8.96 26.04 19.15
N TYR B 902 -8.56 27.10 18.44
CA TYR B 902 -7.14 27.36 18.25
C TYR B 902 -6.48 27.94 19.49
N MET B 903 -7.23 28.58 20.37
CA MET B 903 -6.63 29.29 21.48
C MET B 903 -6.50 28.42 22.72
N GLN B 904 -7.62 27.90 23.22
CA GLN B 904 -7.63 27.04 24.39
C GLN B 904 -8.54 25.84 24.16
N GLY B 905 -8.38 25.19 23.03
CA GLY B 905 -9.16 24.01 22.73
C GLY B 905 -8.74 22.75 23.44
N TYR B 906 -7.60 22.73 24.11
CA TYR B 906 -7.19 21.58 24.89
C TYR B 906 -7.97 21.46 26.18
N ASP B 907 -8.36 22.59 26.75
CA ASP B 907 -9.11 22.60 28.01
C ASP B 907 -10.60 22.59 27.81
N GLU B 908 -11.10 23.00 26.64
CA GLU B 908 -12.50 22.87 26.32
C GLU B 908 -12.93 21.43 26.11
N CYS B 909 -12.01 20.55 25.72
CA CYS B 909 -12.30 19.13 25.59
C CYS B 909 -12.30 18.40 26.92
N MET B 910 -11.95 19.09 28.01
CA MET B 910 -12.01 18.52 29.33
C MET B 910 -13.23 18.96 30.12
N GLN B 911 -13.73 20.17 29.92
CA GLN B 911 -14.93 20.64 30.61
C GLN B 911 -16.19 19.94 30.13
N GLN B 912 -16.26 19.60 28.86
CA GLN B 912 -17.35 18.80 28.33
C GLN B 912 -16.89 17.35 28.21
N GLY B 913 -17.87 16.45 28.16
CA GLY B 913 -17.57 15.05 28.01
C GLY B 913 -17.43 14.68 26.54
N PRO B 914 -17.70 13.43 26.21
CA PRO B 914 -17.60 13.01 24.80
C PRO B 914 -18.83 13.36 23.97
N GLN B 915 -18.97 14.61 23.57
CA GLN B 915 -20.03 15.04 22.64
C GLN B 915 -19.58 14.63 21.24
N SER B 916 -20.31 13.70 20.64
CA SER B 916 -19.85 13.04 19.41
C SER B 916 -20.28 13.85 18.19
N ALA B 917 -19.96 15.14 18.17
CA ALA B 917 -20.09 15.98 16.99
C ALA B 917 -18.83 16.80 16.85
N ARG B 918 -18.10 16.92 17.96
CA ARG B 918 -16.78 17.52 18.02
C ARG B 918 -15.81 16.47 18.53
N ASP B 919 -15.93 15.27 17.99
CA ASP B 919 -15.13 14.15 18.45
C ASP B 919 -13.83 13.97 17.68
N LEU B 920 -13.78 14.35 16.41
CA LEU B 920 -12.49 14.37 15.72
C LEU B 920 -11.77 15.69 15.89
N ILE B 921 -12.36 16.62 16.64
CA ILE B 921 -11.67 17.79 17.14
C ILE B 921 -11.02 17.51 18.48
N CYS B 922 -11.68 16.76 19.35
CA CYS B 922 -11.04 16.33 20.59
C CYS B 922 -10.20 15.09 20.43
N ALA B 923 -10.10 14.50 19.23
CA ALA B 923 -9.24 13.37 18.99
C ALA B 923 -7.83 13.78 18.58
N GLN B 924 -7.54 15.07 18.52
CA GLN B 924 -6.18 15.50 18.29
C GLN B 924 -5.29 15.18 19.46
N TYR B 925 -5.84 15.13 20.67
CA TYR B 925 -5.07 14.97 21.88
C TYR B 925 -5.08 13.54 22.39
N VAL B 926 -5.77 12.64 21.71
CA VAL B 926 -5.67 11.21 22.02
C VAL B 926 -5.10 10.39 20.87
N ALA B 927 -5.18 10.83 19.62
CA ALA B 927 -4.58 10.11 18.51
C ALA B 927 -3.17 10.58 18.19
N GLY B 928 -2.96 11.89 18.18
CA GLY B 928 -1.60 12.39 18.00
C GLY B 928 -1.40 13.29 16.81
N TYR B 929 -2.43 13.99 16.37
CA TYR B 929 -2.29 14.94 15.29
C TYR B 929 -2.69 16.33 15.75
N LYS B 930 -2.66 17.28 14.81
CA LYS B 930 -2.94 18.68 15.13
C LYS B 930 -3.57 19.32 13.91
N VAL B 931 -4.59 20.14 14.13
CA VAL B 931 -5.14 20.98 13.09
C VAL B 931 -4.55 22.37 13.25
N LEU B 932 -3.82 22.83 12.24
CA LEU B 932 -3.10 24.09 12.27
C LEU B 932 -4.01 25.24 11.87
N PRO B 933 -3.88 26.40 12.51
CA PRO B 933 -4.72 27.55 12.15
C PRO B 933 -4.34 28.09 10.78
N PRO B 934 -5.27 28.73 10.08
CA PRO B 934 -4.95 29.28 8.76
C PRO B 934 -4.01 30.47 8.87
N LEU B 935 -3.50 30.87 7.70
CA LEU B 935 -2.46 31.89 7.65
C LEU B 935 -3.00 33.28 7.99
N TYR B 936 -4.23 33.58 7.59
CA TYR B 936 -4.83 34.88 7.84
C TYR B 936 -6.11 34.70 8.64
N ASP B 937 -6.43 35.70 9.45
CA ASP B 937 -7.66 35.70 10.23
C ASP B 937 -8.81 36.17 9.36
N PRO B 938 -10.08 36.07 9.82
CA PRO B 938 -11.19 36.58 9.02
C PRO B 938 -11.25 38.07 8.76
N TYR B 939 -10.39 38.87 9.36
CA TYR B 939 -10.36 40.28 9.03
C TYR B 939 -9.50 40.58 7.82
N MET B 940 -8.56 39.70 7.48
CA MET B 940 -7.76 39.90 6.30
C MET B 940 -8.52 39.52 5.04
N GLU B 941 -9.28 38.42 5.09
CA GLU B 941 -10.03 38.01 3.92
C GLU B 941 -11.33 38.79 3.75
N ALA B 942 -11.74 39.55 4.74
CA ALA B 942 -12.79 40.55 4.57
C ALA B 942 -12.27 41.83 3.95
N ALA B 943 -10.96 42.04 3.96
CA ALA B 943 -10.35 43.14 3.23
C ALA B 943 -10.03 42.78 1.80
N TYR B 944 -9.94 41.49 1.49
CA TYR B 944 -9.70 41.07 0.12
C TYR B 944 -10.94 41.23 -0.73
N THR B 945 -12.11 40.90 -0.19
CA THR B 945 -13.33 41.01 -0.97
C THR B 945 -13.96 42.38 -0.93
N SER B 946 -13.54 43.24 -0.01
CA SER B 946 -13.93 44.65 -0.06
C SER B 946 -13.15 45.46 -1.07
N SER B 947 -11.91 45.05 -1.37
CA SER B 947 -11.14 45.65 -2.44
C SER B 947 -11.53 45.13 -3.81
N LEU B 948 -12.20 43.98 -3.87
CA LEU B 948 -12.73 43.44 -5.11
C LEU B 948 -14.04 44.11 -5.52
N LEU B 949 -14.77 44.68 -4.58
CA LEU B 949 -16.04 45.31 -4.87
C LEU B 949 -15.88 46.72 -5.41
N GLY B 950 -14.85 47.44 -4.99
CA GLY B 950 -14.70 48.82 -5.39
C GLY B 950 -13.46 49.11 -6.21
N SER B 951 -12.98 48.14 -6.98
CA SER B 951 -11.78 48.33 -7.78
C SER B 951 -12.04 49.33 -8.90
N ILE B 952 -11.03 50.15 -9.21
CA ILE B 952 -11.20 51.23 -10.18
C ILE B 952 -11.24 50.66 -11.59
N ALA B 953 -10.15 49.99 -11.99
CA ALA B 953 -10.02 49.30 -13.28
C ALA B 953 -10.28 50.22 -14.47
N GLY B 954 -9.30 51.09 -14.78
CA GLY B 954 -9.45 52.16 -15.77
C GLY B 954 -10.07 51.81 -17.12
N ALA B 955 -10.57 52.87 -17.79
CA ALA B 955 -11.78 52.82 -18.63
C ALA B 955 -11.73 51.77 -19.73
N SER B 956 -12.91 51.34 -20.14
CA SER B 956 -13.09 50.11 -20.91
C SER B 956 -13.12 50.34 -22.41
N TRP B 957 -12.42 51.37 -22.87
CA TRP B 957 -12.25 51.59 -24.31
C TRP B 957 -10.78 51.83 -24.58
N THR B 958 -9.96 51.66 -23.55
CA THR B 958 -8.54 51.98 -23.60
C THR B 958 -7.73 50.69 -23.58
N ALA B 959 -6.56 50.73 -24.21
CA ALA B 959 -5.61 49.63 -24.11
C ALA B 959 -4.68 49.86 -22.92
N GLY B 960 -4.14 48.77 -22.39
CA GLY B 960 -3.21 48.84 -21.28
C GLY B 960 -3.91 48.61 -19.96
N LEU B 961 -3.09 48.53 -18.92
CA LEU B 961 -3.54 48.27 -17.57
C LEU B 961 -2.92 49.26 -16.59
N SER B 962 -2.60 50.46 -17.07
CA SER B 962 -1.76 51.37 -16.31
C SER B 962 -2.42 52.70 -15.98
N SER B 963 -3.67 52.92 -16.37
CA SER B 963 -4.41 54.10 -15.97
C SER B 963 -5.63 53.65 -15.20
N PHE B 964 -6.13 54.54 -14.33
CA PHE B 964 -7.21 54.19 -13.41
C PHE B 964 -8.24 55.30 -13.42
N ALA B 965 -9.37 55.05 -14.07
CA ALA B 965 -10.41 56.06 -14.27
C ALA B 965 -11.52 55.85 -13.27
N ALA B 966 -11.71 56.83 -12.39
CA ALA B 966 -12.66 56.70 -11.29
C ALA B 966 -14.04 57.19 -11.73
N ILE B 967 -14.70 56.34 -12.51
CA ILE B 967 -16.08 56.56 -12.91
C ILE B 967 -16.96 55.81 -11.93
N PRO B 968 -18.16 56.29 -11.60
CA PRO B 968 -18.98 55.64 -10.58
C PRO B 968 -19.49 54.27 -11.01
N PHE B 969 -20.05 53.54 -10.04
CA PHE B 969 -20.51 52.18 -10.29
C PHE B 969 -21.71 52.18 -11.22
N ALA B 970 -22.64 53.10 -11.04
CA ALA B 970 -23.83 53.17 -11.87
C ALA B 970 -23.51 53.49 -13.31
N GLN B 971 -22.49 54.29 -13.57
CA GLN B 971 -22.10 54.63 -14.93
C GLN B 971 -21.28 53.55 -15.60
N SER B 972 -20.58 52.71 -14.85
CA SER B 972 -19.78 51.67 -15.45
C SER B 972 -20.57 50.39 -15.69
N ILE B 973 -21.77 50.27 -15.13
CA ILE B 973 -22.66 49.19 -15.53
C ILE B 973 -23.27 49.47 -16.88
N PHE B 974 -23.68 50.70 -17.14
CA PHE B 974 -24.26 51.09 -18.42
C PHE B 974 -23.24 51.10 -19.55
N TYR B 975 -21.94 51.07 -19.26
CA TYR B 975 -20.92 50.88 -20.27
C TYR B 975 -20.65 49.42 -20.55
N ARG B 976 -21.02 48.53 -19.64
CA ARG B 976 -20.96 47.10 -19.88
C ARG B 976 -22.17 46.58 -20.63
N LEU B 977 -23.31 47.24 -20.53
CA LEU B 977 -24.48 46.93 -21.33
C LEU B 977 -24.39 47.48 -22.73
N ASN B 978 -23.69 48.59 -22.93
CA ASN B 978 -23.43 49.15 -24.24
C ASN B 978 -22.38 48.36 -24.99
N GLY B 979 -21.58 47.57 -24.29
CA GLY B 979 -20.54 46.81 -24.93
C GLY B 979 -21.03 45.50 -25.51
N VAL B 980 -22.20 45.05 -25.06
CA VAL B 980 -22.75 43.79 -25.56
C VAL B 980 -23.78 43.98 -26.66
N GLY B 981 -24.08 45.22 -27.02
CA GLY B 981 -24.95 45.48 -28.14
C GLY B 981 -26.25 46.17 -27.83
N ILE B 982 -26.34 46.93 -26.75
CA ILE B 982 -27.52 47.74 -26.46
C ILE B 982 -27.14 49.19 -26.70
N THR B 983 -27.87 49.87 -27.56
CA THR B 983 -27.51 51.23 -27.94
C THR B 983 -27.82 52.21 -26.82
N GLN B 984 -27.28 53.41 -26.95
CA GLN B 984 -27.43 54.46 -25.95
C GLN B 984 -28.82 55.06 -25.92
N GLN B 985 -29.65 54.82 -26.92
CA GLN B 985 -31.01 55.33 -26.92
C GLN B 985 -31.98 54.38 -26.23
N VAL B 986 -31.58 53.13 -26.05
CA VAL B 986 -32.40 52.19 -25.29
C VAL B 986 -32.03 52.30 -23.83
N LEU B 987 -30.74 52.44 -23.55
CA LEU B 987 -30.24 52.57 -22.20
C LEU B 987 -30.64 53.86 -21.51
N SER B 988 -30.92 54.91 -22.27
CA SER B 988 -31.37 56.17 -21.69
C SER B 988 -32.86 56.22 -21.45
N GLU B 989 -33.65 55.50 -22.23
CA GLU B 989 -35.09 55.44 -22.02
C GLU B 989 -35.51 54.40 -21.00
N ASN B 990 -34.63 53.47 -20.66
CA ASN B 990 -34.98 52.40 -19.75
C ASN B 990 -34.01 52.31 -18.59
N GLN B 991 -33.69 53.43 -17.95
CA GLN B 991 -32.77 53.40 -16.81
C GLN B 991 -33.41 52.73 -15.60
N LYS B 992 -34.63 53.14 -15.27
CA LYS B 992 -35.30 52.65 -14.07
C LYS B 992 -35.68 51.19 -14.18
N ILE B 993 -36.07 50.74 -15.38
CA ILE B 993 -36.45 49.35 -15.57
C ILE B 993 -35.23 48.44 -15.45
N ILE B 994 -34.10 48.87 -16.02
CA ILE B 994 -32.86 48.10 -15.94
C ILE B 994 -32.36 48.05 -14.49
N ALA B 995 -32.48 49.17 -13.78
CA ALA B 995 -32.08 49.20 -12.38
C ALA B 995 -32.97 48.31 -11.51
N ASN B 996 -34.27 48.27 -11.81
CA ASN B 996 -35.17 47.40 -11.05
C ASN B 996 -34.89 45.93 -11.31
N LYS B 997 -34.68 45.56 -12.58
CA LYS B 997 -34.32 44.19 -12.91
C LYS B 997 -32.98 43.77 -12.34
N PHE B 998 -32.03 44.69 -12.21
CA PHE B 998 -30.78 44.37 -11.55
C PHE B 998 -30.96 44.23 -10.05
N ASN B 999 -31.86 45.02 -9.46
CA ASN B 999 -32.07 44.96 -8.02
C ASN B 999 -32.79 43.69 -7.60
N GLN B 1000 -33.74 43.22 -8.40
CA GLN B 1000 -34.41 41.98 -8.03
C GLN B 1000 -33.74 40.75 -8.65
N ALA B 1001 -32.42 40.74 -8.63
CA ALA B 1001 -31.64 39.57 -8.99
C ALA B 1001 -30.59 39.38 -7.91
N LEU B 1002 -30.27 40.48 -7.22
CA LEU B 1002 -29.50 40.43 -6.00
C LEU B 1002 -30.36 40.11 -4.78
N GLY B 1003 -31.66 40.29 -4.89
CA GLY B 1003 -32.54 39.93 -3.79
C GLY B 1003 -32.94 38.48 -3.87
N ALA B 1004 -32.59 37.83 -4.98
CA ALA B 1004 -32.87 36.42 -5.15
C ALA B 1004 -31.67 35.54 -4.94
N MET B 1005 -30.50 36.11 -4.61
CA MET B 1005 -29.34 35.29 -4.31
C MET B 1005 -29.50 34.59 -2.98
N GLN B 1006 -30.16 35.24 -2.02
CA GLN B 1006 -30.36 34.65 -0.71
C GLN B 1006 -31.64 33.83 -0.65
N THR B 1007 -31.88 33.03 -1.67
CA THR B 1007 -32.89 31.98 -1.65
C THR B 1007 -32.34 30.81 -2.46
N GLY B 1008 -31.02 30.77 -2.61
CA GLY B 1008 -30.38 29.75 -3.43
C GLY B 1008 -29.40 28.95 -2.62
N PHE B 1009 -29.47 29.07 -1.31
CA PHE B 1009 -28.62 28.27 -0.42
C PHE B 1009 -29.38 27.04 0.08
N THR B 1010 -29.85 26.23 -0.85
CA THR B 1010 -30.61 25.02 -0.54
C THR B 1010 -29.92 23.81 -1.14
N THR B 1011 -30.37 22.63 -0.75
CA THR B 1011 -29.75 21.39 -1.22
C THR B 1011 -30.09 21.06 -2.66
N THR B 1012 -31.03 21.75 -3.31
CA THR B 1012 -31.25 21.58 -4.74
C THR B 1012 -30.21 22.33 -5.56
N ASN B 1013 -29.68 23.43 -5.04
CA ASN B 1013 -28.65 24.20 -5.70
C ASN B 1013 -27.36 23.42 -5.69
N LEU B 1014 -26.91 23.01 -6.87
CA LEU B 1014 -25.76 22.12 -6.96
C LEU B 1014 -24.44 22.83 -6.81
N ALA B 1015 -24.42 24.15 -6.91
CA ALA B 1015 -23.20 24.93 -6.67
C ALA B 1015 -22.98 25.21 -5.20
N PHE B 1016 -24.03 25.13 -4.38
CA PHE B 1016 -23.92 25.24 -2.95
C PHE B 1016 -23.57 23.92 -2.29
N ASN B 1017 -23.91 22.80 -2.92
CA ASN B 1017 -23.59 21.48 -2.39
C ASN B 1017 -22.12 21.15 -2.46
N LYS B 1018 -21.34 21.92 -3.22
CA LYS B 1018 -19.91 21.75 -3.25
C LYS B 1018 -19.20 22.51 -2.14
N VAL B 1019 -19.88 23.45 -1.50
CA VAL B 1019 -19.32 24.07 -0.32
C VAL B 1019 -19.33 23.12 0.86
N GLN B 1020 -20.39 22.35 1.02
CA GLN B 1020 -20.50 21.36 2.07
C GLN B 1020 -19.68 20.11 1.80
N ASP B 1021 -19.51 19.73 0.54
CA ASP B 1021 -18.73 18.55 0.19
C ASP B 1021 -17.23 18.74 0.34
N ALA B 1022 -16.75 19.96 0.49
CA ALA B 1022 -15.38 20.22 0.89
C ALA B 1022 -15.19 20.18 2.40
N VAL B 1023 -16.19 20.64 3.15
CA VAL B 1023 -16.19 20.51 4.60
C VAL B 1023 -16.23 19.03 4.99
N ASN B 1024 -17.04 18.25 4.30
CA ASN B 1024 -17.13 16.82 4.57
C ASN B 1024 -15.86 16.09 4.16
N ALA B 1025 -15.19 16.55 3.11
CA ALA B 1025 -13.95 15.92 2.68
C ALA B 1025 -12.82 16.24 3.65
N ASN B 1026 -12.84 17.42 4.24
CA ASN B 1026 -11.85 17.77 5.27
C ASN B 1026 -11.99 16.91 6.51
N ALA B 1027 -13.21 16.55 6.89
CA ALA B 1027 -13.47 15.80 8.10
C ALA B 1027 -13.36 14.30 7.93
N MET B 1028 -13.60 13.79 6.72
CA MET B 1028 -13.48 12.38 6.45
C MET B 1028 -12.04 11.91 6.46
N ALA B 1029 -11.09 12.80 6.19
CA ALA B 1029 -9.68 12.45 6.25
C ALA B 1029 -9.20 12.26 7.68
N LEU B 1030 -9.71 13.06 8.60
CA LEU B 1030 -9.31 12.99 9.99
C LEU B 1030 -9.92 11.81 10.73
N SER B 1031 -11.08 11.34 10.30
CA SER B 1031 -11.70 10.22 10.98
C SER B 1031 -11.13 8.90 10.55
N LYS B 1032 -10.49 8.84 9.38
CA LYS B 1032 -9.78 7.66 8.93
C LYS B 1032 -8.39 7.56 9.51
N LEU B 1033 -7.95 8.57 10.25
CA LEU B 1033 -6.72 8.48 11.02
C LEU B 1033 -6.96 7.94 12.41
N ALA B 1034 -7.98 8.44 13.10
CA ALA B 1034 -8.27 8.04 14.45
C ALA B 1034 -8.91 6.67 14.54
N ALA B 1035 -9.53 6.18 13.47
CA ALA B 1035 -10.19 4.88 13.50
C ALA B 1035 -9.26 3.73 13.25
N GLU B 1036 -8.04 3.98 12.77
CA GLU B 1036 -7.06 2.92 12.55
C GLU B 1036 -6.27 2.60 13.79
N LEU B 1037 -6.56 3.25 14.90
CA LEU B 1037 -5.91 2.96 16.16
C LEU B 1037 -6.70 2.03 17.05
N SER B 1038 -7.95 1.72 16.68
CA SER B 1038 -8.74 0.75 17.41
C SER B 1038 -8.84 -0.58 16.69
N ASN B 1039 -8.19 -0.73 15.54
CA ASN B 1039 -8.10 -2.01 14.86
C ASN B 1039 -7.03 -2.85 15.51
N THR B 1040 -7.25 -4.16 15.51
CA THR B 1040 -6.25 -5.07 16.04
C THR B 1040 -5.38 -5.69 14.97
N PHE B 1041 -5.84 -5.69 13.72
CA PHE B 1041 -5.12 -6.20 12.55
C PHE B 1041 -4.75 -7.67 12.68
N GLY B 1042 -5.54 -8.41 13.44
CA GLY B 1042 -5.29 -9.81 13.68
C GLY B 1042 -4.48 -10.13 14.92
N ALA B 1043 -4.02 -9.12 15.66
CA ALA B 1043 -3.33 -9.36 16.92
C ALA B 1043 -4.34 -9.68 18.01
N ILE B 1044 -3.83 -9.97 19.21
CA ILE B 1044 -4.72 -10.32 20.32
C ILE B 1044 -5.42 -9.11 20.90
N SER B 1045 -4.91 -7.91 20.66
CA SER B 1045 -5.49 -6.68 21.21
C SER B 1045 -5.01 -5.53 20.35
N SER B 1046 -5.69 -4.40 20.47
CA SER B 1046 -5.29 -3.18 19.78
C SER B 1046 -4.45 -2.28 20.66
N SER B 1047 -3.94 -2.81 21.76
CA SER B 1047 -3.23 -2.05 22.77
C SER B 1047 -1.91 -2.73 23.04
N ILE B 1048 -0.82 -1.96 22.99
CA ILE B 1048 0.50 -2.53 23.23
C ILE B 1048 0.71 -2.91 24.69
N SER B 1049 0.12 -2.18 25.63
CA SER B 1049 0.29 -2.51 27.04
C SER B 1049 -0.41 -3.79 27.45
N ASP B 1050 -1.34 -4.32 26.64
CA ASP B 1050 -1.93 -5.62 26.86
C ASP B 1050 -1.17 -6.75 26.22
N ILE B 1051 -0.53 -6.51 25.08
CA ILE B 1051 0.35 -7.52 24.49
C ILE B 1051 1.57 -7.76 25.36
N LEU B 1052 2.10 -6.71 25.98
CA LEU B 1052 3.25 -6.82 26.85
C LEU B 1052 2.92 -7.48 28.18
N ALA B 1053 1.66 -7.56 28.55
CA ALA B 1053 1.27 -8.13 29.83
C ALA B 1053 0.79 -9.57 29.74
N ARG B 1054 0.42 -10.06 28.56
CA ARG B 1054 -0.10 -11.41 28.43
C ARG B 1054 0.86 -12.40 27.81
N LEU B 1055 1.81 -11.96 26.99
CA LEU B 1055 2.68 -12.86 26.26
C LEU B 1055 4.10 -12.75 26.79
N ASP B 1056 4.99 -13.56 26.24
CA ASP B 1056 6.41 -13.52 26.56
C ASP B 1056 7.18 -12.93 25.39
N THR B 1057 8.47 -12.70 25.63
CA THR B 1057 9.32 -11.83 24.82
C THR B 1057 9.47 -12.28 23.37
N VAL B 1058 9.37 -13.56 23.08
CA VAL B 1058 9.41 -14.02 21.71
C VAL B 1058 8.05 -13.97 21.03
N GLU B 1059 6.97 -13.98 21.79
CA GLU B 1059 5.64 -13.86 21.22
C GLU B 1059 5.15 -12.44 21.15
N GLN B 1060 5.74 -11.53 21.93
CA GLN B 1060 5.38 -10.13 21.87
C GLN B 1060 5.81 -9.49 20.56
N GLU B 1061 6.96 -9.88 20.04
CA GLU B 1061 7.53 -9.28 18.85
C GLU B 1061 6.78 -9.66 17.58
N ALA B 1062 6.05 -10.77 17.59
CA ALA B 1062 5.25 -11.15 16.45
C ALA B 1062 3.90 -10.49 16.44
N GLN B 1063 3.39 -10.07 17.59
CA GLN B 1063 2.11 -9.38 17.70
C GLN B 1063 2.24 -7.88 17.60
N ILE B 1064 3.32 -7.29 18.12
CA ILE B 1064 3.56 -5.87 17.92
C ILE B 1064 3.88 -5.56 16.47
N ASP B 1065 4.50 -6.49 15.74
CA ASP B 1065 4.79 -6.33 14.33
C ASP B 1065 3.55 -6.33 13.44
N ARG B 1066 2.39 -6.73 13.96
CA ARG B 1066 1.13 -6.59 13.25
C ARG B 1066 0.52 -5.21 13.40
N LEU B 1067 0.52 -4.66 14.61
CA LEU B 1067 0.10 -3.29 14.86
C LEU B 1067 0.99 -2.29 14.14
N ILE B 1068 2.30 -2.53 14.12
CA ILE B 1068 3.23 -1.66 13.41
C ILE B 1068 2.93 -1.64 11.93
N ASN B 1069 2.74 -2.81 11.33
CA ASN B 1069 2.44 -2.90 9.91
C ASN B 1069 1.08 -2.32 9.58
N GLY B 1070 0.12 -2.42 10.48
CA GLY B 1070 -1.18 -1.85 10.22
C GLY B 1070 -1.21 -0.35 10.39
N ARG B 1071 -0.35 0.19 11.24
CA ARG B 1071 -0.33 1.63 11.46
C ARG B 1071 0.62 2.36 10.53
N LEU B 1072 1.60 1.69 9.95
CA LEU B 1072 2.41 2.30 8.91
C LEU B 1072 1.66 2.43 7.59
N THR B 1073 0.67 1.58 7.35
CA THR B 1073 -0.14 1.66 6.15
C THR B 1073 -1.09 2.83 6.18
N SER B 1074 -1.72 3.10 7.32
CA SER B 1074 -2.61 4.23 7.49
C SER B 1074 -1.91 5.57 7.36
N LEU B 1075 -0.72 5.71 7.92
CA LEU B 1075 0.03 6.94 7.77
C LEU B 1075 0.50 7.17 6.35
N ASN B 1076 0.89 6.13 5.63
CA ASN B 1076 1.25 6.28 4.23
C ASN B 1076 0.05 6.67 3.39
N ALA B 1077 -1.11 6.07 3.66
CA ALA B 1077 -2.32 6.44 2.93
C ALA B 1077 -2.80 7.84 3.26
N PHE B 1078 -2.53 8.34 4.46
CA PHE B 1078 -2.91 9.72 4.81
C PHE B 1078 -1.99 10.72 4.13
N VAL B 1079 -0.68 10.49 4.20
CA VAL B 1079 0.29 11.40 3.61
C VAL B 1079 0.19 11.39 2.09
N ALA B 1080 -0.15 10.26 1.49
CA ALA B 1080 -0.32 10.22 0.04
C ALA B 1080 -1.58 10.91 -0.45
N GLN B 1081 -2.59 11.07 0.40
CA GLN B 1081 -3.79 11.80 0.04
C GLN B 1081 -3.66 13.29 0.29
N GLN B 1082 -2.91 13.69 1.31
CA GLN B 1082 -2.70 15.11 1.57
C GLN B 1082 -1.96 15.80 0.44
N LEU B 1083 -1.01 15.12 -0.19
CA LEU B 1083 -0.28 15.73 -1.30
C LEU B 1083 -1.16 15.87 -2.54
N VAL B 1084 -2.05 14.91 -2.77
CA VAL B 1084 -3.01 14.99 -3.87
C VAL B 1084 -3.96 16.16 -3.68
N ARG B 1085 -4.53 16.29 -2.48
CA ARG B 1085 -5.43 17.39 -2.21
C ARG B 1085 -4.73 18.75 -2.19
N THR B 1086 -3.47 18.81 -1.75
CA THR B 1086 -2.69 20.04 -1.80
C THR B 1086 -2.39 20.49 -3.21
N GLU B 1087 -2.03 19.57 -4.11
CA GLU B 1087 -1.81 19.96 -5.49
C GLU B 1087 -3.11 20.35 -6.20
N ALA B 1088 -4.22 19.66 -5.91
CA ALA B 1088 -5.50 20.04 -6.48
C ALA B 1088 -6.00 21.37 -5.97
N ALA B 1089 -5.74 21.72 -4.72
CA ALA B 1089 -6.12 23.03 -4.21
C ALA B 1089 -5.17 24.13 -4.64
N ALA B 1090 -3.93 23.79 -5.01
CA ALA B 1090 -3.04 24.79 -5.58
C ALA B 1090 -3.36 25.10 -7.03
N ARG B 1091 -3.77 24.10 -7.81
CA ARG B 1091 -4.21 24.36 -9.16
C ARG B 1091 -5.52 25.12 -9.21
N SER B 1092 -6.35 24.99 -8.19
CA SER B 1092 -7.66 25.61 -8.16
C SER B 1092 -7.65 27.02 -7.61
N ALA B 1093 -6.59 27.42 -6.90
CA ALA B 1093 -6.41 28.81 -6.53
C ALA B 1093 -5.76 29.63 -7.62
N GLN B 1094 -5.17 28.97 -8.62
CA GLN B 1094 -4.74 29.62 -9.84
C GLN B 1094 -5.91 29.89 -10.77
N LEU B 1095 -6.95 29.06 -10.74
CA LEU B 1095 -8.17 29.31 -11.47
C LEU B 1095 -8.99 30.44 -10.86
N ALA B 1096 -8.87 30.66 -9.55
CA ALA B 1096 -9.59 31.76 -8.93
C ALA B 1096 -8.94 33.10 -9.22
N GLN B 1097 -7.65 33.12 -9.56
CA GLN B 1097 -7.04 34.36 -10.01
C GLN B 1097 -7.47 34.73 -11.42
N ASP B 1098 -7.55 33.74 -12.31
CA ASP B 1098 -8.02 33.99 -13.67
C ASP B 1098 -9.48 34.37 -13.73
N LYS B 1099 -10.29 33.87 -12.81
CA LYS B 1099 -11.70 34.19 -12.76
C LYS B 1099 -11.97 35.52 -12.10
N VAL B 1100 -11.06 36.00 -11.25
CA VAL B 1100 -11.17 37.36 -10.71
C VAL B 1100 -10.69 38.40 -11.70
N ASN B 1101 -9.56 38.19 -12.36
CA ASN B 1101 -9.02 39.14 -13.32
C ASN B 1101 -9.85 39.28 -14.58
N GLU B 1102 -10.69 38.30 -14.89
CA GLU B 1102 -11.49 38.34 -16.10
C GLU B 1102 -12.96 38.64 -15.85
N CYS B 1103 -13.61 37.96 -14.93
CA CYS B 1103 -15.02 38.19 -14.65
C CYS B 1103 -15.26 39.34 -13.69
N VAL B 1104 -14.50 39.44 -12.61
CA VAL B 1104 -14.79 40.44 -11.58
C VAL B 1104 -14.25 41.80 -11.97
N LYS B 1105 -13.00 41.87 -12.42
CA LYS B 1105 -12.39 43.16 -12.74
C LYS B 1105 -12.58 43.57 -14.19
N SER B 1106 -13.10 42.70 -15.03
CA SER B 1106 -13.32 43.03 -16.43
C SER B 1106 -14.63 42.44 -16.91
N GLN B 1107 -14.84 42.40 -18.21
CA GLN B 1107 -16.01 41.79 -18.81
C GLN B 1107 -15.57 40.73 -19.80
N SER B 1108 -16.19 39.57 -19.74
CA SER B 1108 -15.77 38.44 -20.54
C SER B 1108 -16.43 38.44 -21.91
N LYS B 1109 -15.65 38.06 -22.92
CA LYS B 1109 -16.13 37.96 -24.30
C LYS B 1109 -16.29 36.52 -24.74
N ARG B 1110 -16.07 35.58 -23.84
CA ARG B 1110 -16.16 34.15 -24.14
C ARG B 1110 -17.41 33.60 -23.49
N ASN B 1111 -18.07 32.66 -24.16
CA ASN B 1111 -19.21 32.00 -23.55
C ASN B 1111 -18.75 30.78 -22.77
N GLY B 1112 -19.26 30.63 -21.57
CA GLY B 1112 -18.95 29.45 -20.80
C GLY B 1112 -18.02 29.68 -19.63
N PHE B 1113 -17.19 30.71 -19.70
CA PHE B 1113 -16.23 30.95 -18.62
C PHE B 1113 -16.92 31.56 -17.41
N CYS B 1114 -17.44 32.78 -17.55
CA CYS B 1114 -18.12 33.44 -16.45
C CYS B 1114 -19.63 33.24 -16.57
N GLY B 1115 -20.05 31.99 -16.47
CA GLY B 1115 -21.46 31.66 -16.53
C GLY B 1115 -21.96 31.45 -17.94
N THR B 1116 -23.28 31.46 -18.08
CA THR B 1116 -23.95 31.21 -19.35
C THR B 1116 -24.63 32.48 -19.84
N GLY B 1117 -24.59 32.72 -21.14
CA GLY B 1117 -25.17 33.90 -21.74
C GLY B 1117 -24.12 34.93 -22.05
N THR B 1118 -24.59 36.18 -22.13
CA THR B 1118 -23.67 37.29 -22.27
C THR B 1118 -23.34 37.85 -20.90
N HIS B 1119 -22.05 37.88 -20.58
CA HIS B 1119 -21.57 38.25 -19.26
C HIS B 1119 -21.62 39.76 -19.07
N ILE B 1120 -22.24 40.18 -17.96
CA ILE B 1120 -22.27 41.59 -17.61
C ILE B 1120 -21.29 41.85 -16.46
N VAL B 1121 -21.49 41.22 -15.32
CA VAL B 1121 -20.69 41.53 -14.14
C VAL B 1121 -20.60 40.30 -13.25
N SER B 1122 -19.60 40.27 -12.38
CA SER B 1122 -19.44 39.19 -11.41
C SER B 1122 -19.02 39.75 -10.06
N PHE B 1123 -19.44 39.06 -9.00
CA PHE B 1123 -19.06 39.40 -7.64
C PHE B 1123 -18.51 38.16 -6.96
N ALA B 1124 -17.62 38.36 -6.00
CA ALA B 1124 -17.01 37.26 -5.27
C ALA B 1124 -17.15 37.49 -3.78
N ILE B 1125 -17.58 36.47 -3.04
CA ILE B 1125 -17.65 36.52 -1.59
C ILE B 1125 -16.83 35.39 -1.03
N ASN B 1126 -16.54 35.48 0.27
CA ASN B 1126 -15.80 34.45 0.97
C ASN B 1126 -16.72 33.30 1.36
N ALA B 1127 -16.23 32.09 1.22
CA ALA B 1127 -16.95 30.88 1.59
C ALA B 1127 -15.97 30.01 2.37
N PRO B 1128 -16.48 29.05 3.18
CA PRO B 1128 -15.58 28.10 3.84
C PRO B 1128 -14.74 27.30 2.87
N ASN B 1129 -13.41 27.47 3.00
CA ASN B 1129 -12.33 26.92 2.19
C ASN B 1129 -12.29 27.51 0.79
N GLY B 1130 -12.83 28.70 0.58
CA GLY B 1130 -12.64 29.30 -0.72
C GLY B 1130 -13.45 30.52 -1.08
N LEU B 1131 -13.73 30.68 -2.36
CA LEU B 1131 -14.45 31.83 -2.89
C LEU B 1131 -15.73 31.36 -3.55
N TYR B 1132 -16.73 32.23 -3.57
CA TYR B 1132 -18.04 31.92 -4.12
C TYR B 1132 -18.42 33.05 -5.07
N PHE B 1133 -18.69 32.70 -6.32
CA PHE B 1133 -18.90 33.70 -7.36
C PHE B 1133 -20.37 33.82 -7.73
N PHE B 1134 -20.80 35.03 -8.04
CA PHE B 1134 -22.11 35.30 -8.62
C PHE B 1134 -21.88 35.96 -9.97
N HIS B 1135 -22.30 35.30 -11.04
CA HIS B 1135 -22.10 35.80 -12.40
C HIS B 1135 -23.42 36.33 -12.94
N VAL B 1136 -23.60 37.65 -12.91
CA VAL B 1136 -24.78 38.28 -13.49
C VAL B 1136 -24.58 38.37 -15.00
N GLY B 1137 -25.44 37.67 -15.74
CA GLY B 1137 -25.43 37.67 -17.19
C GLY B 1137 -26.73 38.21 -17.76
N TYR B 1138 -26.81 38.26 -19.08
CA TYR B 1138 -27.93 38.85 -19.78
C TYR B 1138 -28.75 37.74 -20.44
N GLN B 1139 -30.03 37.64 -20.10
CA GLN B 1139 -30.88 36.60 -20.63
C GLN B 1139 -32.09 37.20 -21.32
N PRO B 1140 -32.23 37.06 -22.64
CA PRO B 1140 -33.44 37.53 -23.30
C PRO B 1140 -34.59 36.58 -23.10
N THR B 1141 -35.81 37.13 -23.07
CA THR B 1141 -37.01 36.35 -22.81
C THR B 1141 -38.03 36.36 -23.94
N SER B 1142 -37.82 37.17 -24.97
CA SER B 1142 -38.65 37.11 -26.16
C SER B 1142 -37.78 37.51 -27.35
N HIS B 1143 -38.31 37.36 -28.55
CA HIS B 1143 -37.53 37.59 -29.76
C HIS B 1143 -38.45 38.13 -30.84
N VAL B 1144 -37.84 38.58 -31.93
CA VAL B 1144 -38.54 39.02 -33.12
C VAL B 1144 -37.74 38.57 -34.33
N ASN B 1145 -38.44 38.15 -35.39
CA ASN B 1145 -37.82 37.72 -36.62
C ASN B 1145 -37.70 38.92 -37.54
N ALA B 1146 -36.53 39.52 -37.62
CA ALA B 1146 -36.31 40.69 -38.44
C ALA B 1146 -35.61 40.30 -39.72
N THR B 1147 -36.01 40.96 -40.80
CA THR B 1147 -35.37 40.81 -42.10
C THR B 1147 -34.14 41.69 -42.15
N ALA B 1148 -32.98 41.09 -42.32
CA ALA B 1148 -31.71 41.80 -42.29
C ALA B 1148 -31.14 41.91 -43.70
N ALA B 1149 -29.96 42.51 -43.79
CA ALA B 1149 -29.21 42.62 -45.03
C ALA B 1149 -27.73 42.51 -44.71
N TYR B 1150 -26.96 42.02 -45.68
CA TYR B 1150 -25.52 41.93 -45.52
C TYR B 1150 -24.85 43.29 -45.63
N GLY B 1151 -25.39 44.15 -46.49
CA GLY B 1151 -24.85 45.49 -46.63
C GLY B 1151 -25.65 46.21 -47.69
N LEU B 1152 -25.31 47.48 -47.87
CA LEU B 1152 -25.99 48.33 -48.83
C LEU B 1152 -24.97 48.97 -49.75
N CYS B 1153 -25.37 49.24 -50.99
CA CYS B 1153 -24.53 49.93 -51.96
C CYS B 1153 -25.39 50.91 -52.74
N ASN B 1154 -24.75 51.93 -53.29
CA ASN B 1154 -25.47 52.83 -54.18
C ASN B 1154 -25.35 52.32 -55.62
N THR B 1155 -25.75 53.14 -56.57
CA THR B 1155 -25.78 52.73 -57.97
C THR B 1155 -25.02 53.70 -58.85
N GLU B 1156 -23.82 54.07 -58.43
CA GLU B 1156 -23.01 55.02 -59.19
C GLU B 1156 -21.63 54.43 -59.41
N ASN B 1157 -20.83 55.13 -60.22
CA ASN B 1157 -19.46 54.74 -60.48
C ASN B 1157 -18.53 55.87 -60.09
N PRO B 1158 -17.61 55.67 -59.14
CA PRO B 1158 -17.35 54.41 -58.43
C PRO B 1158 -18.28 54.16 -57.24
N GLN B 1159 -18.65 52.90 -57.09
CA GLN B 1159 -19.64 52.48 -56.11
C GLN B 1159 -19.13 52.56 -54.68
N LYS B 1160 -19.96 53.05 -53.77
CA LYS B 1160 -19.68 53.01 -52.34
C LYS B 1160 -20.61 52.02 -51.66
N CYS B 1161 -20.09 51.35 -50.63
CA CYS B 1161 -20.85 50.31 -49.95
C CYS B 1161 -20.55 50.38 -48.46
N ILE B 1162 -21.55 50.07 -47.64
CA ILE B 1162 -21.44 50.19 -46.18
C ILE B 1162 -21.86 48.88 -45.52
N ALA B 1163 -21.50 48.77 -44.25
CA ALA B 1163 -21.76 47.58 -43.45
C ALA B 1163 -21.96 48.01 -42.01
N PRO B 1164 -22.73 47.27 -41.20
CA PRO B 1164 -23.00 47.73 -39.84
C PRO B 1164 -21.82 47.52 -38.90
N ILE B 1165 -21.89 48.19 -37.76
CA ILE B 1165 -20.89 48.07 -36.70
C ILE B 1165 -21.59 47.57 -35.46
N ASP B 1166 -21.34 46.30 -35.11
CA ASP B 1166 -21.91 45.62 -33.95
C ASP B 1166 -23.43 45.66 -33.91
N GLY B 1167 -24.06 45.32 -35.02
CA GLY B 1167 -25.50 45.40 -35.13
C GLY B 1167 -25.92 44.94 -36.50
N TYR B 1168 -27.17 45.20 -36.84
CA TYR B 1168 -27.75 44.74 -38.09
C TYR B 1168 -28.43 45.89 -38.83
N PHE B 1169 -28.51 45.75 -40.15
CA PHE B 1169 -29.31 46.61 -41.01
C PHE B 1169 -30.64 45.92 -41.20
N VAL B 1170 -31.69 46.43 -40.58
CA VAL B 1170 -32.97 45.74 -40.59
C VAL B 1170 -34.07 46.55 -41.26
N LEU B 1171 -35.25 45.93 -41.35
CA LEU B 1171 -36.47 46.56 -41.83
C LEU B 1171 -37.40 46.74 -40.64
N ASN B 1172 -37.98 47.93 -40.52
CA ASN B 1172 -38.96 48.18 -39.46
C ASN B 1172 -40.29 47.55 -39.84
N GLN B 1173 -40.47 46.28 -39.49
CA GLN B 1173 -41.64 45.54 -39.95
C GLN B 1173 -42.89 45.96 -39.19
N THR B 1174 -43.67 46.85 -39.79
CA THR B 1174 -44.90 47.32 -39.17
C THR B 1174 -46.12 46.88 -39.96
N THR B 1175 -46.22 47.31 -41.22
CA THR B 1175 -47.37 47.00 -42.06
C THR B 1175 -47.05 45.88 -43.04
N SER B 1176 -47.96 45.63 -43.96
CA SER B 1176 -47.77 44.67 -45.05
C SER B 1176 -47.98 45.35 -46.40
N THR B 1177 -47.55 46.61 -46.48
CA THR B 1177 -47.67 47.39 -47.71
C THR B 1177 -46.36 48.02 -48.15
N VAL B 1178 -45.33 48.03 -47.32
CA VAL B 1178 -44.08 48.71 -47.60
C VAL B 1178 -43.17 47.79 -48.41
N ALA B 1179 -42.87 48.19 -49.65
CA ALA B 1179 -42.11 47.32 -50.55
C ALA B 1179 -41.38 48.14 -51.60
N ASP B 1180 -40.06 48.30 -51.41
CA ASP B 1180 -39.07 48.68 -52.42
C ASP B 1180 -39.13 50.14 -52.88
N SER B 1181 -40.15 50.88 -52.44
CA SER B 1181 -40.17 52.33 -52.62
C SER B 1181 -40.34 52.98 -51.26
N ASP B 1182 -40.78 52.18 -50.28
CA ASP B 1182 -40.76 52.60 -48.89
C ASP B 1182 -39.97 51.64 -48.02
N GLN B 1183 -39.26 50.68 -48.61
CA GLN B 1183 -38.40 49.78 -47.85
C GLN B 1183 -37.16 50.56 -47.41
N GLN B 1184 -37.31 51.30 -46.33
CA GLN B 1184 -36.18 52.00 -45.76
C GLN B 1184 -35.49 51.10 -44.74
N TRP B 1185 -34.17 51.16 -44.73
CA TRP B 1185 -33.37 50.32 -43.87
C TRP B 1185 -32.93 51.10 -42.65
N TYR B 1186 -32.97 50.47 -41.49
CA TYR B 1186 -32.55 51.09 -40.26
C TYR B 1186 -31.42 50.27 -39.65
N TYR B 1187 -30.85 50.79 -38.58
CA TYR B 1187 -29.82 50.09 -37.83
C TYR B 1187 -30.41 49.63 -36.51
N THR B 1188 -30.00 48.45 -36.06
CA THR B 1188 -30.37 48.01 -34.72
C THR B 1188 -29.16 47.41 -34.03
N GLY B 1189 -29.12 47.53 -32.72
CA GLY B 1189 -28.13 46.83 -31.95
C GLY B 1189 -28.41 45.34 -31.94
N SER B 1190 -27.36 44.57 -31.71
CA SER B 1190 -27.49 43.13 -31.83
C SER B 1190 -28.15 42.48 -30.63
N SER B 1191 -28.34 43.20 -29.52
CA SER B 1191 -28.90 42.61 -28.33
C SER B 1191 -30.25 43.18 -27.93
N PHE B 1192 -30.79 44.13 -28.68
CA PHE B 1192 -32.12 44.68 -28.40
C PHE B 1192 -32.67 45.30 -29.66
N PHE B 1193 -33.89 44.94 -30.04
CA PHE B 1193 -34.49 45.42 -31.28
C PHE B 1193 -35.08 46.81 -31.07
N HIS B 1194 -34.44 47.81 -31.67
CA HIS B 1194 -34.93 49.19 -31.64
C HIS B 1194 -34.33 49.92 -32.82
N PRO B 1195 -35.07 50.03 -33.93
CA PRO B 1195 -34.50 50.61 -35.16
C PRO B 1195 -34.27 52.10 -35.06
N GLU B 1196 -33.13 52.54 -35.61
CA GLU B 1196 -32.70 53.93 -35.58
C GLU B 1196 -32.03 54.27 -36.92
N PRO B 1197 -31.88 55.54 -37.30
CA PRO B 1197 -31.34 55.85 -38.63
C PRO B 1197 -29.87 55.49 -38.79
N ILE B 1198 -29.50 55.19 -40.02
CA ILE B 1198 -28.13 54.80 -40.36
C ILE B 1198 -27.31 56.06 -40.60
N THR B 1199 -26.32 56.30 -39.75
CA THR B 1199 -25.39 57.41 -39.91
C THR B 1199 -23.98 56.84 -40.00
N GLU B 1200 -22.99 57.71 -39.96
CA GLU B 1200 -21.61 57.23 -39.96
C GLU B 1200 -21.11 56.88 -38.57
N ALA B 1201 -21.97 56.98 -37.56
CA ALA B 1201 -21.66 56.51 -36.22
C ALA B 1201 -21.85 55.02 -36.05
N ASN B 1202 -22.50 54.35 -37.01
CA ASN B 1202 -22.75 52.93 -36.90
C ASN B 1202 -22.55 52.16 -38.19
N SER B 1203 -21.71 52.64 -39.11
CA SER B 1203 -21.49 51.93 -40.35
C SER B 1203 -20.08 52.16 -40.87
N LYS B 1204 -19.44 51.09 -41.30
CA LYS B 1204 -18.16 51.10 -41.98
C LYS B 1204 -18.35 51.19 -43.48
N TYR B 1205 -17.31 51.65 -44.16
CA TYR B 1205 -17.18 51.47 -45.60
C TYR B 1205 -16.46 50.17 -45.85
N VAL B 1206 -16.93 49.40 -46.82
CA VAL B 1206 -16.34 48.11 -47.16
C VAL B 1206 -16.17 48.02 -48.67
N SER B 1207 -15.45 46.99 -49.10
CA SER B 1207 -15.32 46.70 -50.51
C SER B 1207 -16.56 45.97 -50.99
N MET B 1208 -16.83 46.07 -52.29
CA MET B 1208 -18.12 45.68 -52.85
C MET B 1208 -18.36 44.18 -52.83
N ASP B 1209 -19.49 43.78 -52.27
CA ASP B 1209 -19.92 42.39 -52.28
C ASP B 1209 -21.07 42.22 -53.27
N VAL B 1210 -21.39 40.97 -53.58
CA VAL B 1210 -22.47 40.67 -54.51
C VAL B 1210 -23.78 40.50 -53.75
N LYS B 1211 -23.69 40.14 -52.48
CA LYS B 1211 -24.87 39.90 -51.66
C LYS B 1211 -25.46 41.19 -51.11
N PHE B 1212 -24.84 42.32 -51.40
CA PHE B 1212 -25.30 43.59 -50.88
C PHE B 1212 -26.50 44.08 -51.69
N GLU B 1213 -27.36 44.85 -51.04
CA GLU B 1213 -28.54 45.39 -51.69
C GLU B 1213 -28.14 46.56 -52.57
N ASN B 1214 -28.71 46.63 -53.77
CA ASN B 1214 -28.52 47.79 -54.63
C ASN B 1214 -29.66 48.76 -54.40
N LEU B 1215 -29.33 49.97 -53.97
CA LEU B 1215 -30.32 50.97 -53.60
C LEU B 1215 -30.31 52.10 -54.61
N THR B 1216 -31.48 52.58 -54.99
CA THR B 1216 -31.63 53.69 -55.90
C THR B 1216 -32.05 54.97 -55.18
N ASN B 1217 -33.11 54.90 -54.37
CA ASN B 1217 -33.56 56.03 -53.57
C ASN B 1217 -33.50 55.65 -52.10
N ARG B 1218 -33.84 56.61 -51.24
CA ARG B 1218 -33.83 56.49 -49.77
C ARG B 1218 -32.46 56.07 -49.26
N LEU B 1219 -31.43 56.76 -49.72
CA LEU B 1219 -30.08 56.40 -49.35
C LEU B 1219 -29.76 56.94 -47.95
N PRO B 1220 -29.00 56.22 -47.15
CA PRO B 1220 -28.45 56.79 -45.92
C PRO B 1220 -27.42 57.86 -46.24
N PRO B 1221 -27.16 58.78 -45.31
CA PRO B 1221 -26.18 59.85 -45.55
C PRO B 1221 -24.75 59.38 -45.80
N PRO B 1222 -24.30 58.17 -45.33
CA PRO B 1222 -23.03 57.67 -45.86
C PRO B 1222 -23.01 57.37 -47.35
N LEU B 1223 -24.16 57.13 -47.97
CA LEU B 1223 -24.19 56.77 -49.38
C LEU B 1223 -24.61 57.92 -50.29
N LEU B 1224 -24.53 59.17 -49.84
CA LEU B 1224 -24.91 60.31 -50.66
C LEU B 1224 -23.67 61.07 -51.14
N SER B 1225 -23.89 61.99 -52.08
CA SER B 1225 -22.84 62.84 -52.61
C SER B 1225 -22.53 63.92 -51.58
N ASN B 1226 -21.36 63.79 -50.93
CA ASN B 1226 -21.02 64.68 -49.82
C ASN B 1226 -20.63 66.07 -50.32
N SER B 1227 -20.20 66.16 -51.57
CA SER B 1227 -19.87 67.45 -52.18
C SER B 1227 -21.11 68.31 -52.34
N THR B 1228 -21.02 69.57 -51.93
CA THR B 1228 -22.15 70.49 -52.01
C THR B 1228 -22.34 70.99 -53.43
N SER C 33 23.59 -70.85 -27.90
CA SER C 33 24.67 -69.88 -27.83
C SER C 33 24.35 -68.64 -28.63
N CYS C 34 25.26 -67.66 -28.59
CA CYS C 34 24.98 -66.35 -29.14
C CYS C 34 25.55 -66.20 -30.55
N LEU C 35 24.91 -65.34 -31.33
CA LEU C 35 25.34 -65.08 -32.70
C LEU C 35 26.49 -64.07 -32.72
N ASP C 36 27.22 -64.05 -33.82
CA ASP C 36 28.33 -63.12 -33.96
C ASP C 36 27.85 -61.80 -34.53
N SER C 37 28.60 -60.73 -34.25
CA SER C 37 28.25 -59.38 -34.68
C SER C 37 29.50 -58.67 -35.16
N GLN C 38 29.40 -58.02 -36.32
CA GLN C 38 30.52 -57.28 -36.88
C GLN C 38 30.49 -55.84 -36.39
N VAL C 39 31.64 -55.36 -35.89
CA VAL C 39 31.72 -54.04 -35.26
C VAL C 39 32.46 -53.08 -36.17
N GLN C 40 31.72 -52.31 -36.95
CA GLN C 40 32.31 -51.30 -37.83
C GLN C 40 31.67 -49.94 -37.55
N PRO C 41 32.31 -49.10 -36.71
CA PRO C 41 31.70 -47.81 -36.38
C PRO C 41 31.77 -46.79 -37.49
N ASP C 42 32.85 -46.78 -38.27
CA ASP C 42 33.11 -45.72 -39.24
C ASP C 42 32.10 -45.76 -40.39
N TYR C 43 31.67 -46.97 -40.75
CA TYR C 43 30.66 -47.11 -41.79
C TYR C 43 29.27 -46.72 -41.29
N PHE C 44 29.06 -46.69 -39.97
CA PHE C 44 27.81 -46.28 -39.37
C PHE C 44 27.73 -44.79 -39.08
N GLU C 45 28.83 -44.16 -38.70
CA GLU C 45 28.89 -42.73 -38.41
C GLU C 45 29.81 -42.09 -39.43
N SER C 46 29.27 -41.76 -40.59
CA SER C 46 30.02 -41.24 -41.72
C SER C 46 29.55 -39.83 -42.08
N VAL C 47 30.22 -39.23 -43.07
CA VAL C 47 29.87 -37.89 -43.51
C VAL C 47 28.76 -37.90 -44.54
N HIS C 48 28.45 -39.05 -45.13
CA HIS C 48 27.31 -39.17 -46.04
C HIS C 48 26.07 -39.65 -45.32
N THR C 49 26.11 -39.75 -44.00
CA THR C 49 24.97 -40.15 -43.18
C THR C 49 24.56 -39.06 -42.22
N THR C 50 25.49 -38.17 -41.84
CA THR C 50 25.28 -37.04 -40.94
C THR C 50 24.16 -36.13 -41.41
N TRP C 51 23.29 -35.73 -40.48
CA TRP C 51 21.98 -35.16 -40.80
C TRP C 51 21.50 -34.34 -39.61
N PRO C 52 21.96 -33.10 -39.48
CA PRO C 52 21.72 -32.32 -38.25
C PRO C 52 20.26 -31.93 -38.06
N MET C 53 19.71 -32.23 -36.89
CA MET C 53 18.32 -31.92 -36.55
C MET C 53 18.28 -31.18 -35.22
N PRO C 54 18.48 -29.87 -35.23
CA PRO C 54 18.50 -29.11 -33.97
C PRO C 54 17.11 -28.90 -33.40
N ILE C 55 17.09 -28.52 -32.13
CA ILE C 55 15.84 -28.28 -31.40
C ILE C 55 15.25 -26.96 -31.86
N ASP C 56 13.98 -26.99 -32.26
CA ASP C 56 13.25 -25.83 -32.75
C ASP C 56 12.17 -25.47 -31.74
N THR C 57 12.36 -24.36 -31.04
CA THR C 57 11.43 -24.00 -29.98
C THR C 57 10.19 -23.28 -30.50
N SER C 58 10.13 -22.99 -31.79
CA SER C 58 8.95 -22.33 -32.35
C SER C 58 7.90 -23.36 -32.76
N LYS C 59 8.19 -24.63 -32.51
CA LYS C 59 7.24 -25.71 -32.76
C LYS C 59 7.01 -26.45 -31.45
N ALA C 60 7.69 -25.98 -30.40
CA ALA C 60 7.76 -26.57 -29.06
C ALA C 60 8.27 -28.00 -29.12
N GLU C 61 9.41 -28.21 -29.78
CA GLU C 61 9.98 -29.55 -29.88
C GLU C 61 10.62 -29.94 -28.55
N GLY C 62 10.36 -31.15 -28.11
CA GLY C 62 10.99 -31.67 -26.92
C GLY C 62 10.46 -31.12 -25.62
N VAL C 63 9.28 -30.52 -25.60
CA VAL C 63 8.73 -29.91 -24.42
C VAL C 63 7.75 -30.89 -23.79
N ILE C 64 7.97 -31.19 -22.52
CA ILE C 64 7.10 -32.07 -21.75
C ILE C 64 5.98 -31.23 -21.17
N TYR C 65 4.75 -31.67 -21.37
CA TYR C 65 3.59 -30.95 -20.86
C TYR C 65 3.59 -30.94 -19.33
N PRO C 66 3.31 -29.80 -18.71
CA PRO C 66 3.31 -29.73 -17.24
C PRO C 66 2.21 -30.59 -16.63
N ASN C 67 2.49 -31.16 -15.47
CA ASN C 67 1.54 -32.04 -14.81
C ASN C 67 0.41 -31.22 -14.20
N GLY C 68 -0.73 -31.87 -14.00
CA GLY C 68 -1.88 -31.17 -13.48
C GLY C 68 -2.95 -31.01 -14.54
N LYS C 69 -3.43 -29.79 -14.73
CA LYS C 69 -4.54 -29.52 -15.63
C LYS C 69 -4.00 -28.99 -16.95
N SER C 70 -4.92 -28.65 -17.84
CA SER C 70 -4.59 -28.10 -19.13
C SER C 70 -4.97 -26.63 -19.18
N TYR C 71 -4.19 -25.84 -19.90
CA TYR C 71 -4.47 -24.43 -20.09
C TYR C 71 -4.95 -24.18 -21.50
N SER C 72 -5.41 -22.96 -21.74
CA SER C 72 -5.85 -22.53 -23.06
C SER C 72 -5.74 -21.02 -23.14
N ASN C 73 -5.23 -20.52 -24.28
CA ASN C 73 -5.18 -19.10 -24.62
C ASN C 73 -4.39 -18.28 -23.59
N ILE C 74 -3.20 -18.76 -23.23
CA ILE C 74 -2.32 -18.02 -22.35
C ILE C 74 -0.87 -18.28 -22.72
N THR C 75 0.01 -17.48 -22.14
CA THR C 75 1.46 -17.67 -22.23
C THR C 75 2.01 -17.44 -20.84
N LEU C 76 2.77 -18.41 -20.34
CA LEU C 76 3.34 -18.28 -19.01
C LEU C 76 4.75 -18.85 -18.94
N THR C 77 5.46 -18.43 -17.89
CA THR C 77 6.83 -18.86 -17.65
C THR C 77 6.84 -20.11 -16.78
N TYR C 78 7.85 -20.94 -16.99
CA TYR C 78 7.97 -22.20 -16.27
C TYR C 78 9.43 -22.51 -16.04
N THR C 79 9.75 -23.04 -14.88
CA THR C 79 11.07 -23.56 -14.61
C THR C 79 10.99 -25.07 -14.55
N GLY C 80 11.85 -25.75 -15.30
CA GLY C 80 11.75 -27.19 -15.35
C GLY C 80 12.91 -27.79 -16.11
N LEU C 81 12.70 -29.00 -16.60
CA LEU C 81 13.73 -29.73 -17.35
C LEU C 81 13.39 -29.66 -18.82
N TYR C 82 14.20 -28.92 -19.57
CA TYR C 82 13.92 -28.60 -20.96
C TYR C 82 15.21 -28.71 -21.74
N PRO C 83 15.16 -28.93 -23.05
CA PRO C 83 16.39 -28.90 -23.85
C PRO C 83 16.77 -27.48 -24.22
N LYS C 84 18.04 -27.32 -24.58
CA LYS C 84 18.56 -26.04 -25.04
C LYS C 84 17.97 -25.70 -26.40
N ALA C 85 17.95 -24.42 -26.75
CA ALA C 85 17.51 -23.99 -28.06
C ALA C 85 18.64 -24.20 -29.05
N ASN C 86 18.27 -24.77 -30.21
CA ASN C 86 19.18 -25.07 -31.32
C ASN C 86 20.31 -25.99 -30.89
N ASP C 87 20.00 -26.94 -30.02
CA ASP C 87 20.94 -27.97 -29.62
C ASP C 87 20.85 -29.12 -30.61
N LEU C 88 22.01 -29.62 -31.04
CA LEU C 88 22.03 -30.61 -32.11
C LEU C 88 21.70 -32.00 -31.61
N GLY C 89 22.06 -32.31 -30.37
CA GLY C 89 21.85 -33.63 -29.82
C GLY C 89 22.85 -34.62 -30.36
N LYS C 90 22.53 -35.90 -30.18
CA LYS C 90 23.38 -36.98 -30.67
C LYS C 90 22.57 -37.93 -31.53
N GLN C 91 23.13 -38.26 -32.70
CA GLN C 91 22.47 -39.09 -33.67
C GLN C 91 22.90 -40.54 -33.53
N TYR C 92 21.92 -41.44 -33.56
CA TYR C 92 22.18 -42.87 -33.47
C TYR C 92 21.59 -43.55 -34.68
N LEU C 93 22.44 -44.20 -35.47
CA LEU C 93 22.07 -44.84 -36.72
C LEU C 93 22.18 -46.36 -36.60
N PHE C 94 21.10 -47.05 -36.96
CA PHE C 94 21.10 -48.51 -36.98
C PHE C 94 20.95 -48.99 -38.44
N SER C 95 21.04 -50.30 -38.64
CA SER C 95 20.95 -50.86 -39.98
C SER C 95 20.54 -52.33 -39.97
N ASP C 96 20.66 -53.00 -41.11
CA ASP C 96 20.40 -54.42 -41.22
C ASP C 96 21.72 -55.17 -41.24
N GLY C 97 21.71 -56.37 -40.70
CA GLY C 97 22.90 -57.18 -40.64
C GLY C 97 23.21 -57.85 -41.97
N HIS C 98 24.29 -58.62 -41.97
CA HIS C 98 24.76 -59.30 -43.17
C HIS C 98 23.77 -60.37 -43.61
N SER C 99 23.41 -60.33 -44.88
CA SER C 99 22.41 -61.25 -45.43
C SER C 99 22.86 -61.71 -46.80
N ALA C 100 22.56 -62.96 -47.09
CA ALA C 100 22.82 -63.61 -48.37
C ALA C 100 21.51 -64.15 -48.91
N PRO C 101 21.44 -64.45 -50.23
CA PRO C 101 20.28 -65.20 -50.74
C PRO C 101 20.15 -66.59 -50.11
N GLY C 102 19.12 -66.77 -49.30
CA GLY C 102 18.91 -68.01 -48.58
C GLY C 102 19.61 -68.13 -47.25
N ARG C 103 20.28 -67.08 -46.78
CA ARG C 103 21.10 -67.16 -45.57
C ARG C 103 20.99 -65.86 -44.77
N LEU C 104 21.08 -65.98 -43.45
CA LEU C 104 21.17 -64.84 -42.54
C LEU C 104 22.48 -64.94 -41.78
N ASN C 105 23.38 -63.98 -42.01
CA ASN C 105 24.73 -63.98 -41.48
C ASN C 105 24.85 -63.04 -40.28
N ASN C 106 26.09 -62.77 -39.87
CA ASN C 106 26.39 -62.06 -38.63
C ASN C 106 25.86 -60.64 -38.63
N LEU C 107 25.71 -60.08 -37.43
CA LEU C 107 25.08 -58.78 -37.27
C LEU C 107 26.06 -57.66 -37.62
N PHE C 108 25.49 -56.53 -38.04
CA PHE C 108 26.25 -55.34 -38.43
C PHE C 108 25.86 -54.21 -37.48
N VAL C 109 26.78 -53.85 -36.58
CA VAL C 109 26.50 -52.85 -35.55
C VAL C 109 27.64 -51.83 -35.49
N SER C 110 27.56 -50.91 -34.53
CA SER C 110 28.58 -49.89 -34.32
C SER C 110 29.17 -50.08 -32.91
N ASN C 111 29.98 -49.11 -32.49
CA ASN C 111 30.62 -49.18 -31.16
C ASN C 111 29.71 -48.60 -30.08
N TYR C 112 28.44 -48.99 -30.05
CA TYR C 112 27.47 -48.33 -29.19
C TYR C 112 27.33 -49.03 -27.85
N SER C 113 27.80 -50.27 -27.74
CA SER C 113 27.58 -51.04 -26.53
C SER C 113 28.76 -50.94 -25.56
N SER C 114 29.59 -49.92 -25.74
CA SER C 114 30.71 -49.72 -24.82
C SER C 114 30.75 -48.25 -24.42
N GLN C 115 29.90 -47.45 -25.05
CA GLN C 115 29.71 -46.06 -24.66
C GLN C 115 28.81 -46.01 -23.44
N VAL C 116 29.28 -45.35 -22.40
CA VAL C 116 28.53 -45.18 -21.16
C VAL C 116 28.35 -43.69 -20.96
N GLU C 117 27.17 -43.19 -21.30
CA GLU C 117 26.84 -41.79 -21.08
C GLU C 117 26.31 -41.60 -19.66
N SER C 118 26.28 -40.35 -19.22
CA SER C 118 25.77 -40.04 -17.90
C SER C 118 24.36 -39.49 -18.00
N PHE C 119 23.49 -39.94 -17.10
CA PHE C 119 22.07 -39.64 -17.21
C PHE C 119 21.79 -38.19 -16.78
N ASP C 120 21.98 -37.92 -15.50
CA ASP C 120 22.14 -36.63 -14.83
C ASP C 120 20.92 -35.72 -14.77
N ASP C 121 19.97 -35.83 -15.70
CA ASP C 121 18.70 -35.14 -15.56
C ASP C 121 17.55 -35.86 -16.24
N GLY C 122 17.84 -36.68 -17.22
CA GLY C 122 16.87 -37.26 -18.10
C GLY C 122 17.20 -36.88 -19.51
N PHE C 123 16.44 -37.42 -20.45
CA PHE C 123 16.65 -37.02 -21.83
C PHE C 123 15.37 -37.20 -22.62
N VAL C 124 15.37 -36.63 -23.83
CA VAL C 124 14.29 -36.84 -24.79
C VAL C 124 14.87 -37.40 -26.07
N VAL C 125 14.06 -38.16 -26.79
CA VAL C 125 14.46 -38.88 -27.99
C VAL C 125 13.48 -38.51 -29.09
N ARG C 126 14.01 -38.10 -30.25
CA ARG C 126 13.24 -37.90 -31.47
C ARG C 126 13.33 -39.15 -32.31
N ILE C 127 12.18 -39.74 -32.64
CA ILE C 127 12.08 -41.03 -33.30
C ILE C 127 11.32 -40.89 -34.60
N GLY C 128 11.93 -41.30 -35.70
CA GLY C 128 11.22 -41.49 -36.94
C GLY C 128 10.95 -40.23 -37.74
N ALA C 129 11.90 -39.30 -37.78
CA ALA C 129 11.66 -38.03 -38.46
C ALA C 129 11.79 -38.18 -39.97
N ALA C 130 12.37 -39.29 -40.44
CA ALA C 130 12.56 -39.52 -41.87
C ALA C 130 11.69 -40.66 -42.39
N ALA C 131 10.49 -40.83 -41.86
CA ALA C 131 9.58 -41.84 -42.37
C ALA C 131 9.02 -41.40 -43.73
N ASN C 132 8.72 -42.40 -44.57
CA ASN C 132 8.15 -42.32 -45.92
C ASN C 132 9.10 -41.70 -46.96
N LYS C 133 10.26 -41.21 -46.53
CA LYS C 133 11.22 -40.70 -47.49
C LYS C 133 12.10 -41.83 -48.00
N THR C 134 12.92 -41.52 -49.00
CA THR C 134 13.86 -42.49 -49.51
C THR C 134 15.21 -42.31 -48.82
N GLY C 135 15.97 -43.39 -48.72
CA GLY C 135 17.27 -43.31 -48.09
C GLY C 135 18.05 -44.59 -48.25
N THR C 136 19.29 -44.54 -47.79
CA THR C 136 20.20 -45.67 -47.92
C THR C 136 19.86 -46.76 -46.91
N THR C 137 20.00 -48.01 -47.37
CA THR C 137 20.09 -49.14 -46.46
C THR C 137 21.51 -49.31 -45.94
N VAL C 138 21.82 -48.72 -44.78
CA VAL C 138 23.15 -48.32 -44.31
C VAL C 138 24.25 -49.38 -44.45
N ILE C 139 23.87 -50.66 -44.47
CA ILE C 139 24.82 -51.72 -44.77
C ILE C 139 25.29 -51.64 -46.22
N SER C 140 24.43 -51.19 -47.14
CA SER C 140 24.80 -50.97 -48.54
C SER C 140 24.29 -49.59 -48.94
N GLN C 141 25.18 -48.60 -48.94
CA GLN C 141 24.78 -47.22 -49.14
C GLN C 141 24.36 -46.92 -50.58
N SER C 142 24.63 -47.83 -51.52
CA SER C 142 24.21 -47.64 -52.90
C SER C 142 22.80 -48.12 -53.16
N THR C 143 22.12 -48.69 -52.16
CA THR C 143 20.75 -49.17 -52.30
C THR C 143 19.80 -48.16 -51.67
N PHE C 144 18.81 -47.72 -52.43
CA PHE C 144 17.83 -46.75 -51.95
C PHE C 144 16.49 -47.42 -51.72
N LYS C 145 15.91 -47.21 -50.54
CA LYS C 145 14.68 -47.83 -50.10
C LYS C 145 13.90 -46.83 -49.25
N PRO C 146 12.59 -47.00 -49.12
CA PRO C 146 11.83 -46.16 -48.19
C PRO C 146 12.21 -46.43 -46.73
N ILE C 147 12.50 -45.34 -46.01
CA ILE C 147 13.02 -45.43 -44.65
C ILE C 147 11.90 -45.73 -43.67
N LYS C 148 12.19 -46.53 -42.65
CA LYS C 148 11.21 -46.94 -41.65
C LYS C 148 11.61 -46.44 -40.27
N LYS C 149 10.71 -46.67 -39.32
CA LYS C 149 10.87 -46.21 -37.95
C LYS C 149 11.37 -47.35 -37.07
N ILE C 150 12.31 -47.04 -36.17
CA ILE C 150 12.89 -48.04 -35.27
C ILE C 150 12.96 -47.41 -33.88
N TYR C 151 12.48 -48.14 -32.87
CA TYR C 151 12.47 -47.62 -31.51
C TYR C 151 13.78 -47.99 -30.81
N PRO C 152 14.27 -47.16 -29.90
CA PRO C 152 15.51 -47.49 -29.18
C PRO C 152 15.24 -48.39 -27.98
N ALA C 153 16.29 -49.07 -27.56
CA ALA C 153 16.26 -49.93 -26.38
C ALA C 153 17.35 -49.47 -25.43
N PHE C 154 17.04 -49.40 -24.14
CA PHE C 154 17.93 -48.75 -23.20
C PHE C 154 18.32 -49.67 -22.05
N LEU C 155 19.51 -49.40 -21.52
CA LEU C 155 20.04 -50.03 -20.33
C LEU C 155 20.47 -48.94 -19.37
N LEU C 156 19.84 -48.86 -18.19
CA LEU C 156 20.10 -47.77 -17.25
C LEU C 156 20.50 -48.32 -15.90
N GLY C 157 21.54 -47.76 -15.30
CA GLY C 157 22.03 -48.30 -14.04
C GLY C 157 22.81 -47.37 -13.14
N HIS C 158 23.14 -47.84 -11.94
CA HIS C 158 23.84 -47.06 -10.93
C HIS C 158 25.33 -47.36 -10.84
N SER C 159 25.80 -48.50 -11.34
CA SER C 159 27.20 -48.88 -11.20
C SER C 159 27.63 -49.54 -12.49
N VAL C 160 28.88 -49.35 -12.89
CA VAL C 160 29.36 -49.90 -14.14
C VAL C 160 30.73 -50.53 -13.92
N GLY C 161 31.08 -51.47 -14.81
CA GLY C 161 32.34 -52.20 -14.72
C GLY C 161 32.78 -52.76 -16.04
N ASN C 162 33.57 -53.83 -16.01
CA ASN C 162 34.18 -54.43 -17.19
C ASN C 162 33.65 -55.83 -17.42
N TYR C 163 33.55 -56.22 -18.69
CA TYR C 163 33.16 -57.57 -19.08
C TYR C 163 34.38 -58.48 -19.03
N THR C 164 34.53 -59.23 -17.96
CA THR C 164 35.60 -60.20 -17.88
C THR C 164 35.12 -61.56 -18.40
N PRO C 165 35.97 -62.32 -19.11
CA PRO C 165 37.35 -62.05 -19.53
C PRO C 165 37.46 -61.51 -20.94
N SER C 166 36.45 -60.76 -21.39
CA SER C 166 36.59 -60.03 -22.64
C SER C 166 37.44 -58.79 -22.38
N ASN C 167 37.37 -58.30 -21.14
CA ASN C 167 38.08 -57.12 -20.63
C ASN C 167 37.76 -55.85 -21.41
N ARG C 168 36.55 -55.75 -21.95
CA ARG C 168 36.06 -54.51 -22.52
C ARG C 168 35.19 -53.81 -21.48
N THR C 169 34.56 -52.70 -21.84
CA THR C 169 33.83 -51.87 -20.89
C THR C 169 32.36 -51.83 -21.23
N GLY C 170 31.55 -51.45 -20.25
CA GLY C 170 30.13 -51.29 -20.43
C GLY C 170 29.26 -52.33 -19.74
N ARG C 171 29.69 -52.86 -18.60
CA ARG C 171 28.93 -53.88 -17.89
C ARG C 171 28.27 -53.26 -16.66
N TYR C 172 26.97 -53.41 -16.56
CA TYR C 172 26.19 -52.91 -15.44
C TYR C 172 26.08 -54.01 -14.40
N LEU C 173 26.61 -53.76 -13.20
CA LEU C 173 26.64 -54.79 -12.18
C LEU C 173 25.99 -54.31 -10.89
N ASN C 174 24.66 -54.37 -10.87
CA ASN C 174 23.74 -54.56 -9.74
C ASN C 174 22.39 -54.67 -10.41
N HIS C 175 21.32 -54.44 -9.67
CA HIS C 175 20.02 -54.21 -10.27
C HIS C 175 20.07 -53.14 -11.34
N THR C 176 19.55 -53.49 -12.53
CA THR C 176 19.64 -52.65 -13.73
C THR C 176 18.27 -52.57 -14.38
N LEU C 177 17.91 -51.37 -14.83
CA LEU C 177 16.63 -51.12 -15.48
C LEU C 177 16.79 -51.29 -16.99
N VAL C 178 15.95 -52.12 -17.59
CA VAL C 178 16.03 -52.45 -19.01
C VAL C 178 14.73 -52.02 -19.66
N ILE C 179 14.82 -51.30 -20.78
CA ILE C 179 13.62 -50.89 -21.51
C ILE C 179 13.73 -51.43 -22.92
N LEU C 180 12.79 -52.30 -23.31
CA LEU C 180 12.86 -53.02 -24.56
C LEU C 180 11.59 -52.82 -25.39
N PRO C 181 11.71 -52.49 -26.67
CA PRO C 181 10.56 -52.59 -27.56
C PRO C 181 10.51 -53.96 -28.21
N ASP C 182 9.29 -54.44 -28.43
CA ASP C 182 9.12 -55.77 -28.99
C ASP C 182 7.79 -55.89 -29.70
N GLY C 183 7.56 -57.02 -30.35
CA GLY C 183 6.31 -57.23 -31.06
C GLY C 183 6.20 -56.44 -32.33
N CYS C 184 7.31 -56.25 -33.04
CA CYS C 184 7.42 -55.44 -34.25
C CYS C 184 6.97 -54.01 -34.00
N GLY C 185 7.35 -53.48 -32.84
CA GLY C 185 7.01 -52.14 -32.45
C GLY C 185 5.61 -51.96 -31.90
N THR C 186 5.04 -52.98 -31.27
CA THR C 186 3.68 -52.90 -30.76
C THR C 186 3.61 -53.08 -29.26
N ILE C 187 4.72 -53.44 -28.60
CA ILE C 187 4.69 -53.65 -27.16
C ILE C 187 6.01 -53.15 -26.59
N LEU C 188 5.99 -52.80 -25.31
CA LEU C 188 7.11 -52.21 -24.62
C LEU C 188 7.25 -52.84 -23.24
N HIS C 189 8.38 -53.49 -22.99
CA HIS C 189 8.66 -54.13 -21.72
C HIS C 189 9.59 -53.26 -20.90
N ALA C 190 9.31 -53.19 -19.60
CA ALA C 190 10.18 -52.53 -18.64
C ALA C 190 10.38 -53.44 -17.45
N PHE C 191 11.63 -53.74 -17.13
CA PHE C 191 11.88 -54.61 -15.99
C PHE C 191 13.19 -54.23 -15.34
N TYR C 192 13.42 -54.77 -14.14
CA TYR C 192 14.47 -54.32 -13.24
C TYR C 192 15.07 -55.55 -12.58
N CYS C 193 16.16 -56.06 -13.13
CA CYS C 193 16.72 -57.32 -12.68
C CYS C 193 18.22 -57.15 -12.47
N VAL C 194 18.85 -58.22 -12.02
CA VAL C 194 20.29 -58.37 -12.05
C VAL C 194 20.65 -59.19 -13.27
N LEU C 195 21.63 -58.72 -14.03
CA LEU C 195 22.04 -59.36 -15.28
C LEU C 195 23.25 -60.23 -14.98
N HIS C 196 23.10 -61.53 -15.18
CA HIS C 196 24.24 -62.42 -15.08
C HIS C 196 24.67 -62.87 -16.47
N PRO C 197 25.90 -62.61 -16.90
CA PRO C 197 26.33 -63.04 -18.23
C PRO C 197 26.47 -64.55 -18.30
N ARG C 198 25.92 -65.13 -19.37
CA ARG C 198 25.89 -66.58 -19.50
C ARG C 198 27.25 -67.12 -19.93
N THR C 199 27.33 -68.44 -20.09
CA THR C 199 28.58 -69.10 -20.48
C THR C 199 28.27 -69.99 -21.67
N GLN C 200 28.30 -69.41 -22.87
CA GLN C 200 28.10 -70.12 -24.13
C GLN C 200 29.08 -69.52 -25.11
N GLN C 201 28.88 -69.71 -26.40
CA GLN C 201 29.72 -69.09 -27.41
C GLN C 201 29.29 -67.65 -27.57
N ASN C 202 30.16 -66.73 -27.13
CA ASN C 202 29.99 -65.27 -27.22
C ASN C 202 28.76 -64.76 -26.48
N CYS C 203 28.33 -65.46 -25.43
CA CYS C 203 27.19 -65.01 -24.62
C CYS C 203 27.69 -64.29 -23.36
N ALA C 204 28.55 -63.30 -23.56
CA ALA C 204 28.87 -62.20 -22.65
C ALA C 204 29.64 -62.56 -21.38
N GLY C 205 29.74 -63.83 -21.03
CA GLY C 205 30.72 -64.29 -20.06
C GLY C 205 31.90 -64.92 -20.76
N GLU C 206 32.58 -64.19 -21.64
CA GLU C 206 33.44 -64.86 -22.60
C GLU C 206 34.76 -64.17 -22.86
N THR C 207 35.74 -64.94 -23.31
CA THR C 207 36.95 -64.40 -23.91
C THR C 207 36.78 -64.08 -25.39
N ASN C 208 35.60 -64.39 -25.95
CA ASN C 208 35.31 -64.15 -27.35
C ASN C 208 34.02 -63.37 -27.55
N PHE C 209 33.55 -62.64 -26.53
CA PHE C 209 32.36 -61.82 -26.66
C PHE C 209 32.73 -60.45 -27.20
N LYS C 210 32.01 -60.02 -28.24
CA LYS C 210 32.34 -58.79 -28.95
C LYS C 210 31.57 -57.58 -28.43
N SER C 211 30.24 -57.61 -28.54
CA SER C 211 29.39 -56.52 -28.08
C SER C 211 27.94 -56.98 -28.04
N LEU C 212 27.16 -56.47 -27.10
CA LEU C 212 25.74 -56.80 -27.04
C LEU C 212 25.02 -56.22 -28.25
N SER C 213 24.27 -57.08 -28.94
CA SER C 213 23.58 -56.67 -30.15
C SER C 213 22.32 -57.49 -30.29
N LEU C 214 21.21 -56.82 -30.53
CA LEU C 214 19.92 -57.47 -30.66
C LEU C 214 19.51 -57.52 -32.12
N TRP C 215 18.53 -58.37 -32.41
CA TRP C 215 18.17 -58.67 -33.78
C TRP C 215 16.73 -59.14 -33.82
N ASP C 216 16.12 -59.02 -34.99
CA ASP C 216 14.81 -59.58 -35.25
C ASP C 216 14.83 -60.28 -36.60
N THR C 217 14.06 -61.34 -36.73
CA THR C 217 13.84 -61.95 -38.03
C THR C 217 12.38 -61.71 -38.43
N PRO C 218 12.09 -60.62 -39.16
CA PRO C 218 10.69 -60.24 -39.36
C PRO C 218 9.96 -61.10 -40.38
N ALA C 219 10.69 -61.88 -41.17
CA ALA C 219 10.05 -62.83 -42.07
C ALA C 219 9.39 -63.96 -41.29
N SER C 220 9.86 -64.21 -40.08
CA SER C 220 9.22 -65.13 -39.14
C SER C 220 8.45 -64.43 -38.04
N ASP C 221 9.03 -63.39 -37.43
CA ASP C 221 8.40 -62.72 -36.30
C ASP C 221 7.28 -61.78 -36.70
N CYS C 222 7.45 -61.01 -37.77
CA CYS C 222 6.51 -59.96 -38.14
C CYS C 222 5.57 -60.41 -39.25
N VAL C 223 5.23 -61.70 -39.25
CA VAL C 223 4.15 -62.21 -40.08
C VAL C 223 2.85 -61.59 -39.59
N SER C 224 2.05 -61.09 -40.52
CA SER C 224 0.91 -60.24 -40.19
C SER C 224 -0.17 -61.01 -39.43
N GLY C 225 -0.57 -60.45 -38.28
CA GLY C 225 -1.49 -61.10 -37.39
C GLY C 225 -0.85 -61.96 -36.33
N SER C 226 0.40 -62.39 -36.52
CA SER C 226 1.06 -63.33 -35.63
C SER C 226 2.39 -62.76 -35.16
N TYR C 227 2.34 -61.52 -34.67
CA TYR C 227 3.52 -60.87 -34.12
C TYR C 227 3.97 -61.56 -32.83
N ASN C 228 5.22 -62.01 -32.81
CA ASN C 228 5.79 -62.61 -31.60
C ASN C 228 6.18 -61.50 -30.63
N GLN C 229 5.40 -61.35 -29.56
CA GLN C 229 5.63 -60.27 -28.61
C GLN C 229 6.63 -60.62 -27.51
N GLU C 230 7.47 -61.63 -27.72
CA GLU C 230 8.56 -61.94 -26.80
C GLU C 230 9.85 -62.26 -27.54
N ALA C 231 10.00 -61.75 -28.77
CA ALA C 231 11.11 -62.14 -29.61
C ALA C 231 12.40 -61.47 -29.16
N THR C 232 12.38 -60.14 -29.05
CA THR C 232 13.55 -59.39 -28.59
C THR C 232 13.88 -59.69 -27.14
N LEU C 233 12.86 -59.98 -26.33
CA LEU C 233 13.07 -60.45 -24.97
C LEU C 233 13.79 -61.80 -24.95
N GLY C 234 13.46 -62.67 -25.91
CA GLY C 234 14.13 -63.95 -26.03
C GLY C 234 15.58 -63.80 -26.46
N ALA C 235 15.82 -62.90 -27.42
CA ALA C 235 17.18 -62.60 -27.83
C ALA C 235 17.98 -61.95 -26.72
N PHE C 236 17.31 -61.23 -25.82
CA PHE C 236 17.95 -60.66 -24.65
C PHE C 236 18.28 -61.76 -23.63
N LYS C 237 17.36 -62.70 -23.44
CA LYS C 237 17.57 -63.82 -22.52
C LYS C 237 18.66 -64.77 -22.99
N VAL C 238 18.97 -64.79 -24.29
CA VAL C 238 20.10 -65.59 -24.75
C VAL C 238 21.43 -65.00 -24.24
N TYR C 239 21.51 -63.68 -24.08
CA TYR C 239 22.73 -63.04 -23.59
C TYR C 239 22.89 -63.10 -22.08
N PHE C 240 21.80 -62.97 -21.32
CA PHE C 240 21.86 -62.77 -19.89
C PHE C 240 20.90 -63.71 -19.18
N ASP C 241 21.15 -63.94 -17.90
CA ASP C 241 20.18 -64.51 -17.00
C ASP C 241 19.61 -63.42 -16.11
N LEU C 242 18.28 -63.43 -15.94
CA LEU C 242 17.56 -62.39 -15.23
C LEU C 242 17.34 -62.87 -13.80
N ILE C 243 18.16 -62.36 -12.88
CA ILE C 243 18.13 -62.78 -11.49
C ILE C 243 17.38 -61.73 -10.68
N ASN C 244 16.39 -62.18 -9.90
CA ASN C 244 15.75 -61.40 -8.83
C ASN C 244 15.04 -60.16 -9.36
N CYS C 245 14.17 -60.38 -10.34
CA CYS C 245 13.45 -59.27 -10.97
C CYS C 245 12.38 -58.77 -10.02
N THR C 246 12.41 -57.47 -9.74
CA THR C 246 11.49 -56.85 -8.79
C THR C 246 10.20 -56.39 -9.42
N PHE C 247 10.20 -55.98 -10.69
CA PHE C 247 8.95 -55.73 -11.38
C PHE C 247 9.12 -56.05 -12.85
N ARG C 248 7.99 -56.07 -13.57
CA ARG C 248 7.98 -56.29 -15.01
C ARG C 248 6.66 -55.76 -15.54
N TYR C 249 6.72 -54.72 -16.37
CA TYR C 249 5.55 -54.05 -16.91
C TYR C 249 5.55 -54.09 -18.42
N ASN C 250 4.35 -53.98 -18.99
CA ASN C 250 4.14 -54.01 -20.43
C ASN C 250 3.19 -52.89 -20.83
N TYR C 251 3.48 -52.29 -21.98
CA TYR C 251 2.64 -51.22 -22.51
C TYR C 251 2.42 -51.49 -24.00
N THR C 252 1.21 -51.22 -24.47
CA THR C 252 0.83 -51.57 -25.84
C THR C 252 0.86 -50.34 -26.73
N ILE C 253 1.60 -50.44 -27.84
CA ILE C 253 1.70 -49.37 -28.84
C ILE C 253 0.97 -49.80 -30.10
N THR C 254 0.67 -48.83 -30.98
CA THR C 254 0.02 -49.10 -32.25
C THR C 254 1.03 -48.83 -33.36
N GLU C 255 1.20 -49.80 -34.25
CA GLU C 255 2.18 -49.68 -35.32
C GLU C 255 1.72 -48.67 -36.36
N ASP C 256 2.38 -47.52 -36.39
CA ASP C 256 2.20 -46.52 -37.44
C ASP C 256 3.47 -45.69 -37.48
N GLU C 257 3.77 -45.14 -38.65
CA GLU C 257 5.05 -44.47 -38.86
C GLU C 257 4.80 -43.02 -39.25
N ASN C 258 4.74 -42.12 -38.27
CA ASN C 258 4.80 -40.71 -38.66
C ASN C 258 6.04 -40.00 -38.12
N ALA C 259 6.04 -39.73 -36.82
CA ALA C 259 7.13 -39.09 -36.07
C ALA C 259 6.70 -39.05 -34.62
N GLU C 260 7.58 -39.36 -33.68
CA GLU C 260 7.19 -39.25 -32.29
C GLU C 260 8.36 -38.90 -31.40
N TRP C 261 8.05 -38.65 -30.14
CA TRP C 261 9.01 -38.28 -29.12
C TRP C 261 8.85 -39.19 -27.92
N PHE C 262 9.95 -39.47 -27.25
CA PHE C 262 9.93 -40.31 -26.06
C PHE C 262 10.91 -39.74 -25.04
N GLY C 263 10.46 -39.52 -23.82
CA GLY C 263 11.31 -38.93 -22.81
C GLY C 263 11.36 -39.76 -21.55
N ILE C 264 12.41 -39.57 -20.77
CA ILE C 264 12.55 -40.26 -19.49
C ILE C 264 13.29 -39.37 -18.50
N THR C 265 12.69 -39.19 -17.32
CA THR C 265 13.31 -38.47 -16.20
C THR C 265 13.20 -39.30 -14.93
N GLN C 266 13.77 -38.79 -13.83
CA GLN C 266 13.73 -39.49 -12.54
C GLN C 266 13.62 -38.50 -11.40
N ASP C 267 12.80 -38.83 -10.41
CA ASP C 267 12.78 -38.09 -9.15
C ASP C 267 12.40 -39.05 -8.03
N THR C 268 12.00 -38.51 -6.88
CA THR C 268 11.73 -39.31 -5.69
C THR C 268 10.44 -40.13 -5.79
N GLN C 269 9.65 -39.95 -6.84
CA GLN C 269 8.54 -40.86 -7.05
C GLN C 269 8.89 -41.99 -8.00
N GLY C 270 10.11 -42.02 -8.52
CA GLY C 270 10.54 -43.08 -9.39
C GLY C 270 11.01 -42.54 -10.70
N VAL C 271 10.96 -43.40 -11.72
CA VAL C 271 11.37 -43.04 -13.07
C VAL C 271 10.12 -42.79 -13.90
N HIS C 272 10.01 -41.61 -14.48
CA HIS C 272 8.86 -41.26 -15.29
C HIS C 272 9.18 -41.40 -16.76
N LEU C 273 8.25 -41.99 -17.50
CA LEU C 273 8.36 -42.12 -18.95
C LEU C 273 7.27 -41.28 -19.60
N TYR C 274 7.64 -40.56 -20.65
CA TYR C 274 6.77 -39.65 -21.35
C TYR C 274 6.73 -40.02 -22.82
N SER C 275 5.58 -39.83 -23.46
CA SER C 275 5.47 -40.17 -24.86
C SER C 275 4.68 -39.10 -25.60
N SER C 276 5.00 -38.93 -26.87
CA SER C 276 4.25 -38.01 -27.72
C SER C 276 3.02 -38.68 -28.29
N ARG C 277 2.96 -40.01 -28.22
CA ARG C 277 1.81 -40.74 -28.73
C ARG C 277 0.62 -40.61 -27.79
N LYS C 278 0.87 -40.18 -26.55
CA LYS C 278 -0.17 -40.07 -25.55
C LYS C 278 -1.11 -38.91 -25.89
N GLU C 279 -2.40 -39.24 -25.94
CA GLU C 279 -3.57 -38.37 -26.04
C GLU C 279 -3.79 -37.72 -27.41
N ASN C 280 -2.75 -37.70 -28.26
CA ASN C 280 -2.80 -37.35 -29.67
C ASN C 280 -1.44 -37.66 -30.27
N VAL C 281 -1.38 -38.42 -31.37
CA VAL C 281 -0.09 -38.73 -31.95
C VAL C 281 0.39 -37.59 -32.86
N PHE C 282 -0.51 -36.68 -33.24
CA PHE C 282 -0.23 -35.70 -34.28
C PHE C 282 0.47 -34.44 -33.77
N ARG C 283 0.91 -34.38 -32.53
CA ARG C 283 1.53 -33.18 -31.99
C ARG C 283 2.94 -33.47 -31.51
N ASN C 284 3.56 -32.47 -30.90
CA ASN C 284 4.91 -32.57 -30.38
C ASN C 284 4.97 -32.69 -28.87
N ASN C 285 3.86 -32.54 -28.18
CA ASN C 285 3.89 -32.53 -26.73
C ASN C 285 4.02 -33.94 -26.18
N MET C 286 4.80 -34.07 -25.12
CA MET C 286 5.01 -35.34 -24.46
C MET C 286 4.19 -35.38 -23.18
N PHE C 287 3.45 -36.46 -23.00
CA PHE C 287 2.59 -36.62 -21.84
C PHE C 287 3.02 -37.83 -21.04
N HIS C 288 2.79 -37.75 -19.73
CA HIS C 288 3.20 -38.78 -18.79
C HIS C 288 2.32 -40.00 -18.93
N PHE C 289 2.95 -41.18 -19.02
CA PHE C 289 2.18 -42.42 -19.11
C PHE C 289 2.67 -43.54 -18.21
N ALA C 290 3.80 -43.40 -17.54
CA ALA C 290 4.32 -44.49 -16.72
C ALA C 290 5.24 -44.00 -15.62
N THR C 291 5.13 -44.59 -14.44
CA THR C 291 6.06 -44.39 -13.34
C THR C 291 6.56 -45.74 -12.89
N LEU C 292 7.87 -45.87 -12.77
CA LEU C 292 8.50 -47.12 -12.39
C LEU C 292 9.16 -46.98 -11.03
N PRO C 293 8.97 -47.94 -10.12
CA PRO C 293 9.53 -47.83 -8.77
C PRO C 293 11.02 -48.07 -8.68
N VAL C 294 11.81 -47.14 -9.18
CA VAL C 294 13.27 -47.17 -9.09
C VAL C 294 13.68 -45.95 -8.30
N TYR C 295 14.02 -46.14 -7.03
CA TYR C 295 14.23 -45.00 -6.14
C TYR C 295 15.69 -44.66 -5.93
N GLN C 296 16.61 -45.56 -6.24
CA GLN C 296 18.01 -45.19 -6.20
C GLN C 296 18.36 -44.33 -7.42
N LYS C 297 19.39 -43.52 -7.28
CA LYS C 297 19.72 -42.53 -8.29
C LYS C 297 20.42 -43.18 -9.47
N ILE C 298 19.80 -43.10 -10.64
CA ILE C 298 20.41 -43.61 -11.87
C ILE C 298 21.52 -42.67 -12.29
N LEU C 299 22.69 -43.23 -12.57
CA LEU C 299 23.82 -42.44 -13.02
C LEU C 299 24.18 -42.64 -14.48
N TYR C 300 24.02 -43.83 -15.03
CA TYR C 300 24.50 -44.12 -16.38
C TYR C 300 23.41 -44.72 -17.22
N TYR C 301 23.53 -44.54 -18.53
CA TYR C 301 22.66 -45.25 -19.47
C TYR C 301 23.47 -45.68 -20.68
N THR C 302 22.86 -46.51 -21.51
CA THR C 302 23.51 -47.13 -22.65
C THR C 302 22.46 -47.49 -23.68
N VAL C 303 22.69 -47.10 -24.93
CA VAL C 303 21.82 -47.47 -26.04
C VAL C 303 22.27 -48.80 -26.58
N ILE C 304 21.36 -49.76 -26.65
CA ILE C 304 21.68 -51.13 -27.06
C ILE C 304 21.67 -51.17 -28.59
N PRO C 305 22.76 -51.58 -29.24
CA PRO C 305 22.79 -51.63 -30.70
C PRO C 305 21.88 -52.71 -31.24
N ARG C 306 21.07 -52.35 -32.23
CA ARG C 306 20.22 -53.33 -32.90
C ARG C 306 20.68 -53.52 -34.33
N SER C 307 20.30 -54.66 -34.91
CA SER C 307 20.61 -54.98 -36.30
C SER C 307 19.54 -55.95 -36.79
N ILE C 308 18.61 -55.45 -37.59
CA ILE C 308 17.46 -56.24 -38.01
C ILE C 308 17.86 -57.21 -39.10
N ARG C 309 17.70 -58.51 -38.83
CA ARG C 309 17.99 -59.56 -39.81
C ARG C 309 16.82 -59.73 -40.77
N SER C 310 16.69 -58.75 -41.67
CA SER C 310 15.76 -58.87 -42.77
C SER C 310 16.34 -59.81 -43.82
N PRO C 311 15.50 -60.39 -44.68
CA PRO C 311 16.05 -61.11 -45.85
C PRO C 311 16.79 -60.17 -46.79
N PHE C 312 17.69 -60.75 -47.58
CA PHE C 312 18.56 -59.95 -48.45
C PHE C 312 17.78 -59.29 -49.57
N ASN C 313 16.68 -59.91 -50.00
CA ASN C 313 15.82 -59.31 -51.01
C ASN C 313 14.96 -58.18 -50.46
N ASP C 314 14.70 -58.15 -49.16
CA ASP C 314 13.79 -57.18 -48.55
C ASP C 314 14.54 -56.29 -47.59
N ARG C 315 15.71 -55.80 -48.01
CA ARG C 315 16.49 -54.90 -47.18
C ARG C 315 15.81 -53.54 -47.06
N LYS C 316 15.53 -53.15 -45.81
CA LYS C 316 14.83 -51.92 -45.52
C LYS C 316 15.81 -50.87 -44.98
N ALA C 317 15.31 -49.64 -44.90
CA ALA C 317 16.05 -48.56 -44.26
C ALA C 317 15.33 -48.12 -42.99
N TRP C 318 16.11 -47.79 -41.97
CA TRP C 318 15.57 -47.42 -40.66
C TRP C 318 16.03 -46.02 -40.31
N ALA C 319 15.11 -45.21 -39.80
CA ALA C 319 15.43 -43.81 -39.52
C ALA C 319 16.20 -43.70 -38.22
N ALA C 320 17.32 -43.00 -38.27
CA ALA C 320 18.14 -42.71 -37.10
C ALA C 320 17.33 -41.95 -36.05
N PHE C 321 17.68 -42.14 -34.79
CA PHE C 321 16.99 -41.38 -33.76
C PHE C 321 17.98 -40.44 -33.07
N TYR C 322 17.43 -39.46 -32.35
CA TYR C 322 18.28 -38.40 -31.80
C TYR C 322 18.01 -38.24 -30.32
N ILE C 323 19.07 -38.11 -29.54
CA ILE C 323 18.96 -37.98 -28.08
C ILE C 323 19.43 -36.57 -27.69
N TYR C 324 18.59 -35.87 -26.92
CA TYR C 324 18.86 -34.54 -26.41
C TYR C 324 18.76 -34.53 -24.89
N LYS C 325 19.73 -33.90 -24.26
CA LYS C 325 19.82 -33.84 -22.80
C LYS C 325 18.90 -32.76 -22.26
N LEU C 326 18.37 -32.98 -21.06
CA LEU C 326 17.49 -32.02 -20.41
C LEU C 326 18.28 -31.21 -19.38
N HIS C 327 17.94 -29.94 -19.24
CA HIS C 327 18.63 -29.00 -18.40
C HIS C 327 17.63 -28.25 -17.53
N PRO C 328 18.05 -27.75 -16.37
CA PRO C 328 17.14 -26.95 -15.53
C PRO C 328 16.99 -25.52 -16.03
N LEU C 329 16.04 -25.29 -16.94
CA LEU C 329 15.92 -24.01 -17.62
C LEU C 329 14.59 -23.34 -17.31
N THR C 330 14.54 -22.04 -17.61
CA THR C 330 13.32 -21.25 -17.66
C THR C 330 12.83 -21.14 -19.09
N TYR C 331 11.54 -21.35 -19.28
CA TYR C 331 10.92 -21.37 -20.60
C TYR C 331 9.67 -20.51 -20.58
N LEU C 332 9.30 -20.00 -21.75
CA LEU C 332 8.04 -19.33 -21.95
C LEU C 332 7.19 -20.17 -22.87
N LEU C 333 5.99 -20.54 -22.42
CA LEU C 333 5.14 -21.50 -23.11
C LEU C 333 3.83 -20.86 -23.50
N ASN C 334 3.37 -21.15 -24.73
CA ASN C 334 2.11 -20.61 -25.23
C ASN C 334 1.12 -21.76 -25.49
N PHE C 335 -0.06 -21.68 -24.88
CA PHE C 335 -1.08 -22.72 -24.95
C PHE C 335 -2.18 -22.28 -25.91
N ASP C 336 -2.49 -23.10 -26.92
CA ASP C 336 -3.50 -22.71 -27.89
C ASP C 336 -4.91 -23.01 -27.40
N VAL C 337 -5.89 -22.88 -28.28
CA VAL C 337 -7.29 -23.10 -27.93
C VAL C 337 -7.57 -24.56 -27.60
N GLU C 338 -6.95 -25.49 -28.33
CA GLU C 338 -7.12 -26.90 -28.08
C GLU C 338 -6.40 -27.39 -26.83
N GLY C 339 -5.48 -26.59 -26.28
CA GLY C 339 -4.79 -26.94 -25.06
C GLY C 339 -3.36 -27.34 -25.24
N TYR C 340 -2.87 -27.40 -26.47
CA TYR C 340 -1.53 -27.91 -26.76
C TYR C 340 -0.54 -26.76 -26.79
N ILE C 341 0.68 -27.02 -26.30
CA ILE C 341 1.73 -26.01 -26.36
C ILE C 341 2.15 -25.83 -27.81
N THR C 342 1.95 -24.63 -28.34
CA THR C 342 2.25 -24.35 -29.74
C THR C 342 3.66 -23.82 -29.95
N LYS C 343 4.13 -22.94 -29.07
CA LYS C 343 5.49 -22.44 -29.20
C LYS C 343 6.05 -22.13 -27.82
N ALA C 344 7.38 -22.12 -27.76
CA ALA C 344 8.12 -21.92 -26.53
C ALA C 344 9.30 -21.00 -26.81
N VAL C 345 9.87 -20.46 -25.74
CA VAL C 345 11.03 -19.58 -25.80
C VAL C 345 11.99 -19.98 -24.69
N ASP C 346 13.22 -20.32 -25.07
CA ASP C 346 14.32 -20.56 -24.13
C ASP C 346 14.85 -19.20 -23.72
N CYS C 347 14.73 -18.85 -22.45
CA CYS C 347 14.85 -17.44 -22.07
C CYS C 347 16.27 -17.04 -21.76
N GLY C 348 17.24 -17.81 -22.22
CA GLY C 348 18.60 -17.48 -21.89
C GLY C 348 19.46 -17.64 -23.11
N TYR C 349 18.82 -17.86 -24.26
CA TYR C 349 19.51 -18.15 -25.50
C TYR C 349 20.12 -16.90 -26.12
N ASP C 350 19.31 -15.89 -26.39
CA ASP C 350 19.83 -14.61 -26.87
C ASP C 350 19.03 -13.48 -26.25
N ASP C 351 19.17 -12.27 -26.79
CA ASP C 351 18.59 -11.09 -26.19
C ASP C 351 17.14 -10.84 -26.56
N LEU C 352 16.71 -11.28 -27.75
CA LEU C 352 15.29 -11.24 -28.07
C LEU C 352 14.49 -12.17 -27.16
N ALA C 353 15.07 -13.31 -26.79
CA ALA C 353 14.43 -14.22 -25.87
C ALA C 353 14.38 -13.65 -24.46
N GLN C 354 15.42 -12.95 -24.02
CA GLN C 354 15.38 -12.24 -22.75
C GLN C 354 14.36 -11.12 -22.74
N LEU C 355 14.16 -10.43 -23.85
CA LEU C 355 13.08 -9.45 -23.98
C LEU C 355 11.71 -10.08 -23.86
N GLN C 356 11.49 -11.17 -24.59
CA GLN C 356 10.20 -11.86 -24.58
C GLN C 356 9.88 -12.44 -23.22
N CYS C 357 10.88 -12.95 -22.51
CA CYS C 357 10.61 -13.50 -21.18
C CYS C 357 10.58 -12.45 -20.10
N SER C 358 11.22 -11.30 -20.31
CA SER C 358 11.19 -10.22 -19.35
C SER C 358 9.90 -9.43 -19.41
N TYR C 359 9.23 -9.37 -20.56
CA TYR C 359 7.95 -8.70 -20.66
C TYR C 359 6.79 -9.67 -20.79
N GLU C 360 7.06 -10.96 -20.93
CA GLU C 360 6.11 -12.08 -20.86
C GLU C 360 5.03 -11.98 -21.94
N SER C 361 5.51 -11.88 -23.17
CA SER C 361 4.65 -11.86 -24.34
C SER C 361 5.50 -12.25 -25.55
N PHE C 362 4.83 -12.76 -26.57
CA PHE C 362 5.51 -13.15 -27.80
C PHE C 362 5.53 -12.06 -28.86
N GLU C 363 4.61 -11.10 -28.82
CA GLU C 363 4.57 -9.99 -29.75
C GLU C 363 5.00 -8.73 -29.02
N VAL C 364 6.03 -8.05 -29.53
CA VAL C 364 6.81 -7.17 -28.68
C VAL C 364 6.83 -5.71 -29.09
N GLU C 365 6.25 -5.31 -30.23
CA GLU C 365 5.94 -3.89 -30.51
C GLU C 365 7.12 -2.93 -30.56
N THR C 366 7.79 -2.81 -31.72
CA THR C 366 9.09 -2.16 -31.97
C THR C 366 9.47 -1.02 -31.03
N GLY C 367 10.67 -1.12 -30.45
CA GLY C 367 11.06 -0.17 -29.43
C GLY C 367 12.45 -0.45 -28.93
N VAL C 368 12.80 0.19 -27.82
CA VAL C 368 14.07 0.00 -27.12
C VAL C 368 13.74 -0.33 -25.68
N TYR C 369 14.15 -1.51 -25.23
CA TYR C 369 13.67 -2.06 -23.96
C TYR C 369 14.82 -2.41 -23.05
N SER C 370 14.62 -2.25 -21.75
CA SER C 370 15.61 -2.72 -20.79
C SER C 370 15.20 -4.07 -20.24
N VAL C 371 16.15 -5.00 -20.15
CA VAL C 371 15.81 -6.40 -19.91
C VAL C 371 16.52 -6.93 -18.67
N SER C 372 16.07 -8.11 -18.25
CA SER C 372 16.62 -8.84 -17.11
C SER C 372 17.46 -10.02 -17.60
N SER C 373 18.13 -10.67 -16.66
CA SER C 373 19.04 -11.77 -16.95
C SER C 373 18.41 -13.09 -16.53
N PHE C 374 18.47 -14.08 -17.42
CA PHE C 374 17.99 -15.42 -17.12
C PHE C 374 19.05 -16.49 -17.34
N GLU C 375 20.32 -16.17 -17.24
CA GLU C 375 21.34 -17.17 -17.44
C GLU C 375 21.80 -17.75 -16.11
N ALA C 376 22.34 -18.97 -16.18
CA ALA C 376 22.71 -19.74 -14.99
C ALA C 376 24.08 -19.30 -14.47
N SER C 377 25.17 -19.46 -15.27
CA SER C 377 26.53 -19.02 -14.98
C SER C 377 27.07 -19.62 -13.69
N PRO C 378 27.47 -20.91 -13.69
CA PRO C 378 27.83 -21.61 -12.45
C PRO C 378 28.99 -20.98 -11.70
N ARG C 379 28.86 -20.92 -10.38
CA ARG C 379 29.72 -20.08 -9.57
C ARG C 379 30.95 -20.80 -9.04
N GLY C 380 31.78 -20.09 -8.30
CA GLY C 380 32.96 -20.68 -7.71
C GLY C 380 32.91 -20.52 -6.21
N GLU C 381 34.07 -20.21 -5.62
CA GLU C 381 34.17 -20.16 -4.17
C GLU C 381 35.37 -19.29 -3.79
N PHE C 382 35.18 -18.43 -2.81
CA PHE C 382 36.22 -17.54 -2.29
C PHE C 382 36.09 -17.53 -0.78
N ILE C 383 36.82 -18.40 -0.12
CA ILE C 383 36.77 -18.51 1.34
C ILE C 383 38.09 -18.04 1.91
N GLU C 384 38.02 -17.19 2.94
CA GLU C 384 39.20 -16.56 3.49
C GLU C 384 38.89 -16.20 4.95
N GLN C 385 39.40 -17.01 5.87
CA GLN C 385 39.27 -16.75 7.29
C GLN C 385 40.64 -16.85 7.95
N ALA C 386 40.73 -16.34 9.17
CA ALA C 386 42.00 -16.21 9.86
C ALA C 386 42.25 -17.42 10.76
N THR C 387 43.53 -17.62 11.09
CA THR C 387 43.96 -18.76 11.89
C THR C 387 44.15 -18.33 13.34
N THR C 388 43.66 -19.17 14.26
CA THR C 388 43.73 -18.87 15.68
C THR C 388 43.91 -20.17 16.44
N GLN C 389 43.76 -20.11 17.76
CA GLN C 389 43.89 -21.26 18.62
C GLN C 389 42.54 -21.92 18.83
N GLU C 390 42.54 -23.09 19.45
CA GLU C 390 41.30 -23.76 19.78
C GLU C 390 40.67 -23.17 21.03
N CYS C 391 39.35 -23.06 21.02
CA CYS C 391 38.61 -22.67 22.22
C CYS C 391 38.62 -23.85 23.17
N ASP C 392 38.73 -23.55 24.46
CA ASP C 392 38.87 -24.59 25.48
C ASP C 392 37.54 -24.84 26.16
N PHE C 393 36.95 -26.00 25.89
CA PHE C 393 35.76 -26.46 26.58
C PHE C 393 36.09 -27.38 27.75
N THR C 394 37.32 -27.36 28.21
CA THR C 394 37.75 -28.22 29.32
C THR C 394 37.14 -27.89 30.68
N PRO C 395 36.79 -26.63 31.05
CA PRO C 395 35.98 -26.47 32.27
C PRO C 395 34.50 -26.69 32.07
N MET C 396 34.14 -27.75 31.34
CA MET C 396 32.75 -28.17 31.19
C MET C 396 32.71 -29.68 31.34
N LEU C 397 33.87 -30.30 31.13
CA LEU C 397 34.00 -31.74 31.12
C LEU C 397 34.77 -32.26 32.32
N THR C 398 35.16 -31.39 33.24
CA THR C 398 35.93 -31.82 34.41
C THR C 398 35.41 -31.14 35.67
N GLY C 399 34.91 -31.92 36.60
CA GLY C 399 34.48 -31.40 37.87
C GLY C 399 33.02 -31.69 38.09
N THR C 400 32.44 -30.97 39.05
CA THR C 400 31.03 -31.11 39.37
C THR C 400 30.28 -29.95 38.77
N PRO C 401 29.18 -30.19 38.04
CA PRO C 401 28.44 -29.06 37.48
C PRO C 401 27.69 -28.32 38.57
N PRO C 402 27.61 -27.00 38.47
CA PRO C 402 27.09 -26.20 39.57
C PRO C 402 25.58 -26.23 39.61
N PRO C 403 24.96 -25.75 40.70
CA PRO C 403 23.50 -25.62 40.72
C PRO C 403 23.00 -24.50 39.81
N ILE C 404 21.69 -24.48 39.58
CA ILE C 404 21.09 -23.61 38.57
C ILE C 404 21.19 -22.15 38.97
N TYR C 405 21.05 -21.85 40.26
CA TYR C 405 21.15 -20.48 40.73
C TYR C 405 22.58 -19.99 40.78
N ASN C 406 23.55 -20.89 40.66
CA ASN C 406 24.95 -20.55 40.67
C ASN C 406 25.60 -21.10 39.41
N PHE C 407 24.97 -20.88 38.26
CA PHE C 407 25.40 -21.46 37.00
C PHE C 407 26.76 -20.91 36.58
N LYS C 408 27.37 -21.59 35.62
CA LYS C 408 28.70 -21.18 35.17
C LYS C 408 28.62 -20.63 33.76
N ARG C 409 29.41 -19.60 33.49
CA ARG C 409 29.38 -18.89 32.21
C ARG C 409 30.77 -18.86 31.59
N LEU C 410 30.84 -19.19 30.30
CA LEU C 410 32.08 -19.16 29.53
C LEU C 410 31.85 -18.30 28.31
N VAL C 411 32.75 -17.34 28.05
CA VAL C 411 32.65 -16.47 26.89
C VAL C 411 33.91 -16.64 26.06
N PHE C 412 33.75 -16.96 24.78
CA PHE C 412 34.85 -17.20 23.88
C PHE C 412 34.87 -16.14 22.79
N THR C 413 36.05 -15.58 22.57
CA THR C 413 36.35 -14.69 21.46
C THR C 413 37.70 -15.08 20.91
N ASN C 414 37.87 -14.90 19.60
CA ASN C 414 39.14 -15.05 18.87
C ASN C 414 39.71 -16.46 18.97
N CYS C 415 38.89 -17.45 18.58
CA CYS C 415 39.36 -18.82 18.62
C CYS C 415 38.59 -19.68 17.63
N ASN C 416 39.04 -20.93 17.53
CA ASN C 416 38.43 -21.94 16.69
C ASN C 416 37.72 -22.95 17.56
N TYR C 417 36.49 -23.30 17.22
CA TYR C 417 35.73 -24.24 18.01
C TYR C 417 35.42 -25.50 17.21
N ASN C 418 35.19 -26.58 17.93
CA ASN C 418 34.76 -27.85 17.35
C ASN C 418 33.58 -28.31 18.22
N LEU C 419 32.37 -27.93 17.80
CA LEU C 419 31.17 -28.27 18.57
C LEU C 419 30.81 -29.73 18.47
N THR C 420 31.26 -30.43 17.42
CA THR C 420 31.01 -31.85 17.26
C THR C 420 31.69 -32.66 18.36
N LYS C 421 32.93 -32.29 18.67
CA LYS C 421 33.71 -32.92 19.73
C LYS C 421 33.05 -32.80 21.08
N LEU C 422 32.44 -31.64 21.33
CA LEU C 422 31.73 -31.39 22.58
C LEU C 422 30.44 -32.20 22.64
N LEU C 423 29.62 -32.12 21.62
CA LEU C 423 28.32 -32.78 21.66
C LEU C 423 28.40 -34.29 21.49
N SER C 424 29.56 -34.81 21.08
CA SER C 424 29.70 -36.25 20.97
C SER C 424 29.80 -36.96 22.30
N LEU C 425 30.06 -36.24 23.38
CA LEU C 425 30.28 -36.82 24.70
C LEU C 425 29.02 -36.95 25.52
N PHE C 426 27.89 -36.46 25.02
CA PHE C 426 26.66 -36.41 25.82
C PHE C 426 25.57 -37.16 25.07
N GLN C 427 24.45 -37.36 25.74
CA GLN C 427 23.26 -37.91 25.10
C GLN C 427 22.20 -36.82 25.11
N VAL C 428 21.98 -36.22 23.94
CA VAL C 428 21.06 -35.10 23.85
C VAL C 428 19.63 -35.61 23.78
N SER C 429 18.76 -35.00 24.57
CA SER C 429 17.34 -35.31 24.49
C SER C 429 16.48 -34.12 24.15
N GLU C 430 17.06 -32.94 23.97
CA GLU C 430 16.33 -31.74 23.58
C GLU C 430 17.31 -30.74 23.00
N PHE C 431 16.94 -30.08 21.91
CA PHE C 431 17.80 -29.12 21.24
C PHE C 431 16.89 -28.07 20.61
N SER C 432 16.62 -27.00 21.34
CA SER C 432 15.62 -26.01 20.96
C SER C 432 16.29 -24.65 20.74
N CYS C 433 16.16 -24.12 19.54
CA CYS C 433 16.92 -22.95 19.14
C CYS C 433 16.00 -21.81 18.72
N HIS C 434 16.60 -20.63 18.59
CA HIS C 434 15.89 -19.38 18.34
C HIS C 434 16.79 -18.49 17.48
N GLN C 435 16.30 -18.18 16.28
CA GLN C 435 16.94 -17.38 15.23
C GLN C 435 18.20 -18.04 14.66
N VAL C 436 18.39 -19.33 14.89
CA VAL C 436 19.49 -20.09 14.33
C VAL C 436 19.02 -21.54 14.37
N SER C 437 19.61 -22.40 13.57
CA SER C 437 19.29 -23.82 13.67
C SER C 437 20.41 -24.55 14.38
N PRO C 438 20.16 -25.75 14.93
CA PRO C 438 21.27 -26.52 15.51
C PRO C 438 22.32 -26.94 14.52
N SER C 439 21.98 -27.09 13.25
CA SER C 439 22.93 -27.50 12.24
C SER C 439 23.82 -26.35 11.79
N SER C 440 23.29 -25.14 11.75
CA SER C 440 24.05 -23.96 11.39
C SER C 440 24.91 -23.44 12.52
N LEU C 441 24.67 -23.89 13.74
CA LEU C 441 25.45 -23.49 14.90
C LEU C 441 26.88 -23.99 14.85
N ALA C 442 27.12 -25.09 14.15
CA ALA C 442 28.46 -25.67 14.06
C ALA C 442 29.20 -25.26 12.80
N THR C 443 28.72 -24.26 12.07
CA THR C 443 29.35 -23.86 10.81
C THR C 443 29.53 -22.36 10.67
N GLY C 444 28.99 -21.55 11.58
CA GLY C 444 29.00 -20.12 11.43
C GLY C 444 30.19 -19.46 12.11
N CYS C 445 30.47 -18.22 11.68
CA CYS C 445 31.53 -17.41 12.28
C CYS C 445 30.86 -16.29 13.06
N TYR C 446 31.23 -16.15 14.33
CA TYR C 446 30.58 -15.21 15.23
C TYR C 446 31.61 -14.24 15.79
N SER C 447 31.13 -13.19 16.43
CA SER C 447 32.00 -12.28 17.14
C SER C 447 32.20 -12.67 18.60
N SER C 448 31.26 -13.41 19.20
CA SER C 448 31.43 -13.93 20.55
C SER C 448 30.57 -15.18 20.69
N LEU C 449 30.91 -16.02 21.67
CA LEU C 449 30.17 -17.25 21.89
C LEU C 449 30.06 -17.49 23.39
N THR C 450 28.84 -17.52 23.93
CA THR C 450 28.63 -17.65 25.36
C THR C 450 27.93 -18.97 25.66
N VAL C 451 28.42 -19.69 26.67
CA VAL C 451 27.83 -20.93 27.13
C VAL C 451 27.56 -20.80 28.62
N ASP C 452 26.30 -20.88 29.03
CA ASP C 452 25.92 -21.06 30.43
C ASP C 452 25.64 -22.53 30.63
N TYR C 453 26.09 -23.09 31.74
CA TYR C 453 25.82 -24.50 32.00
C TYR C 453 25.64 -24.74 33.48
N PHE C 454 24.84 -25.75 33.77
CA PHE C 454 24.51 -26.13 35.14
C PHE C 454 23.95 -27.53 35.12
N ALA C 455 23.78 -28.11 36.30
CA ALA C 455 23.13 -29.41 36.44
C ALA C 455 21.63 -29.20 36.59
N TYR C 456 20.86 -30.09 35.98
CA TYR C 456 19.41 -29.92 35.86
C TYR C 456 18.81 -31.23 35.41
N SER C 457 17.75 -31.65 36.07
CA SER C 457 17.08 -32.90 35.74
C SER C 457 16.03 -32.67 34.66
N THR C 458 16.08 -33.48 33.61
CA THR C 458 15.27 -33.23 32.41
C THR C 458 13.86 -33.77 32.52
N ASP C 459 13.42 -34.18 33.70
CA ASP C 459 12.00 -34.35 33.95
C ASP C 459 11.34 -33.04 34.34
N MET C 460 12.13 -32.02 34.65
CA MET C 460 11.66 -30.67 34.89
C MET C 460 11.90 -29.79 33.67
N SER C 461 11.79 -30.38 32.49
CA SER C 461 12.13 -29.71 31.24
C SER C 461 11.13 -28.64 30.84
N SER C 462 9.92 -28.67 31.37
CA SER C 462 8.90 -27.70 31.00
C SER C 462 9.00 -26.43 31.82
N ALA C 463 9.93 -26.35 32.75
CA ALA C 463 10.11 -25.18 33.58
C ALA C 463 11.15 -24.23 33.03
N LEU C 464 11.90 -24.64 32.02
CA LEU C 464 12.88 -23.80 31.35
C LEU C 464 12.34 -23.20 30.06
N GLN C 465 11.11 -23.51 29.70
CA GLN C 465 10.49 -23.06 28.48
C GLN C 465 10.21 -21.56 28.54
N PRO C 466 10.06 -20.90 27.39
CA PRO C 466 9.80 -19.45 27.41
C PRO C 466 8.44 -19.11 28.00
N GLY C 467 8.46 -18.23 29.00
CA GLY C 467 7.25 -17.82 29.66
C GLY C 467 6.67 -18.86 30.60
N ALA C 468 7.50 -19.67 31.23
CA ALA C 468 6.99 -20.74 32.07
C ALA C 468 6.56 -20.20 33.42
N ALA C 469 5.94 -21.07 34.21
CA ALA C 469 5.14 -20.63 35.34
C ALA C 469 5.89 -20.53 36.66
N GLY C 470 6.68 -21.55 37.00
CA GLY C 470 7.10 -21.71 38.39
C GLY C 470 8.25 -20.87 38.89
N ALA C 471 9.06 -21.45 39.78
CA ALA C 471 10.12 -20.75 40.48
C ALA C 471 11.46 -20.91 39.81
N ILE C 472 11.53 -21.56 38.66
CA ILE C 472 12.80 -21.66 37.96
C ILE C 472 13.12 -20.36 37.22
N VAL C 473 12.15 -19.81 36.50
CA VAL C 473 12.37 -18.55 35.80
C VAL C 473 12.31 -17.35 36.71
N GLN C 474 11.69 -17.46 37.87
CA GLN C 474 11.54 -16.34 38.79
C GLN C 474 12.75 -16.11 39.67
N PHE C 475 13.39 -17.17 40.16
CA PHE C 475 14.45 -17.00 41.14
C PHE C 475 15.76 -17.67 40.75
N ASN C 476 15.77 -18.46 39.69
CA ASN C 476 17.00 -19.20 39.38
C ASN C 476 17.63 -18.78 38.07
N TYR C 477 16.91 -18.88 36.96
CA TYR C 477 17.48 -18.60 35.65
C TYR C 477 16.40 -18.21 34.68
N LYS C 478 16.54 -17.05 34.05
CA LYS C 478 15.66 -16.62 32.99
C LYS C 478 16.48 -16.42 31.72
N GLN C 479 16.11 -17.11 30.65
CA GLN C 479 16.86 -17.05 29.41
C GLN C 479 16.60 -15.74 28.69
N ASP C 480 17.63 -15.28 27.97
CA ASP C 480 17.62 -13.99 27.28
C ASP C 480 17.45 -14.23 25.78
N PHE C 481 16.38 -13.67 25.20
CA PHE C 481 16.04 -13.92 23.81
C PHE C 481 16.31 -12.73 22.91
N SER C 482 17.33 -11.93 23.21
CA SER C 482 17.63 -10.79 22.36
C SER C 482 18.70 -11.14 21.32
N ASN C 483 19.41 -12.22 21.53
CA ASN C 483 20.39 -12.78 20.61
C ASN C 483 19.89 -14.10 20.05
N PRO C 484 20.52 -14.62 18.99
CA PRO C 484 20.27 -16.02 18.63
C PRO C 484 20.78 -16.94 19.73
N THR C 485 20.00 -17.98 20.03
CA THR C 485 20.28 -18.76 21.23
C THR C 485 19.77 -20.18 21.05
N CYS C 486 20.30 -21.09 21.85
CA CYS C 486 19.92 -22.50 21.83
C CYS C 486 19.94 -23.05 23.25
N ARG C 487 19.13 -24.07 23.50
CA ARG C 487 18.98 -24.67 24.81
C ARG C 487 19.11 -26.19 24.68
N VAL C 488 20.22 -26.74 25.14
CA VAL C 488 20.45 -28.18 25.05
C VAL C 488 20.26 -28.82 26.43
N LEU C 489 19.61 -29.98 26.43
CA LEU C 489 19.37 -30.75 27.64
C LEU C 489 19.97 -32.14 27.43
N ALA C 490 20.98 -32.50 28.22
CA ALA C 490 21.76 -33.69 27.89
C ALA C 490 21.94 -34.56 29.13
N THR C 491 22.30 -35.81 28.88
CA THR C 491 22.63 -36.76 29.93
C THR C 491 24.09 -37.17 29.81
N VAL C 492 24.78 -37.20 30.94
CA VAL C 492 26.19 -37.57 31.00
C VAL C 492 26.30 -39.09 31.11
N PRO C 493 26.84 -39.78 30.10
CA PRO C 493 26.92 -41.23 30.16
C PRO C 493 28.02 -41.69 31.09
N GLN C 494 28.02 -43.00 31.36
CA GLN C 494 28.79 -43.51 32.49
C GLN C 494 30.27 -43.65 32.15
N ASN C 495 30.60 -43.82 30.87
CA ASN C 495 31.99 -43.95 30.45
C ASN C 495 32.76 -42.65 30.62
N LEU C 496 32.08 -41.51 30.48
CA LEU C 496 32.70 -40.22 30.77
C LEU C 496 32.92 -40.06 32.27
N THR C 497 34.17 -40.23 32.71
CA THR C 497 34.46 -40.37 34.13
C THR C 497 35.07 -39.11 34.73
N THR C 498 35.34 -38.08 33.92
CA THR C 498 35.93 -36.87 34.47
C THR C 498 34.87 -35.97 35.08
N ILE C 499 33.60 -36.21 34.79
CA ILE C 499 32.50 -35.42 35.37
C ILE C 499 31.99 -36.16 36.59
N THR C 500 32.28 -35.62 37.77
CA THR C 500 31.75 -36.19 39.01
C THR C 500 30.28 -35.80 39.12
N LYS C 501 29.55 -36.46 40.01
CA LYS C 501 28.16 -36.07 40.18
C LYS C 501 27.96 -35.56 41.59
N PRO C 502 27.02 -34.65 41.80
CA PRO C 502 26.72 -34.21 43.16
C PRO C 502 25.79 -35.17 43.88
N SER C 503 25.33 -34.80 45.06
CA SER C 503 24.42 -35.64 45.81
C SER C 503 22.97 -35.21 45.71
N ASN C 504 22.69 -33.94 45.48
CA ASN C 504 21.32 -33.44 45.46
C ASN C 504 21.21 -32.38 44.39
N TYR C 505 20.22 -32.51 43.51
CA TYR C 505 19.76 -31.37 42.73
C TYR C 505 19.14 -30.35 43.67
N ALA C 506 19.29 -29.07 43.34
CA ALA C 506 18.84 -28.00 44.22
C ALA C 506 18.35 -26.80 43.41
N TYR C 507 17.32 -26.13 43.91
CA TYR C 507 16.92 -24.85 43.33
C TYR C 507 16.27 -23.97 44.38
N LEU C 508 16.28 -22.67 44.15
CA LEU C 508 15.70 -21.69 45.05
C LEU C 508 14.21 -21.56 44.79
N THR C 509 13.44 -21.37 45.86
CA THR C 509 12.01 -21.18 45.76
C THR C 509 11.56 -19.79 46.19
N GLU C 510 12.45 -18.99 46.77
CA GLU C 510 12.05 -17.69 47.30
C GLU C 510 13.27 -16.78 47.36
N CYS C 511 13.05 -15.49 47.11
CA CYS C 511 14.05 -14.46 47.33
C CYS C 511 13.28 -13.14 47.46
N TYR C 512 13.23 -12.60 48.67
CA TYR C 512 12.43 -11.41 48.94
C TYR C 512 13.09 -10.51 49.98
N LYS C 513 12.59 -9.28 50.06
CA LYS C 513 12.91 -8.35 51.15
C LYS C 513 11.69 -8.20 52.03
N THR C 514 11.91 -8.06 53.34
CA THR C 514 10.81 -7.76 54.23
C THR C 514 10.32 -6.34 54.00
N SER C 515 9.02 -6.14 54.11
CA SER C 515 8.41 -4.84 53.91
C SER C 515 7.44 -4.59 55.05
N ALA C 516 6.83 -3.40 55.04
CA ALA C 516 5.81 -3.06 56.03
C ALA C 516 4.52 -3.86 55.83
N TYR C 517 4.34 -4.47 54.66
CA TYR C 517 3.18 -5.30 54.36
C TYR C 517 3.69 -6.53 53.61
N GLY C 518 3.99 -7.59 54.36
CA GLY C 518 4.33 -8.87 53.76
C GLY C 518 5.74 -8.97 53.21
N LYS C 519 5.84 -9.48 51.98
CA LYS C 519 7.11 -9.76 51.33
C LYS C 519 7.20 -8.95 50.05
N ASN C 520 8.42 -8.62 49.64
CA ASN C 520 8.66 -7.95 48.37
C ASN C 520 9.59 -8.85 47.55
N TYR C 521 9.03 -9.55 46.58
CA TYR C 521 9.78 -10.54 45.83
C TYR C 521 10.73 -9.90 44.84
N LEU C 522 11.89 -10.50 44.66
CA LEU C 522 12.95 -9.99 43.79
C LEU C 522 13.15 -10.97 42.64
N TYR C 523 12.60 -10.64 41.48
CA TYR C 523 12.61 -11.53 40.34
C TYR C 523 13.88 -11.36 39.52
N ASN C 524 14.24 -12.42 38.81
CA ASN C 524 15.43 -12.43 37.99
C ASN C 524 15.24 -11.56 36.75
N ALA C 525 16.35 -10.99 36.30
CA ALA C 525 16.46 -10.34 35.01
C ALA C 525 16.94 -11.34 33.99
N PRO C 526 16.67 -11.13 32.68
CA PRO C 526 17.13 -12.08 31.67
C PRO C 526 18.65 -12.13 31.53
N GLY C 527 19.23 -13.29 31.81
CA GLY C 527 20.66 -13.50 31.70
C GLY C 527 21.44 -13.19 32.95
N ALA C 528 20.79 -12.76 34.02
CA ALA C 528 21.46 -12.31 35.23
C ALA C 528 21.29 -13.31 36.35
N TYR C 529 22.22 -13.25 37.30
CA TYR C 529 22.17 -14.05 38.51
C TYR C 529 21.09 -13.53 39.45
N THR C 530 20.75 -14.33 40.43
CA THR C 530 19.77 -13.91 41.40
C THR C 530 20.43 -12.98 42.44
N PRO C 531 19.68 -12.02 42.98
CA PRO C 531 20.26 -11.16 44.03
C PRO C 531 20.53 -11.86 45.35
N CYS C 532 19.96 -13.03 45.58
CA CYS C 532 20.15 -13.80 46.81
C CYS C 532 21.28 -14.79 46.68
N LEU C 533 22.27 -14.50 45.84
CA LEU C 533 23.34 -15.44 45.54
C LEU C 533 24.35 -15.57 46.66
N SER C 534 24.70 -14.48 47.33
CA SER C 534 25.59 -14.57 48.48
C SER C 534 24.92 -15.24 49.67
N LEU C 535 23.61 -15.11 49.79
CA LEU C 535 22.85 -15.81 50.81
C LEU C 535 22.68 -17.28 50.52
N ALA C 536 22.82 -17.70 49.27
CA ALA C 536 22.62 -19.10 48.91
C ALA C 536 23.89 -19.92 49.01
N SER C 537 25.03 -19.28 49.27
CA SER C 537 26.29 -20.00 49.26
C SER C 537 26.52 -20.77 50.55
N ARG C 538 25.70 -20.55 51.57
CA ARG C 538 25.86 -21.30 52.82
C ARG C 538 25.41 -22.74 52.68
N GLY C 539 24.65 -23.08 51.65
CA GLY C 539 24.25 -24.44 51.39
C GLY C 539 22.92 -24.78 52.03
N PHE C 540 22.24 -25.75 51.45
CA PHE C 540 20.94 -26.21 51.94
C PHE C 540 21.07 -27.68 52.27
N SER C 541 20.88 -28.02 53.54
CA SER C 541 21.00 -29.39 54.00
C SER C 541 19.68 -30.14 53.97
N THR C 542 18.56 -29.45 54.00
CA THR C 542 17.24 -30.07 53.95
C THR C 542 16.35 -29.25 53.03
N LYS C 543 15.19 -29.83 52.69
CA LYS C 543 14.21 -29.10 51.89
C LYS C 543 13.59 -27.98 52.71
N TYR C 544 13.36 -26.85 52.04
CA TYR C 544 12.75 -25.63 52.62
C TYR C 544 13.56 -25.12 53.80
N GLN C 545 14.86 -25.01 53.61
CA GLN C 545 15.77 -24.47 54.60
C GLN C 545 16.08 -23.03 54.21
N SER C 546 15.67 -22.08 55.05
CA SER C 546 15.80 -20.68 54.74
C SER C 546 17.10 -20.12 55.28
N HIS C 547 17.53 -19.03 54.66
CA HIS C 547 18.68 -18.25 55.10
C HIS C 547 18.31 -16.79 55.02
N SER C 548 18.89 -15.97 55.89
CA SER C 548 18.53 -14.57 55.98
C SER C 548 19.73 -13.72 56.38
N ASP C 549 19.87 -12.57 55.72
CA ASP C 549 20.87 -11.59 56.09
C ASP C 549 20.21 -10.39 56.73
N GLY C 550 19.00 -10.58 57.24
CA GLY C 550 18.21 -9.48 57.75
C GLY C 550 17.38 -8.82 56.66
N GLU C 551 18.06 -8.24 55.67
CA GLU C 551 17.35 -7.54 54.61
C GLU C 551 16.72 -8.50 53.61
N LEU C 552 17.41 -9.58 53.29
CA LEU C 552 16.93 -10.56 52.32
C LEU C 552 16.68 -11.89 52.99
N THR C 553 15.89 -12.72 52.32
CA THR C 553 15.56 -14.06 52.79
C THR C 553 15.46 -14.96 51.58
N THR C 554 15.99 -16.18 51.68
CA THR C 554 15.90 -17.13 50.59
C THR C 554 15.61 -18.52 51.12
N THR C 555 15.09 -19.37 50.24
CA THR C 555 14.65 -20.71 50.58
C THR C 555 15.09 -21.67 49.48
N GLY C 556 15.60 -22.84 49.86
CA GLY C 556 16.08 -23.80 48.89
C GLY C 556 15.28 -25.08 48.95
N TYR C 557 15.38 -25.86 47.89
CA TYR C 557 14.76 -27.17 47.79
C TYR C 557 15.77 -28.11 47.16
N ILE C 558 16.06 -29.21 47.83
CA ILE C 558 17.00 -30.22 47.34
C ILE C 558 16.28 -31.54 47.18
N TYR C 559 16.81 -32.40 46.31
CA TYR C 559 16.31 -33.77 46.11
C TYR C 559 17.38 -34.61 45.43
N PRO C 560 17.51 -35.89 45.77
CA PRO C 560 18.73 -36.63 45.41
C PRO C 560 18.81 -37.01 43.93
N VAL C 561 20.04 -37.27 43.49
CA VAL C 561 20.34 -37.62 42.10
C VAL C 561 20.26 -39.13 41.96
N THR C 562 19.30 -39.61 41.18
CA THR C 562 19.12 -41.04 40.96
C THR C 562 19.30 -41.34 39.48
N GLY C 563 20.29 -42.16 39.15
CA GLY C 563 20.61 -42.50 37.78
C GLY C 563 21.88 -41.80 37.32
N ASN C 564 21.92 -41.51 36.04
CA ASN C 564 23.01 -40.71 35.49
C ASN C 564 22.76 -39.23 35.76
N LEU C 565 23.83 -38.45 35.65
CA LEU C 565 23.71 -37.01 35.82
C LEU C 565 23.21 -36.36 34.54
N GLN C 566 22.32 -35.38 34.68
CA GLN C 566 21.79 -34.63 33.57
C GLN C 566 22.16 -33.16 33.71
N MET C 567 22.36 -32.50 32.58
CA MET C 567 22.87 -31.14 32.56
C MET C 567 22.10 -30.31 31.56
N ALA C 568 22.16 -28.99 31.73
CA ALA C 568 21.59 -28.04 30.80
C ALA C 568 22.64 -27.04 30.35
N PHE C 569 22.64 -26.76 29.04
CA PHE C 569 23.52 -25.79 28.39
C PHE C 569 22.67 -24.77 27.68
N ILE C 570 23.01 -23.50 27.82
CA ILE C 570 22.38 -22.41 27.07
C ILE C 570 23.49 -21.75 26.27
N ILE C 571 23.39 -21.81 24.95
CA ILE C 571 24.41 -21.26 24.07
C ILE C 571 23.85 -20.02 23.39
N SER C 572 24.64 -18.96 23.31
CA SER C 572 24.24 -17.71 22.67
C SER C 572 25.36 -17.20 21.80
N VAL C 573 25.02 -16.77 20.59
CA VAL C 573 26.01 -16.28 19.64
C VAL C 573 25.67 -14.86 19.23
N GLN C 574 26.62 -14.21 18.58
CA GLN C 574 26.46 -12.83 18.16
C GLN C 574 27.15 -12.63 16.82
N TYR C 575 26.36 -12.37 15.79
CA TYR C 575 26.87 -12.04 14.47
C TYR C 575 27.09 -10.54 14.41
N GLY C 576 28.25 -10.13 13.91
CA GLY C 576 28.52 -8.74 13.68
C GLY C 576 29.11 -8.53 12.30
N THR C 577 29.27 -7.26 11.94
CA THR C 577 30.16 -6.98 10.85
C THR C 577 31.55 -6.70 11.41
N ASP C 578 32.49 -6.40 10.52
CA ASP C 578 33.90 -6.18 10.84
C ASP C 578 34.55 -7.38 11.53
N THR C 579 34.75 -8.48 10.78
CA THR C 579 35.59 -9.61 11.15
C THR C 579 35.12 -10.38 12.38
N ASN C 580 34.06 -11.14 12.21
CA ASN C 580 33.65 -12.22 13.12
C ASN C 580 34.82 -13.17 13.34
N SER C 581 35.30 -13.25 14.59
CA SER C 581 36.57 -13.91 14.88
C SER C 581 36.44 -15.29 15.51
N VAL C 582 35.26 -15.69 15.99
CA VAL C 582 35.07 -17.05 16.50
C VAL C 582 34.63 -17.91 15.33
N CYS C 583 35.56 -18.67 14.77
CA CYS C 583 35.22 -19.37 13.53
C CYS C 583 35.39 -20.86 13.73
N PRO C 584 34.71 -21.70 12.95
CA PRO C 584 34.87 -23.15 13.14
C PRO C 584 36.22 -23.63 12.66
N MET C 585 36.57 -24.84 13.09
CA MET C 585 37.81 -25.48 12.66
C MET C 585 37.62 -25.99 11.24
N GLN C 586 38.63 -25.79 10.40
CA GLN C 586 38.57 -26.19 9.01
C GLN C 586 39.85 -26.91 8.60
N ALA C 587 39.69 -27.80 7.62
CA ALA C 587 40.82 -28.31 6.87
C ALA C 587 41.18 -27.31 5.78
N LEU C 588 42.44 -27.33 5.37
CA LEU C 588 42.94 -26.32 4.45
C LEU C 588 42.85 -26.82 3.01
N ARG C 589 42.53 -25.91 2.09
CA ARG C 589 42.45 -26.21 0.67
C ARG C 589 42.93 -24.99 -0.09
N ASN C 590 43.69 -25.21 -1.17
CA ASN C 590 44.28 -24.11 -1.93
C ASN C 590 43.26 -23.33 -2.73
N ASP C 591 42.39 -24.05 -3.44
CA ASP C 591 41.57 -23.56 -4.56
C ASP C 591 40.70 -22.34 -4.26
N THR C 592 40.29 -22.16 -3.00
CA THR C 592 39.46 -21.01 -2.66
C THR C 592 40.27 -19.73 -2.63
N SER C 593 40.62 -19.20 -3.80
CA SER C 593 41.34 -17.94 -3.91
C SER C 593 40.69 -17.11 -5.01
N ILE C 594 41.16 -15.88 -5.17
CA ILE C 594 40.59 -14.94 -6.12
C ILE C 594 41.59 -14.55 -7.20
N GLU C 595 42.83 -15.03 -7.08
CA GLU C 595 43.88 -14.73 -8.04
C GLU C 595 43.54 -15.29 -9.42
N ASP C 596 42.86 -16.42 -9.46
CA ASP C 596 42.47 -17.03 -10.74
C ASP C 596 41.10 -16.53 -11.20
N LYS C 597 40.06 -16.76 -10.39
CA LYS C 597 38.68 -16.55 -10.82
C LYS C 597 38.25 -15.11 -10.53
N LEU C 598 38.75 -14.18 -11.34
CA LEU C 598 38.50 -12.80 -11.00
C LEU C 598 37.13 -12.29 -11.44
N ASP C 599 36.89 -12.15 -12.74
CA ASP C 599 35.65 -11.49 -13.14
C ASP C 599 34.51 -12.47 -13.38
N VAL C 600 34.31 -13.39 -12.45
CA VAL C 600 33.21 -14.33 -12.50
C VAL C 600 32.43 -14.18 -11.20
N CYS C 601 31.19 -14.63 -11.23
CA CYS C 601 30.37 -14.61 -10.03
C CYS C 601 30.79 -15.74 -9.11
N VAL C 602 31.20 -15.38 -7.89
CA VAL C 602 31.63 -16.36 -6.90
C VAL C 602 30.73 -16.22 -5.68
N GLU C 603 30.74 -17.25 -4.86
CA GLU C 603 30.05 -17.26 -3.57
C GLU C 603 31.11 -17.15 -2.49
N TYR C 604 31.19 -16.00 -1.84
CA TYR C 604 32.33 -15.75 -0.97
C TYR C 604 31.95 -15.90 0.49
N SER C 605 32.98 -16.14 1.32
CA SER C 605 32.84 -16.19 2.77
C SER C 605 34.15 -15.65 3.35
N LEU C 606 34.16 -14.35 3.63
CA LEU C 606 35.36 -13.62 3.98
C LEU C 606 35.23 -13.15 5.42
N HIS C 607 35.97 -13.81 6.32
CA HIS C 607 36.04 -13.51 7.76
C HIS C 607 34.68 -13.43 8.42
N GLY C 608 33.74 -14.26 7.97
CA GLY C 608 32.41 -14.29 8.52
C GLY C 608 31.36 -13.59 7.68
N ILE C 609 31.75 -12.85 6.65
CA ILE C 609 30.80 -12.15 5.80
C ILE C 609 30.55 -13.00 4.57
N THR C 610 29.27 -13.19 4.22
CA THR C 610 28.91 -14.09 3.13
C THR C 610 28.13 -13.34 2.07
N GLY C 611 28.10 -13.91 0.88
CA GLY C 611 27.30 -13.36 -0.20
C GLY C 611 27.75 -13.91 -1.54
N ARG C 612 27.23 -13.31 -2.60
CA ARG C 612 27.64 -13.63 -3.96
C ARG C 612 28.06 -12.35 -4.64
N GLY C 613 29.00 -12.45 -5.57
CA GLY C 613 29.38 -11.23 -6.26
C GLY C 613 30.53 -11.44 -7.21
N VAL C 614 30.94 -10.34 -7.84
CA VAL C 614 32.01 -10.30 -8.82
C VAL C 614 33.11 -9.40 -8.25
N PHE C 615 34.35 -9.86 -8.34
CA PHE C 615 35.50 -9.15 -7.79
C PHE C 615 36.36 -8.62 -8.92
N HIS C 616 36.71 -7.35 -8.85
CA HIS C 616 37.47 -6.72 -9.91
C HIS C 616 38.69 -6.02 -9.33
N ASN C 617 39.74 -5.88 -10.14
CA ASN C 617 41.00 -5.30 -9.69
C ASN C 617 40.88 -3.77 -9.65
N CYS C 618 40.95 -3.22 -8.45
CA CYS C 618 40.91 -1.79 -8.26
C CYS C 618 42.19 -1.31 -7.57
N THR C 619 42.36 0.00 -7.45
CA THR C 619 43.50 0.59 -6.78
C THR C 619 43.02 1.77 -5.93
N SER C 620 42.82 1.54 -4.64
CA SER C 620 41.96 2.40 -3.85
C SER C 620 42.21 2.28 -2.36
N VAL C 621 41.12 2.47 -1.60
CA VAL C 621 40.97 2.97 -0.23
C VAL C 621 42.06 2.56 0.77
N GLY C 622 42.43 3.51 1.62
CA GLY C 622 43.51 3.49 2.58
C GLY C 622 43.04 3.10 3.96
N LEU C 623 42.50 4.09 4.68
CA LEU C 623 42.22 4.17 6.13
C LEU C 623 41.71 2.90 6.82
N ARG C 624 41.97 2.82 8.12
CA ARG C 624 42.24 1.58 8.82
C ARG C 624 41.01 0.80 9.26
N ASN C 625 39.86 0.94 8.59
CA ASN C 625 38.81 -0.08 8.72
C ASN C 625 39.00 -1.21 7.72
N GLN C 626 40.22 -1.33 7.20
CA GLN C 626 40.60 -1.80 5.87
C GLN C 626 39.74 -2.86 5.22
N ARG C 627 39.39 -3.91 5.96
CA ARG C 627 38.89 -5.16 5.39
C ARG C 627 37.63 -5.00 4.55
N PHE C 628 36.63 -4.27 5.05
CA PHE C 628 35.36 -4.16 4.34
C PHE C 628 34.99 -2.70 4.16
N VAL C 629 34.78 -2.30 2.92
CA VAL C 629 34.36 -0.96 2.59
C VAL C 629 32.88 -1.01 2.22
N TYR C 630 32.09 -0.12 2.80
CA TYR C 630 30.66 -0.14 2.59
C TYR C 630 30.21 1.16 1.93
N ASP C 631 29.00 1.13 1.41
CA ASP C 631 28.33 2.27 0.79
C ASP C 631 27.55 3.03 1.85
N THR C 632 26.75 4.01 1.42
CA THR C 632 25.87 4.70 2.34
C THR C 632 24.58 3.94 2.55
N PHE C 633 24.35 2.92 1.73
CA PHE C 633 23.22 2.01 1.89
C PHE C 633 23.65 0.62 2.33
N ASP C 634 24.87 0.51 2.88
CA ASP C 634 25.42 -0.71 3.48
C ASP C 634 25.60 -1.84 2.46
N ASN C 635 26.19 -1.52 1.32
CA ASN C 635 26.56 -2.55 0.36
C ASN C 635 28.06 -2.78 0.40
N LEU C 636 28.46 -4.05 0.31
CA LEU C 636 29.89 -4.36 0.30
C LEU C 636 30.49 -3.93 -1.02
N VAL C 637 30.99 -2.71 -1.09
CA VAL C 637 31.47 -2.15 -2.35
C VAL C 637 32.95 -2.45 -2.57
N GLY C 638 33.65 -2.91 -1.55
CA GLY C 638 35.07 -3.13 -1.71
C GLY C 638 35.69 -3.98 -0.63
N TYR C 639 36.89 -4.51 -0.86
CA TYR C 639 37.46 -5.50 0.04
C TYR C 639 38.99 -5.44 0.00
N HIS C 640 39.61 -5.50 1.17
CA HIS C 640 41.06 -5.48 1.27
C HIS C 640 41.56 -6.90 1.53
N SER C 641 42.19 -7.51 0.54
CA SER C 641 42.48 -8.93 0.57
C SER C 641 43.67 -9.22 1.46
N ASP C 642 43.92 -10.51 1.67
CA ASP C 642 44.99 -10.92 2.57
C ASP C 642 46.37 -10.72 1.98
N ASN C 643 46.54 -10.91 0.67
CA ASN C 643 47.87 -10.78 0.11
C ASN C 643 48.38 -9.34 0.13
N GLY C 644 47.92 -8.50 -0.79
CA GLY C 644 48.15 -7.08 -0.65
C GLY C 644 47.15 -6.24 -1.41
N ASN C 645 46.16 -6.88 -2.01
CA ASN C 645 45.41 -6.28 -3.10
C ASN C 645 44.07 -5.73 -2.63
N TYR C 646 43.58 -4.75 -3.37
CA TYR C 646 42.24 -4.21 -3.17
C TYR C 646 41.37 -4.69 -4.32
N TYR C 647 40.11 -5.01 -4.00
CA TYR C 647 39.17 -5.47 -5.00
C TYR C 647 37.85 -4.73 -4.85
N CYS C 648 37.26 -4.40 -5.98
CA CYS C 648 35.92 -3.85 -6.03
C CYS C 648 34.93 -5.00 -6.10
N VAL C 649 33.86 -4.92 -5.32
CA VAL C 649 32.84 -5.95 -5.27
C VAL C 649 31.59 -5.40 -5.92
N ARG C 650 31.08 -6.12 -6.90
CA ARG C 650 29.85 -5.78 -7.58
C ARG C 650 28.88 -6.94 -7.44
N PRO C 651 27.57 -6.70 -7.53
CA PRO C 651 26.64 -7.83 -7.53
C PRO C 651 26.72 -8.68 -8.78
N CYS C 652 26.13 -9.85 -8.73
CA CYS C 652 26.26 -10.86 -9.77
C CYS C 652 25.61 -10.46 -11.08
N VAL C 653 24.60 -9.59 -11.05
CA VAL C 653 24.02 -8.97 -12.23
C VAL C 653 24.11 -7.47 -12.03
N SER C 654 25.04 -6.83 -12.73
CA SER C 654 25.36 -5.42 -12.49
C SER C 654 25.28 -4.56 -13.72
N VAL C 655 25.72 -5.06 -14.88
CA VAL C 655 25.80 -4.26 -16.09
C VAL C 655 24.40 -4.10 -16.69
N PRO C 656 23.98 -2.89 -17.03
CA PRO C 656 22.66 -2.73 -17.67
C PRO C 656 22.70 -3.11 -19.14
N VAL C 657 21.59 -3.70 -19.60
CA VAL C 657 21.47 -4.21 -20.96
C VAL C 657 20.13 -3.73 -21.52
N SER C 658 20.16 -3.13 -22.72
CA SER C 658 18.95 -2.79 -23.46
C SER C 658 19.00 -3.48 -24.81
N VAL C 659 17.85 -3.84 -25.33
CA VAL C 659 17.75 -4.43 -26.65
C VAL C 659 16.86 -3.56 -27.51
N ILE C 660 17.35 -3.24 -28.70
CA ILE C 660 16.63 -2.49 -29.72
C ILE C 660 15.96 -3.50 -30.63
N TYR C 661 14.64 -3.39 -30.78
CA TYR C 661 13.86 -4.38 -31.53
C TYR C 661 13.04 -3.71 -32.60
N ASP C 662 13.11 -4.26 -33.81
CA ASP C 662 12.35 -3.80 -34.96
C ASP C 662 11.48 -4.93 -35.49
N LYS C 663 10.17 -4.72 -35.50
CA LYS C 663 9.23 -5.82 -35.73
C LYS C 663 9.03 -6.09 -37.21
N ALA C 664 9.11 -5.05 -38.05
CA ALA C 664 8.85 -5.19 -39.48
C ALA C 664 9.90 -6.05 -40.15
N SER C 665 11.15 -5.95 -39.70
CA SER C 665 12.21 -6.80 -40.20
C SER C 665 12.57 -7.92 -39.25
N ASN C 666 11.98 -7.91 -38.05
CA ASN C 666 12.25 -8.86 -36.97
C ASN C 666 13.73 -8.92 -36.61
N SER C 667 14.32 -7.76 -36.33
CA SER C 667 15.74 -7.67 -36.03
C SER C 667 15.94 -7.07 -34.65
N HIS C 668 17.12 -7.30 -34.08
CA HIS C 668 17.41 -6.80 -32.75
C HIS C 668 18.91 -6.56 -32.60
N ALA C 669 19.25 -5.61 -31.73
CA ALA C 669 20.64 -5.31 -31.41
C ALA C 669 20.73 -4.96 -29.93
N THR C 670 21.94 -4.84 -29.41
CA THR C 670 22.15 -4.75 -27.97
C THR C 670 22.93 -3.50 -27.62
N LEU C 671 22.61 -2.90 -26.47
CA LEU C 671 23.33 -1.75 -25.94
C LEU C 671 23.65 -1.99 -24.47
N PHE C 672 24.92 -1.95 -24.13
CA PHE C 672 25.36 -1.96 -22.74
C PHE C 672 25.59 -0.52 -22.35
N GLY C 673 24.63 0.06 -21.64
CA GLY C 673 24.67 1.47 -21.35
C GLY C 673 25.69 1.78 -20.27
N SER C 674 26.40 2.90 -20.41
CA SER C 674 27.36 3.46 -19.44
C SER C 674 28.60 2.59 -19.26
N VAL C 675 28.83 1.63 -20.14
CA VAL C 675 29.99 0.75 -20.02
C VAL C 675 30.93 1.00 -21.18
N ALA C 676 32.21 1.15 -20.88
CA ALA C 676 33.24 1.20 -21.90
C ALA C 676 33.39 -0.18 -22.53
N CYS C 677 33.83 -0.18 -23.79
CA CYS C 677 33.84 -1.41 -24.58
C CYS C 677 34.99 -2.34 -24.25
N SER C 678 35.87 -1.99 -23.32
CA SER C 678 36.93 -2.88 -22.89
C SER C 678 36.57 -3.70 -21.67
N HIS C 679 35.59 -3.26 -20.88
CA HIS C 679 35.10 -4.04 -19.77
C HIS C 679 34.09 -5.10 -20.20
N VAL C 680 33.55 -4.98 -21.41
CA VAL C 680 32.50 -5.90 -21.83
C VAL C 680 33.09 -7.25 -22.19
N THR C 681 34.27 -7.26 -22.79
CA THR C 681 34.88 -8.53 -23.18
C THR C 681 35.51 -9.25 -21.99
N THR C 682 35.72 -8.57 -20.88
CA THR C 682 36.23 -9.26 -19.70
C THR C 682 35.09 -9.89 -18.91
N MET C 683 34.02 -9.13 -18.68
CA MET C 683 32.87 -9.63 -17.94
C MET C 683 31.84 -10.26 -18.84
N MET C 684 32.23 -11.18 -19.71
CA MET C 684 31.28 -11.83 -20.60
C MET C 684 30.69 -13.10 -20.00
N SER C 685 30.17 -13.03 -18.77
CA SER C 685 29.57 -14.18 -18.12
C SER C 685 28.24 -13.87 -17.48
N GLN C 686 27.89 -12.60 -17.34
CA GLN C 686 26.56 -12.18 -16.93
C GLN C 686 25.54 -12.32 -18.06
N PHE C 687 26.00 -12.38 -19.30
CA PHE C 687 25.16 -12.13 -20.46
C PHE C 687 24.53 -13.43 -20.95
N SER C 688 23.79 -13.33 -22.05
CA SER C 688 23.08 -14.48 -22.56
C SER C 688 24.03 -15.43 -23.27
N ARG C 689 23.50 -16.56 -23.69
CA ARG C 689 24.26 -17.63 -24.30
C ARG C 689 24.82 -17.26 -25.67
N MET C 690 24.09 -16.44 -26.44
CA MET C 690 24.55 -16.00 -27.74
C MET C 690 25.43 -14.77 -27.69
N THR C 691 25.26 -13.91 -26.69
CA THR C 691 26.13 -12.75 -26.53
C THR C 691 27.54 -13.18 -26.11
N LYS C 692 27.65 -14.24 -25.30
CA LYS C 692 28.94 -14.75 -24.88
C LYS C 692 29.77 -15.26 -26.03
N THR C 693 29.16 -16.00 -26.96
CA THR C 693 29.91 -16.53 -28.08
C THR C 693 30.29 -15.46 -29.10
N ASN C 694 29.45 -14.44 -29.26
CA ASN C 694 29.79 -13.36 -30.18
C ASN C 694 30.85 -12.46 -29.58
N LEU C 695 30.88 -12.35 -28.26
CA LEU C 695 31.93 -11.60 -27.58
C LEU C 695 33.25 -12.36 -27.65
N LEU C 696 33.21 -13.67 -27.36
CA LEU C 696 34.38 -14.51 -27.33
C LEU C 696 34.97 -14.76 -28.72
N ALA C 697 34.13 -14.74 -29.76
CA ALA C 697 34.61 -15.00 -31.11
C ALA C 697 35.40 -13.82 -31.66
N ARG C 698 34.97 -12.61 -31.30
CA ARG C 698 35.48 -11.33 -31.83
C ARG C 698 35.42 -11.28 -33.35
N THR C 699 34.34 -11.79 -33.93
CA THR C 699 34.21 -11.83 -35.39
C THR C 699 32.78 -11.49 -35.76
N THR C 700 32.52 -10.18 -35.95
CA THR C 700 31.26 -9.57 -36.33
C THR C 700 31.57 -8.13 -36.71
N PRO C 701 30.58 -7.32 -37.10
CA PRO C 701 30.65 -5.91 -36.76
C PRO C 701 30.86 -5.80 -35.25
N GLY C 702 32.01 -5.29 -34.83
CA GLY C 702 32.45 -5.42 -33.46
C GLY C 702 31.70 -4.55 -32.48
N PRO C 703 32.12 -4.58 -31.22
CA PRO C 703 31.59 -3.61 -30.25
C PRO C 703 32.00 -2.20 -30.61
N LEU C 704 31.05 -1.28 -30.46
CA LEU C 704 31.20 0.10 -30.88
C LEU C 704 30.99 1.00 -29.68
N GLN C 705 31.82 2.03 -29.55
CA GLN C 705 31.71 2.96 -28.45
C GLN C 705 30.92 4.19 -28.90
N THR C 706 29.73 4.36 -28.36
CA THR C 706 28.90 5.53 -28.64
C THR C 706 28.96 6.48 -27.45
N THR C 707 28.13 7.52 -27.47
CA THR C 707 28.04 8.43 -26.35
C THR C 707 27.05 7.99 -25.29
N VAL C 708 26.48 6.79 -25.43
CA VAL C 708 25.58 6.25 -24.42
C VAL C 708 25.96 4.84 -23.98
N GLY C 709 27.09 4.32 -24.44
CA GLY C 709 27.58 3.03 -24.00
C GLY C 709 28.08 2.21 -25.16
N CYS C 710 28.37 0.96 -24.88
CA CYS C 710 28.87 0.05 -25.91
C CYS C 710 27.70 -0.55 -26.68
N ALA C 711 27.88 -0.71 -27.98
CA ALA C 711 26.78 -1.13 -28.84
C ALA C 711 27.20 -2.33 -29.67
N MET C 712 26.38 -3.37 -29.66
CA MET C 712 26.66 -4.60 -30.40
C MET C 712 25.59 -4.81 -31.45
N GLY C 713 26.01 -4.87 -32.71
CA GLY C 713 25.11 -5.07 -33.82
C GLY C 713 24.89 -3.80 -34.62
N PHE C 714 25.75 -2.80 -34.41
CA PHE C 714 25.58 -1.48 -34.97
C PHE C 714 26.75 -1.11 -35.85
N ILE C 715 26.59 -0.02 -36.60
CA ILE C 715 27.55 0.46 -37.57
C ILE C 715 27.48 1.99 -37.61
N ASN C 716 28.65 2.62 -37.66
CA ASN C 716 28.74 4.06 -37.85
C ASN C 716 28.19 4.46 -39.21
N SER C 717 27.30 5.45 -39.20
CA SER C 717 26.81 6.02 -40.44
C SER C 717 27.02 7.52 -40.39
N SER C 718 26.75 8.17 -41.51
CA SER C 718 26.91 9.61 -41.64
C SER C 718 25.61 10.26 -42.09
N MET C 719 24.50 9.55 -41.91
CA MET C 719 23.21 10.04 -42.36
C MET C 719 22.52 10.79 -41.22
N VAL C 720 21.59 11.67 -41.61
CA VAL C 720 20.95 12.60 -40.69
C VAL C 720 19.46 12.48 -40.91
N VAL C 721 18.71 12.22 -39.84
CA VAL C 721 17.28 12.01 -39.95
C VAL C 721 16.55 13.11 -39.20
N ASP C 722 15.26 13.25 -39.49
CA ASP C 722 14.41 14.24 -38.87
C ASP C 722 13.47 13.64 -37.82
N GLU C 723 12.81 12.54 -38.16
CA GLU C 723 11.99 11.82 -37.21
C GLU C 723 12.67 10.52 -36.82
N CYS C 724 12.34 10.04 -35.63
CA CYS C 724 13.02 8.87 -35.11
C CYS C 724 12.01 7.92 -34.48
N GLN C 725 12.11 6.65 -34.82
CA GLN C 725 11.26 5.62 -34.27
C GLN C 725 11.96 4.78 -33.21
N LEU C 726 13.29 4.69 -33.25
CA LEU C 726 14.08 3.94 -32.29
C LEU C 726 15.13 4.87 -31.70
N PRO C 727 14.79 5.70 -30.73
CA PRO C 727 15.78 6.64 -30.19
C PRO C 727 16.64 6.04 -29.09
N LEU C 728 17.93 6.28 -29.19
CA LEU C 728 18.88 5.78 -28.20
C LEU C 728 19.18 6.76 -27.09
N GLY C 729 18.96 8.05 -27.29
CA GLY C 729 19.33 9.06 -26.32
C GLY C 729 20.43 9.92 -26.86
N GLN C 730 20.51 11.18 -26.41
CA GLN C 730 21.54 12.15 -26.80
C GLN C 730 21.55 12.41 -28.30
N SER C 731 20.35 12.53 -28.88
CA SER C 731 20.10 12.80 -30.30
C SER C 731 20.70 11.72 -31.20
N LEU C 732 20.55 10.46 -30.80
CA LEU C 732 20.98 9.33 -31.61
C LEU C 732 19.76 8.52 -31.98
N CYS C 733 19.74 8.02 -33.20
CA CYS C 733 18.63 7.24 -33.71
C CYS C 733 19.15 5.96 -34.31
N ALA C 734 18.38 4.89 -34.21
CA ALA C 734 18.75 3.62 -34.77
C ALA C 734 17.99 3.37 -36.07
N ILE C 735 18.72 2.99 -37.12
CA ILE C 735 18.13 2.72 -38.42
C ILE C 735 18.13 1.22 -38.63
N PRO C 736 16.96 0.60 -38.75
CA PRO C 736 16.90 -0.86 -38.86
C PRO C 736 17.36 -1.32 -40.22
N PRO C 737 17.82 -2.57 -40.33
CA PRO C 737 18.34 -3.03 -41.62
C PRO C 737 17.26 -3.28 -42.64
N THR C 738 17.68 -3.43 -43.90
CA THR C 738 16.77 -3.55 -45.01
C THR C 738 16.51 -5.01 -45.38
N SER C 751 20.78 -2.45 -45.95
CA SER C 751 21.87 -2.96 -45.13
C SER C 751 21.44 -4.24 -44.40
N ASP C 752 22.35 -4.83 -43.63
CA ASP C 752 22.07 -6.05 -42.90
C ASP C 752 22.20 -5.90 -41.40
N VAL C 753 22.74 -4.79 -40.91
CA VAL C 753 22.87 -4.50 -39.49
C VAL C 753 22.20 -3.16 -39.24
N PHE C 754 22.00 -2.82 -37.97
CA PHE C 754 21.48 -1.50 -37.62
C PHE C 754 22.52 -0.43 -37.89
N GLN C 755 22.09 0.81 -38.14
CA GLN C 755 23.00 1.93 -38.28
C GLN C 755 22.65 2.98 -37.25
N ILE C 756 23.58 3.90 -37.00
CA ILE C 756 23.36 4.97 -36.06
C ILE C 756 23.33 6.29 -36.81
N ALA C 757 22.24 7.03 -36.67
CA ALA C 757 22.07 8.30 -37.36
C ALA C 757 21.99 9.40 -36.30
N THR C 758 21.72 10.62 -36.75
CA THR C 758 21.65 11.76 -35.84
C THR C 758 20.36 12.52 -36.11
N LEU C 759 19.83 13.15 -35.08
CA LEU C 759 18.64 13.97 -35.19
C LEU C 759 19.05 15.43 -35.36
N ASN C 760 18.84 15.96 -36.55
CA ASN C 760 18.99 17.40 -36.79
C ASN C 760 17.72 17.91 -37.43
N PHE C 761 17.04 18.82 -36.76
CA PHE C 761 15.88 19.50 -37.32
C PHE C 761 16.36 20.60 -38.23
N THR C 762 15.71 20.74 -39.37
CA THR C 762 16.01 21.86 -40.25
C THR C 762 15.34 23.12 -39.74
N SER C 763 15.51 24.21 -40.45
CA SER C 763 14.77 25.41 -40.14
C SER C 763 14.46 26.06 -41.48
N PRO C 764 13.27 26.63 -41.67
CA PRO C 764 12.96 27.32 -42.92
C PRO C 764 13.87 28.54 -43.07
N LEU C 765 14.21 28.84 -44.33
CA LEU C 765 15.28 29.76 -44.63
C LEU C 765 14.95 31.19 -44.19
N THR C 766 15.97 31.88 -43.72
CA THR C 766 15.83 33.12 -42.98
C THR C 766 15.56 34.25 -43.95
N LEU C 767 14.55 35.05 -43.65
CA LEU C 767 14.24 36.23 -44.45
C LEU C 767 14.95 37.43 -43.88
N ALA C 768 15.91 37.97 -44.63
CA ALA C 768 16.78 39.02 -44.11
C ALA C 768 16.22 40.39 -44.46
N PRO C 769 16.34 41.37 -43.55
CA PRO C 769 15.83 42.71 -43.84
C PRO C 769 16.65 43.42 -44.91
N ILE C 770 15.96 44.03 -45.86
CA ILE C 770 16.58 44.81 -46.90
C ILE C 770 16.78 46.23 -46.40
N ASN C 771 17.82 46.89 -46.90
CA ASN C 771 18.06 48.29 -46.55
C ASN C 771 17.39 49.19 -47.56
N SER C 772 16.22 49.68 -47.19
CA SER C 772 15.40 50.58 -47.97
C SER C 772 14.45 51.21 -46.96
N THR C 773 13.40 51.88 -47.42
CA THR C 773 12.47 52.49 -46.48
C THR C 773 11.48 51.50 -45.88
N GLY C 774 10.86 50.66 -46.69
CA GLY C 774 9.87 49.71 -46.22
C GLY C 774 10.48 48.47 -45.60
N PHE C 775 9.83 47.35 -45.85
CA PHE C 775 10.28 46.04 -45.39
C PHE C 775 9.80 44.99 -46.38
N VAL C 776 10.33 43.77 -46.25
CA VAL C 776 9.89 42.64 -47.07
C VAL C 776 8.89 41.84 -46.29
N VAL C 777 7.87 41.33 -46.98
CA VAL C 777 6.90 40.45 -46.37
C VAL C 777 6.65 39.28 -47.31
N ALA C 778 6.60 38.08 -46.77
CA ALA C 778 6.30 36.89 -47.55
C ALA C 778 4.80 36.65 -47.49
N VAL C 779 4.13 36.83 -48.62
CA VAL C 779 2.66 36.74 -48.69
C VAL C 779 2.31 35.49 -49.50
N PRO C 780 1.30 34.71 -49.10
CA PRO C 780 0.95 33.50 -49.85
C PRO C 780 0.40 33.79 -51.24
N THR C 781 0.74 32.92 -52.19
CA THR C 781 0.15 32.95 -53.52
C THR C 781 -0.63 31.69 -53.85
N ASN C 782 -0.63 30.69 -52.96
CA ASN C 782 -1.39 29.47 -53.15
C ASN C 782 -1.63 28.85 -51.78
N PHE C 783 -2.58 27.93 -51.69
CA PHE C 783 -2.93 27.37 -50.39
C PHE C 783 -3.60 26.01 -50.57
N THR C 784 -3.73 25.31 -49.44
CA THR C 784 -4.57 24.12 -49.30
C THR C 784 -5.34 24.23 -47.98
N PHE C 785 -6.15 23.23 -47.69
CA PHE C 785 -6.78 23.07 -46.39
C PHE C 785 -6.21 21.85 -45.71
N GLY C 786 -5.70 22.01 -44.49
CA GLY C 786 -5.15 20.92 -43.73
C GLY C 786 -6.02 20.56 -42.54
N VAL C 787 -6.09 19.26 -42.27
CA VAL C 787 -6.97 18.75 -41.23
C VAL C 787 -6.16 18.15 -40.08
N THR C 788 -6.36 18.68 -38.88
CA THR C 788 -5.74 18.14 -37.68
C THR C 788 -6.78 17.36 -36.87
N GLN C 789 -6.42 16.15 -36.48
CA GLN C 789 -7.31 15.28 -35.73
C GLN C 789 -6.89 15.25 -34.27
N GLU C 790 -7.86 15.03 -33.39
CA GLU C 790 -7.62 15.10 -31.96
C GLU C 790 -8.72 14.39 -31.19
N PHE C 791 -8.34 13.57 -30.23
CA PHE C 791 -9.27 12.83 -29.39
C PHE C 791 -9.26 13.41 -27.99
N ILE C 792 -10.45 13.66 -27.44
CA ILE C 792 -10.59 14.12 -26.06
C ILE C 792 -11.50 13.15 -25.34
N GLU C 793 -11.00 12.56 -24.27
CA GLU C 793 -11.74 11.60 -23.49
C GLU C 793 -12.64 12.30 -22.46
N THR C 794 -13.91 11.90 -22.43
CA THR C 794 -14.86 12.53 -21.54
C THR C 794 -15.41 11.63 -20.45
N THR C 795 -15.14 10.33 -20.47
CA THR C 795 -15.75 9.42 -19.50
C THR C 795 -14.89 8.18 -19.37
N ILE C 796 -15.14 7.41 -18.31
CA ILE C 796 -14.52 6.11 -18.10
C ILE C 796 -15.61 5.10 -17.81
N GLN C 797 -15.22 3.83 -17.74
CA GLN C 797 -16.17 2.78 -17.43
C GLN C 797 -16.45 2.75 -15.94
N LYS C 798 -17.72 2.69 -15.58
CA LYS C 798 -18.15 2.73 -14.19
C LYS C 798 -18.27 1.32 -13.64
N ILE C 799 -17.66 1.07 -12.49
CA ILE C 799 -17.54 -0.25 -11.90
C ILE C 799 -17.92 -0.18 -10.44
N THR C 800 -18.77 -1.11 -10.00
CA THR C 800 -19.06 -1.31 -8.58
C THR C 800 -18.58 -2.70 -8.19
N VAL C 801 -17.98 -2.81 -7.01
CA VAL C 801 -17.41 -4.06 -6.53
C VAL C 801 -18.18 -4.54 -5.32
N ASP C 802 -18.56 -5.80 -5.31
CA ASP C 802 -19.08 -6.46 -4.12
C ASP C 802 -17.89 -6.88 -3.25
N CYS C 803 -17.62 -6.12 -2.20
CA CYS C 803 -16.41 -6.28 -1.43
C CYS C 803 -16.40 -7.51 -0.53
N LYS C 804 -17.55 -7.88 0.03
CA LYS C 804 -17.68 -9.08 0.86
C LYS C 804 -17.45 -10.35 0.08
N GLN C 805 -18.05 -10.46 -1.10
CA GLN C 805 -17.86 -11.66 -1.92
C GLN C 805 -16.46 -11.68 -2.52
N TYR C 806 -15.88 -10.51 -2.76
CA TYR C 806 -14.52 -10.48 -3.30
C TYR C 806 -13.52 -10.95 -2.27
N VAL C 807 -13.63 -10.48 -1.03
CA VAL C 807 -12.63 -10.84 -0.04
C VAL C 807 -12.90 -12.22 0.55
N CYS C 808 -14.13 -12.52 0.96
CA CYS C 808 -14.32 -13.66 1.86
C CYS C 808 -15.04 -14.81 1.21
N ASN C 809 -15.65 -14.59 0.03
CA ASN C 809 -16.34 -15.60 -0.78
C ASN C 809 -17.47 -16.29 -0.03
N GLY C 810 -18.05 -15.62 0.95
CA GLY C 810 -19.17 -16.19 1.68
C GLY C 810 -18.82 -17.20 2.74
N PHE C 811 -17.64 -17.12 3.31
CA PHE C 811 -17.23 -18.01 4.39
C PHE C 811 -17.31 -17.25 5.70
N LYS C 812 -17.98 -17.85 6.68
CA LYS C 812 -18.19 -17.20 7.97
C LYS C 812 -16.92 -17.09 8.79
N LYS C 813 -15.97 -18.01 8.61
CA LYS C 813 -14.71 -17.91 9.32
C LYS C 813 -13.86 -16.77 8.82
N CYS C 814 -13.89 -16.48 7.53
CA CYS C 814 -13.23 -15.31 6.96
C CYS C 814 -13.89 -14.00 7.38
N GLU C 815 -15.22 -13.98 7.51
CA GLU C 815 -15.92 -12.73 7.76
C GLU C 815 -15.75 -12.24 9.18
N ASP C 816 -15.38 -13.12 10.11
CA ASP C 816 -15.07 -12.73 11.49
C ASP C 816 -13.63 -12.28 11.64
N LEU C 817 -12.75 -12.75 10.78
CA LEU C 817 -11.39 -12.23 10.76
C LEU C 817 -11.30 -10.88 10.07
N LEU C 818 -12.26 -10.51 9.25
CA LEU C 818 -12.25 -9.23 8.56
C LEU C 818 -12.74 -8.08 9.43
N LYS C 819 -13.39 -8.37 10.55
CA LYS C 819 -13.81 -7.35 11.49
C LYS C 819 -12.64 -6.69 12.22
N GLU C 820 -11.48 -7.34 12.22
CA GLU C 820 -10.29 -6.80 12.86
C GLU C 820 -9.59 -5.75 12.02
N TYR C 821 -10.09 -5.48 10.82
CA TYR C 821 -9.49 -4.51 9.93
C TYR C 821 -10.38 -3.30 9.74
N GLY C 822 -11.41 -3.14 10.57
CA GLY C 822 -12.25 -1.97 10.53
C GLY C 822 -13.54 -2.23 9.79
N GLN C 823 -14.25 -1.17 9.43
CA GLN C 823 -15.42 -1.26 8.59
C GLN C 823 -14.95 -1.06 7.16
N PHE C 824 -14.29 -2.09 6.63
CA PHE C 824 -13.57 -1.97 5.37
C PHE C 824 -14.49 -1.87 4.17
N CYS C 825 -15.47 -2.76 4.07
CA CYS C 825 -16.26 -2.86 2.84
C CYS C 825 -17.28 -1.74 2.72
N SER C 826 -17.65 -1.12 3.84
CA SER C 826 -18.55 0.02 3.78
C SER C 826 -17.89 1.24 3.17
N LYS C 827 -16.57 1.36 3.31
CA LYS C 827 -15.84 2.49 2.79
C LYS C 827 -15.37 2.27 1.36
N ILE C 828 -15.18 1.04 0.94
CA ILE C 828 -15.01 0.72 -0.47
C ILE C 828 -16.29 0.95 -1.26
N ASN C 829 -17.46 0.61 -0.71
CA ASN C 829 -18.73 0.85 -1.38
C ASN C 829 -19.05 2.33 -1.51
N GLN C 830 -18.74 3.13 -0.50
CA GLN C 830 -19.06 4.55 -0.54
C GLN C 830 -18.13 5.34 -1.43
N ALA C 831 -16.89 4.91 -1.61
CA ALA C 831 -15.98 5.62 -2.49
C ALA C 831 -16.34 5.44 -3.96
N LEU C 832 -16.64 4.22 -4.36
CA LEU C 832 -17.02 3.93 -5.74
C LEU C 832 -18.41 4.41 -6.08
N HIS C 833 -19.31 4.53 -5.10
CA HIS C 833 -20.60 5.12 -5.37
C HIS C 833 -20.49 6.61 -5.62
N GLY C 834 -19.66 7.30 -4.85
CA GLY C 834 -19.43 8.70 -5.07
C GLY C 834 -18.61 9.02 -6.29
N ALA C 835 -17.75 8.10 -6.73
CA ALA C 835 -17.06 8.30 -8.00
C ALA C 835 -17.99 8.18 -9.19
N ASN C 836 -18.93 7.26 -9.16
CA ASN C 836 -19.89 7.08 -10.23
C ASN C 836 -20.94 8.17 -10.28
N LEU C 837 -21.13 8.90 -9.19
CA LEU C 837 -22.08 10.00 -9.14
C LEU C 837 -21.58 11.27 -9.80
N ARG C 838 -20.32 11.59 -9.63
CA ARG C 838 -19.74 12.76 -10.28
C ARG C 838 -19.29 12.47 -11.70
N GLN C 839 -19.34 11.22 -12.12
CA GLN C 839 -19.25 10.86 -13.52
C GLN C 839 -20.53 11.17 -14.27
N ASP C 840 -21.68 11.10 -13.63
CA ASP C 840 -22.96 11.41 -14.23
C ASP C 840 -23.25 12.90 -14.26
N GLU C 841 -22.70 13.67 -13.33
CA GLU C 841 -22.88 15.11 -13.34
C GLU C 841 -21.94 15.82 -14.30
N SER C 842 -20.93 15.13 -14.83
CA SER C 842 -20.06 15.68 -15.85
C SER C 842 -20.58 15.44 -17.25
N ILE C 843 -21.17 14.27 -17.49
CA ILE C 843 -21.80 14.01 -18.79
C ILE C 843 -23.05 14.85 -18.96
N ALA C 844 -23.84 15.02 -17.91
CA ALA C 844 -25.07 15.77 -17.99
C ALA C 844 -24.85 17.26 -18.18
N ASN C 845 -23.70 17.79 -17.76
CA ASN C 845 -23.36 19.17 -18.05
C ASN C 845 -22.92 19.40 -19.48
N LEU C 846 -22.15 18.46 -20.03
CA LEU C 846 -21.70 18.55 -21.41
C LEU C 846 -22.85 18.44 -22.39
N PHE C 847 -23.86 17.65 -22.04
CA PHE C 847 -25.01 17.40 -22.91
C PHE C 847 -26.15 18.37 -22.67
N SER C 848 -26.00 19.31 -21.75
CA SER C 848 -27.06 20.27 -21.44
C SER C 848 -27.05 21.47 -22.36
N SER C 849 -26.20 21.47 -23.38
CA SER C 849 -26.26 22.51 -24.37
C SER C 849 -27.24 22.21 -25.48
N ILE C 850 -27.80 20.99 -25.54
CA ILE C 850 -28.83 20.66 -26.50
C ILE C 850 -30.11 21.45 -26.25
N LYS C 851 -30.46 21.68 -24.99
CA LYS C 851 -31.71 22.31 -24.62
C LYS C 851 -31.70 23.82 -24.81
N THR C 852 -30.55 24.42 -25.11
CA THR C 852 -30.48 25.87 -25.25
C THR C 852 -29.95 26.32 -26.61
N GLN C 853 -29.55 25.40 -27.47
CA GLN C 853 -28.85 25.75 -28.70
C GLN C 853 -29.84 25.93 -29.83
N ASN C 854 -29.74 27.09 -30.50
CA ASN C 854 -30.49 27.36 -31.70
C ASN C 854 -29.79 26.75 -32.90
N THR C 855 -30.60 26.22 -33.82
CA THR C 855 -30.07 25.36 -34.86
C THR C 855 -30.80 25.68 -36.16
N GLN C 856 -30.10 25.53 -37.28
CA GLN C 856 -30.80 25.62 -38.55
C GLN C 856 -30.74 24.29 -39.28
N PRO C 857 -31.73 23.98 -40.13
CA PRO C 857 -31.65 22.72 -40.88
C PRO C 857 -30.72 22.83 -42.08
N LEU C 858 -29.91 21.80 -42.27
CA LEU C 858 -29.03 21.71 -43.42
C LEU C 858 -29.67 20.85 -44.51
N GLN C 859 -29.02 20.81 -45.66
CA GLN C 859 -29.49 19.98 -46.75
C GLN C 859 -28.73 18.66 -46.75
N ALA C 860 -29.35 17.64 -47.33
CA ALA C 860 -28.80 16.28 -47.30
C ALA C 860 -27.84 16.12 -48.46
N GLY C 861 -26.57 16.43 -48.21
CA GLY C 861 -25.51 16.10 -49.14
C GLY C 861 -24.71 17.25 -49.68
N LEU C 862 -25.34 18.29 -50.23
CA LEU C 862 -24.56 19.37 -50.81
C LEU C 862 -25.13 20.73 -50.47
N ASN C 863 -24.42 21.46 -49.63
CA ASN C 863 -24.83 22.78 -49.15
C ASN C 863 -24.03 23.83 -49.91
N GLY C 864 -24.58 24.34 -50.98
CA GLY C 864 -23.81 25.20 -51.86
C GLY C 864 -22.98 24.39 -52.84
N ASP C 865 -21.67 24.29 -52.58
CA ASP C 865 -20.80 23.38 -53.30
C ASP C 865 -19.99 22.55 -52.32
N PHE C 866 -20.34 22.62 -51.05
CA PHE C 866 -19.63 21.92 -49.98
C PHE C 866 -20.35 20.62 -49.68
N ASN C 867 -19.64 19.51 -49.83
CA ASN C 867 -20.22 18.19 -49.64
C ASN C 867 -20.04 17.77 -48.18
N LEU C 868 -21.13 17.74 -47.43
CA LEU C 868 -21.12 17.42 -46.02
C LEU C 868 -21.64 16.02 -45.72
N THR C 869 -21.65 15.14 -46.72
CA THR C 869 -22.25 13.82 -46.60
C THR C 869 -21.48 12.90 -45.65
N MET C 870 -20.18 13.12 -45.47
CA MET C 870 -19.40 12.34 -44.51
C MET C 870 -19.81 12.59 -43.07
N LEU C 871 -20.45 13.72 -42.77
CA LEU C 871 -20.74 14.11 -41.40
C LEU C 871 -22.19 13.96 -41.04
N GLN C 872 -23.05 13.61 -41.98
CA GLN C 872 -24.49 13.54 -41.75
C GLN C 872 -24.93 12.11 -41.55
N ILE C 873 -26.05 11.95 -40.85
CA ILE C 873 -26.64 10.64 -40.63
C ILE C 873 -27.45 10.26 -41.86
N PRO C 874 -27.19 9.11 -42.49
CA PRO C 874 -27.92 8.74 -43.70
C PRO C 874 -29.36 8.35 -43.42
N GLN C 875 -30.29 9.03 -44.08
CA GLN C 875 -31.72 8.81 -43.86
C GLN C 875 -32.18 7.51 -44.51
N VAL C 876 -33.29 6.97 -44.01
CA VAL C 876 -33.75 5.64 -44.38
C VAL C 876 -35.26 5.64 -44.56
N THR C 877 -35.75 4.66 -45.31
CA THR C 877 -37.19 4.51 -45.53
C THR C 877 -37.84 3.73 -44.39
N THR C 878 -37.40 2.50 -44.16
CA THR C 878 -37.91 1.70 -43.06
C THR C 878 -37.46 2.27 -41.73
N GLY C 879 -38.27 2.05 -40.70
CA GLY C 879 -38.03 2.68 -39.41
C GLY C 879 -36.88 2.10 -38.61
N GLU C 880 -35.68 2.10 -39.17
CA GLU C 880 -34.48 1.69 -38.44
C GLU C 880 -33.79 2.87 -37.75
N ARG C 881 -33.83 4.06 -38.36
CA ARG C 881 -33.42 5.33 -37.78
C ARG C 881 -31.99 5.31 -37.27
N LYS C 882 -31.02 5.24 -38.20
CA LYS C 882 -29.58 5.21 -37.92
C LYS C 882 -29.13 6.26 -36.92
N TYR C 883 -28.20 5.89 -36.05
CA TYR C 883 -27.70 6.78 -35.02
C TYR C 883 -26.22 7.05 -35.19
N ARG C 884 -25.71 6.85 -36.40
CA ARG C 884 -24.29 6.91 -36.64
C ARG C 884 -24.03 7.45 -38.03
N SER C 885 -23.15 8.44 -38.13
CA SER C 885 -22.83 9.05 -39.42
C SER C 885 -21.86 8.15 -40.19
N THR C 886 -21.43 8.62 -41.35
CA THR C 886 -20.57 7.83 -42.21
C THR C 886 -19.15 7.75 -41.68
N ILE C 887 -18.62 8.85 -41.16
CA ILE C 887 -17.27 8.84 -40.63
C ILE C 887 -17.24 8.22 -39.23
N GLU C 888 -18.35 8.25 -38.50
CA GLU C 888 -18.44 7.60 -37.21
C GLU C 888 -18.57 6.09 -37.31
N ASP C 889 -19.26 5.59 -38.34
CA ASP C 889 -19.33 4.16 -38.59
C ASP C 889 -18.00 3.60 -39.09
N LEU C 890 -17.12 4.43 -39.61
CA LEU C 890 -15.80 4.04 -40.05
C LEU C 890 -14.77 4.07 -38.94
N LEU C 891 -15.00 4.89 -37.91
CA LEU C 891 -14.12 4.97 -36.75
C LEU C 891 -14.43 3.90 -35.72
N PHE C 892 -15.70 3.55 -35.54
CA PHE C 892 -16.09 2.53 -34.60
C PHE C 892 -15.74 1.13 -35.06
N ASN C 893 -15.64 0.90 -36.37
CA ASN C 893 -15.17 -0.40 -36.85
C ASN C 893 -13.67 -0.38 -37.11
N LYS C 894 -12.90 0.18 -36.19
CA LYS C 894 -11.44 0.08 -36.23
C LYS C 894 -10.96 -0.14 -34.82
N VAL C 895 -11.89 -0.10 -33.87
CA VAL C 895 -11.62 -0.23 -32.46
C VAL C 895 -12.20 -1.54 -32.00
N THR C 896 -11.47 -2.24 -31.14
CA THR C 896 -11.90 -3.54 -30.64
C THR C 896 -12.38 -3.36 -29.20
N ILE C 897 -13.69 -3.22 -29.03
CA ILE C 897 -14.30 -3.10 -27.73
C ILE C 897 -15.12 -4.36 -27.45
N ALA C 898 -15.08 -4.83 -26.21
CA ALA C 898 -15.85 -5.99 -25.81
C ALA C 898 -17.27 -5.56 -25.46
N ASP C 899 -18.25 -6.22 -26.07
CA ASP C 899 -19.65 -5.96 -25.80
C ASP C 899 -20.01 -6.42 -24.39
N PRO C 900 -20.52 -5.53 -23.54
CA PRO C 900 -20.68 -5.87 -22.12
C PRO C 900 -21.97 -6.61 -21.77
N GLY C 901 -22.94 -6.67 -22.68
CA GLY C 901 -24.17 -7.38 -22.42
C GLY C 901 -24.99 -6.80 -21.30
N TYR C 902 -25.56 -5.62 -21.49
CA TYR C 902 -26.29 -4.96 -20.41
C TYR C 902 -27.64 -5.58 -20.16
N MET C 903 -28.24 -6.23 -21.15
CA MET C 903 -29.62 -6.70 -21.01
C MET C 903 -29.68 -8.12 -20.47
N GLN C 904 -29.06 -9.07 -21.16
CA GLN C 904 -29.06 -10.46 -20.74
C GLN C 904 -27.66 -11.06 -20.90
N GLY C 905 -26.66 -10.34 -20.41
CA GLY C 905 -25.31 -10.84 -20.46
C GLY C 905 -24.94 -11.91 -19.47
N TYR C 906 -25.79 -12.18 -18.48
CA TYR C 906 -25.55 -13.26 -17.55
C TYR C 906 -25.79 -14.61 -18.18
N ASP C 907 -26.74 -14.70 -19.10
CA ASP C 907 -27.08 -15.94 -19.76
C ASP C 907 -26.30 -16.17 -21.04
N GLU C 908 -25.76 -15.12 -21.65
CA GLU C 908 -24.87 -15.27 -22.79
C GLU C 908 -23.53 -15.86 -22.41
N CYS C 909 -23.10 -15.69 -21.17
CA CYS C 909 -21.86 -16.30 -20.68
C CYS C 909 -22.04 -17.77 -20.33
N MET C 910 -23.27 -18.29 -20.39
CA MET C 910 -23.52 -19.70 -20.17
C MET C 910 -23.72 -20.49 -21.44
N GLN C 911 -24.27 -19.89 -22.51
CA GLN C 911 -24.42 -20.57 -23.77
C GLN C 911 -23.11 -20.82 -24.48
N GLN C 912 -22.17 -19.91 -24.36
CA GLN C 912 -20.82 -20.11 -24.88
C GLN C 912 -19.91 -20.54 -23.74
N GLY C 913 -18.80 -21.18 -24.11
CA GLY C 913 -17.82 -21.60 -23.14
C GLY C 913 -16.86 -20.48 -22.80
N PRO C 914 -15.65 -20.83 -22.39
CA PRO C 914 -14.66 -19.80 -22.07
C PRO C 914 -13.93 -19.26 -23.30
N GLN C 915 -14.57 -18.38 -24.06
CA GLN C 915 -13.92 -17.68 -25.17
C GLN C 915 -13.09 -16.56 -24.56
N SER C 916 -11.77 -16.66 -24.70
CA SER C 916 -10.86 -15.78 -23.96
C SER C 916 -10.60 -14.49 -24.73
N ALA C 917 -11.67 -13.80 -25.12
CA ALA C 917 -11.61 -12.45 -25.65
C ALA C 917 -12.70 -11.63 -24.98
N ARG C 918 -13.69 -12.34 -24.44
CA ARG C 918 -14.74 -11.76 -23.62
C ARG C 918 -14.68 -12.42 -22.24
N ASP C 919 -13.46 -12.54 -21.73
CA ASP C 919 -13.24 -13.23 -20.47
C ASP C 919 -13.29 -12.32 -19.25
N LEU C 920 -12.92 -11.06 -19.38
CA LEU C 920 -13.14 -10.12 -18.29
C LEU C 920 -14.51 -9.47 -18.35
N ILE C 921 -15.31 -9.84 -19.35
CA ILE C 921 -16.74 -9.56 -19.36
C ILE C 921 -17.53 -10.66 -18.67
N CYS C 922 -17.14 -11.91 -18.87
CA CYS C 922 -17.77 -12.99 -18.11
C CYS C 922 -17.14 -13.21 -16.74
N ALA C 923 -16.15 -12.42 -16.35
CA ALA C 923 -15.58 -12.51 -15.02
C ALA C 923 -16.28 -11.61 -14.02
N GLN C 924 -17.31 -10.89 -14.44
CA GLN C 924 -18.12 -10.14 -13.49
C GLN C 924 -18.89 -11.06 -12.57
N TYR C 925 -19.24 -12.25 -13.03
CA TYR C 925 -20.10 -13.16 -12.30
C TYR C 925 -19.33 -14.23 -11.58
N VAL C 926 -17.99 -14.25 -11.70
CA VAL C 926 -17.17 -15.13 -10.89
C VAL C 926 -16.22 -14.38 -9.96
N ALA C 927 -15.85 -13.13 -10.24
CA ALA C 927 -15.01 -12.36 -9.34
C ALA C 927 -15.82 -11.51 -8.37
N GLY C 928 -16.86 -10.85 -8.86
CA GLY C 928 -17.72 -10.12 -7.96
C GLY C 928 -17.85 -8.65 -8.23
N TYR C 929 -17.67 -8.22 -9.48
CA TYR C 929 -17.85 -6.82 -9.83
C TYR C 929 -18.93 -6.69 -10.89
N LYS C 930 -19.14 -5.46 -11.34
CA LYS C 930 -20.20 -5.15 -12.30
C LYS C 930 -19.75 -3.99 -13.16
N VAL C 931 -20.01 -4.07 -14.45
CA VAL C 931 -19.83 -2.94 -15.35
C VAL C 931 -21.19 -2.30 -15.56
N LEU C 932 -21.31 -1.04 -15.16
CA LEU C 932 -22.57 -0.30 -15.20
C LEU C 932 -22.78 0.32 -16.57
N PRO C 933 -24.02 0.34 -17.06
CA PRO C 933 -24.29 0.94 -18.35
C PRO C 933 -24.13 2.45 -18.29
N PRO C 934 -23.82 3.09 -19.41
CA PRO C 934 -23.68 4.55 -19.40
C PRO C 934 -25.00 5.26 -19.22
N LEU C 935 -24.92 6.57 -18.97
CA LEU C 935 -26.09 7.34 -18.60
C LEU C 935 -27.04 7.54 -19.77
N TYR C 936 -26.51 7.70 -20.99
CA TYR C 936 -27.31 7.92 -22.18
C TYR C 936 -27.03 6.83 -23.19
N ASP C 937 -28.04 6.50 -23.99
CA ASP C 937 -27.91 5.52 -25.05
C ASP C 937 -27.29 6.18 -26.27
N PRO C 938 -26.90 5.40 -27.30
CA PRO C 938 -26.34 6.03 -28.51
C PRO C 938 -27.27 6.91 -29.34
N TYR C 939 -28.55 6.98 -29.02
CA TYR C 939 -29.42 7.93 -29.71
C TYR C 939 -29.38 9.32 -29.12
N MET C 940 -28.98 9.44 -27.85
CA MET C 940 -28.86 10.76 -27.25
C MET C 940 -27.58 11.45 -27.69
N GLU C 941 -26.47 10.72 -27.78
CA GLU C 941 -25.23 11.33 -28.20
C GLU C 941 -25.12 11.49 -29.70
N ALA C 942 -26.02 10.88 -30.47
CA ALA C 942 -26.19 11.20 -31.87
C ALA C 942 -27.03 12.45 -32.09
N ALA C 943 -27.76 12.89 -31.06
CA ALA C 943 -28.46 14.16 -31.10
C ALA C 943 -27.59 15.30 -30.63
N TYR C 944 -26.52 15.00 -29.88
CA TYR C 944 -25.60 16.03 -29.44
C TYR C 944 -24.73 16.51 -30.58
N THR C 945 -24.25 15.59 -31.42
CA THR C 945 -23.37 15.98 -32.51
C THR C 945 -24.12 16.42 -33.76
N SER C 946 -25.42 16.14 -33.85
CA SER C 946 -26.24 16.71 -34.91
C SER C 946 -26.65 18.15 -34.64
N SER C 947 -26.73 18.54 -33.38
CA SER C 947 -26.96 19.93 -33.01
C SER C 947 -25.68 20.75 -33.05
N LEU C 948 -24.52 20.11 -33.05
CA LEU C 948 -23.24 20.78 -33.21
C LEU C 948 -22.94 21.08 -34.66
N LEU C 949 -23.53 20.36 -35.60
CA LEU C 949 -23.26 20.56 -37.01
C LEU C 949 -24.08 21.71 -37.59
N GLY C 950 -25.27 21.95 -37.07
CA GLY C 950 -26.13 22.95 -37.65
C GLY C 950 -26.47 24.09 -36.73
N SER C 951 -25.57 24.44 -35.81
CA SER C 951 -25.81 25.53 -34.88
C SER C 951 -25.84 26.87 -35.59
N ILE C 952 -26.72 27.76 -35.15
CA ILE C 952 -26.93 29.04 -35.84
C ILE C 952 -25.76 29.96 -35.56
N ALA C 953 -25.54 30.30 -34.27
CA ALA C 953 -24.41 31.11 -33.80
C ALA C 953 -24.35 32.48 -34.47
N GLY C 954 -25.25 33.39 -34.08
CA GLY C 954 -25.44 34.68 -34.75
C GLY C 954 -24.21 35.51 -35.08
N ALA C 955 -24.39 36.42 -36.04
CA ALA C 955 -23.40 36.81 -37.05
C ALA C 955 -22.08 37.28 -36.45
N SER C 956 -21.01 37.11 -37.24
CA SER C 956 -19.64 37.17 -36.75
C SER C 956 -19.02 38.55 -36.88
N TRP C 957 -19.82 39.59 -36.81
CA TRP C 957 -19.32 40.95 -36.76
C TRP C 957 -20.00 41.68 -35.62
N THR C 958 -20.77 40.94 -34.83
CA THR C 958 -21.60 41.50 -33.78
C THR C 958 -21.04 41.11 -32.43
N ALA C 959 -21.26 41.97 -31.44
CA ALA C 959 -20.93 41.63 -30.06
C ALA C 959 -22.13 40.98 -29.39
N GLY C 960 -21.86 40.16 -28.37
CA GLY C 960 -22.90 39.49 -27.63
C GLY C 960 -23.13 38.07 -28.13
N LEU C 961 -23.97 37.37 -27.38
CA LEU C 961 -24.28 35.98 -27.65
C LEU C 961 -25.79 35.76 -27.65
N SER C 962 -26.56 36.79 -27.98
CA SER C 962 -28.00 36.79 -27.74
C SER C 962 -28.84 36.93 -28.99
N SER C 963 -28.24 37.05 -30.17
CA SER C 963 -28.98 37.04 -31.42
C SER C 963 -28.52 35.87 -32.25
N PHE C 964 -29.40 35.41 -33.14
CA PHE C 964 -29.15 34.17 -33.90
C PHE C 964 -29.49 34.43 -35.35
N ALA C 965 -28.47 34.57 -36.19
CA ALA C 965 -28.64 34.92 -37.58
C ALA C 965 -28.53 33.68 -38.45
N ALA C 966 -29.61 33.33 -39.13
CA ALA C 966 -29.68 32.09 -39.89
C ALA C 966 -29.18 32.33 -41.31
N ILE C 967 -27.86 32.42 -41.43
CA ILE C 967 -27.20 32.52 -42.73
C ILE C 967 -26.78 31.10 -43.11
N PRO C 968 -26.78 30.73 -44.39
CA PRO C 968 -26.47 29.35 -44.77
C PRO C 968 -25.03 28.96 -44.50
N PHE C 969 -24.75 27.66 -44.61
CA PHE C 969 -23.43 27.13 -44.31
C PHE C 969 -22.40 27.60 -45.32
N ALA C 970 -22.76 27.62 -46.60
CA ALA C 970 -21.85 28.06 -47.64
C ALA C 970 -21.46 29.52 -47.52
N GLN C 971 -22.36 30.37 -47.05
CA GLN C 971 -22.07 31.78 -46.88
C GLN C 971 -21.29 32.08 -45.61
N SER C 972 -21.40 31.24 -44.59
CA SER C 972 -20.67 31.49 -43.35
C SER C 972 -19.27 30.90 -43.37
N ILE C 973 -18.94 30.05 -44.33
CA ILE C 973 -17.55 29.67 -44.54
C ILE C 973 -16.77 30.79 -45.20
N PHE C 974 -17.35 31.46 -46.19
CA PHE C 974 -16.71 32.57 -46.86
C PHE C 974 -16.57 33.80 -45.98
N TYR C 975 -17.29 33.88 -44.87
CA TYR C 975 -17.08 34.93 -43.88
C TYR C 975 -15.98 34.58 -42.89
N ARG C 976 -15.64 33.30 -42.75
CA ARG C 976 -14.50 32.87 -41.97
C ARG C 976 -13.20 32.95 -42.73
N LEU C 977 -13.23 32.87 -44.05
CA LEU C 977 -12.06 33.10 -44.87
C LEU C 977 -11.77 34.57 -45.07
N ASN C 978 -12.78 35.43 -45.04
CA ASN C 978 -12.61 36.87 -45.08
C ASN C 978 -12.11 37.42 -43.76
N GLY C 979 -12.26 36.67 -42.68
CA GLY C 979 -11.83 37.15 -41.39
C GLY C 979 -10.37 36.91 -41.14
N VAL C 980 -9.75 36.02 -41.91
CA VAL C 980 -8.32 35.72 -41.73
C VAL C 980 -7.45 36.48 -42.70
N GLY C 981 -8.01 37.28 -43.58
CA GLY C 981 -7.23 38.12 -44.46
C GLY C 981 -7.32 37.83 -45.94
N ILE C 982 -8.39 37.23 -46.41
CA ILE C 982 -8.61 37.05 -47.83
C ILE C 982 -9.72 38.01 -48.25
N THR C 983 -9.43 38.86 -49.23
CA THR C 983 -10.38 39.89 -49.60
C THR C 983 -11.54 39.30 -50.39
N GLN C 984 -12.59 40.10 -50.55
CA GLN C 984 -13.80 39.68 -51.23
C GLN C 984 -13.64 39.58 -52.73
N GLN C 985 -12.58 40.10 -53.30
CA GLN C 985 -12.33 39.98 -54.73
C GLN C 985 -11.59 38.71 -55.08
N VAL C 986 -10.95 38.08 -54.10
CA VAL C 986 -10.30 36.80 -54.34
C VAL C 986 -11.31 35.70 -54.09
N LEU C 987 -12.13 35.86 -53.05
CA LEU C 987 -13.16 34.90 -52.70
C LEU C 987 -14.27 34.80 -53.72
N SER C 988 -14.51 35.85 -54.51
CA SER C 988 -15.54 35.82 -55.53
C SER C 988 -15.04 35.24 -56.85
N GLU C 989 -13.75 35.37 -57.14
CA GLU C 989 -13.19 34.80 -58.34
C GLU C 989 -12.78 33.34 -58.19
N ASN C 990 -12.68 32.86 -56.96
CA ASN C 990 -12.21 31.50 -56.72
C ASN C 990 -13.19 30.73 -55.85
N GLN C 991 -14.49 30.78 -56.16
CA GLN C 991 -15.46 30.04 -55.37
C GLN C 991 -15.33 28.54 -55.58
N LYS C 992 -15.26 28.12 -56.85
CA LYS C 992 -15.24 26.70 -57.19
C LYS C 992 -13.94 26.03 -56.76
N ILE C 993 -12.82 26.74 -56.85
CA ILE C 993 -11.54 26.16 -56.45
C ILE C 993 -11.47 25.98 -54.95
N ILE C 994 -11.99 26.95 -54.19
CA ILE C 994 -12.04 26.86 -52.73
C ILE C 994 -12.97 25.73 -52.30
N ALA C 995 -14.11 25.60 -52.98
CA ALA C 995 -15.04 24.52 -52.67
C ALA C 995 -14.45 23.15 -52.99
N ASN C 996 -13.69 23.05 -54.07
CA ASN C 996 -13.07 21.77 -54.41
C ASN C 996 -11.98 21.40 -53.41
N LYS C 997 -11.13 22.36 -53.02
CA LYS C 997 -10.12 22.12 -52.00
C LYS C 997 -10.71 21.79 -50.65
N PHE C 998 -11.88 22.35 -50.31
CA PHE C 998 -12.54 21.97 -49.08
C PHE C 998 -13.14 20.58 -49.18
N ASN C 999 -13.63 20.21 -50.36
CA ASN C 999 -14.26 18.90 -50.53
C ASN C 999 -13.23 17.78 -50.50
N GLN C 1000 -12.04 17.99 -51.06
CA GLN C 1000 -11.04 16.94 -51.00
C GLN C 1000 -10.11 17.08 -49.79
N ALA C 1001 -10.70 17.41 -48.65
CA ALA C 1001 -10.02 17.38 -47.38
C ALA C 1001 -10.92 16.65 -46.39
N LEU C 1002 -12.20 16.65 -46.69
CA LEU C 1002 -13.15 15.78 -46.02
C LEU C 1002 -13.18 14.38 -46.61
N GLY C 1003 -12.68 14.20 -47.82
CA GLY C 1003 -12.60 12.89 -48.40
C GLY C 1003 -11.33 12.19 -47.99
N ALA C 1004 -10.43 12.93 -47.35
CA ALA C 1004 -9.19 12.36 -46.86
C ALA C 1004 -9.20 12.10 -45.38
N MET C 1005 -10.29 12.38 -44.67
CA MET C 1005 -10.38 12.05 -43.26
C MET C 1005 -10.49 10.55 -43.06
N GLN C 1006 -11.18 9.87 -43.96
CA GLN C 1006 -11.35 8.43 -43.85
C GLN C 1006 -10.22 7.67 -44.52
N THR C 1007 -8.98 8.11 -44.31
CA THR C 1007 -7.78 7.35 -44.62
C THR C 1007 -6.75 7.65 -43.55
N GLY C 1008 -7.23 8.11 -42.40
CA GLY C 1008 -6.36 8.50 -41.32
C GLY C 1008 -6.63 7.72 -40.07
N PHE C 1009 -7.37 6.63 -40.21
CA PHE C 1009 -7.63 5.73 -39.09
C PHE C 1009 -6.67 4.55 -39.11
N THR C 1010 -5.38 4.84 -39.08
CA THR C 1010 -4.33 3.84 -39.11
C THR C 1010 -3.44 3.98 -37.88
N THR C 1011 -2.58 2.98 -37.67
CA THR C 1011 -1.70 2.98 -36.50
C THR C 1011 -0.57 3.98 -36.60
N THR C 1012 -0.30 4.59 -37.75
CA THR C 1012 0.65 5.68 -37.83
C THR C 1012 0.09 6.99 -37.33
N ASN C 1013 -1.23 7.18 -37.45
CA ASN C 1013 -1.90 8.37 -36.95
C ASN C 1013 -1.89 8.34 -35.43
N LEU C 1014 -1.18 9.28 -34.83
CA LEU C 1014 -0.99 9.24 -33.39
C LEU C 1014 -2.19 9.79 -32.62
N ALA C 1015 -3.10 10.48 -33.28
CA ALA C 1015 -4.33 10.94 -32.64
C ALA C 1015 -5.40 9.88 -32.62
N PHE C 1016 -5.31 8.88 -33.48
CA PHE C 1016 -6.19 7.72 -33.46
C PHE C 1016 -5.73 6.66 -32.49
N ASN C 1017 -4.43 6.60 -32.18
CA ASN C 1017 -3.89 5.63 -31.25
C ASN C 1017 -4.27 5.94 -29.81
N LYS C 1018 -4.77 7.13 -29.54
CA LYS C 1018 -5.26 7.45 -28.22
C LYS C 1018 -6.71 7.04 -28.02
N VAL C 1019 -7.44 6.74 -29.09
CA VAL C 1019 -8.76 6.17 -28.94
C VAL C 1019 -8.69 4.73 -28.48
N GLN C 1020 -7.73 3.96 -29.00
CA GLN C 1020 -7.51 2.58 -28.58
C GLN C 1020 -6.82 2.47 -27.24
N ASP C 1021 -5.97 3.41 -26.88
CA ASP C 1021 -5.27 3.36 -25.60
C ASP C 1021 -6.15 3.72 -24.42
N ALA C 1022 -7.33 4.27 -24.64
CA ALA C 1022 -8.33 4.40 -23.60
C ALA C 1022 -9.18 3.16 -23.43
N VAL C 1023 -9.47 2.48 -24.54
CA VAL C 1023 -10.13 1.18 -24.48
C VAL C 1023 -9.26 0.16 -23.76
N ASN C 1024 -7.96 0.19 -24.05
CA ASN C 1024 -7.02 -0.72 -23.39
C ASN C 1024 -6.83 -0.38 -21.93
N ALA C 1025 -6.92 0.90 -21.58
CA ALA C 1025 -6.78 1.31 -20.18
C ALA C 1025 -8.02 0.92 -19.38
N ASN C 1026 -9.19 0.95 -20.02
CA ASN C 1026 -10.40 0.49 -19.37
C ASN C 1026 -10.38 -1.00 -19.06
N ALA C 1027 -9.78 -1.80 -19.93
CA ALA C 1027 -9.76 -3.25 -19.78
C ALA C 1027 -8.62 -3.74 -18.90
N MET C 1028 -7.51 -3.01 -18.84
CA MET C 1028 -6.39 -3.39 -18.00
C MET C 1028 -6.69 -3.25 -16.52
N ALA C 1029 -7.61 -2.36 -16.16
CA ALA C 1029 -8.03 -2.20 -14.78
C ALA C 1029 -8.86 -3.37 -14.29
N LEU C 1030 -9.69 -3.93 -15.16
CA LEU C 1030 -10.55 -5.04 -14.77
C LEU C 1030 -9.81 -6.36 -14.71
N SER C 1031 -8.72 -6.51 -15.45
CA SER C 1031 -8.00 -7.77 -15.42
C SER C 1031 -7.06 -7.85 -14.23
N LYS C 1032 -6.68 -6.71 -13.66
CA LYS C 1032 -5.90 -6.70 -12.43
C LYS C 1032 -6.75 -6.86 -11.19
N LEU C 1033 -8.06 -6.92 -11.34
CA LEU C 1033 -8.95 -7.29 -10.25
C LEU C 1033 -9.19 -8.78 -10.20
N ALA C 1034 -9.45 -9.40 -11.34
CA ALA C 1034 -9.75 -10.82 -11.40
C ALA C 1034 -8.52 -11.69 -11.23
N ALA C 1035 -7.32 -11.16 -11.50
CA ALA C 1035 -6.10 -11.94 -11.41
C ALA C 1035 -5.54 -12.01 -10.01
N GLU C 1036 -6.02 -11.17 -9.09
CA GLU C 1036 -5.56 -11.21 -7.71
C GLU C 1036 -6.33 -12.20 -6.87
N LEU C 1037 -7.26 -12.93 -7.47
CA LEU C 1037 -8.00 -13.97 -6.78
C LEU C 1037 -7.42 -15.36 -6.99
N SER C 1038 -6.47 -15.51 -7.89
CA SER C 1038 -5.79 -16.77 -8.09
C SER C 1038 -4.40 -16.79 -7.48
N ASN C 1039 -3.98 -15.71 -6.83
CA ASN C 1039 -2.74 -15.69 -6.09
C ASN C 1039 -2.93 -16.34 -4.74
N THR C 1040 -1.89 -17.00 -4.25
CA THR C 1040 -1.94 -17.62 -2.94
C THR C 1040 -1.32 -16.76 -1.86
N PHE C 1041 -0.45 -15.81 -2.24
CA PHE C 1041 0.21 -14.85 -1.35
C PHE C 1041 1.04 -15.53 -0.27
N GLY C 1042 1.53 -16.74 -0.58
CA GLY C 1042 2.31 -17.50 0.35
C GLY C 1042 1.53 -18.50 1.18
N ALA C 1043 0.21 -18.54 1.06
CA ALA C 1043 -0.58 -19.54 1.76
C ALA C 1043 -0.49 -20.88 1.04
N ILE C 1044 -1.12 -21.90 1.62
CA ILE C 1044 -1.05 -23.24 1.03
C ILE C 1044 -1.93 -23.37 -0.21
N SER C 1045 -2.90 -22.49 -0.39
CA SER C 1045 -3.82 -22.55 -1.51
C SER C 1045 -4.42 -21.16 -1.69
N SER C 1046 -5.00 -20.93 -2.86
CA SER C 1046 -5.71 -19.68 -3.14
C SER C 1046 -7.20 -19.80 -2.89
N SER C 1047 -7.61 -20.85 -2.19
CA SER C 1047 -9.01 -21.17 -1.99
C SER C 1047 -9.24 -21.37 -0.50
N ILE C 1048 -10.26 -20.69 0.04
CA ILE C 1048 -10.56 -20.80 1.45
C ILE C 1048 -11.14 -22.16 1.82
N SER C 1049 -11.90 -22.78 0.93
CA SER C 1049 -12.48 -24.09 1.22
C SER C 1049 -11.45 -25.22 1.28
N ASP C 1050 -10.23 -25.00 0.76
CA ASP C 1050 -9.14 -25.94 0.91
C ASP C 1050 -8.31 -25.71 2.16
N ILE C 1051 -8.17 -24.47 2.61
CA ILE C 1051 -7.51 -24.19 3.88
C ILE C 1051 -8.34 -24.72 5.03
N LEU C 1052 -9.67 -24.63 4.95
CA LEU C 1052 -10.55 -25.12 5.98
C LEU C 1052 -10.63 -26.64 6.02
N ALA C 1053 -10.21 -27.32 4.97
CA ALA C 1053 -10.28 -28.77 4.92
C ALA C 1053 -8.98 -29.48 5.25
N ARG C 1054 -7.84 -28.80 5.20
CA ARG C 1054 -6.57 -29.43 5.45
C ARG C 1054 -5.94 -29.09 6.79
N LEU C 1055 -6.26 -27.97 7.39
CA LEU C 1055 -5.60 -27.52 8.61
C LEU C 1055 -6.60 -27.55 9.76
N ASP C 1056 -6.10 -27.22 10.94
CA ASP C 1056 -6.93 -27.10 12.13
C ASP C 1056 -7.09 -25.63 12.51
N THR C 1057 -7.95 -25.40 13.50
CA THR C 1057 -8.54 -24.09 13.78
C THR C 1057 -7.51 -23.02 14.15
N VAL C 1058 -6.38 -23.39 14.74
CA VAL C 1058 -5.35 -22.41 15.04
C VAL C 1058 -4.44 -22.16 13.85
N GLU C 1059 -4.34 -23.10 12.91
CA GLU C 1059 -3.53 -22.91 11.73
C GLU C 1059 -4.32 -22.33 10.56
N GLN C 1060 -5.65 -22.43 10.60
CA GLN C 1060 -6.48 -21.83 9.57
C GLN C 1060 -6.45 -20.32 9.61
N GLU C 1061 -6.40 -19.75 10.81
CA GLU C 1061 -6.46 -18.31 11.01
C GLU C 1061 -5.20 -17.60 10.57
N ALA C 1062 -4.07 -18.30 10.52
CA ALA C 1062 -2.84 -17.71 10.05
C ALA C 1062 -2.71 -17.75 8.54
N GLN C 1063 -3.39 -18.68 7.88
CA GLN C 1063 -3.39 -18.79 6.43
C GLN C 1063 -4.49 -17.99 5.77
N ILE C 1064 -5.67 -17.89 6.39
CA ILE C 1064 -6.70 -17.01 5.85
C ILE C 1064 -6.31 -15.54 5.99
N ASP C 1065 -5.52 -15.19 7.00
CA ASP C 1065 -5.02 -13.84 7.19
C ASP C 1065 -4.00 -13.41 6.14
N ARG C 1066 -3.47 -14.34 5.35
CA ARG C 1066 -2.65 -14.00 4.21
C ARG C 1066 -3.46 -13.65 2.97
N LEU C 1067 -4.49 -14.44 2.67
CA LEU C 1067 -5.43 -14.14 1.61
C LEU C 1067 -6.18 -12.83 1.87
N ILE C 1068 -6.57 -12.59 3.11
CA ILE C 1068 -7.25 -11.34 3.47
C ILE C 1068 -6.35 -10.15 3.21
N ASN C 1069 -5.10 -10.23 3.66
CA ASN C 1069 -4.16 -9.13 3.46
C ASN C 1069 -3.80 -8.93 2.01
N GLY C 1070 -3.77 -10.01 1.23
CA GLY C 1070 -3.48 -9.87 -0.18
C GLY C 1070 -4.65 -9.33 -0.98
N ARG C 1071 -5.87 -9.59 -0.53
CA ARG C 1071 -7.03 -9.12 -1.25
C ARG C 1071 -7.50 -7.75 -0.80
N LEU C 1072 -7.14 -7.30 0.40
CA LEU C 1072 -7.41 -5.92 0.78
C LEU C 1072 -6.48 -4.94 0.09
N THR C 1073 -5.29 -5.37 -0.32
CA THR C 1073 -4.35 -4.52 -1.03
C THR C 1073 -4.80 -4.27 -2.47
N SER C 1074 -5.32 -5.28 -3.15
CA SER C 1074 -5.83 -5.14 -4.50
C SER C 1074 -7.04 -4.24 -4.59
N LEU C 1075 -7.97 -4.34 -3.65
CA LEU C 1075 -9.12 -3.46 -3.63
C LEU C 1075 -8.76 -2.02 -3.34
N ASN C 1076 -7.79 -1.78 -2.45
CA ASN C 1076 -7.32 -0.43 -2.21
C ASN C 1076 -6.64 0.15 -3.42
N ALA C 1077 -5.83 -0.65 -4.12
CA ALA C 1077 -5.18 -0.18 -5.33
C ALA C 1077 -6.15 0.04 -6.48
N PHE C 1078 -7.27 -0.68 -6.51
CA PHE C 1078 -8.28 -0.45 -7.54
C PHE C 1078 -9.07 0.83 -7.27
N VAL C 1079 -9.52 1.00 -6.02
CA VAL C 1079 -10.30 2.18 -5.66
C VAL C 1079 -9.45 3.44 -5.72
N ALA C 1080 -8.16 3.35 -5.42
CA ALA C 1080 -7.29 4.52 -5.53
C ALA C 1080 -6.98 4.92 -6.96
N GLN C 1081 -7.09 4.01 -7.92
CA GLN C 1081 -6.91 4.33 -9.32
C GLN C 1081 -8.17 4.83 -9.98
N GLN C 1082 -9.34 4.34 -9.55
CA GLN C 1082 -10.60 4.82 -10.11
C GLN C 1082 -10.84 6.29 -9.81
N LEU C 1083 -10.44 6.77 -8.64
CA LEU C 1083 -10.62 8.18 -8.32
C LEU C 1083 -9.69 9.07 -9.13
N VAL C 1084 -8.46 8.59 -9.40
CA VAL C 1084 -7.52 9.32 -10.25
C VAL C 1084 -8.05 9.44 -11.67
N ARG C 1085 -8.52 8.32 -12.23
CA ARG C 1085 -9.07 8.36 -13.58
C ARG C 1085 -10.37 9.15 -13.67
N THR C 1086 -11.20 9.13 -12.63
CA THR C 1086 -12.42 9.93 -12.60
C THR C 1086 -12.14 11.42 -12.56
N GLU C 1087 -11.16 11.86 -11.76
CA GLU C 1087 -10.82 13.27 -11.76
C GLU C 1087 -10.15 13.71 -13.06
N ALA C 1088 -9.32 12.85 -13.65
CA ALA C 1088 -8.72 13.19 -14.94
C ALA C 1088 -9.74 13.23 -16.07
N ALA C 1089 -10.76 12.39 -16.04
CA ALA C 1089 -11.81 12.46 -17.04
C ALA C 1089 -12.80 13.57 -16.78
N ALA C 1090 -12.91 14.05 -15.56
CA ALA C 1090 -13.74 15.22 -15.30
C ALA C 1090 -13.06 16.51 -15.71
N ARG C 1091 -11.74 16.61 -15.53
CA ARG C 1091 -11.02 17.78 -16.04
C ARG C 1091 -10.97 17.82 -17.55
N SER C 1092 -11.05 16.67 -18.20
CA SER C 1092 -10.93 16.58 -19.65
C SER C 1092 -12.25 16.77 -20.36
N ALA C 1093 -13.38 16.62 -19.68
CA ALA C 1093 -14.67 16.98 -20.24
C ALA C 1093 -14.98 18.45 -20.07
N GLN C 1094 -14.23 19.15 -19.24
CA GLN C 1094 -14.25 20.60 -19.19
C GLN C 1094 -13.44 21.22 -20.31
N LEU C 1095 -12.40 20.54 -20.78
CA LEU C 1095 -11.66 20.95 -21.95
C LEU C 1095 -12.43 20.73 -23.23
N ALA C 1096 -13.32 19.75 -23.27
CA ALA C 1096 -14.15 19.53 -24.45
C ALA C 1096 -15.25 20.56 -24.58
N GLN C 1097 -15.65 21.20 -23.49
CA GLN C 1097 -16.59 22.30 -23.60
C GLN C 1097 -15.92 23.56 -24.13
N ASP C 1098 -14.71 23.85 -23.70
CA ASP C 1098 -13.97 24.99 -24.19
C ASP C 1098 -13.57 24.84 -25.64
N LYS C 1099 -13.33 23.62 -26.09
CA LYS C 1099 -12.96 23.35 -27.47
C LYS C 1099 -14.17 23.33 -28.39
N VAL C 1100 -15.35 23.05 -27.88
CA VAL C 1100 -16.57 23.18 -28.67
C VAL C 1100 -17.03 24.63 -28.79
N ASN C 1101 -17.03 25.39 -27.70
CA ASN C 1101 -17.46 26.78 -27.71
C ASN C 1101 -16.52 27.69 -28.47
N GLU C 1102 -15.29 27.30 -28.69
CA GLU C 1102 -14.32 28.14 -29.38
C GLU C 1102 -14.02 27.68 -30.80
N CYS C 1103 -13.72 26.41 -31.02
CA CYS C 1103 -13.42 25.92 -32.35
C CYS C 1103 -14.64 25.55 -33.16
N VAL C 1104 -15.62 24.87 -32.57
CA VAL C 1104 -16.75 24.38 -33.35
C VAL C 1104 -17.78 25.47 -33.58
N LYS C 1105 -18.16 26.22 -32.55
CA LYS C 1105 -19.18 27.23 -32.67
C LYS C 1105 -18.65 28.61 -33.03
N SER C 1106 -17.33 28.80 -33.02
CA SER C 1106 -16.74 30.08 -33.35
C SER C 1106 -15.48 29.87 -34.18
N GLN C 1107 -14.68 30.91 -34.31
CA GLN C 1107 -13.41 30.82 -35.00
C GLN C 1107 -12.31 31.30 -34.07
N SER C 1108 -11.22 30.57 -34.01
CA SER C 1108 -10.17 30.84 -33.05
C SER C 1108 -9.16 31.84 -33.60
N LYS C 1109 -8.70 32.72 -32.73
CA LYS C 1109 -7.69 33.73 -33.07
C LYS C 1109 -6.34 33.42 -32.46
N ARG C 1110 -6.22 32.27 -31.80
CA ARG C 1110 -4.99 31.85 -31.14
C ARG C 1110 -4.37 30.72 -31.93
N ASN C 1111 -3.05 30.70 -32.00
CA ASN C 1111 -2.38 29.58 -32.66
C ASN C 1111 -2.11 28.48 -31.64
N GLY C 1112 -2.40 27.25 -32.02
CA GLY C 1112 -2.09 26.14 -31.15
C GLY C 1112 -3.27 25.50 -30.49
N PHE C 1113 -4.36 26.24 -30.30
CA PHE C 1113 -5.52 25.68 -29.62
C PHE C 1113 -6.29 24.75 -30.54
N CYS C 1114 -6.87 25.29 -31.61
CA CYS C 1114 -7.64 24.48 -32.55
C CYS C 1114 -6.75 24.10 -33.73
N GLY C 1115 -5.72 23.32 -33.45
CA GLY C 1115 -4.82 22.86 -34.50
C GLY C 1115 -3.71 23.84 -34.80
N THR C 1116 -3.05 23.60 -35.93
CA THR C 1116 -1.92 24.41 -36.36
C THR C 1116 -2.28 25.23 -37.59
N GLY C 1117 -1.79 26.45 -37.66
CA GLY C 1117 -2.06 27.34 -38.76
C GLY C 1117 -3.13 28.35 -38.40
N THR C 1118 -3.78 28.86 -39.43
CA THR C 1118 -4.93 29.73 -39.22
C THR C 1118 -6.20 28.91 -39.24
N HIS C 1119 -6.96 28.98 -38.15
CA HIS C 1119 -8.13 28.15 -37.95
C HIS C 1119 -9.30 28.66 -38.77
N ILE C 1120 -9.92 27.76 -39.52
CA ILE C 1120 -11.12 28.09 -40.28
C ILE C 1120 -12.33 27.48 -39.59
N VAL C 1121 -12.38 26.16 -39.46
CA VAL C 1121 -13.59 25.52 -38.94
C VAL C 1121 -13.20 24.22 -38.24
N SER C 1122 -14.08 23.73 -37.38
CA SER C 1122 -13.88 22.45 -36.69
C SER C 1122 -15.17 21.67 -36.64
N PHE C 1123 -15.05 20.35 -36.66
CA PHE C 1123 -16.17 19.44 -36.52
C PHE C 1123 -15.88 18.44 -35.42
N ALA C 1124 -16.92 17.94 -34.77
CA ALA C 1124 -16.77 16.99 -33.69
C ALA C 1124 -17.66 15.78 -33.95
N ILE C 1125 -17.12 14.58 -33.80
CA ILE C 1125 -17.88 13.36 -33.90
C ILE C 1125 -17.72 12.56 -32.61
N ASN C 1126 -18.59 11.58 -32.43
CA ASN C 1126 -18.54 10.70 -31.28
C ASN C 1126 -17.50 9.61 -31.48
N ALA C 1127 -16.76 9.30 -30.44
CA ALA C 1127 -15.75 8.25 -30.43
C ALA C 1127 -15.96 7.45 -29.16
N PRO C 1128 -15.47 6.20 -29.11
CA PRO C 1128 -15.52 5.43 -27.86
C PRO C 1128 -14.81 6.12 -26.71
N ASN C 1129 -15.59 6.42 -25.66
CA ASN C 1129 -15.24 7.15 -24.45
C ASN C 1129 -14.95 8.62 -24.70
N GLY C 1130 -15.48 9.20 -25.78
CA GLY C 1130 -15.31 10.63 -25.90
C GLY C 1130 -15.65 11.29 -27.22
N LEU C 1131 -14.96 12.36 -27.52
CA LEU C 1131 -15.19 13.15 -28.72
C LEU C 1131 -13.95 13.16 -29.59
N TYR C 1132 -14.13 13.33 -30.88
CA TYR C 1132 -13.03 13.31 -31.84
C TYR C 1132 -13.19 14.52 -32.73
N PHE C 1133 -12.17 15.37 -32.77
CA PHE C 1133 -12.25 16.65 -33.46
C PHE C 1133 -11.48 16.63 -34.77
N PHE C 1134 -12.01 17.33 -35.76
CA PHE C 1134 -11.33 17.62 -37.02
C PHE C 1134 -11.20 19.12 -37.14
N HIS C 1135 -9.97 19.62 -37.16
CA HIS C 1135 -9.71 21.05 -37.22
C HIS C 1135 -9.23 21.42 -38.62
N VAL C 1136 -10.12 21.95 -39.45
CA VAL C 1136 -9.76 22.42 -40.77
C VAL C 1136 -9.12 23.79 -40.63
N GLY C 1137 -7.84 23.88 -41.01
CA GLY C 1137 -7.09 25.12 -40.98
C GLY C 1137 -6.60 25.50 -42.36
N TYR C 1138 -5.91 26.64 -42.44
CA TYR C 1138 -5.47 27.21 -43.70
C TYR C 1138 -3.96 27.05 -43.82
N GLN C 1139 -3.50 26.38 -44.87
CA GLN C 1139 -2.08 26.13 -45.06
C GLN C 1139 -1.62 26.68 -46.40
N PRO C 1140 -0.76 27.70 -46.43
CA PRO C 1140 -0.23 28.17 -47.70
C PRO C 1140 0.88 27.26 -48.21
N THR C 1141 1.00 27.17 -49.53
CA THR C 1141 1.96 26.28 -50.16
C THR C 1141 2.99 26.98 -51.03
N SER C 1142 2.86 28.28 -51.25
CA SER C 1142 3.89 29.05 -51.93
C SER C 1142 3.84 30.46 -51.36
N HIS C 1143 4.81 31.28 -51.73
CA HIS C 1143 4.93 32.62 -51.16
C HIS C 1143 5.51 33.55 -52.22
N VAL C 1144 5.49 34.84 -51.92
CA VAL C 1144 6.10 35.87 -52.73
C VAL C 1144 6.71 36.89 -51.79
N ASN C 1145 7.87 37.42 -52.17
CA ASN C 1145 8.56 38.45 -51.40
C ASN C 1145 8.12 39.81 -51.91
N ALA C 1146 7.21 40.44 -51.20
CA ALA C 1146 6.69 41.73 -51.61
C ALA C 1146 7.33 42.84 -50.79
N THR C 1147 7.60 43.95 -51.47
CA THR C 1147 8.11 45.15 -50.82
C THR C 1147 6.95 45.93 -50.22
N ALA C 1148 6.96 46.09 -48.91
CA ALA C 1148 5.87 46.73 -48.19
C ALA C 1148 6.27 48.12 -47.74
N ALA C 1149 5.35 48.78 -47.04
CA ALA C 1149 5.59 50.08 -46.44
C ALA C 1149 4.85 50.15 -45.12
N TYR C 1150 5.38 50.96 -44.19
CA TYR C 1150 4.72 51.15 -42.92
C TYR C 1150 3.51 52.03 -43.05
N GLY C 1151 3.55 53.02 -43.93
CA GLY C 1151 2.42 53.89 -44.16
C GLY C 1151 2.80 54.92 -45.19
N LEU C 1152 1.83 55.73 -45.56
CA LEU C 1152 2.02 56.76 -46.58
C LEU C 1152 1.58 58.10 -46.01
N CYS C 1153 2.21 59.17 -46.49
CA CYS C 1153 1.84 60.53 -46.11
C CYS C 1153 1.93 61.41 -47.34
N ASN C 1154 1.18 62.52 -47.31
CA ASN C 1154 1.32 63.50 -48.38
C ASN C 1154 2.38 64.52 -47.99
N THR C 1155 2.47 65.60 -48.76
CA THR C 1155 3.52 66.59 -48.55
C THR C 1155 2.94 67.99 -48.38
N GLU C 1156 1.92 68.11 -47.55
CA GLU C 1156 1.26 69.40 -47.34
C GLU C 1156 1.20 69.68 -45.85
N ASN C 1157 0.76 70.89 -45.52
CA ASN C 1157 0.58 71.30 -44.14
C ASN C 1157 -0.86 71.72 -43.93
N PRO C 1158 -1.63 71.06 -43.05
CA PRO C 1158 -1.21 69.96 -42.17
C PRO C 1158 -1.23 68.59 -42.86
N GLN C 1159 -0.24 67.78 -42.54
CA GLN C 1159 0.00 66.50 -43.18
C GLN C 1159 -1.03 65.46 -42.79
N LYS C 1160 -1.50 64.68 -43.77
CA LYS C 1160 -2.34 63.53 -43.52
C LYS C 1160 -1.56 62.25 -43.82
N CYS C 1161 -1.85 61.21 -43.05
CA CYS C 1161 -1.11 59.95 -43.17
C CYS C 1161 -2.08 58.79 -42.97
N ILE C 1162 -1.85 57.70 -43.68
CA ILE C 1162 -2.75 56.54 -43.66
C ILE C 1162 -1.96 55.27 -43.36
N ALA C 1163 -2.69 54.23 -43.00
CA ALA C 1163 -2.14 52.94 -42.63
C ALA C 1163 -3.13 51.85 -43.04
N PRO C 1164 -2.66 50.64 -43.32
CA PRO C 1164 -3.59 49.61 -43.81
C PRO C 1164 -4.45 49.03 -42.70
N ILE C 1165 -5.51 48.34 -43.11
CA ILE C 1165 -6.42 47.65 -42.20
C ILE C 1165 -6.40 46.17 -42.58
N ASP C 1166 -5.77 45.36 -41.70
CA ASP C 1166 -5.63 43.92 -41.85
C ASP C 1166 -5.01 43.51 -43.18
N GLY C 1167 -3.90 44.13 -43.53
CA GLY C 1167 -3.26 43.89 -44.81
C GLY C 1167 -2.02 44.74 -44.91
N TYR C 1168 -1.48 44.81 -46.12
CA TYR C 1168 -0.24 45.52 -46.36
C TYR C 1168 -0.37 46.50 -47.52
N PHE C 1169 0.45 47.54 -47.50
CA PHE C 1169 0.63 48.45 -48.62
C PHE C 1169 1.82 47.95 -49.41
N VAL C 1170 1.59 47.38 -50.59
CA VAL C 1170 2.67 46.74 -51.32
C VAL C 1170 2.92 47.38 -52.68
N LEU C 1171 3.92 46.88 -53.36
CA LEU C 1171 4.27 47.25 -54.73
C LEU C 1171 3.92 46.08 -55.64
N ASN C 1172 3.26 46.36 -56.75
CA ASN C 1172 2.95 45.33 -57.73
C ASN C 1172 4.21 45.00 -58.54
N GLN C 1173 5.03 44.09 -58.05
CA GLN C 1173 6.32 43.84 -58.66
C GLN C 1173 6.17 43.05 -59.95
N THR C 1174 6.20 43.77 -61.08
CA THR C 1174 6.06 43.14 -62.38
C THR C 1174 7.34 43.29 -63.20
N THR C 1175 7.73 44.53 -63.49
CA THR C 1175 8.91 44.80 -64.30
C THR C 1175 10.09 45.22 -63.43
N SER C 1176 11.17 45.65 -64.08
CA SER C 1176 12.34 46.19 -63.41
C SER C 1176 12.65 47.58 -63.93
N THR C 1177 11.59 48.34 -64.21
CA THR C 1177 11.71 49.71 -64.69
C THR C 1177 10.90 50.72 -63.89
N VAL C 1178 10.01 50.28 -63.02
CA VAL C 1178 9.11 51.16 -62.29
C VAL C 1178 9.81 51.67 -61.03
N ALA C 1179 10.03 52.98 -60.96
CA ALA C 1179 10.80 53.55 -59.85
C ALA C 1179 10.43 55.00 -59.64
N ASP C 1180 9.63 55.26 -58.59
CA ASP C 1180 9.44 56.55 -57.93
C ASP C 1180 8.65 57.59 -58.73
N SER C 1181 8.33 57.29 -59.99
CA SER C 1181 7.39 58.10 -60.75
C SER C 1181 6.27 57.19 -61.24
N ASP C 1182 6.53 55.90 -61.22
CA ASP C 1182 5.49 54.90 -61.44
C ASP C 1182 5.38 53.92 -60.27
N GLN C 1183 6.06 54.17 -59.17
CA GLN C 1183 5.95 53.34 -57.97
C GLN C 1183 4.60 53.65 -57.31
N GLN C 1184 3.55 53.02 -57.83
CA GLN C 1184 2.24 53.14 -57.23
C GLN C 1184 2.06 52.06 -56.19
N TRP C 1185 1.43 52.42 -55.09
CA TRP C 1185 1.24 51.50 -53.98
C TRP C 1185 -0.17 50.95 -54.02
N TYR C 1186 -0.30 49.66 -53.75
CA TYR C 1186 -1.59 49.00 -53.72
C TYR C 1186 -1.80 48.41 -52.34
N TYR C 1187 -3.00 47.87 -52.12
CA TYR C 1187 -3.33 47.19 -50.90
C TYR C 1187 -3.43 45.71 -51.18
N THR C 1188 -3.00 44.89 -50.23
CA THR C 1188 -3.21 43.46 -50.33
C THR C 1188 -3.68 42.92 -48.99
N GLY C 1189 -4.47 41.86 -49.04
CA GLY C 1189 -4.80 41.15 -47.84
C GLY C 1189 -3.61 40.39 -47.31
N SER C 1190 -3.63 40.12 -46.01
CA SER C 1190 -2.47 39.52 -45.38
C SER C 1190 -2.32 38.03 -45.64
N SER C 1191 -3.34 37.37 -46.18
CA SER C 1191 -3.29 35.94 -46.37
C SER C 1191 -3.32 35.51 -47.82
N PHE C 1192 -3.38 36.44 -48.77
CA PHE C 1192 -3.34 36.10 -50.19
C PHE C 1192 -2.88 37.32 -50.96
N PHE C 1193 -1.88 37.15 -51.83
CA PHE C 1193 -1.31 38.27 -52.57
C PHE C 1193 -2.17 38.57 -53.79
N HIS C 1194 -2.86 39.71 -53.75
CA HIS C 1194 -3.66 40.17 -54.88
C HIS C 1194 -3.84 41.67 -54.74
N PRO C 1195 -3.01 42.47 -55.41
CA PRO C 1195 -3.04 43.93 -55.20
C PRO C 1195 -4.29 44.59 -55.77
N GLU C 1196 -4.82 45.55 -55.02
CA GLU C 1196 -6.03 46.28 -55.36
C GLU C 1196 -5.87 47.74 -54.94
N PRO C 1197 -6.66 48.68 -55.47
CA PRO C 1197 -6.43 50.10 -55.14
C PRO C 1197 -6.74 50.45 -53.70
N ILE C 1198 -6.04 51.47 -53.21
CA ILE C 1198 -6.19 51.94 -51.83
C ILE C 1198 -7.34 52.93 -51.77
N THR C 1199 -8.40 52.57 -51.05
CA THR C 1199 -9.52 53.46 -50.83
C THR C 1199 -9.69 53.63 -49.32
N GLU C 1200 -10.78 54.26 -48.93
CA GLU C 1200 -11.06 54.40 -47.50
C GLU C 1200 -11.75 53.19 -46.91
N ALA C 1201 -11.96 52.15 -47.70
CA ALA C 1201 -12.47 50.88 -47.21
C ALA C 1201 -11.38 50.00 -46.61
N ASN C 1202 -10.11 50.35 -46.82
CA ASN C 1202 -9.03 49.53 -46.30
C ASN C 1202 -7.87 50.34 -45.72
N SER C 1203 -8.12 51.55 -45.23
CA SER C 1203 -7.04 52.35 -44.67
C SER C 1203 -7.57 53.26 -43.57
N LYS C 1204 -6.84 53.31 -42.46
CA LYS C 1204 -7.07 54.23 -41.36
C LYS C 1204 -6.26 55.50 -41.55
N TYR C 1205 -6.69 56.56 -40.89
CA TYR C 1205 -5.86 57.74 -40.67
C TYR C 1205 -5.11 57.55 -39.38
N VAL C 1206 -3.83 57.91 -39.38
CA VAL C 1206 -2.98 57.75 -38.21
C VAL C 1206 -2.20 59.04 -38.00
N SER C 1207 -1.55 59.12 -36.84
CA SER C 1207 -0.64 60.23 -36.57
C SER C 1207 0.69 59.99 -37.25
N MET C 1208 1.42 61.07 -37.51
CA MET C 1208 2.55 61.02 -38.41
C MET C 1208 3.75 60.26 -37.84
N ASP C 1209 4.24 59.31 -38.62
CA ASP C 1209 5.45 58.58 -38.27
C ASP C 1209 6.61 59.05 -39.15
N VAL C 1210 7.82 58.65 -38.78
CA VAL C 1210 9.00 59.03 -39.55
C VAL C 1210 9.31 57.96 -40.60
N LYS C 1211 8.86 56.73 -40.35
CA LYS C 1211 9.13 55.62 -41.24
C LYS C 1211 8.16 55.58 -42.41
N PHE C 1212 7.23 56.51 -42.47
CA PHE C 1212 6.23 56.52 -43.52
C PHE C 1212 6.83 57.12 -44.78
N GLU C 1213 6.31 56.70 -45.93
CA GLU C 1213 6.78 57.20 -47.22
C GLU C 1213 6.21 58.57 -47.46
N ASN C 1214 7.04 59.48 -47.97
CA ASN C 1214 6.57 60.78 -48.39
C ASN C 1214 6.25 60.74 -49.88
N LEU C 1215 5.00 61.00 -50.22
CA LEU C 1215 4.51 60.89 -51.59
C LEU C 1215 4.21 62.27 -52.15
N THR C 1216 4.60 62.50 -53.40
CA THR C 1216 4.32 63.74 -54.08
C THR C 1216 3.21 63.60 -55.12
N ASN C 1217 3.30 62.61 -55.99
CA ASN C 1217 2.26 62.32 -56.97
C ASN C 1217 1.74 60.90 -56.73
N ARG C 1218 0.73 60.53 -57.53
CA ARG C 1218 0.05 59.22 -57.47
C ARG C 1218 -0.53 58.95 -56.10
N LEU C 1219 -1.23 59.93 -55.56
CA LEU C 1219 -1.77 59.80 -54.22
C LEU C 1219 -3.04 58.94 -54.24
N PRO C 1220 -3.27 58.13 -53.23
CA PRO C 1220 -4.56 57.49 -53.07
C PRO C 1220 -5.63 58.52 -52.74
N PRO C 1221 -6.90 58.21 -52.98
CA PRO C 1221 -7.99 59.16 -52.70
C PRO C 1221 -8.15 59.53 -51.24
N PRO C 1222 -7.73 58.69 -50.22
CA PRO C 1222 -7.64 59.25 -48.87
C PRO C 1222 -6.65 60.40 -48.68
N LEU C 1223 -5.65 60.50 -49.54
CA LEU C 1223 -4.64 61.54 -49.36
C LEU C 1223 -4.81 62.72 -50.30
N LEU C 1224 -5.98 62.93 -50.88
CA LEU C 1224 -6.22 64.04 -51.79
C LEU C 1224 -7.06 65.11 -51.11
N SER C 1225 -7.13 66.27 -51.76
CA SER C 1225 -7.95 67.40 -51.29
C SER C 1225 -9.41 67.09 -51.59
N ASN C 1226 -10.17 66.79 -50.53
CA ASN C 1226 -11.55 66.34 -50.71
C ASN C 1226 -12.48 67.49 -51.09
N SER C 1227 -12.07 68.72 -50.75
CA SER C 1227 -12.84 69.91 -51.12
C SER C 1227 -12.84 70.11 -52.63
N THR C 1228 -14.00 70.36 -53.20
CA THR C 1228 -14.13 70.55 -54.64
C THR C 1228 -13.67 71.94 -55.04
#